data_2Q6N
#
_entry.id   2Q6N
#
_cell.length_a   140.000
_cell.length_b   147.310
_cell.length_c   238.490
_cell.angle_alpha   90.000
_cell.angle_beta   90.000
_cell.angle_gamma   90.000
#
_symmetry.space_group_name_H-M   'P 21 21 21'
#
loop_
_entity.id
_entity.type
_entity.pdbx_description
1 polymer 'Cytochrome P450 2B4'
2 non-polymer 'PROTOPORPHYRIN IX CONTAINING FE'
3 non-polymer 1-(4-CHLOROPHENYL)-1H-IMIDAZOLE
#
_entity_poly.entity_id   1
_entity_poly.type   'polypeptide(L)'
_entity_poly.pdbx_seq_one_letter_code
;MAKKTSSKGKLPPGPSPLPVLGNLLQMDRKGLLRSFLRLREKYGDVFTVYLGSRPVVVLCGTDAIREALVDQAEAFSGRG
KIAVVDPIFQGYGVIFANGERWRALRRFSLATMRDFGMGKRSVEERIQEEARCLVEELRKSKGALLDNTLLFHSITSNII
CSIVFGKRFDYKDPVFLRLLDLFFQSFSLISSFSSQVFELFSGFLKYFPGTHRQIYRNLQEINTFIGQSVEKHRATLDPS
NPRDFIDVYLLRMEKDKSDPSSEFHHQNLILTVLSLFFAGTETTSTTLRYGFLLMLKYPHVTERVQKEIEQVIGSHRPPA
LDDRAKMPYTDAVIHEIQRLGDLIPFGVPHTVTKDTQFRGYVIPKNTEVFPVLSSALHDPRYFETPNTFNPGHFLDANGA
LKRNEGFMPFSLGKRICLGEGIARTELFLFFTTILQNFSIASPVPPEDIDLTPRESGVGNVPPSYQIRFLARHHHHHH
;
_entity_poly.pdbx_strand_id   A,B,C,D,E,F,G
#
# COMPACT_ATOMS: atom_id res chain seq x y z
N GLY A 9 -0.42 -56.82 -35.94
CA GLY A 9 0.05 -55.58 -35.26
C GLY A 9 -1.01 -54.95 -34.37
N LYS A 10 -1.78 -54.03 -34.96
CA LYS A 10 -2.88 -53.32 -34.28
C LYS A 10 -2.52 -52.59 -32.97
N LEU A 11 -3.31 -51.58 -32.66
CA LEU A 11 -3.15 -50.78 -31.45
C LEU A 11 -3.90 -51.44 -30.30
N PRO A 12 -3.43 -51.24 -29.05
CA PRO A 12 -4.08 -51.82 -27.87
C PRO A 12 -5.59 -51.56 -27.83
N PRO A 13 -6.33 -52.34 -27.02
CA PRO A 13 -7.78 -52.21 -26.88
C PRO A 13 -8.25 -50.93 -26.22
N GLY A 14 -9.44 -50.48 -26.62
CA GLY A 14 -10.01 -49.26 -26.07
C GLY A 14 -11.39 -49.10 -26.68
N PRO A 15 -12.11 -48.02 -26.35
CA PRO A 15 -13.44 -47.84 -26.92
C PRO A 15 -13.41 -47.32 -28.35
N SER A 16 -14.39 -47.73 -29.16
CA SER A 16 -14.47 -47.28 -30.54
C SER A 16 -14.77 -45.78 -30.57
N PRO A 17 -13.84 -44.96 -31.09
CA PRO A 17 -13.98 -43.50 -31.16
C PRO A 17 -14.73 -42.95 -32.37
N LEU A 18 -15.49 -41.88 -32.13
CA LEU A 18 -16.25 -41.24 -33.19
C LEU A 18 -15.33 -40.23 -33.87
N PRO A 19 -15.68 -39.81 -35.09
CA PRO A 19 -14.87 -38.84 -35.82
C PRO A 19 -14.83 -37.53 -35.07
N VAL A 20 -13.73 -36.80 -35.20
CA VAL A 20 -13.62 -35.51 -34.52
C VAL A 20 -13.61 -35.60 -33.00
N LEU A 21 -14.70 -36.12 -32.43
CA LEU A 21 -14.87 -36.23 -30.98
C LEU A 21 -14.04 -37.25 -30.22
N GLY A 22 -13.61 -38.31 -30.91
CA GLY A 22 -12.82 -39.32 -30.23
C GLY A 22 -13.68 -39.93 -29.13
N ASN A 23 -13.06 -40.59 -28.17
CA ASN A 23 -13.80 -41.22 -27.09
C ASN A 23 -14.34 -40.23 -26.06
N LEU A 24 -14.89 -39.09 -26.50
CA LEU A 24 -15.42 -38.12 -25.55
C LEU A 24 -16.61 -38.66 -24.77
N LEU A 25 -17.39 -39.53 -25.40
CA LEU A 25 -18.55 -40.12 -24.78
C LEU A 25 -18.18 -41.06 -23.63
N GLN A 26 -17.10 -41.81 -23.80
CA GLN A 26 -16.65 -42.75 -22.77
C GLN A 26 -15.88 -42.08 -21.63
N MET A 27 -15.64 -40.78 -21.76
CA MET A 27 -14.92 -40.01 -20.74
C MET A 27 -15.72 -39.76 -19.48
N ASP A 28 -15.06 -39.81 -18.32
CA ASP A 28 -15.76 -39.57 -17.06
C ASP A 28 -15.79 -38.08 -16.75
N ARG A 29 -16.89 -37.64 -16.18
CA ARG A 29 -17.13 -36.24 -15.82
C ARG A 29 -16.04 -35.55 -15.00
N LYS A 30 -15.35 -36.29 -14.13
CA LYS A 30 -14.33 -35.69 -13.28
C LYS A 30 -13.09 -35.18 -13.99
N GLY A 31 -12.68 -35.83 -15.06
CA GLY A 31 -11.50 -35.40 -15.77
C GLY A 31 -10.76 -36.52 -16.47
N LEU A 32 -9.56 -36.22 -16.96
CA LEU A 32 -8.78 -37.22 -17.67
C LEU A 32 -8.39 -38.42 -16.80
N LEU A 33 -7.58 -38.18 -15.77
CA LEU A 33 -7.15 -39.28 -14.93
C LEU A 33 -8.28 -40.21 -14.60
N ARG A 34 -9.32 -39.70 -13.96
CA ARG A 34 -10.45 -40.55 -13.61
C ARG A 34 -10.90 -41.38 -14.81
N SER A 35 -10.95 -40.75 -15.98
CA SER A 35 -11.36 -41.47 -17.18
C SER A 35 -10.45 -42.65 -17.49
N PHE A 36 -9.13 -42.45 -17.50
CA PHE A 36 -8.21 -43.54 -17.81
C PHE A 36 -8.38 -44.69 -16.82
N LEU A 37 -8.82 -44.38 -15.60
CA LEU A 37 -9.01 -45.40 -14.58
C LEU A 37 -10.31 -46.18 -14.81
N ARG A 38 -11.33 -45.48 -15.31
CA ARG A 38 -12.60 -46.12 -15.57
C ARG A 38 -12.54 -46.99 -16.82
N LEU A 39 -11.52 -46.79 -17.65
CA LEU A 39 -11.37 -47.58 -18.87
C LEU A 39 -10.46 -48.76 -18.61
N ARG A 40 -9.54 -48.60 -17.67
CA ARG A 40 -8.60 -49.67 -17.32
C ARG A 40 -9.40 -50.83 -16.80
N GLU A 41 -10.60 -50.53 -16.31
CA GLU A 41 -11.48 -51.55 -15.77
C GLU A 41 -12.01 -52.45 -16.88
N LYS A 42 -12.39 -51.84 -17.99
CA LYS A 42 -12.93 -52.57 -19.12
C LYS A 42 -11.89 -53.14 -20.07
N TYR A 43 -10.68 -52.58 -20.06
CA TYR A 43 -9.62 -53.07 -20.94
C TYR A 43 -8.37 -53.55 -20.24
N GLY A 44 -8.02 -52.92 -19.12
CA GLY A 44 -6.84 -53.35 -18.39
C GLY A 44 -5.61 -52.48 -18.57
N ASP A 45 -4.62 -52.71 -17.71
CA ASP A 45 -3.37 -51.98 -17.70
C ASP A 45 -3.01 -51.18 -18.97
N VAL A 46 -2.90 -51.86 -20.10
CA VAL A 46 -2.56 -51.19 -21.36
C VAL A 46 -3.74 -51.19 -22.32
N PHE A 47 -4.13 -49.99 -22.73
CA PHE A 47 -5.25 -49.86 -23.65
C PHE A 47 -5.11 -48.55 -24.43
N THR A 48 -5.94 -48.38 -25.45
CA THR A 48 -5.89 -47.19 -26.29
C THR A 48 -7.14 -46.33 -26.17
N VAL A 49 -6.93 -45.02 -26.15
CA VAL A 49 -8.03 -44.07 -26.06
C VAL A 49 -7.77 -42.93 -27.02
N TYR A 50 -8.84 -42.36 -27.58
CA TYR A 50 -8.69 -41.25 -28.52
C TYR A 50 -9.13 -39.92 -27.90
N LEU A 51 -8.17 -39.04 -27.65
CA LEU A 51 -8.48 -37.72 -27.09
C LEU A 51 -8.86 -36.84 -28.27
N GLY A 52 -10.11 -36.94 -28.70
CA GLY A 52 -10.55 -36.16 -29.84
C GLY A 52 -10.13 -36.91 -31.09
N SER A 53 -9.16 -36.34 -31.82
CA SER A 53 -8.68 -36.99 -33.04
C SER A 53 -7.45 -37.80 -32.72
N ARG A 54 -6.55 -37.20 -31.93
CA ARG A 54 -5.29 -37.83 -31.54
C ARG A 54 -5.44 -39.02 -30.61
N PRO A 55 -5.06 -40.22 -31.10
CA PRO A 55 -5.14 -41.44 -30.31
C PRO A 55 -3.93 -41.53 -29.40
N VAL A 56 -4.16 -41.89 -28.15
CA VAL A 56 -3.09 -42.02 -27.19
C VAL A 56 -3.11 -43.44 -26.66
N VAL A 57 -2.03 -43.87 -26.04
CA VAL A 57 -2.00 -45.20 -25.47
C VAL A 57 -1.77 -45.00 -23.98
N VAL A 58 -2.75 -45.40 -23.18
CA VAL A 58 -2.65 -45.26 -21.74
C VAL A 58 -1.95 -46.45 -21.11
N LEU A 59 -1.17 -46.20 -20.06
CA LEU A 59 -0.45 -47.26 -19.40
C LEU A 59 -0.72 -47.27 -17.90
N CYS A 60 -1.31 -48.36 -17.42
CA CYS A 60 -1.65 -48.50 -16.01
C CYS A 60 -0.92 -49.67 -15.36
N GLY A 61 -0.56 -49.51 -14.09
CA GLY A 61 0.14 -50.56 -13.38
C GLY A 61 1.61 -50.22 -13.25
N THR A 62 2.27 -50.76 -12.24
CA THR A 62 3.68 -50.50 -12.07
C THR A 62 4.38 -51.21 -13.21
N ASP A 63 3.89 -52.41 -13.51
CA ASP A 63 4.44 -53.24 -14.57
C ASP A 63 4.46 -52.57 -15.93
N ALA A 64 3.29 -52.27 -16.47
CA ALA A 64 3.18 -51.63 -17.77
C ALA A 64 4.04 -50.39 -17.95
N ILE A 65 4.18 -49.59 -16.90
CA ILE A 65 4.98 -48.37 -17.00
C ILE A 65 6.45 -48.68 -17.18
N ARG A 66 6.92 -49.78 -16.60
CA ARG A 66 8.33 -50.16 -16.74
C ARG A 66 8.59 -50.97 -18.01
N GLU A 67 7.71 -51.92 -18.31
CA GLU A 67 7.86 -52.73 -19.52
C GLU A 67 8.02 -51.81 -20.72
N ALA A 68 7.58 -50.57 -20.57
CA ALA A 68 7.65 -49.58 -21.63
C ALA A 68 8.81 -48.61 -21.48
N LEU A 69 8.71 -47.76 -20.46
CA LEU A 69 9.72 -46.73 -20.19
C LEU A 69 11.06 -47.26 -19.68
N VAL A 70 11.09 -48.46 -19.12
CA VAL A 70 12.33 -49.01 -18.60
C VAL A 70 12.97 -50.07 -19.49
N ASP A 71 12.16 -51.00 -20.01
CA ASP A 71 12.67 -52.07 -20.86
C ASP A 71 12.76 -51.74 -22.33
N GLN A 72 12.21 -50.60 -22.73
CA GLN A 72 12.25 -50.14 -24.11
C GLN A 72 12.34 -48.63 -24.06
N ALA A 73 13.17 -48.14 -23.13
CA ALA A 73 13.38 -46.72 -22.89
C ALA A 73 13.96 -45.93 -24.06
N GLU A 74 13.77 -46.40 -25.28
CA GLU A 74 14.26 -45.67 -26.42
C GLU A 74 13.08 -45.39 -27.35
N ALA A 75 12.18 -46.37 -27.45
CA ALA A 75 11.00 -46.24 -28.30
C ALA A 75 9.93 -45.43 -27.58
N PHE A 76 10.20 -45.08 -26.33
CA PHE A 76 9.24 -44.31 -25.55
C PHE A 76 9.82 -42.96 -25.12
N SER A 77 11.12 -42.78 -25.34
CA SER A 77 11.79 -41.55 -24.98
C SER A 77 11.34 -40.31 -25.74
N GLY A 78 10.12 -40.34 -26.28
CA GLY A 78 9.64 -39.18 -27.02
C GLY A 78 8.63 -38.36 -26.25
N ARG A 79 8.82 -37.04 -26.21
CA ARG A 79 7.90 -36.13 -25.50
C ARG A 79 6.67 -35.72 -26.31
N GLY A 80 5.49 -35.83 -25.70
CA GLY A 80 4.28 -35.45 -26.40
C GLY A 80 3.92 -33.99 -26.17
N LYS A 81 2.82 -33.53 -26.74
CA LYS A 81 2.42 -32.13 -26.57
C LYS A 81 1.33 -31.98 -25.51
N ILE A 82 1.47 -30.96 -24.67
CA ILE A 82 0.48 -30.67 -23.65
C ILE A 82 -0.38 -29.51 -24.14
N ALA A 83 -1.63 -29.83 -24.50
CA ALA A 83 -2.60 -28.87 -25.03
C ALA A 83 -2.29 -27.40 -24.79
N VAL A 84 -2.69 -26.90 -23.62
CA VAL A 84 -2.57 -25.51 -23.22
C VAL A 84 -1.20 -24.82 -23.23
N VAL A 85 -0.12 -25.58 -23.24
CA VAL A 85 1.20 -24.95 -23.22
C VAL A 85 2.02 -25.03 -24.51
N ASP A 86 1.63 -25.87 -25.45
CA ASP A 86 2.37 -25.99 -26.71
C ASP A 86 2.57 -24.63 -27.37
N PRO A 87 1.56 -23.76 -27.32
CA PRO A 87 1.64 -22.43 -27.91
C PRO A 87 2.87 -21.63 -27.47
N ILE A 88 3.26 -21.77 -26.22
CA ILE A 88 4.41 -21.05 -25.67
C ILE A 88 5.73 -21.79 -25.87
N PHE A 89 5.68 -23.12 -25.95
CA PHE A 89 6.90 -23.91 -26.14
C PHE A 89 7.13 -24.31 -27.59
N GLN A 90 6.05 -24.49 -28.33
CA GLN A 90 6.12 -24.85 -29.74
C GLN A 90 7.09 -26.00 -30.01
N GLY A 91 7.47 -26.73 -28.96
CA GLY A 91 8.38 -27.84 -29.13
C GLY A 91 9.80 -27.56 -28.72
N TYR A 92 10.06 -26.35 -28.22
CA TYR A 92 11.40 -26.01 -27.79
C TYR A 92 11.60 -26.26 -26.31
N GLY A 93 12.53 -25.53 -25.69
CA GLY A 93 12.79 -25.75 -24.29
C GLY A 93 13.35 -27.16 -24.10
N VAL A 94 13.84 -27.46 -22.90
CA VAL A 94 14.40 -28.77 -22.63
C VAL A 94 13.38 -29.85 -22.30
N ILE A 95 12.20 -29.45 -21.84
CA ILE A 95 11.15 -30.41 -21.48
C ILE A 95 10.36 -30.94 -22.68
N PHE A 96 9.98 -30.04 -23.56
CA PHE A 96 9.18 -30.42 -24.72
C PHE A 96 9.94 -30.71 -26.00
N ALA A 97 11.24 -30.45 -26.01
CA ALA A 97 12.04 -30.70 -27.20
C ALA A 97 12.10 -32.21 -27.46
N ASN A 98 12.23 -32.59 -28.72
CA ASN A 98 12.30 -33.99 -29.11
C ASN A 98 13.62 -34.32 -29.80
N GLY A 99 13.73 -35.55 -30.27
CA GLY A 99 14.93 -36.00 -30.96
C GLY A 99 16.24 -35.38 -30.54
N GLU A 100 17.13 -35.14 -31.50
CA GLU A 100 18.43 -34.56 -31.23
C GLU A 100 18.32 -33.26 -30.44
N ARG A 101 17.34 -32.43 -30.75
CA ARG A 101 17.17 -31.17 -30.03
C ARG A 101 17.09 -31.46 -28.55
N TRP A 102 16.44 -32.57 -28.21
CA TRP A 102 16.30 -32.96 -26.81
C TRP A 102 17.66 -33.27 -26.21
N ARG A 103 18.34 -34.30 -26.73
CA ARG A 103 19.66 -34.68 -26.19
C ARG A 103 20.56 -33.45 -26.11
N ALA A 104 20.48 -32.60 -27.14
CA ALA A 104 21.28 -31.39 -27.22
C ALA A 104 21.17 -30.57 -25.95
N LEU A 105 19.94 -30.18 -25.63
CA LEU A 105 19.70 -29.38 -24.44
C LEU A 105 19.83 -30.21 -23.18
N ARG A 106 19.15 -31.36 -23.16
CA ARG A 106 19.18 -32.27 -22.02
C ARG A 106 20.58 -32.40 -21.45
N ARG A 107 21.51 -32.87 -22.27
CA ARG A 107 22.89 -33.05 -21.82
C ARG A 107 23.50 -31.73 -21.36
N PHE A 108 23.31 -30.69 -22.16
CA PHE A 108 23.84 -29.37 -21.82
C PHE A 108 23.34 -28.91 -20.46
N SER A 109 22.03 -28.81 -20.30
CA SER A 109 21.45 -28.36 -19.03
C SER A 109 21.76 -29.32 -17.90
N LEU A 110 21.77 -30.62 -18.18
CA LEU A 110 22.08 -31.59 -17.14
C LEU A 110 23.53 -31.38 -16.71
N ALA A 111 24.38 -31.03 -17.66
CA ALA A 111 25.80 -30.83 -17.38
C ALA A 111 26.10 -29.42 -16.87
N THR A 112 25.48 -28.41 -17.48
CA THR A 112 25.70 -27.04 -17.06
C THR A 112 25.32 -26.91 -15.59
N MET A 113 24.03 -27.04 -15.30
CA MET A 113 23.56 -26.91 -13.93
C MET A 113 24.28 -27.84 -12.96
N ARG A 114 24.64 -29.04 -13.42
CA ARG A 114 25.34 -29.95 -12.54
C ARG A 114 26.66 -29.30 -12.13
N ASP A 115 27.61 -29.20 -13.05
CA ASP A 115 28.89 -28.60 -12.73
C ASP A 115 28.79 -27.09 -12.58
N PHE A 116 27.81 -26.68 -11.79
CA PHE A 116 27.57 -25.27 -11.52
C PHE A 116 26.83 -25.23 -10.18
N GLY A 117 26.78 -26.39 -9.54
CA GLY A 117 26.11 -26.50 -8.26
C GLY A 117 25.40 -27.83 -8.07
N MET A 118 24.28 -28.00 -8.79
CA MET A 118 23.45 -29.21 -8.71
C MET A 118 24.18 -30.45 -8.24
N GLY A 119 24.53 -31.31 -9.20
CA GLY A 119 25.23 -32.53 -8.86
C GLY A 119 25.01 -32.84 -7.40
N LYS A 120 25.92 -32.33 -6.56
CA LYS A 120 25.83 -32.52 -5.12
C LYS A 120 26.78 -31.54 -4.41
N ARG A 121 26.62 -31.41 -3.09
CA ARG A 121 27.46 -30.54 -2.26
C ARG A 121 27.21 -29.05 -2.39
N SER A 122 27.87 -28.40 -3.34
CA SER A 122 27.71 -26.96 -3.52
C SER A 122 26.25 -26.57 -3.32
N VAL A 123 25.35 -27.38 -3.86
CA VAL A 123 23.91 -27.11 -3.73
C VAL A 123 23.40 -27.46 -2.35
N GLU A 124 23.90 -28.57 -1.80
CA GLU A 124 23.50 -29.02 -0.47
C GLU A 124 23.71 -27.89 0.53
N GLU A 125 24.90 -27.29 0.46
CA GLU A 125 25.26 -26.21 1.34
C GLU A 125 24.40 -24.99 1.03
N ARG A 126 23.94 -24.88 -0.22
CA ARG A 126 23.09 -23.78 -0.64
C ARG A 126 21.73 -23.95 0.03
N ILE A 127 21.23 -25.17 0.00
CA ILE A 127 19.94 -25.50 0.58
C ILE A 127 19.88 -25.34 2.08
N GLN A 128 20.89 -25.87 2.77
CA GLN A 128 20.94 -25.75 4.22
C GLN A 128 20.84 -24.27 4.56
N GLU A 129 21.45 -23.46 3.69
CA GLU A 129 21.45 -22.01 3.84
C GLU A 129 20.06 -21.44 3.60
N GLU A 130 19.51 -21.68 2.41
CA GLU A 130 18.18 -21.19 2.09
C GLU A 130 17.23 -21.62 3.20
N ALA A 131 17.40 -22.84 3.67
CA ALA A 131 16.57 -23.37 4.75
C ALA A 131 16.77 -22.52 6.01
N ARG A 132 18.03 -22.21 6.32
CA ARG A 132 18.35 -21.41 7.49
C ARG A 132 17.52 -20.14 7.45
N CYS A 133 17.40 -19.55 6.27
CA CYS A 133 16.62 -18.34 6.09
C CYS A 133 15.15 -18.65 6.34
N LEU A 134 14.64 -19.63 5.60
CA LEU A 134 13.25 -20.04 5.76
C LEU A 134 12.92 -20.19 7.23
N VAL A 135 13.92 -20.53 8.03
CA VAL A 135 13.72 -20.71 9.47
C VAL A 135 13.59 -19.41 10.23
N GLU A 136 14.37 -18.39 9.86
CA GLU A 136 14.28 -17.12 10.57
C GLU A 136 13.09 -16.29 10.07
N GLU A 137 12.69 -16.49 8.81
CA GLU A 137 11.55 -15.76 8.28
C GLU A 137 10.29 -16.34 8.91
N LEU A 138 10.38 -17.59 9.36
CA LEU A 138 9.25 -18.24 10.01
C LEU A 138 9.16 -17.81 11.47
N ARG A 139 10.30 -17.50 12.09
CA ARG A 139 10.29 -17.05 13.48
C ARG A 139 9.56 -15.72 13.48
N LYS A 140 9.90 -14.91 12.49
CA LYS A 140 9.31 -13.59 12.32
C LYS A 140 7.79 -13.70 12.28
N SER A 141 7.28 -14.74 11.64
CA SER A 141 5.85 -14.95 11.56
C SER A 141 5.25 -15.20 12.94
N LYS A 142 6.09 -15.30 13.97
CA LYS A 142 5.65 -15.55 15.33
C LYS A 142 4.51 -16.59 15.38
N GLY A 143 4.60 -17.56 14.48
CA GLY A 143 3.62 -18.63 14.41
C GLY A 143 2.17 -18.21 14.24
N ALA A 144 1.93 -17.18 13.44
CA ALA A 144 0.58 -16.70 13.19
C ALA A 144 0.06 -17.46 12.00
N LEU A 145 -1.21 -17.86 12.03
CA LEU A 145 -1.77 -18.61 10.91
C LEU A 145 -1.37 -17.96 9.60
N LEU A 146 -0.56 -18.67 8.80
CA LEU A 146 -0.15 -18.13 7.52
C LEU A 146 -0.51 -19.06 6.38
N ASP A 147 0.06 -18.81 5.22
CA ASP A 147 -0.18 -19.64 4.07
C ASP A 147 1.18 -19.92 3.42
N ASN A 148 1.74 -21.06 3.77
CA ASN A 148 3.04 -21.49 3.29
C ASN A 148 3.19 -21.61 1.77
N THR A 149 2.08 -21.57 1.04
CA THR A 149 2.15 -21.69 -0.41
C THR A 149 3.23 -20.81 -1.01
N LEU A 150 3.10 -19.50 -0.83
CA LEU A 150 4.05 -18.53 -1.37
C LEU A 150 5.48 -18.71 -0.84
N LEU A 151 5.60 -18.77 0.47
CA LEU A 151 6.90 -18.92 1.11
C LEU A 151 7.61 -20.16 0.57
N PHE A 152 6.90 -21.27 0.52
CA PHE A 152 7.47 -22.51 0.03
C PHE A 152 8.01 -22.37 -1.37
N HIS A 153 7.22 -21.77 -2.27
CA HIS A 153 7.65 -21.55 -3.65
C HIS A 153 8.95 -20.75 -3.66
N SER A 154 9.12 -19.93 -2.63
CA SER A 154 10.30 -19.09 -2.52
C SER A 154 11.59 -19.90 -2.31
N ILE A 155 11.63 -20.68 -1.23
CA ILE A 155 12.81 -21.48 -0.91
C ILE A 155 13.25 -22.47 -1.99
N THR A 156 12.30 -23.06 -2.73
CA THR A 156 12.69 -23.99 -3.79
C THR A 156 13.05 -23.23 -5.04
N SER A 157 12.51 -22.03 -5.18
CA SER A 157 12.80 -21.21 -6.34
C SER A 157 14.23 -20.70 -6.23
N ASN A 158 14.57 -20.12 -5.08
CA ASN A 158 15.91 -19.60 -4.86
C ASN A 158 16.96 -20.65 -5.20
N ILE A 159 16.74 -21.88 -4.74
CA ILE A 159 17.68 -22.96 -5.02
C ILE A 159 17.94 -23.11 -6.51
N ILE A 160 16.89 -23.07 -7.31
CA ILE A 160 17.04 -23.23 -8.74
C ILE A 160 17.55 -21.95 -9.41
N CYS A 161 17.08 -20.80 -8.96
CA CYS A 161 17.51 -19.52 -9.53
C CYS A 161 19.01 -19.31 -9.38
N SER A 162 19.57 -19.83 -8.30
CA SER A 162 20.99 -19.70 -8.04
C SER A 162 21.81 -20.48 -9.07
N ILE A 163 21.19 -21.49 -9.66
CA ILE A 163 21.84 -22.31 -10.67
C ILE A 163 21.65 -21.73 -12.07
N VAL A 164 20.45 -21.22 -12.34
CA VAL A 164 20.15 -20.64 -13.65
C VAL A 164 20.40 -19.14 -13.73
N PHE A 165 19.73 -18.37 -12.88
CA PHE A 165 19.91 -16.91 -12.86
C PHE A 165 21.10 -16.52 -12.00
N GLY A 166 21.62 -17.47 -11.24
CA GLY A 166 22.77 -17.22 -10.39
C GLY A 166 22.48 -16.44 -9.12
N LYS A 167 21.52 -15.53 -9.16
CA LYS A 167 21.18 -14.72 -8.00
C LYS A 167 20.13 -15.38 -7.11
N ARG A 168 19.75 -14.67 -6.05
CA ARG A 168 18.74 -15.13 -5.10
C ARG A 168 17.84 -13.93 -4.78
N PHE A 169 16.55 -14.18 -4.61
CA PHE A 169 15.61 -13.09 -4.31
C PHE A 169 15.19 -13.09 -2.84
N ASP A 170 14.74 -11.94 -2.37
CA ASP A 170 14.28 -11.79 -0.99
C ASP A 170 12.81 -12.23 -0.90
N TYR A 171 12.44 -12.85 0.21
CA TYR A 171 11.09 -13.36 0.40
C TYR A 171 9.98 -12.36 0.17
N LYS A 172 10.28 -11.07 0.32
CA LYS A 172 9.27 -10.04 0.13
C LYS A 172 9.57 -9.10 -1.03
N ASP A 173 10.31 -9.60 -2.01
CA ASP A 173 10.66 -8.79 -3.18
C ASP A 173 9.56 -8.88 -4.22
N PRO A 174 8.73 -7.84 -4.31
CA PRO A 174 7.60 -7.73 -5.25
C PRO A 174 7.73 -8.46 -6.59
N VAL A 175 8.84 -8.26 -7.28
CA VAL A 175 9.06 -8.92 -8.57
C VAL A 175 9.01 -10.42 -8.38
N PHE A 176 9.91 -10.91 -7.54
CA PHE A 176 10.01 -12.32 -7.23
C PHE A 176 8.64 -12.92 -6.87
N LEU A 177 7.95 -12.29 -5.92
CA LEU A 177 6.64 -12.75 -5.49
C LEU A 177 5.60 -12.81 -6.61
N ARG A 178 5.88 -12.17 -7.74
CA ARG A 178 4.95 -12.18 -8.88
C ARG A 178 5.22 -13.37 -9.78
N LEU A 179 6.49 -13.71 -9.97
CA LEU A 179 6.82 -14.86 -10.80
C LEU A 179 6.28 -16.08 -10.06
N LEU A 180 6.65 -16.21 -8.79
CA LEU A 180 6.18 -17.33 -7.98
C LEU A 180 4.65 -17.41 -8.09
N ASP A 181 3.98 -16.35 -7.65
CA ASP A 181 2.52 -16.28 -7.69
C ASP A 181 2.02 -16.63 -9.09
N LEU A 182 2.82 -16.31 -10.10
CA LEU A 182 2.46 -16.60 -11.49
C LEU A 182 2.59 -18.08 -11.78
N PHE A 183 3.66 -18.69 -11.29
CA PHE A 183 3.87 -20.11 -11.50
C PHE A 183 2.73 -20.90 -10.87
N PHE A 184 2.49 -20.65 -9.59
CA PHE A 184 1.43 -21.31 -8.85
C PHE A 184 0.09 -21.21 -9.59
N GLN A 185 -0.36 -19.98 -9.80
CA GLN A 185 -1.63 -19.73 -10.48
C GLN A 185 -1.70 -20.45 -11.81
N SER A 186 -0.60 -20.41 -12.56
CA SER A 186 -0.55 -21.05 -13.87
C SER A 186 -0.62 -22.57 -13.82
N PHE A 187 0.08 -23.17 -12.86
CA PHE A 187 0.05 -24.63 -12.75
C PHE A 187 -1.39 -25.04 -12.50
N SER A 188 -2.08 -24.25 -11.66
CA SER A 188 -3.48 -24.50 -11.30
C SER A 188 -4.42 -24.38 -12.48
N LEU A 189 -4.06 -23.57 -13.46
CA LEU A 189 -4.91 -23.44 -14.64
C LEU A 189 -4.55 -24.57 -15.60
N ILE A 190 -3.25 -24.86 -15.69
CA ILE A 190 -2.74 -25.93 -16.54
C ILE A 190 -3.32 -27.29 -16.13
N SER A 191 -3.78 -27.37 -14.89
CA SER A 191 -4.35 -28.61 -14.37
C SER A 191 -5.87 -28.53 -14.22
N SER A 192 -6.47 -27.40 -14.59
CA SER A 192 -7.90 -27.22 -14.46
C SER A 192 -8.66 -28.13 -15.40
N PHE A 193 -9.94 -27.87 -15.57
CA PHE A 193 -10.80 -28.66 -16.44
C PHE A 193 -10.57 -28.29 -17.91
N SER A 194 -10.56 -27.00 -18.21
CA SER A 194 -10.33 -26.55 -19.57
C SER A 194 -9.01 -27.13 -20.08
N SER A 195 -7.96 -27.03 -19.27
CA SER A 195 -6.66 -27.56 -19.65
C SER A 195 -6.78 -29.01 -20.10
N GLN A 196 -7.96 -29.59 -19.91
CA GLN A 196 -8.21 -30.96 -20.29
C GLN A 196 -9.20 -30.99 -21.44
N VAL A 197 -10.33 -30.29 -21.30
CA VAL A 197 -11.32 -30.26 -22.37
C VAL A 197 -10.64 -29.64 -23.59
N PHE A 198 -9.46 -29.07 -23.35
CA PHE A 198 -8.68 -28.43 -24.39
C PHE A 198 -7.83 -29.48 -25.06
N GLU A 199 -7.17 -30.31 -24.24
CA GLU A 199 -6.32 -31.38 -24.73
C GLU A 199 -7.05 -32.07 -25.88
N LEU A 200 -8.36 -32.20 -25.70
CA LEU A 200 -9.22 -32.84 -26.68
C LEU A 200 -9.55 -31.95 -27.86
N PHE A 201 -10.23 -30.85 -27.58
CA PHE A 201 -10.66 -29.93 -28.61
C PHE A 201 -9.85 -28.64 -28.67
N SER A 202 -8.53 -28.79 -28.60
CA SER A 202 -7.63 -27.65 -28.65
C SER A 202 -7.81 -26.91 -29.97
N GLY A 203 -7.81 -27.67 -31.08
CA GLY A 203 -7.98 -27.05 -32.38
C GLY A 203 -9.35 -26.41 -32.51
N PHE A 204 -10.32 -27.02 -31.84
CA PHE A 204 -11.69 -26.55 -31.84
C PHE A 204 -11.83 -25.23 -31.07
N LEU A 205 -11.48 -25.27 -29.79
CA LEU A 205 -11.61 -24.11 -28.90
C LEU A 205 -10.64 -22.94 -29.03
N LYS A 206 -9.38 -23.21 -29.35
CA LYS A 206 -8.39 -22.15 -29.44
C LYS A 206 -8.82 -20.85 -30.15
N TYR A 207 -9.86 -20.91 -30.98
CA TYR A 207 -10.31 -19.71 -31.68
C TYR A 207 -11.20 -18.85 -30.80
N PHE A 208 -11.65 -19.39 -29.68
CA PHE A 208 -12.51 -18.67 -28.77
C PHE A 208 -11.75 -18.43 -27.48
N PRO A 209 -12.19 -17.46 -26.67
CA PRO A 209 -11.51 -17.17 -25.40
C PRO A 209 -11.73 -18.22 -24.31
N GLY A 210 -10.73 -18.36 -23.45
CA GLY A 210 -10.79 -19.30 -22.35
C GLY A 210 -9.61 -19.13 -21.42
N THR A 211 -9.39 -20.10 -20.53
CA THR A 211 -8.26 -20.04 -19.61
C THR A 211 -6.98 -20.32 -20.38
N HIS A 212 -7.10 -21.06 -21.47
CA HIS A 212 -5.93 -21.38 -22.29
C HIS A 212 -5.23 -20.10 -22.70
N ARG A 213 -6.00 -19.01 -22.83
CA ARG A 213 -5.45 -17.72 -23.20
C ARG A 213 -4.68 -17.16 -22.02
N GLN A 214 -5.27 -17.30 -20.84
CA GLN A 214 -4.65 -16.81 -19.60
C GLN A 214 -3.33 -17.50 -19.29
N ILE A 215 -3.25 -18.80 -19.60
CA ILE A 215 -2.02 -19.54 -19.36
C ILE A 215 -0.93 -18.99 -20.25
N TYR A 216 -1.35 -18.41 -21.38
CA TYR A 216 -0.41 -17.84 -22.32
C TYR A 216 0.11 -16.50 -21.78
N ARG A 217 -0.81 -15.60 -21.47
CA ARG A 217 -0.42 -14.28 -20.96
C ARG A 217 0.41 -14.42 -19.68
N ASN A 218 0.21 -15.53 -18.97
CA ASN A 218 0.94 -15.80 -17.74
C ASN A 218 2.39 -16.16 -18.04
N LEU A 219 2.60 -17.23 -18.79
CA LEU A 219 3.93 -17.66 -19.13
C LEU A 219 4.66 -16.50 -19.80
N GLN A 220 3.88 -15.65 -20.47
CA GLN A 220 4.43 -14.48 -21.16
C GLN A 220 5.25 -13.63 -20.20
N GLU A 221 4.59 -13.11 -19.16
CA GLU A 221 5.29 -12.27 -18.18
C GLU A 221 6.60 -12.91 -17.77
N ILE A 222 6.56 -14.20 -17.47
CA ILE A 222 7.76 -14.93 -17.05
C ILE A 222 8.79 -14.88 -18.15
N ASN A 223 8.38 -15.22 -19.36
CA ASN A 223 9.30 -15.21 -20.49
C ASN A 223 9.95 -13.84 -20.64
N THR A 224 9.24 -12.80 -20.22
CA THR A 224 9.76 -11.44 -20.29
C THR A 224 10.92 -11.42 -19.30
N PHE A 225 10.58 -11.57 -18.03
CA PHE A 225 11.58 -11.58 -16.97
C PHE A 225 12.77 -12.43 -17.42
N ILE A 226 12.50 -13.62 -17.94
CA ILE A 226 13.59 -14.47 -18.39
C ILE A 226 14.37 -13.68 -19.43
N GLY A 227 13.66 -13.24 -20.46
CA GLY A 227 14.26 -12.49 -21.54
C GLY A 227 15.00 -11.21 -21.18
N GLN A 228 14.40 -10.37 -20.33
CA GLN A 228 15.07 -9.14 -19.95
C GLN A 228 16.23 -9.38 -18.99
N SER A 229 16.32 -10.62 -18.48
CA SER A 229 17.41 -10.97 -17.57
C SER A 229 18.51 -11.63 -18.38
N VAL A 230 18.19 -11.97 -19.62
CA VAL A 230 19.16 -12.57 -20.52
C VAL A 230 19.99 -11.41 -21.03
N GLU A 231 19.34 -10.26 -21.24
CA GLU A 231 20.00 -9.05 -21.72
C GLU A 231 20.96 -8.52 -20.67
N LYS A 232 20.51 -8.46 -19.42
CA LYS A 232 21.34 -7.99 -18.32
C LYS A 232 22.59 -8.89 -18.28
N HIS A 233 22.37 -10.20 -18.30
CA HIS A 233 23.46 -11.18 -18.28
C HIS A 233 24.35 -11.07 -19.53
N ARG A 234 23.76 -10.60 -20.63
CA ARG A 234 24.48 -10.44 -21.89
C ARG A 234 25.65 -9.49 -21.69
N ALA A 235 25.32 -8.24 -21.40
CA ALA A 235 26.32 -7.20 -21.17
C ALA A 235 26.85 -7.28 -19.76
N THR A 236 27.72 -8.26 -19.51
CA THR A 236 28.37 -8.50 -18.23
C THR A 236 28.99 -9.88 -18.31
N LEU A 237 28.90 -10.49 -19.47
CA LEU A 237 29.46 -11.81 -19.66
C LEU A 237 30.98 -11.74 -19.73
N ASP A 238 31.64 -12.26 -18.69
CA ASP A 238 33.09 -12.29 -18.62
C ASP A 238 33.49 -13.70 -19.03
N PRO A 239 33.65 -13.96 -20.34
CA PRO A 239 34.02 -15.28 -20.85
C PRO A 239 35.06 -16.05 -20.04
N SER A 240 35.86 -15.31 -19.28
CA SER A 240 36.89 -15.94 -18.46
C SER A 240 36.29 -16.46 -17.16
N ASN A 241 35.00 -16.22 -16.96
CA ASN A 241 34.32 -16.65 -15.74
C ASN A 241 32.80 -16.53 -15.79
N PRO A 242 32.11 -17.60 -16.26
CA PRO A 242 30.64 -17.55 -16.32
C PRO A 242 30.03 -17.64 -14.92
N ARG A 243 28.99 -16.83 -14.69
CA ARG A 243 28.31 -16.76 -13.40
C ARG A 243 27.24 -17.81 -13.13
N ASP A 244 26.52 -18.23 -14.17
CA ASP A 244 25.45 -19.20 -13.99
C ASP A 244 25.18 -20.05 -15.23
N PHE A 245 23.92 -20.44 -15.38
CA PHE A 245 23.49 -21.25 -16.50
C PHE A 245 23.36 -20.40 -17.75
N ILE A 246 22.79 -19.20 -17.61
CA ILE A 246 22.63 -18.30 -18.75
C ILE A 246 23.96 -17.95 -19.42
N ASP A 247 24.98 -17.62 -18.63
CA ASP A 247 26.28 -17.29 -19.21
C ASP A 247 26.76 -18.43 -20.08
N VAL A 248 26.91 -19.60 -19.47
CA VAL A 248 27.36 -20.78 -20.18
C VAL A 248 26.62 -20.96 -21.50
N TYR A 249 25.29 -20.81 -21.47
CA TYR A 249 24.48 -20.97 -22.66
C TYR A 249 24.80 -19.84 -23.63
N LEU A 250 25.10 -18.67 -23.09
CA LEU A 250 25.46 -17.51 -23.91
C LEU A 250 26.81 -17.75 -24.58
N LEU A 251 27.79 -18.23 -23.82
CA LEU A 251 29.11 -18.50 -24.35
C LEU A 251 29.06 -19.46 -25.51
N ARG A 252 28.18 -20.46 -25.44
CA ARG A 252 28.07 -21.43 -26.53
C ARG A 252 27.08 -20.96 -27.59
N MET A 253 26.26 -19.98 -27.26
CA MET A 253 25.29 -19.46 -28.22
C MET A 253 26.04 -18.54 -29.19
N GLU A 254 27.03 -17.83 -28.67
CA GLU A 254 27.86 -16.92 -29.46
C GLU A 254 28.89 -17.73 -30.25
N LYS A 255 29.46 -18.73 -29.57
CA LYS A 255 30.46 -19.61 -30.18
C LYS A 255 29.99 -20.30 -31.45
N ASP A 256 28.82 -20.94 -31.38
CA ASP A 256 28.27 -21.62 -32.53
C ASP A 256 27.25 -20.77 -33.26
N LYS A 257 27.74 -19.88 -34.13
CA LYS A 257 26.87 -19.03 -34.92
C LYS A 257 27.22 -19.29 -36.38
N SER A 258 28.05 -20.31 -36.57
CA SER A 258 28.51 -20.73 -37.88
C SER A 258 27.86 -22.06 -38.19
N ASP A 259 27.03 -22.53 -37.26
CA ASP A 259 26.32 -23.79 -37.42
C ASP A 259 24.83 -23.53 -37.25
N PRO A 260 24.18 -23.00 -38.28
CA PRO A 260 22.74 -22.68 -38.27
C PRO A 260 21.83 -23.87 -37.98
N SER A 261 22.33 -24.82 -37.20
CA SER A 261 21.56 -25.99 -36.82
C SER A 261 21.78 -26.23 -35.33
N SER A 262 22.59 -25.38 -34.72
CA SER A 262 22.88 -25.48 -33.30
C SER A 262 21.64 -25.12 -32.50
N GLU A 263 21.00 -26.12 -31.91
CA GLU A 263 19.79 -25.92 -31.14
C GLU A 263 19.90 -24.78 -30.12
N PHE A 264 21.10 -24.25 -29.94
CA PHE A 264 21.31 -23.18 -28.98
C PHE A 264 21.05 -21.81 -29.59
N HIS A 265 19.77 -21.44 -29.63
CA HIS A 265 19.35 -20.18 -30.21
C HIS A 265 18.18 -19.57 -29.46
N HIS A 266 18.46 -18.54 -28.67
CA HIS A 266 17.42 -17.83 -27.91
C HIS A 266 16.17 -18.66 -27.63
N GLN A 267 15.34 -18.87 -28.66
CA GLN A 267 14.11 -19.68 -28.53
C GLN A 267 14.27 -20.70 -27.42
N ASN A 268 15.42 -21.37 -27.41
CA ASN A 268 15.72 -22.38 -26.40
C ASN A 268 16.09 -21.72 -25.08
N LEU A 269 17.07 -20.81 -25.11
CA LEU A 269 17.48 -20.14 -23.88
C LEU A 269 16.28 -19.74 -23.05
N ILE A 270 15.32 -19.05 -23.66
CA ILE A 270 14.12 -18.62 -22.95
C ILE A 270 13.26 -19.79 -22.53
N LEU A 271 12.88 -20.65 -23.48
CA LEU A 271 12.05 -21.79 -23.18
C LEU A 271 12.70 -22.84 -22.28
N THR A 272 14.03 -22.93 -22.31
CA THR A 272 14.73 -23.88 -21.45
C THR A 272 14.84 -23.28 -20.06
N VAL A 273 15.13 -21.99 -19.99
CA VAL A 273 15.24 -21.30 -18.71
C VAL A 273 13.87 -21.23 -18.07
N LEU A 274 12.83 -21.41 -18.89
CA LEU A 274 11.46 -21.38 -18.37
C LEU A 274 11.09 -22.77 -17.86
N SER A 275 11.53 -23.80 -18.58
CA SER A 275 11.23 -25.16 -18.16
C SER A 275 11.90 -25.42 -16.81
N LEU A 276 13.16 -25.01 -16.67
CA LEU A 276 13.88 -25.23 -15.43
C LEU A 276 13.49 -24.28 -14.29
N PHE A 277 12.92 -23.14 -14.65
CA PHE A 277 12.52 -22.15 -13.66
C PHE A 277 11.09 -22.41 -13.14
N PHE A 278 10.26 -23.01 -13.98
CA PHE A 278 8.88 -23.31 -13.63
C PHE A 278 8.82 -24.59 -12.80
N ALA A 279 9.41 -25.66 -13.32
CA ALA A 279 9.43 -26.93 -12.61
C ALA A 279 10.26 -26.79 -11.34
N GLY A 280 11.49 -26.30 -11.51
CA GLY A 280 12.38 -26.13 -10.38
C GLY A 280 11.72 -25.40 -9.22
N THR A 281 10.77 -24.54 -9.54
CA THR A 281 10.06 -23.75 -8.53
C THR A 281 8.75 -24.41 -8.09
N GLU A 282 7.98 -24.88 -9.06
CA GLU A 282 6.67 -25.48 -8.83
C GLU A 282 6.49 -26.71 -7.94
N THR A 283 6.84 -27.87 -8.48
CA THR A 283 6.66 -29.13 -7.79
C THR A 283 7.29 -29.35 -6.41
N THR A 284 8.61 -29.22 -6.32
CA THR A 284 9.28 -29.43 -5.02
C THR A 284 8.56 -28.65 -3.94
N SER A 285 8.10 -27.45 -4.29
CA SER A 285 7.40 -26.57 -3.38
C SER A 285 6.01 -27.05 -2.99
N THR A 286 5.21 -27.52 -3.94
CA THR A 286 3.88 -27.98 -3.60
C THR A 286 3.90 -29.38 -3.00
N THR A 287 5.02 -30.08 -3.11
CA THR A 287 5.10 -31.40 -2.52
C THR A 287 5.18 -31.19 -1.02
N LEU A 288 6.05 -30.27 -0.59
CA LEU A 288 6.17 -29.96 0.84
C LEU A 288 4.82 -29.41 1.33
N ARG A 289 4.20 -28.58 0.51
CA ARG A 289 2.93 -28.01 0.86
C ARG A 289 1.98 -29.15 1.15
N TYR A 290 1.95 -30.14 0.26
CA TYR A 290 1.09 -31.30 0.49
C TYR A 290 1.64 -32.03 1.69
N GLY A 291 2.96 -32.18 1.72
CA GLY A 291 3.60 -32.86 2.82
C GLY A 291 3.06 -32.40 4.16
N PHE A 292 3.24 -31.11 4.44
CA PHE A 292 2.78 -30.53 5.70
C PHE A 292 1.28 -30.61 5.95
N LEU A 293 0.47 -30.58 4.91
CA LEU A 293 -0.97 -30.68 5.12
C LEU A 293 -1.24 -32.07 5.61
N LEU A 294 -0.31 -32.99 5.31
CA LEU A 294 -0.45 -34.38 5.72
C LEU A 294 0.10 -34.55 7.13
N MET A 295 0.96 -33.63 7.55
CA MET A 295 1.57 -33.65 8.87
C MET A 295 0.63 -33.10 9.94
N LEU A 296 -0.49 -32.56 9.51
CA LEU A 296 -1.47 -32.02 10.43
C LEU A 296 -2.53 -33.09 10.64
N LYS A 297 -2.80 -33.85 9.59
CA LYS A 297 -3.77 -34.92 9.68
C LYS A 297 -3.23 -36.02 10.58
N TYR A 298 -1.91 -36.12 10.67
CA TYR A 298 -1.26 -37.13 11.50
C TYR A 298 -0.18 -36.50 12.36
N PRO A 299 -0.55 -35.91 13.49
CA PRO A 299 0.45 -35.29 14.37
C PRO A 299 1.38 -36.32 15.00
N HIS A 300 0.89 -37.55 15.16
CA HIS A 300 1.67 -38.64 15.76
C HIS A 300 2.80 -39.08 14.84
N VAL A 301 2.71 -38.72 13.57
CA VAL A 301 3.75 -39.06 12.59
C VAL A 301 4.82 -37.99 12.64
N THR A 302 4.46 -36.83 13.14
CA THR A 302 5.41 -35.72 13.24
C THR A 302 6.28 -35.91 14.47
N GLU A 303 5.66 -36.31 15.57
CA GLU A 303 6.37 -36.53 16.82
C GLU A 303 7.55 -37.45 16.56
N ARG A 304 7.32 -38.52 15.80
CA ARG A 304 8.37 -39.48 15.47
C ARG A 304 9.50 -38.80 14.69
N VAL A 305 9.14 -38.13 13.60
CA VAL A 305 10.12 -37.46 12.77
C VAL A 305 10.95 -36.49 13.59
N GLN A 306 10.29 -35.81 14.54
CA GLN A 306 10.98 -34.85 15.40
C GLN A 306 11.83 -35.54 16.44
N LYS A 307 11.57 -36.82 16.63
CA LYS A 307 12.32 -37.62 17.59
C LYS A 307 13.52 -38.21 16.85
N GLU A 308 13.27 -38.71 15.65
CA GLU A 308 14.33 -39.30 14.83
C GLU A 308 15.38 -38.24 14.53
N ILE A 309 14.93 -36.98 14.47
CA ILE A 309 15.83 -35.87 14.23
C ILE A 309 16.63 -35.67 15.50
N GLU A 310 15.96 -35.86 16.64
CA GLU A 310 16.58 -35.70 17.94
C GLU A 310 17.65 -36.75 18.26
N GLN A 311 17.40 -37.99 17.86
CA GLN A 311 18.36 -39.05 18.11
C GLN A 311 19.56 -38.87 17.19
N VAL A 312 19.29 -38.71 15.89
CA VAL A 312 20.34 -38.52 14.89
C VAL A 312 20.95 -37.13 14.90
N ILE A 313 20.36 -36.22 14.14
CA ILE A 313 20.82 -34.85 14.00
C ILE A 313 20.90 -34.11 15.33
N GLY A 314 20.30 -34.68 16.38
CA GLY A 314 20.33 -34.03 17.67
C GLY A 314 19.44 -32.80 17.65
N SER A 315 20.04 -31.62 17.69
CA SER A 315 19.28 -30.38 17.68
C SER A 315 20.14 -29.14 17.86
N HIS A 316 21.45 -29.30 17.69
CA HIS A 316 22.35 -28.17 17.82
C HIS A 316 23.12 -27.90 16.54
N ARG A 317 22.63 -28.49 15.45
CA ARG A 317 23.25 -28.32 14.15
C ARG A 317 22.21 -28.58 13.08
N PRO A 318 22.22 -27.77 12.01
CA PRO A 318 21.23 -27.98 10.94
C PRO A 318 21.35 -29.37 10.35
N PRO A 319 20.27 -29.88 9.74
CA PRO A 319 20.33 -31.21 9.15
C PRO A 319 21.26 -31.21 7.94
N ALA A 320 22.07 -32.24 7.82
CA ALA A 320 22.99 -32.38 6.70
C ALA A 320 22.32 -33.41 5.82
N LEU A 321 22.78 -33.55 4.57
CA LEU A 321 22.16 -34.53 3.70
C LEU A 321 22.51 -35.94 4.14
N ASP A 322 23.73 -36.14 4.63
CA ASP A 322 24.17 -37.46 5.08
C ASP A 322 23.12 -38.10 5.97
N ASP A 323 22.50 -37.28 6.81
CA ASP A 323 21.48 -37.74 7.76
C ASP A 323 20.32 -38.51 7.16
N ARG A 324 20.07 -38.34 5.87
CA ARG A 324 18.96 -39.06 5.23
C ARG A 324 19.11 -40.56 5.40
N ALA A 325 20.35 -41.03 5.54
CA ALA A 325 20.59 -42.45 5.72
C ALA A 325 20.18 -42.85 7.13
N LYS A 326 20.85 -42.26 8.12
CA LYS A 326 20.57 -42.55 9.52
C LYS A 326 19.15 -42.22 9.95
N MET A 327 18.35 -41.69 9.03
CA MET A 327 16.96 -41.34 9.32
C MET A 327 16.02 -42.06 8.36
N PRO A 328 15.91 -43.39 8.49
CA PRO A 328 15.06 -44.25 7.66
C PRO A 328 13.56 -44.02 7.78
N TYR A 329 13.12 -43.45 8.91
CA TYR A 329 11.70 -43.21 9.12
C TYR A 329 11.23 -41.99 8.33
N THR A 330 11.92 -40.87 8.56
CA THR A 330 11.64 -39.61 7.88
C THR A 330 11.76 -39.81 6.37
N ASP A 331 12.64 -40.73 5.98
CA ASP A 331 12.85 -41.04 4.57
C ASP A 331 11.55 -41.67 4.05
N ALA A 332 10.97 -42.56 4.84
CA ALA A 332 9.74 -43.24 4.45
C ALA A 332 8.52 -42.33 4.47
N VAL A 333 8.50 -41.36 5.38
CA VAL A 333 7.37 -40.43 5.45
C VAL A 333 7.38 -39.56 4.22
N ILE A 334 8.58 -39.22 3.74
CA ILE A 334 8.73 -38.39 2.56
C ILE A 334 8.35 -39.16 1.30
N HIS A 335 8.82 -40.40 1.17
CA HIS A 335 8.49 -41.24 0.01
C HIS A 335 6.96 -41.38 -0.03
N GLU A 336 6.38 -41.45 1.16
CA GLU A 336 4.95 -41.61 1.35
C GLU A 336 4.22 -40.29 1.03
N ILE A 337 4.83 -39.17 1.41
CA ILE A 337 4.26 -37.86 1.11
C ILE A 337 4.25 -37.74 -0.41
N GLN A 338 5.37 -38.09 -1.01
CA GLN A 338 5.54 -38.04 -2.45
C GLN A 338 4.61 -39.03 -3.16
N ARG A 339 4.42 -40.19 -2.56
CA ARG A 339 3.57 -41.23 -3.13
C ARG A 339 2.11 -40.84 -3.11
N LEU A 340 1.59 -40.45 -1.94
CA LEU A 340 0.19 -40.04 -1.84
C LEU A 340 0.05 -38.69 -2.54
N GLY A 341 1.10 -37.87 -2.45
CA GLY A 341 1.07 -36.56 -3.08
C GLY A 341 0.62 -36.74 -4.52
N ASP A 342 1.46 -37.38 -5.33
CA ASP A 342 1.12 -37.63 -6.72
C ASP A 342 0.84 -36.30 -7.42
N LEU A 343 1.84 -35.41 -7.42
CA LEU A 343 1.71 -34.10 -8.05
C LEU A 343 1.43 -34.19 -9.54
N ILE A 344 2.08 -35.15 -10.19
CA ILE A 344 1.93 -35.38 -11.62
C ILE A 344 1.25 -36.73 -11.84
N PRO A 345 -0.10 -36.75 -11.77
CA PRO A 345 -0.94 -37.94 -11.94
C PRO A 345 -0.56 -38.82 -13.12
N PHE A 346 -0.61 -38.29 -14.33
CA PHE A 346 -0.26 -39.11 -15.46
C PHE A 346 0.98 -38.69 -16.24
N GLY A 347 2.00 -38.21 -15.52
CA GLY A 347 3.25 -37.80 -16.14
C GLY A 347 3.14 -36.97 -17.41
N VAL A 348 4.15 -36.14 -17.66
CA VAL A 348 4.12 -35.32 -18.87
C VAL A 348 4.09 -36.30 -20.04
N PRO A 349 3.29 -35.98 -21.07
CA PRO A 349 3.09 -36.79 -22.28
C PRO A 349 4.34 -37.41 -22.93
N HIS A 350 4.13 -38.55 -23.56
CA HIS A 350 5.19 -39.28 -24.25
C HIS A 350 4.80 -39.56 -25.70
N THR A 351 5.61 -40.36 -26.37
CA THR A 351 5.39 -40.75 -27.75
C THR A 351 6.48 -41.73 -28.14
N VAL A 352 6.10 -42.75 -28.90
CA VAL A 352 7.05 -43.73 -29.35
C VAL A 352 7.84 -43.09 -30.49
N THR A 353 9.13 -43.36 -30.53
CA THR A 353 10.00 -42.80 -31.56
C THR A 353 10.03 -43.63 -32.84
N LYS A 354 9.43 -44.81 -32.80
CA LYS A 354 9.43 -45.69 -33.96
C LYS A 354 8.33 -46.71 -33.79
N ASP A 355 8.02 -47.43 -34.85
CA ASP A 355 7.00 -48.48 -34.73
C ASP A 355 7.50 -49.38 -33.61
N THR A 356 6.87 -49.28 -32.45
CA THR A 356 7.25 -50.07 -31.28
C THR A 356 6.36 -51.28 -31.12
N GLN A 357 6.95 -52.36 -30.60
CA GLN A 357 6.23 -53.59 -30.37
C GLN A 357 6.06 -53.74 -28.85
N PHE A 358 4.82 -53.58 -28.38
CA PHE A 358 4.51 -53.64 -26.95
C PHE A 358 3.41 -54.63 -26.57
N ARG A 359 3.79 -55.63 -25.77
CA ARG A 359 2.88 -56.66 -25.28
C ARG A 359 2.03 -57.38 -26.34
N GLY A 360 2.30 -57.14 -27.61
CA GLY A 360 1.54 -57.80 -28.65
C GLY A 360 0.82 -56.84 -29.57
N TYR A 361 0.94 -55.55 -29.26
CA TYR A 361 0.32 -54.49 -30.03
C TYR A 361 1.45 -53.73 -30.72
N VAL A 362 1.17 -53.17 -31.89
CA VAL A 362 2.18 -52.40 -32.60
C VAL A 362 1.76 -50.93 -32.62
N ILE A 363 2.40 -50.14 -31.76
CA ILE A 363 2.11 -48.72 -31.65
C ILE A 363 2.89 -47.99 -32.75
N PRO A 364 2.18 -47.40 -33.73
CA PRO A 364 2.86 -46.68 -34.82
C PRO A 364 3.71 -45.54 -34.28
N LYS A 365 4.70 -45.13 -35.09
CA LYS A 365 5.61 -44.05 -34.70
C LYS A 365 4.86 -42.75 -34.44
N ASN A 366 5.30 -42.02 -33.42
CA ASN A 366 4.71 -40.75 -33.06
C ASN A 366 3.38 -40.87 -32.36
N THR A 367 3.05 -42.05 -31.86
CA THR A 367 1.80 -42.26 -31.14
C THR A 367 2.01 -41.85 -29.69
N GLU A 368 1.17 -40.94 -29.22
CA GLU A 368 1.28 -40.46 -27.86
C GLU A 368 1.02 -41.54 -26.82
N VAL A 369 1.84 -41.52 -25.77
CA VAL A 369 1.73 -42.50 -24.69
C VAL A 369 1.67 -41.80 -23.33
N PHE A 370 0.63 -42.06 -22.56
CA PHE A 370 0.47 -41.48 -21.23
C PHE A 370 0.75 -42.55 -20.19
N PRO A 371 1.84 -42.38 -19.42
CA PRO A 371 2.22 -43.34 -18.39
C PRO A 371 1.54 -42.97 -17.08
N VAL A 372 0.27 -43.37 -16.93
CA VAL A 372 -0.47 -43.07 -15.72
C VAL A 372 0.37 -43.47 -14.50
N LEU A 373 1.18 -42.51 -14.05
CA LEU A 373 2.07 -42.70 -12.91
C LEU A 373 1.27 -42.89 -11.63
N SER A 374 0.16 -42.18 -11.50
CA SER A 374 -0.68 -42.28 -10.33
C SER A 374 -0.99 -43.74 -10.02
N SER A 375 -1.22 -44.52 -11.07
CA SER A 375 -1.53 -45.92 -10.89
C SER A 375 -0.28 -46.77 -10.75
N ALA A 376 0.77 -46.19 -10.16
CA ALA A 376 2.02 -46.91 -9.94
C ALA A 376 2.39 -46.63 -8.49
N LEU A 377 1.99 -45.45 -8.02
CA LEU A 377 2.26 -45.03 -6.67
C LEU A 377 1.14 -45.59 -5.81
N HIS A 378 0.00 -45.84 -6.44
CA HIS A 378 -1.18 -46.38 -5.77
C HIS A 378 -1.45 -47.83 -6.16
N ASP A 379 -0.44 -48.51 -6.73
CA ASP A 379 -0.66 -49.89 -7.17
C ASP A 379 -0.65 -50.92 -6.04
N PRO A 380 -1.76 -51.65 -5.87
CA PRO A 380 -2.00 -52.70 -4.87
C PRO A 380 -1.11 -53.92 -4.96
N ARG A 381 -0.44 -54.09 -6.09
CA ARG A 381 0.46 -55.22 -6.29
C ARG A 381 1.80 -54.93 -5.62
N TYR A 382 2.09 -53.65 -5.42
CA TYR A 382 3.35 -53.25 -4.81
C TYR A 382 3.21 -52.48 -3.50
N PHE A 383 2.03 -51.94 -3.26
CA PHE A 383 1.77 -51.19 -2.03
C PHE A 383 0.57 -51.77 -1.28
N GLU A 384 0.80 -52.42 -0.15
CA GLU A 384 -0.32 -52.92 0.62
C GLU A 384 -0.90 -51.61 1.12
N THR A 385 -2.18 -51.55 1.40
CA THR A 385 -2.80 -50.28 1.85
C THR A 385 -2.27 -49.05 1.10
N PRO A 386 -2.39 -49.05 -0.24
CA PRO A 386 -1.92 -47.95 -1.09
C PRO A 386 -2.63 -46.61 -0.89
N ASN A 387 -3.86 -46.66 -0.39
CA ASN A 387 -4.62 -45.42 -0.17
C ASN A 387 -4.53 -44.91 1.26
N THR A 388 -3.53 -45.39 1.99
CA THR A 388 -3.39 -44.97 3.37
C THR A 388 -1.96 -44.58 3.70
N PHE A 389 -1.77 -43.33 4.13
CA PHE A 389 -0.43 -42.88 4.49
C PHE A 389 0.17 -44.01 5.31
N ASN A 390 1.20 -44.65 4.78
CA ASN A 390 1.83 -45.77 5.48
C ASN A 390 3.35 -45.82 5.28
N PRO A 391 4.09 -45.17 6.19
CA PRO A 391 5.55 -45.15 6.12
C PRO A 391 6.12 -46.56 6.03
N GLY A 392 5.25 -47.55 6.19
CA GLY A 392 5.70 -48.93 6.13
C GLY A 392 6.08 -49.38 4.74
N HIS A 393 5.31 -48.97 3.74
CA HIS A 393 5.59 -49.35 2.37
C HIS A 393 7.07 -49.29 2.06
N PHE A 394 7.76 -48.39 2.75
CA PHE A 394 9.18 -48.20 2.52
C PHE A 394 10.07 -48.60 3.70
N LEU A 395 9.79 -49.73 4.32
CA LEU A 395 10.59 -50.18 5.44
C LEU A 395 10.52 -51.70 5.59
N ASP A 396 11.54 -52.28 6.23
CA ASP A 396 11.58 -53.72 6.45
C ASP A 396 11.29 -53.97 7.92
N ALA A 397 11.19 -55.23 8.31
CA ALA A 397 10.92 -55.61 9.70
C ALA A 397 11.93 -55.04 10.71
N ASN A 398 13.20 -54.98 10.31
CA ASN A 398 14.25 -54.44 11.18
C ASN A 398 14.20 -52.92 11.18
N GLY A 399 13.10 -52.38 10.66
CA GLY A 399 12.93 -50.94 10.62
C GLY A 399 14.07 -50.21 9.93
N ALA A 400 14.19 -50.41 8.62
CA ALA A 400 15.23 -49.77 7.82
C ALA A 400 14.62 -49.43 6.47
N LEU A 401 15.30 -48.59 5.71
CA LEU A 401 14.76 -48.20 4.41
C LEU A 401 14.68 -49.39 3.46
N LYS A 402 13.58 -49.48 2.74
CA LYS A 402 13.35 -50.56 1.78
C LYS A 402 12.89 -49.98 0.45
N ARG A 403 13.44 -50.47 -0.66
CA ARG A 403 13.08 -49.98 -1.98
C ARG A 403 11.69 -50.51 -2.32
N ASN A 404 11.03 -49.91 -3.31
CA ASN A 404 9.70 -50.34 -3.72
C ASN A 404 9.50 -50.07 -5.20
N GLU A 405 9.33 -51.12 -5.99
CA GLU A 405 9.17 -51.00 -7.43
C GLU A 405 8.03 -50.13 -7.91
N GLY A 406 7.19 -49.66 -6.99
CA GLY A 406 6.08 -48.83 -7.39
C GLY A 406 6.32 -47.34 -7.24
N PHE A 407 7.34 -46.98 -6.47
CA PHE A 407 7.67 -45.58 -6.23
C PHE A 407 8.37 -44.94 -7.43
N MET A 408 7.57 -44.33 -8.30
CA MET A 408 8.10 -43.68 -9.49
C MET A 408 7.44 -42.30 -9.69
N PRO A 409 7.62 -41.38 -8.72
CA PRO A 409 7.03 -40.04 -8.81
C PRO A 409 7.74 -39.14 -9.80
N PHE A 410 9.03 -39.38 -10.00
CA PHE A 410 9.81 -38.57 -10.94
C PHE A 410 9.76 -39.22 -12.31
N SER A 411 9.23 -40.43 -12.34
CA SER A 411 9.08 -41.22 -13.56
C SER A 411 10.29 -42.10 -13.83
N LEU A 412 10.34 -42.68 -15.02
CA LEU A 412 11.44 -43.56 -15.39
C LEU A 412 11.92 -43.34 -16.81
N GLY A 413 13.09 -43.90 -17.12
CA GLY A 413 13.63 -43.78 -18.46
C GLY A 413 14.49 -42.56 -18.69
N LYS A 414 14.75 -42.28 -19.96
CA LYS A 414 15.57 -41.14 -20.34
C LYS A 414 14.88 -39.81 -20.07
N ARG A 415 13.55 -39.85 -19.99
CA ARG A 415 12.77 -38.64 -19.74
C ARG A 415 12.52 -38.40 -18.25
N ILE A 416 13.01 -39.32 -17.42
CA ILE A 416 12.85 -39.19 -15.98
C ILE A 416 13.16 -37.76 -15.57
N CYS A 417 12.52 -37.27 -14.52
CA CYS A 417 12.75 -35.91 -14.07
C CYS A 417 14.23 -35.57 -13.98
N LEU A 418 14.62 -34.58 -14.76
CA LEU A 418 15.99 -34.10 -14.83
C LEU A 418 16.46 -33.66 -13.45
N GLY A 419 15.54 -33.12 -12.66
CA GLY A 419 15.87 -32.64 -11.33
C GLY A 419 15.58 -33.54 -10.15
N GLU A 420 15.49 -34.84 -10.37
CA GLU A 420 15.24 -35.76 -9.27
C GLU A 420 16.26 -35.49 -8.16
N GLY A 421 17.52 -35.35 -8.53
CA GLY A 421 18.56 -35.09 -7.55
C GLY A 421 18.22 -33.97 -6.58
N ILE A 422 18.20 -32.75 -7.09
CA ILE A 422 17.89 -31.57 -6.27
C ILE A 422 16.67 -31.80 -5.38
N ALA A 423 15.54 -32.05 -6.04
CA ALA A 423 14.27 -32.25 -5.37
C ALA A 423 14.35 -33.13 -4.14
N ARG A 424 14.80 -34.36 -4.31
CA ARG A 424 14.87 -35.26 -3.17
C ARG A 424 15.74 -34.67 -2.08
N THR A 425 16.73 -33.87 -2.45
CA THR A 425 17.58 -33.25 -1.46
C THR A 425 16.86 -32.08 -0.80
N GLU A 426 16.27 -31.21 -1.62
CA GLU A 426 15.52 -30.08 -1.08
C GLU A 426 14.47 -30.55 -0.07
N LEU A 427 13.69 -31.56 -0.46
CA LEU A 427 12.64 -32.12 0.40
C LEU A 427 13.13 -32.51 1.78
N PHE A 428 14.21 -33.28 1.81
CA PHE A 428 14.75 -33.75 3.08
C PHE A 428 15.41 -32.69 3.96
N LEU A 429 15.96 -31.66 3.34
CA LEU A 429 16.62 -30.61 4.10
C LEU A 429 15.63 -29.57 4.63
N PHE A 430 14.71 -29.15 3.78
CA PHE A 430 13.71 -28.19 4.21
C PHE A 430 12.82 -28.84 5.25
N PHE A 431 12.22 -29.97 4.87
CA PHE A 431 11.31 -30.69 5.74
C PHE A 431 11.80 -30.97 7.16
N THR A 432 13.04 -31.40 7.32
CA THR A 432 13.55 -31.66 8.66
C THR A 432 13.96 -30.38 9.38
N THR A 433 14.68 -29.50 8.69
CA THR A 433 15.15 -28.24 9.26
C THR A 433 14.00 -27.44 9.85
N ILE A 434 12.84 -27.57 9.22
CA ILE A 434 11.65 -26.88 9.69
C ILE A 434 11.16 -27.59 10.93
N LEU A 435 10.81 -28.87 10.79
CA LEU A 435 10.34 -29.65 11.92
C LEU A 435 11.36 -29.64 13.05
N GLN A 436 12.63 -29.42 12.72
CA GLN A 436 13.65 -29.39 13.74
C GLN A 436 13.44 -28.17 14.63
N ASN A 437 13.24 -27.03 14.00
CA ASN A 437 13.05 -25.77 14.71
C ASN A 437 11.61 -25.43 15.09
N PHE A 438 10.65 -25.81 14.26
CA PHE A 438 9.26 -25.50 14.55
C PHE A 438 8.40 -26.73 14.74
N SER A 439 7.17 -26.52 15.20
CA SER A 439 6.25 -27.61 15.42
C SER A 439 4.87 -27.19 14.90
N ILE A 440 4.59 -27.53 13.66
CA ILE A 440 3.33 -27.18 13.01
C ILE A 440 2.10 -27.45 13.89
N ALA A 441 1.06 -26.67 13.64
CA ALA A 441 -0.21 -26.77 14.35
C ALA A 441 -1.22 -25.98 13.53
N SER A 442 -2.45 -26.45 13.47
CA SER A 442 -3.50 -25.77 12.69
C SER A 442 -4.85 -25.92 13.38
N PRO A 443 -5.71 -24.87 13.27
CA PRO A 443 -7.04 -24.86 13.87
C PRO A 443 -7.99 -25.97 13.43
N VAL A 444 -7.67 -26.64 12.32
CA VAL A 444 -8.53 -27.73 11.84
C VAL A 444 -8.25 -29.05 12.54
N PRO A 445 -9.32 -29.77 12.92
CA PRO A 445 -9.17 -31.06 13.60
C PRO A 445 -8.61 -32.07 12.61
N PRO A 446 -7.57 -32.82 13.00
CA PRO A 446 -6.97 -33.81 12.10
C PRO A 446 -7.94 -34.70 11.31
N GLU A 447 -9.00 -35.20 11.94
CA GLU A 447 -9.94 -36.04 11.20
C GLU A 447 -10.70 -35.23 10.16
N ASP A 448 -10.69 -33.91 10.31
CA ASP A 448 -11.37 -33.00 9.39
C ASP A 448 -10.46 -32.50 8.28
N ILE A 449 -9.15 -32.74 8.45
CA ILE A 449 -8.17 -32.32 7.45
C ILE A 449 -8.44 -33.12 6.19
N ASP A 450 -8.68 -32.41 5.09
CA ASP A 450 -8.98 -33.05 3.82
C ASP A 450 -7.81 -32.89 2.86
N LEU A 451 -7.40 -34.00 2.25
CA LEU A 451 -6.28 -33.99 1.32
C LEU A 451 -6.71 -34.04 -0.16
N THR A 452 -8.01 -34.11 -0.39
CA THR A 452 -8.54 -34.15 -1.75
C THR A 452 -7.94 -32.96 -2.51
N PRO A 453 -7.36 -33.21 -3.70
CA PRO A 453 -6.76 -32.14 -4.52
C PRO A 453 -7.73 -31.03 -4.85
N ARG A 454 -7.24 -29.80 -4.84
CA ARG A 454 -8.07 -28.64 -5.15
C ARG A 454 -8.29 -28.67 -6.65
N GLU A 455 -7.26 -29.07 -7.39
CA GLU A 455 -7.36 -29.16 -8.84
C GLU A 455 -6.59 -30.43 -9.25
N SER A 456 -7.18 -31.20 -10.15
CA SER A 456 -6.56 -32.43 -10.59
C SER A 456 -6.62 -32.60 -12.09
N GLY A 457 -5.50 -32.32 -12.74
CA GLY A 457 -5.41 -32.45 -14.18
C GLY A 457 -4.08 -33.09 -14.47
N VAL A 458 -3.26 -32.43 -15.27
CA VAL A 458 -1.94 -32.96 -15.58
C VAL A 458 -1.11 -32.78 -14.32
N GLY A 459 -1.69 -32.06 -13.36
CA GLY A 459 -1.04 -31.81 -12.10
C GLY A 459 -2.05 -31.86 -10.97
N ASN A 460 -1.64 -32.25 -9.78
CA ASN A 460 -2.52 -32.34 -8.62
C ASN A 460 -2.24 -31.24 -7.62
N VAL A 461 -3.10 -30.22 -7.59
CA VAL A 461 -2.89 -29.11 -6.67
C VAL A 461 -3.53 -29.33 -5.30
N PRO A 462 -2.70 -29.38 -4.25
CA PRO A 462 -3.21 -29.58 -2.89
C PRO A 462 -4.01 -28.35 -2.47
N PRO A 463 -5.21 -28.55 -1.91
CA PRO A 463 -6.00 -27.40 -1.49
C PRO A 463 -5.21 -26.42 -0.65
N SER A 464 -5.62 -25.16 -0.67
CA SER A 464 -4.95 -24.12 0.10
C SER A 464 -5.36 -24.25 1.56
N TYR A 465 -4.44 -23.99 2.48
CA TYR A 465 -4.74 -24.11 3.90
C TYR A 465 -3.89 -23.18 4.78
N GLN A 466 -4.30 -23.04 6.05
CA GLN A 466 -3.59 -22.22 7.02
C GLN A 466 -2.85 -23.12 8.00
N ILE A 467 -1.64 -22.74 8.35
CA ILE A 467 -0.84 -23.54 9.28
C ILE A 467 0.04 -22.59 10.04
N ARG A 468 0.19 -22.79 11.34
CA ARG A 468 1.06 -21.90 12.09
C ARG A 468 2.31 -22.68 12.45
N PHE A 469 3.44 -22.00 12.41
CA PHE A 469 4.72 -22.63 12.73
C PHE A 469 5.22 -22.23 14.11
N LEU A 470 4.64 -22.83 15.15
CA LEU A 470 5.04 -22.53 16.52
C LEU A 470 6.51 -22.91 16.71
N ALA A 471 7.32 -21.94 17.11
CA ALA A 471 8.74 -22.18 17.32
C ALA A 471 8.92 -23.15 18.48
N ARG A 472 9.93 -24.00 18.35
CA ARG A 472 10.26 -24.97 19.39
C ARG A 472 11.45 -24.43 20.15
N HIS A 473 11.38 -24.48 21.48
CA HIS A 473 12.46 -23.98 22.31
C HIS A 473 13.18 -25.15 22.97
N GLY B 9 -55.80 -34.48 -27.88
CA GLY B 9 -54.93 -34.05 -29.01
C GLY B 9 -54.40 -32.65 -28.85
N LYS B 10 -53.23 -32.39 -29.45
CA LYS B 10 -52.56 -31.08 -29.41
C LYS B 10 -52.40 -30.47 -28.02
N LEU B 11 -51.21 -29.94 -27.77
CA LEU B 11 -50.89 -29.30 -26.49
C LEU B 11 -51.20 -27.81 -26.66
N PRO B 12 -50.92 -26.99 -25.64
CA PRO B 12 -51.20 -25.56 -25.79
C PRO B 12 -50.50 -24.99 -27.02
N PRO B 13 -50.93 -23.81 -27.50
CA PRO B 13 -50.33 -23.19 -28.68
C PRO B 13 -48.86 -22.81 -28.48
N GLY B 14 -47.99 -23.46 -29.23
CA GLY B 14 -46.55 -23.18 -29.13
C GLY B 14 -45.92 -22.75 -30.43
N PRO B 15 -45.02 -21.75 -30.39
CA PRO B 15 -44.32 -21.22 -31.57
C PRO B 15 -43.44 -22.22 -32.30
N SER B 16 -43.66 -22.36 -33.61
CA SER B 16 -42.92 -23.29 -34.46
C SER B 16 -41.45 -23.38 -34.09
N PRO B 17 -41.05 -24.47 -33.40
CA PRO B 17 -39.67 -24.70 -32.97
C PRO B 17 -38.83 -25.51 -33.94
N LEU B 18 -37.56 -25.15 -34.05
CA LEU B 18 -36.62 -25.84 -34.92
C LEU B 18 -36.03 -27.02 -34.16
N PRO B 19 -35.54 -28.04 -34.88
CA PRO B 19 -34.94 -29.23 -34.25
C PRO B 19 -33.68 -28.89 -33.45
N VAL B 20 -33.55 -29.49 -32.29
CA VAL B 20 -32.38 -29.26 -31.45
C VAL B 20 -32.32 -27.85 -30.88
N LEU B 21 -32.79 -26.87 -31.64
CA LEU B 21 -32.75 -25.49 -31.18
C LEU B 21 -34.00 -25.01 -30.46
N GLY B 22 -35.11 -25.72 -30.63
CA GLY B 22 -36.34 -25.32 -29.98
C GLY B 22 -36.76 -23.91 -30.41
N ASN B 23 -37.07 -23.06 -29.43
CA ASN B 23 -37.48 -21.70 -29.75
C ASN B 23 -36.39 -20.67 -29.47
N LEU B 24 -35.13 -21.09 -29.58
CA LEU B 24 -34.01 -20.19 -29.35
C LEU B 24 -34.24 -18.92 -30.16
N LEU B 25 -34.84 -19.09 -31.33
CA LEU B 25 -35.12 -17.97 -32.19
C LEU B 25 -36.10 -16.98 -31.58
N GLN B 26 -37.11 -17.49 -30.89
CA GLN B 26 -38.13 -16.64 -30.28
C GLN B 26 -37.92 -16.33 -28.80
N MET B 27 -36.67 -16.30 -28.35
CA MET B 27 -36.34 -15.99 -26.96
C MET B 27 -35.90 -14.53 -26.83
N ASP B 28 -36.28 -13.88 -25.73
CA ASP B 28 -35.91 -12.49 -25.51
C ASP B 28 -34.52 -12.42 -24.94
N ARG B 29 -33.80 -11.36 -25.28
CA ARG B 29 -32.44 -11.15 -24.81
C ARG B 29 -32.21 -11.25 -23.30
N LYS B 30 -32.95 -10.43 -22.55
CA LYS B 30 -32.83 -10.34 -21.09
C LYS B 30 -33.04 -11.58 -20.19
N GLY B 31 -33.34 -12.74 -20.78
CA GLY B 31 -33.52 -13.93 -19.96
C GLY B 31 -34.66 -14.84 -20.32
N LEU B 32 -35.08 -15.70 -19.39
CA LEU B 32 -36.19 -16.62 -19.63
C LEU B 32 -37.53 -16.05 -19.20
N LEU B 33 -37.63 -15.55 -17.97
CA LEU B 33 -38.88 -14.99 -17.48
C LEU B 33 -39.40 -13.99 -18.51
N ARG B 34 -38.55 -13.05 -18.92
CA ARG B 34 -38.91 -12.06 -19.90
C ARG B 34 -39.30 -12.77 -21.19
N SER B 35 -38.48 -13.75 -21.58
CA SER B 35 -38.73 -14.53 -22.78
C SER B 35 -40.14 -15.13 -22.73
N PHE B 36 -40.58 -15.52 -21.53
CA PHE B 36 -41.90 -16.09 -21.35
C PHE B 36 -42.95 -15.00 -21.49
N LEU B 37 -42.94 -14.06 -20.55
CA LEU B 37 -43.91 -12.97 -20.54
C LEU B 37 -44.04 -12.21 -21.85
N ARG B 38 -43.12 -12.43 -22.79
CA ARG B 38 -43.21 -11.74 -24.08
C ARG B 38 -43.83 -12.66 -25.12
N LEU B 39 -44.14 -13.88 -24.69
CA LEU B 39 -44.78 -14.86 -25.53
C LEU B 39 -46.21 -14.96 -25.01
N ARG B 40 -46.35 -14.69 -23.71
CA ARG B 40 -47.65 -14.74 -23.04
C ARG B 40 -48.64 -13.75 -23.65
N GLU B 41 -48.18 -12.96 -24.61
CA GLU B 41 -49.05 -11.99 -25.28
C GLU B 41 -49.38 -12.48 -26.68
N LYS B 42 -48.46 -13.25 -27.26
CA LYS B 42 -48.61 -13.79 -28.60
C LYS B 42 -49.21 -15.19 -28.55
N TYR B 43 -49.42 -15.70 -27.34
CA TYR B 43 -49.98 -17.03 -27.16
C TYR B 43 -50.94 -17.12 -25.98
N GLY B 44 -51.15 -16.00 -25.28
CA GLY B 44 -52.06 -16.01 -24.15
C GLY B 44 -51.48 -16.39 -22.80
N ASP B 45 -52.36 -16.74 -21.87
CA ASP B 45 -51.96 -17.12 -20.52
C ASP B 45 -51.47 -18.55 -20.37
N VAL B 46 -51.46 -19.31 -21.46
CA VAL B 46 -50.98 -20.68 -21.43
C VAL B 46 -50.41 -21.10 -22.76
N PHE B 47 -49.09 -21.06 -22.87
CA PHE B 47 -48.42 -21.44 -24.11
C PHE B 47 -47.34 -22.49 -23.90
N THR B 48 -46.90 -23.09 -25.00
CA THR B 48 -45.86 -24.11 -24.95
C THR B 48 -44.62 -23.58 -25.65
N VAL B 49 -43.46 -23.99 -25.15
CA VAL B 49 -42.18 -23.58 -25.73
C VAL B 49 -41.23 -24.77 -25.66
N TYR B 50 -40.49 -24.99 -26.74
CA TYR B 50 -39.54 -26.09 -26.77
C TYR B 50 -38.14 -25.60 -26.42
N LEU B 51 -37.70 -25.89 -25.21
CA LEU B 51 -36.37 -25.49 -24.77
C LEU B 51 -35.38 -26.49 -25.35
N GLY B 52 -34.94 -26.22 -26.57
CA GLY B 52 -34.01 -27.12 -27.22
C GLY B 52 -34.82 -28.25 -27.83
N SER B 53 -35.07 -29.28 -27.05
CA SER B 53 -35.84 -30.43 -27.52
C SER B 53 -36.75 -30.90 -26.40
N ARG B 54 -37.08 -29.98 -25.50
CA ARG B 54 -37.93 -30.32 -24.37
C ARG B 54 -39.11 -29.37 -24.35
N PRO B 55 -40.33 -29.91 -24.49
CA PRO B 55 -41.52 -29.07 -24.49
C PRO B 55 -42.01 -28.80 -23.07
N VAL B 56 -42.24 -27.52 -22.75
CA VAL B 56 -42.73 -27.16 -21.41
C VAL B 56 -44.00 -26.32 -21.52
N VAL B 57 -44.96 -26.60 -20.65
CA VAL B 57 -46.21 -25.86 -20.67
C VAL B 57 -46.12 -24.70 -19.70
N VAL B 58 -46.11 -23.48 -20.23
CA VAL B 58 -46.01 -22.30 -19.41
C VAL B 58 -47.37 -21.75 -18.97
N LEU B 59 -47.61 -21.73 -17.67
CA LEU B 59 -48.86 -21.19 -17.14
C LEU B 59 -48.53 -19.78 -16.67
N CYS B 60 -49.48 -18.86 -16.76
CA CYS B 60 -49.26 -17.49 -16.35
C CYS B 60 -50.52 -16.93 -15.70
N GLY B 61 -50.45 -15.70 -15.21
CA GLY B 61 -51.62 -15.11 -14.59
C GLY B 61 -51.97 -15.86 -13.31
N THR B 62 -52.69 -15.21 -12.42
CA THR B 62 -53.06 -15.82 -11.15
C THR B 62 -53.96 -17.06 -11.28
N ASP B 63 -54.72 -17.16 -12.35
CA ASP B 63 -55.63 -18.28 -12.54
C ASP B 63 -55.03 -19.50 -13.23
N ALA B 64 -54.46 -19.30 -14.42
CA ALA B 64 -53.86 -20.42 -15.14
C ALA B 64 -53.00 -21.24 -14.17
N ILE B 65 -52.30 -20.54 -13.28
CA ILE B 65 -51.45 -21.20 -12.29
C ILE B 65 -52.32 -21.93 -11.26
N ARG B 66 -53.26 -21.19 -10.68
CA ARG B 66 -54.16 -21.74 -9.67
C ARG B 66 -54.95 -22.93 -10.18
N GLU B 67 -55.80 -22.69 -11.19
CA GLU B 67 -56.61 -23.74 -11.79
C GLU B 67 -55.82 -25.04 -11.89
N ALA B 68 -54.69 -24.97 -12.58
CA ALA B 68 -53.83 -26.13 -12.75
C ALA B 68 -53.36 -26.73 -11.43
N LEU B 69 -52.35 -26.09 -10.83
CA LEU B 69 -51.76 -26.54 -9.56
C LEU B 69 -52.71 -26.86 -8.41
N VAL B 70 -53.85 -26.20 -8.36
CA VAL B 70 -54.77 -26.45 -7.26
C VAL B 70 -55.94 -27.36 -7.58
N ASP B 71 -56.64 -27.09 -8.68
CA ASP B 71 -57.78 -27.90 -9.06
C ASP B 71 -57.40 -29.22 -9.72
N GLN B 72 -56.11 -29.57 -9.64
CA GLN B 72 -55.59 -30.81 -10.19
C GLN B 72 -54.20 -31.02 -9.63
N ALA B 73 -54.09 -30.86 -8.32
CA ALA B 73 -52.84 -31.00 -7.58
C ALA B 73 -52.09 -32.29 -7.91
N GLU B 74 -52.83 -33.36 -8.18
CA GLU B 74 -52.20 -34.64 -8.49
C GLU B 74 -51.76 -34.69 -9.95
N ALA B 75 -52.45 -33.94 -10.79
CA ALA B 75 -52.13 -33.89 -12.21
C ALA B 75 -50.84 -33.11 -12.44
N PHE B 76 -50.46 -32.33 -11.45
CA PHE B 76 -49.25 -31.51 -11.54
C PHE B 76 -48.27 -31.77 -10.39
N SER B 77 -48.40 -32.94 -9.76
CA SER B 77 -47.53 -33.32 -8.66
C SER B 77 -46.06 -33.34 -9.10
N GLY B 78 -45.83 -33.73 -10.35
CA GLY B 78 -44.49 -33.84 -10.88
C GLY B 78 -43.46 -32.75 -10.70
N ARG B 79 -42.25 -33.18 -10.35
CA ARG B 79 -41.12 -32.28 -10.18
C ARG B 79 -40.19 -32.47 -11.37
N GLY B 80 -39.69 -31.35 -11.91
CA GLY B 80 -38.80 -31.40 -13.06
C GLY B 80 -37.33 -31.27 -12.72
N LYS B 81 -36.52 -31.04 -13.74
CA LYS B 81 -35.08 -30.89 -13.56
C LYS B 81 -34.58 -29.47 -13.74
N ILE B 82 -33.54 -29.13 -13.00
CA ILE B 82 -32.92 -27.81 -13.11
C ILE B 82 -31.54 -28.07 -13.69
N ALA B 83 -31.43 -27.93 -15.01
CA ALA B 83 -30.20 -28.16 -15.75
C ALA B 83 -28.92 -28.19 -14.91
N VAL B 84 -28.46 -27.01 -14.49
CA VAL B 84 -27.21 -26.89 -13.72
C VAL B 84 -27.12 -27.56 -12.34
N VAL B 85 -28.15 -28.28 -11.92
CA VAL B 85 -28.06 -28.93 -10.61
C VAL B 85 -28.44 -30.41 -10.57
N ASP B 86 -29.14 -30.89 -11.61
CA ASP B 86 -29.49 -32.30 -11.60
C ASP B 86 -28.21 -33.11 -11.37
N PRO B 87 -27.09 -32.69 -11.97
CA PRO B 87 -25.82 -33.42 -11.78
C PRO B 87 -25.51 -33.72 -10.32
N ILE B 88 -26.05 -32.90 -9.42
CA ILE B 88 -25.85 -33.08 -7.99
C ILE B 88 -26.95 -33.92 -7.37
N PHE B 89 -28.20 -33.46 -7.52
CA PHE B 89 -29.33 -34.18 -6.96
C PHE B 89 -29.62 -35.48 -7.71
N GLN B 90 -29.82 -35.38 -9.02
CA GLN B 90 -30.11 -36.54 -9.86
C GLN B 90 -31.40 -37.25 -9.45
N GLY B 91 -32.46 -36.49 -9.23
CA GLY B 91 -33.72 -37.10 -8.84
C GLY B 91 -33.82 -37.48 -7.37
N TYR B 92 -32.73 -37.30 -6.64
CA TYR B 92 -32.73 -37.62 -5.21
C TYR B 92 -33.03 -36.35 -4.41
N GLY B 93 -33.17 -36.49 -3.10
CA GLY B 93 -33.48 -35.34 -2.27
C GLY B 93 -34.97 -35.12 -2.25
N VAL B 94 -35.46 -34.32 -1.31
CA VAL B 94 -36.89 -34.07 -1.22
C VAL B 94 -37.38 -33.06 -2.25
N ILE B 95 -36.47 -32.25 -2.77
CA ILE B 95 -36.85 -31.23 -3.75
C ILE B 95 -37.02 -31.71 -5.19
N PHE B 96 -36.23 -32.69 -5.60
CA PHE B 96 -36.29 -33.19 -6.97
C PHE B 96 -36.75 -34.62 -7.14
N ALA B 97 -37.45 -35.16 -6.15
CA ALA B 97 -37.90 -36.54 -6.24
C ALA B 97 -39.40 -36.64 -6.53
N ASN B 98 -39.77 -37.68 -7.29
CA ASN B 98 -41.16 -37.92 -7.66
C ASN B 98 -41.54 -39.25 -7.04
N GLY B 99 -42.57 -39.90 -7.58
CA GLY B 99 -43.03 -41.18 -7.08
C GLY B 99 -43.04 -41.25 -5.56
N GLU B 100 -42.84 -42.46 -5.02
CA GLU B 100 -42.84 -42.67 -3.58
C GLU B 100 -41.68 -41.92 -2.93
N ARG B 101 -40.55 -41.86 -3.62
CA ARG B 101 -39.36 -41.18 -3.12
C ARG B 101 -39.68 -39.79 -2.59
N TRP B 102 -40.78 -39.22 -3.04
CA TRP B 102 -41.19 -37.89 -2.61
C TRP B 102 -42.25 -37.93 -1.53
N ARG B 103 -43.40 -38.50 -1.86
CA ARG B 103 -44.52 -38.64 -0.92
C ARG B 103 -43.99 -39.21 0.39
N ALA B 104 -42.83 -39.85 0.32
CA ALA B 104 -42.19 -40.46 1.49
C ALA B 104 -41.22 -39.51 2.15
N LEU B 105 -40.21 -39.05 1.40
CA LEU B 105 -39.23 -38.13 1.94
C LEU B 105 -39.87 -36.84 2.44
N ARG B 106 -40.85 -36.33 1.70
CA ARG B 106 -41.54 -35.10 2.10
C ARG B 106 -42.33 -35.36 3.35
N ARG B 107 -43.16 -36.41 3.33
CA ARG B 107 -43.98 -36.78 4.47
C ARG B 107 -43.14 -36.95 5.72
N PHE B 108 -41.86 -37.27 5.54
CA PHE B 108 -40.93 -37.46 6.65
C PHE B 108 -40.36 -36.12 7.10
N SER B 109 -39.73 -35.41 6.17
CA SER B 109 -39.14 -34.11 6.48
C SER B 109 -40.17 -33.14 7.07
N LEU B 110 -41.40 -33.20 6.55
CA LEU B 110 -42.48 -32.34 7.00
C LEU B 110 -42.92 -32.73 8.40
N ALA B 111 -42.74 -34.00 8.75
CA ALA B 111 -43.13 -34.50 10.07
C ALA B 111 -42.00 -34.31 11.07
N THR B 112 -40.86 -34.92 10.81
CA THR B 112 -39.71 -34.81 11.71
C THR B 112 -39.48 -33.38 12.14
N MET B 113 -39.60 -32.44 11.20
CA MET B 113 -39.42 -31.04 11.54
C MET B 113 -40.57 -30.57 12.44
N ARG B 114 -41.81 -30.69 11.96
CA ARG B 114 -43.01 -30.29 12.69
C ARG B 114 -42.77 -30.11 14.18
N ASP B 115 -42.86 -31.18 14.96
CA ASP B 115 -42.60 -31.06 16.39
C ASP B 115 -41.13 -31.46 16.57
N PHE B 116 -40.52 -31.02 17.67
CA PHE B 116 -39.12 -31.30 17.95
C PHE B 116 -38.36 -30.30 17.08
N GLY B 117 -39.15 -29.58 16.29
CA GLY B 117 -38.64 -28.56 15.41
C GLY B 117 -39.64 -27.42 15.36
N MET B 118 -40.50 -27.41 14.34
CA MET B 118 -41.52 -26.37 14.18
C MET B 118 -42.54 -26.36 15.32
N GLY B 119 -43.77 -26.75 15.01
CA GLY B 119 -44.82 -26.76 16.02
C GLY B 119 -45.32 -25.34 16.23
N LYS B 120 -44.61 -24.39 15.64
CA LYS B 120 -44.94 -22.97 15.72
C LYS B 120 -44.73 -22.37 17.11
N ARG B 121 -44.27 -23.18 18.06
CA ARG B 121 -44.05 -22.68 19.42
C ARG B 121 -42.58 -22.79 19.83
N SER B 122 -41.97 -23.95 19.59
CA SER B 122 -40.57 -24.16 19.94
C SER B 122 -39.67 -23.31 19.04
N VAL B 123 -39.86 -23.38 17.73
CA VAL B 123 -39.07 -22.59 16.80
C VAL B 123 -39.41 -21.12 16.97
N GLU B 124 -40.67 -20.82 17.29
CA GLU B 124 -41.07 -19.44 17.49
C GLU B 124 -40.15 -18.88 18.55
N GLU B 125 -39.43 -19.76 19.24
CA GLU B 125 -38.50 -19.34 20.28
C GLU B 125 -37.07 -19.33 19.75
N ARG B 126 -36.67 -20.42 19.10
CA ARG B 126 -35.33 -20.51 18.53
C ARG B 126 -35.15 -19.32 17.61
N ILE B 127 -36.21 -19.00 16.88
CA ILE B 127 -36.18 -17.87 15.98
C ILE B 127 -36.04 -16.61 16.83
N GLN B 128 -36.84 -16.50 17.88
CA GLN B 128 -36.74 -15.33 18.76
C GLN B 128 -35.30 -15.21 19.24
N GLU B 129 -34.82 -16.30 19.83
CA GLU B 129 -33.46 -16.37 20.36
C GLU B 129 -32.44 -15.95 19.32
N GLU B 130 -32.44 -16.64 18.17
CA GLU B 130 -31.51 -16.31 17.11
C GLU B 130 -31.68 -14.84 16.72
N ALA B 131 -32.89 -14.33 16.89
CA ALA B 131 -33.19 -12.94 16.56
C ALA B 131 -32.58 -12.04 17.62
N ARG B 132 -32.56 -12.50 18.87
CA ARG B 132 -31.99 -11.73 19.96
C ARG B 132 -30.53 -11.44 19.65
N CYS B 133 -29.80 -12.49 19.30
CA CYS B 133 -28.38 -12.38 18.97
C CYS B 133 -28.17 -11.34 17.86
N LEU B 134 -29.00 -11.43 16.82
CA LEU B 134 -28.92 -10.51 15.69
C LEU B 134 -28.97 -9.05 16.16
N VAL B 135 -29.70 -8.81 17.25
CA VAL B 135 -29.82 -7.47 17.81
C VAL B 135 -28.53 -7.09 18.52
N GLU B 136 -28.15 -7.92 19.48
CA GLU B 136 -26.93 -7.71 20.25
C GLU B 136 -25.74 -7.58 19.31
N GLU B 137 -25.88 -8.14 18.10
CA GLU B 137 -24.84 -8.11 17.08
C GLU B 137 -24.78 -6.79 16.33
N LEU B 138 -25.94 -6.22 16.02
CA LEU B 138 -25.97 -4.94 15.32
C LEU B 138 -25.58 -3.83 16.29
N ARG B 139 -25.74 -4.10 17.59
CA ARG B 139 -25.36 -3.15 18.62
C ARG B 139 -23.87 -2.92 18.43
N LYS B 140 -23.17 -4.01 18.17
CA LYS B 140 -21.74 -3.96 17.96
C LYS B 140 -21.43 -3.31 16.61
N SER B 141 -22.41 -3.31 15.71
CA SER B 141 -22.21 -2.70 14.40
C SER B 141 -21.93 -1.21 14.60
N LYS B 142 -22.51 -0.67 15.68
CA LYS B 142 -22.36 0.74 16.05
C LYS B 142 -22.83 1.73 14.98
N GLY B 143 -23.90 1.37 14.28
CA GLY B 143 -24.43 2.25 13.25
C GLY B 143 -23.49 2.41 12.07
N ALA B 144 -22.46 1.56 12.01
CA ALA B 144 -21.51 1.61 10.92
C ALA B 144 -22.13 0.91 9.73
N LEU B 145 -21.95 1.48 8.54
CA LEU B 145 -22.49 0.87 7.33
C LEU B 145 -22.00 -0.56 7.19
N LEU B 146 -22.74 -1.36 6.44
CA LEU B 146 -22.37 -2.76 6.24
C LEU B 146 -23.29 -3.45 5.24
N ASP B 147 -22.87 -4.63 4.79
CA ASP B 147 -23.67 -5.40 3.86
C ASP B 147 -24.30 -6.58 4.58
N ASN B 148 -25.58 -6.43 4.87
CA ASN B 148 -26.35 -7.43 5.57
C ASN B 148 -26.49 -8.75 4.81
N THR B 149 -26.12 -8.76 3.53
CA THR B 149 -26.23 -9.95 2.70
C THR B 149 -25.83 -11.26 3.37
N LEU B 150 -24.58 -11.33 3.83
CA LEU B 150 -24.08 -12.53 4.47
C LEU B 150 -24.55 -12.63 5.91
N LEU B 151 -24.82 -11.48 6.53
CA LEU B 151 -25.28 -11.47 7.91
C LEU B 151 -26.64 -12.16 8.00
N PHE B 152 -27.62 -11.63 7.26
CA PHE B 152 -28.96 -12.20 7.24
C PHE B 152 -28.94 -13.68 6.97
N HIS B 153 -28.05 -14.12 6.08
CA HIS B 153 -27.93 -15.54 5.76
C HIS B 153 -27.72 -16.32 7.04
N SER B 154 -26.81 -15.82 7.86
CA SER B 154 -26.48 -16.46 9.13
C SER B 154 -27.72 -16.80 9.95
N ILE B 155 -28.46 -15.78 10.36
CA ILE B 155 -29.67 -15.99 11.16
C ILE B 155 -30.67 -16.97 10.55
N THR B 156 -30.94 -16.84 9.25
CA THR B 156 -31.90 -17.74 8.61
C THR B 156 -31.33 -19.14 8.50
N SER B 157 -30.01 -19.23 8.40
CA SER B 157 -29.36 -20.53 8.29
C SER B 157 -29.34 -21.21 9.64
N ASN B 158 -28.93 -20.47 10.67
CA ASN B 158 -28.87 -20.98 12.03
C ASN B 158 -30.17 -21.66 12.42
N ILE B 159 -31.28 -21.12 11.93
CA ILE B 159 -32.58 -21.68 12.23
C ILE B 159 -32.66 -23.12 11.73
N ILE B 160 -32.32 -23.34 10.46
CA ILE B 160 -32.36 -24.68 9.91
C ILE B 160 -31.25 -25.52 10.55
N CYS B 161 -30.03 -24.98 10.57
CA CYS B 161 -28.92 -25.69 11.15
C CYS B 161 -29.31 -26.22 12.52
N SER B 162 -30.15 -25.45 13.22
CA SER B 162 -30.61 -25.84 14.53
C SER B 162 -31.59 -27.02 14.41
N ILE B 163 -32.44 -26.98 13.39
CA ILE B 163 -33.43 -28.03 13.17
C ILE B 163 -32.83 -29.28 12.51
N VAL B 164 -31.71 -29.14 11.82
CA VAL B 164 -31.10 -30.30 11.15
C VAL B 164 -29.76 -30.79 11.69
N PHE B 165 -28.78 -29.91 11.77
CA PHE B 165 -27.46 -30.29 12.27
C PHE B 165 -27.36 -30.34 13.79
N GLY B 166 -28.20 -29.57 14.47
CA GLY B 166 -28.16 -29.58 15.92
C GLY B 166 -27.92 -28.26 16.61
N LYS B 167 -26.89 -27.54 16.19
CA LYS B 167 -26.57 -26.27 16.85
C LYS B 167 -26.52 -25.07 15.91
N ARG B 168 -25.75 -24.06 16.34
CA ARG B 168 -25.58 -22.83 15.57
C ARG B 168 -24.12 -22.39 15.61
N PHE B 169 -23.65 -21.79 14.52
CA PHE B 169 -22.27 -21.33 14.49
C PHE B 169 -22.26 -19.86 14.80
N ASP B 170 -21.08 -19.32 15.12
CA ASP B 170 -20.97 -17.91 15.43
C ASP B 170 -20.94 -17.13 14.12
N TYR B 171 -21.20 -15.83 14.21
CA TYR B 171 -21.21 -14.99 13.03
C TYR B 171 -19.80 -14.77 12.46
N LYS B 172 -18.78 -14.90 13.30
CA LYS B 172 -17.40 -14.71 12.85
C LYS B 172 -16.74 -16.02 12.47
N ASP B 173 -17.33 -17.14 12.88
CA ASP B 173 -16.80 -18.46 12.59
C ASP B 173 -16.57 -18.59 11.08
N PRO B 174 -15.30 -18.75 10.66
CA PRO B 174 -14.94 -18.90 9.24
C PRO B 174 -15.60 -20.07 8.52
N VAL B 175 -15.81 -21.16 9.24
CA VAL B 175 -16.44 -22.34 8.65
C VAL B 175 -17.86 -21.99 8.22
N PHE B 176 -18.62 -21.47 9.17
CA PHE B 176 -19.99 -21.05 8.94
C PHE B 176 -20.02 -20.05 7.80
N LEU B 177 -19.25 -18.98 7.95
CA LEU B 177 -19.17 -17.93 6.93
C LEU B 177 -18.86 -18.54 5.57
N ARG B 178 -18.07 -19.61 5.57
CA ARG B 178 -17.70 -20.28 4.34
C ARG B 178 -18.92 -20.90 3.66
N LEU B 179 -19.61 -21.80 4.35
CA LEU B 179 -20.79 -22.43 3.78
C LEU B 179 -21.72 -21.36 3.24
N LEU B 180 -21.96 -20.32 4.04
CA LEU B 180 -22.84 -19.23 3.65
C LEU B 180 -22.39 -18.62 2.32
N ASP B 181 -21.10 -18.35 2.20
CA ASP B 181 -20.60 -17.78 0.97
C ASP B 181 -20.75 -18.79 -0.16
N LEU B 182 -20.83 -20.07 0.17
CA LEU B 182 -21.00 -21.09 -0.85
C LEU B 182 -22.45 -21.03 -1.34
N PHE B 183 -23.39 -20.97 -0.41
CA PHE B 183 -24.79 -20.81 -0.81
C PHE B 183 -24.72 -19.39 -1.32
N PHE B 184 -25.82 -18.84 -1.83
CA PHE B 184 -25.75 -17.47 -2.32
C PHE B 184 -24.82 -17.37 -3.51
N GLN B 185 -23.52 -17.44 -3.27
CA GLN B 185 -22.55 -17.37 -4.35
C GLN B 185 -23.01 -18.38 -5.39
N SER B 186 -23.57 -19.49 -4.93
CA SER B 186 -24.08 -20.51 -5.82
C SER B 186 -25.39 -20.09 -6.45
N PHE B 187 -26.32 -19.62 -5.62
CA PHE B 187 -27.63 -19.17 -6.09
C PHE B 187 -27.47 -18.16 -7.23
N SER B 188 -26.50 -17.26 -7.11
CA SER B 188 -26.26 -16.27 -8.16
C SER B 188 -25.88 -16.95 -9.47
N LEU B 189 -25.15 -18.05 -9.36
CA LEU B 189 -24.72 -18.80 -10.54
C LEU B 189 -25.85 -19.69 -11.03
N ILE B 190 -26.75 -20.07 -10.12
CA ILE B 190 -27.90 -20.93 -10.47
C ILE B 190 -28.92 -20.12 -11.27
N SER B 191 -29.00 -18.83 -10.99
CA SER B 191 -29.94 -17.97 -11.67
C SER B 191 -29.24 -16.97 -12.60
N SER B 192 -27.98 -17.23 -12.92
CA SER B 192 -27.21 -16.37 -13.79
C SER B 192 -27.65 -16.64 -15.23
N PHE B 193 -27.15 -15.85 -16.15
CA PHE B 193 -27.51 -16.07 -17.55
C PHE B 193 -26.84 -17.35 -18.02
N SER B 194 -25.51 -17.39 -17.90
CA SER B 194 -24.71 -18.53 -18.31
C SER B 194 -25.36 -19.84 -17.88
N SER B 195 -26.13 -19.78 -16.80
CA SER B 195 -26.78 -20.96 -16.27
C SER B 195 -28.05 -21.31 -17.04
N GLN B 196 -28.80 -20.29 -17.45
CA GLN B 196 -30.04 -20.51 -18.19
C GLN B 196 -29.80 -21.08 -19.58
N VAL B 197 -28.72 -20.66 -20.24
CA VAL B 197 -28.43 -21.20 -21.56
C VAL B 197 -28.15 -22.69 -21.40
N PHE B 198 -27.71 -23.08 -20.20
CA PHE B 198 -27.41 -24.48 -19.93
C PHE B 198 -28.69 -25.29 -19.80
N GLU B 199 -29.81 -24.59 -19.63
CA GLU B 199 -31.10 -25.26 -19.49
C GLU B 199 -31.55 -25.82 -20.82
N LEU B 200 -31.26 -25.08 -21.88
CA LEU B 200 -31.64 -25.50 -23.22
C LEU B 200 -30.70 -26.56 -23.78
N PHE B 201 -29.43 -26.19 -23.92
CA PHE B 201 -28.43 -27.10 -24.46
C PHE B 201 -27.44 -27.52 -23.40
N SER B 202 -27.88 -28.40 -22.51
CA SER B 202 -27.03 -28.90 -21.43
C SER B 202 -26.34 -30.17 -21.88
N GLY B 203 -26.94 -30.86 -22.85
CA GLY B 203 -26.35 -32.09 -23.36
C GLY B 203 -25.14 -31.73 -24.19
N PHE B 204 -25.05 -30.46 -24.56
CA PHE B 204 -23.94 -29.96 -25.36
C PHE B 204 -22.95 -29.20 -24.50
N LEU B 205 -23.40 -28.07 -23.95
CA LEU B 205 -22.55 -27.21 -23.13
C LEU B 205 -21.93 -27.89 -21.91
N LYS B 206 -22.31 -29.14 -21.64
CA LYS B 206 -21.77 -29.84 -20.48
C LYS B 206 -20.41 -30.48 -20.71
N TYR B 207 -20.09 -30.77 -21.97
CA TYR B 207 -18.80 -31.36 -22.29
C TYR B 207 -17.72 -30.28 -22.31
N PHE B 208 -18.15 -29.04 -22.11
CA PHE B 208 -17.24 -27.91 -22.11
C PHE B 208 -17.40 -27.13 -20.79
N PRO B 209 -16.34 -26.44 -20.35
CA PRO B 209 -16.39 -25.66 -19.10
C PRO B 209 -17.56 -24.68 -19.02
N GLY B 210 -17.59 -23.91 -17.94
CA GLY B 210 -18.66 -22.94 -17.74
C GLY B 210 -19.07 -22.87 -16.28
N THR B 211 -19.84 -21.85 -15.93
CA THR B 211 -20.30 -21.67 -14.55
C THR B 211 -20.98 -22.92 -13.97
N HIS B 212 -21.41 -23.84 -14.82
CA HIS B 212 -22.10 -25.02 -14.33
C HIS B 212 -21.22 -25.96 -13.51
N ARG B 213 -19.95 -26.10 -13.88
CA ARG B 213 -19.04 -26.97 -13.15
C ARG B 213 -18.68 -26.37 -11.81
N GLN B 214 -18.85 -25.06 -11.69
CA GLN B 214 -18.54 -24.36 -10.45
C GLN B 214 -19.64 -24.64 -9.44
N ILE B 215 -20.87 -24.68 -9.91
CA ILE B 215 -21.99 -24.96 -9.03
C ILE B 215 -21.85 -26.37 -8.46
N TYR B 216 -21.46 -27.31 -9.30
CA TYR B 216 -21.26 -28.68 -8.85
C TYR B 216 -20.22 -28.65 -7.74
N ARG B 217 -19.06 -28.09 -8.07
CA ARG B 217 -17.96 -27.99 -7.12
C ARG B 217 -18.52 -27.49 -5.78
N ASN B 218 -19.11 -26.29 -5.78
CA ASN B 218 -19.66 -25.71 -4.56
C ASN B 218 -20.63 -26.61 -3.80
N LEU B 219 -21.58 -27.22 -4.50
CA LEU B 219 -22.53 -28.09 -3.84
C LEU B 219 -21.82 -29.30 -3.24
N GLN B 220 -20.55 -29.48 -3.59
CA GLN B 220 -19.77 -30.60 -3.06
C GLN B 220 -19.21 -30.25 -1.68
N GLU B 221 -18.56 -29.10 -1.55
CA GLU B 221 -18.02 -28.68 -0.26
C GLU B 221 -19.14 -28.75 0.75
N ILE B 222 -20.36 -28.52 0.28
CA ILE B 222 -21.54 -28.53 1.11
C ILE B 222 -22.03 -29.96 1.37
N ASN B 223 -21.83 -30.84 0.41
CA ASN B 223 -22.23 -32.25 0.57
C ASN B 223 -21.07 -32.96 1.27
N THR B 224 -19.97 -32.22 1.43
CA THR B 224 -18.78 -32.74 2.09
C THR B 224 -18.90 -32.39 3.56
N PHE B 225 -19.66 -31.34 3.85
CA PHE B 225 -19.91 -30.90 5.21
C PHE B 225 -21.07 -31.75 5.69
N ILE B 226 -22.13 -31.75 4.90
CA ILE B 226 -23.32 -32.53 5.23
C ILE B 226 -22.88 -33.99 5.31
N GLY B 227 -21.67 -34.25 4.87
CA GLY B 227 -21.13 -35.59 4.90
C GLY B 227 -20.37 -35.84 6.20
N GLN B 228 -19.32 -35.04 6.43
CA GLN B 228 -18.51 -35.19 7.63
C GLN B 228 -19.24 -34.74 8.90
N SER B 229 -20.54 -34.54 8.80
CA SER B 229 -21.35 -34.17 9.95
C SER B 229 -22.17 -35.40 10.25
N VAL B 230 -22.73 -36.00 9.20
CA VAL B 230 -23.49 -37.21 9.36
C VAL B 230 -22.50 -38.26 9.83
N GLU B 231 -21.23 -37.85 9.90
CA GLU B 231 -20.15 -38.72 10.36
C GLU B 231 -19.98 -38.54 11.85
N LYS B 232 -20.28 -37.33 12.33
CA LYS B 232 -20.16 -37.03 13.75
C LYS B 232 -21.48 -37.31 14.47
N HIS B 233 -22.55 -37.46 13.69
CA HIS B 233 -23.88 -37.76 14.24
C HIS B 233 -24.02 -39.27 14.38
N ARG B 234 -23.72 -39.99 13.31
CA ARG B 234 -23.79 -41.44 13.31
C ARG B 234 -22.95 -41.95 14.47
N ALA B 235 -21.98 -41.15 14.88
CA ALA B 235 -21.07 -41.48 15.97
C ALA B 235 -21.78 -41.35 17.30
N THR B 236 -21.98 -40.12 17.74
CA THR B 236 -22.63 -39.82 19.00
C THR B 236 -24.16 -39.84 18.89
N LEU B 237 -24.70 -40.88 18.28
CA LEU B 237 -26.15 -41.01 18.12
C LEU B 237 -26.74 -41.79 19.30
N ASP B 238 -27.61 -41.14 20.06
CA ASP B 238 -28.25 -41.78 21.21
C ASP B 238 -29.66 -42.19 20.82
N PRO B 239 -29.88 -43.50 20.60
CA PRO B 239 -31.19 -44.03 20.22
C PRO B 239 -32.30 -43.61 21.16
N SER B 240 -31.95 -42.87 22.21
CA SER B 240 -32.91 -42.41 23.19
C SER B 240 -33.17 -40.90 23.13
N ASN B 241 -32.34 -40.19 22.37
CA ASN B 241 -32.50 -38.74 22.27
C ASN B 241 -32.24 -38.16 20.89
N PRO B 242 -33.13 -38.43 19.93
CA PRO B 242 -32.90 -37.88 18.60
C PRO B 242 -32.72 -36.36 18.72
N ARG B 243 -31.46 -35.93 18.69
CA ARG B 243 -31.10 -34.51 18.82
C ARG B 243 -31.62 -33.60 17.71
N ASP B 244 -31.46 -34.02 16.46
CA ASP B 244 -31.91 -33.22 15.33
C ASP B 244 -32.36 -34.06 14.12
N PHE B 245 -32.68 -33.36 13.03
CA PHE B 245 -33.15 -34.01 11.81
C PHE B 245 -32.29 -35.19 11.36
N ILE B 246 -30.97 -35.08 11.54
CA ILE B 246 -30.07 -36.14 11.14
C ILE B 246 -30.14 -37.35 12.06
N ASP B 247 -30.23 -37.10 13.36
CA ASP B 247 -30.34 -38.20 14.33
C ASP B 247 -31.62 -38.96 14.05
N VAL B 248 -32.66 -38.24 13.65
CA VAL B 248 -33.95 -38.84 13.35
C VAL B 248 -33.85 -39.70 12.10
N TYR B 249 -33.11 -39.21 11.11
CA TYR B 249 -32.93 -39.90 9.84
C TYR B 249 -32.07 -41.15 10.01
N LEU B 250 -30.88 -40.99 10.61
CA LEU B 250 -29.99 -42.12 10.82
C LEU B 250 -30.74 -43.25 11.53
N LEU B 251 -31.52 -42.91 12.54
CA LEU B 251 -32.29 -43.91 13.29
C LEU B 251 -33.19 -44.72 12.37
N ARG B 252 -34.03 -44.04 11.60
CA ARG B 252 -34.92 -44.76 10.70
C ARG B 252 -34.12 -45.46 9.61
N MET B 253 -32.90 -44.99 9.36
CA MET B 253 -32.05 -45.59 8.33
C MET B 253 -31.59 -46.98 8.81
N GLU B 254 -31.03 -47.04 10.02
CA GLU B 254 -30.59 -48.30 10.60
C GLU B 254 -31.82 -49.18 10.82
N LYS B 255 -32.90 -48.52 11.23
CA LYS B 255 -34.18 -49.15 11.49
C LYS B 255 -34.79 -49.77 10.23
N ASP B 256 -34.35 -49.32 9.06
CA ASP B 256 -34.87 -49.82 7.80
C ASP B 256 -33.83 -50.57 6.97
N LYS B 257 -32.64 -50.75 7.52
CA LYS B 257 -31.57 -51.43 6.80
C LYS B 257 -32.10 -52.57 5.94
N SER B 258 -32.75 -53.54 6.58
CA SER B 258 -33.30 -54.69 5.89
C SER B 258 -34.15 -54.31 4.67
N ASP B 259 -35.22 -53.57 4.90
CA ASP B 259 -36.13 -53.15 3.82
C ASP B 259 -35.37 -52.79 2.56
N PRO B 260 -35.75 -53.40 1.42
CA PRO B 260 -35.10 -53.14 0.13
C PRO B 260 -35.60 -51.87 -0.56
N SER B 261 -36.89 -51.82 -0.86
CA SER B 261 -37.50 -50.68 -1.53
C SER B 261 -37.58 -49.40 -0.69
N SER B 262 -36.86 -49.36 0.43
CA SER B 262 -36.88 -48.18 1.29
C SER B 262 -36.18 -47.01 0.60
N GLU B 263 -36.22 -45.84 1.22
CA GLU B 263 -35.61 -44.64 0.64
C GLU B 263 -34.53 -44.01 1.51
N PHE B 264 -34.64 -44.18 2.83
CA PHE B 264 -33.70 -43.59 3.77
C PHE B 264 -32.30 -44.22 3.79
N HIS B 265 -31.61 -44.07 2.68
CA HIS B 265 -30.24 -44.59 2.51
C HIS B 265 -29.41 -43.39 2.10
N HIS B 266 -28.29 -43.18 2.78
CA HIS B 266 -27.41 -42.05 2.51
C HIS B 266 -28.01 -41.14 1.44
N GLN B 267 -27.44 -41.15 0.24
CA GLN B 267 -27.94 -40.33 -0.87
C GLN B 267 -29.01 -39.33 -0.45
N ASN B 268 -30.24 -39.82 -0.35
CA ASN B 268 -31.39 -39.01 0.05
C ASN B 268 -31.11 -38.17 1.29
N LEU B 269 -30.17 -38.63 2.12
CA LEU B 269 -29.81 -37.90 3.32
C LEU B 269 -28.93 -36.70 2.96
N ILE B 270 -27.74 -36.98 2.44
CA ILE B 270 -26.80 -35.93 2.05
C ILE B 270 -27.46 -34.90 1.14
N LEU B 271 -28.40 -35.35 0.31
CA LEU B 271 -29.08 -34.47 -0.63
C LEU B 271 -30.32 -33.76 -0.07
N THR B 272 -31.03 -34.43 0.84
CA THR B 272 -32.19 -33.82 1.46
C THR B 272 -31.67 -32.79 2.45
N VAL B 273 -30.68 -33.17 3.25
CA VAL B 273 -30.10 -32.24 4.21
C VAL B 273 -29.50 -31.08 3.42
N LEU B 274 -29.36 -31.26 2.11
CA LEU B 274 -28.81 -30.21 1.26
C LEU B 274 -29.90 -29.21 0.89
N SER B 275 -31.00 -29.72 0.34
CA SER B 275 -32.10 -28.86 -0.04
C SER B 275 -32.56 -28.02 1.16
N LEU B 276 -32.96 -28.67 2.23
CA LEU B 276 -33.42 -28.01 3.45
C LEU B 276 -32.39 -26.99 3.94
N PHE B 277 -31.12 -27.35 3.83
CA PHE B 277 -30.04 -26.48 4.29
C PHE B 277 -29.81 -25.32 3.32
N PHE B 278 -29.80 -25.60 2.03
CA PHE B 278 -29.59 -24.56 1.01
C PHE B 278 -30.78 -23.63 0.90
N ALA B 279 -31.90 -24.18 0.45
CA ALA B 279 -33.13 -23.40 0.30
C ALA B 279 -33.53 -22.72 1.60
N GLY B 280 -33.43 -23.44 2.70
CA GLY B 280 -33.79 -22.86 3.99
C GLY B 280 -32.84 -21.80 4.49
N THR B 281 -31.75 -21.59 3.77
CA THR B 281 -30.75 -20.59 4.14
C THR B 281 -30.70 -19.43 3.16
N GLU B 282 -31.23 -19.65 1.96
CA GLU B 282 -31.23 -18.64 0.91
C GLU B 282 -32.41 -17.65 0.91
N THR B 283 -33.56 -18.12 0.42
CA THR B 283 -34.76 -17.31 0.29
C THR B 283 -35.25 -16.44 1.47
N THR B 284 -35.45 -17.03 2.65
CA THR B 284 -35.90 -16.24 3.79
C THR B 284 -34.93 -15.12 4.07
N SER B 285 -33.65 -15.36 3.79
CA SER B 285 -32.60 -14.37 4.01
C SER B 285 -32.72 -13.22 3.02
N THR B 286 -32.54 -13.53 1.74
CA THR B 286 -32.62 -12.52 0.70
C THR B 286 -33.91 -11.73 0.80
N THR B 287 -35.02 -12.40 1.10
CA THR B 287 -36.29 -11.69 1.25
C THR B 287 -36.04 -10.60 2.29
N LEU B 288 -35.57 -11.02 3.46
CA LEU B 288 -35.26 -10.06 4.53
C LEU B 288 -34.35 -8.98 3.97
N ARG B 289 -33.40 -9.39 3.16
CA ARG B 289 -32.45 -8.48 2.54
C ARG B 289 -33.16 -7.50 1.61
N TYR B 290 -34.12 -8.03 0.84
CA TYR B 290 -34.90 -7.23 -0.09
C TYR B 290 -35.82 -6.31 0.69
N GLY B 291 -36.46 -6.88 1.72
CA GLY B 291 -37.38 -6.12 2.54
C GLY B 291 -36.79 -4.83 3.07
N PHE B 292 -35.59 -4.92 3.64
CA PHE B 292 -34.94 -3.73 4.18
C PHE B 292 -34.48 -2.77 3.10
N LEU B 293 -34.46 -3.22 1.86
CA LEU B 293 -34.05 -2.35 0.76
C LEU B 293 -35.21 -1.38 0.54
N LEU B 294 -36.42 -1.91 0.57
CA LEU B 294 -37.63 -1.10 0.40
C LEU B 294 -37.72 -0.05 1.49
N MET B 295 -37.56 -0.47 2.74
CA MET B 295 -37.63 0.45 3.86
C MET B 295 -36.79 1.69 3.57
N LEU B 296 -35.61 1.48 3.00
CA LEU B 296 -34.74 2.60 2.66
C LEU B 296 -35.43 3.47 1.62
N LYS B 297 -36.02 2.84 0.62
CA LYS B 297 -36.73 3.56 -0.45
C LYS B 297 -38.06 4.14 0.01
N TYR B 298 -38.79 3.38 0.82
CA TYR B 298 -40.08 3.83 1.33
C TYR B 298 -40.00 3.90 2.86
N PRO B 299 -39.30 4.91 3.39
CA PRO B 299 -39.13 5.12 4.82
C PRO B 299 -40.43 5.40 5.58
N HIS B 300 -41.37 6.07 4.93
CA HIS B 300 -42.64 6.39 5.57
C HIS B 300 -43.26 5.10 6.09
N VAL B 301 -43.03 4.00 5.36
CA VAL B 301 -43.57 2.70 5.72
C VAL B 301 -42.92 2.19 7.01
N THR B 302 -41.61 2.33 7.09
CA THR B 302 -40.88 1.89 8.28
C THR B 302 -41.51 2.51 9.52
N GLU B 303 -41.50 3.84 9.57
CA GLU B 303 -42.07 4.58 10.69
C GLU B 303 -43.42 3.96 11.08
N ARG B 304 -44.29 3.80 10.10
CA ARG B 304 -45.61 3.21 10.35
C ARG B 304 -45.45 1.86 11.04
N VAL B 305 -44.66 0.97 10.44
CA VAL B 305 -44.43 -0.35 10.98
C VAL B 305 -43.81 -0.26 12.37
N GLN B 306 -43.16 0.86 12.65
CA GLN B 306 -42.55 1.06 13.96
C GLN B 306 -43.59 1.53 14.96
N LYS B 307 -44.60 2.26 14.48
CA LYS B 307 -45.67 2.73 15.34
C LYS B 307 -46.55 1.54 15.73
N GLU B 308 -46.84 0.68 14.76
CA GLU B 308 -47.67 -0.49 15.00
C GLU B 308 -47.02 -1.40 16.03
N ILE B 309 -45.69 -1.38 16.06
CA ILE B 309 -44.93 -2.19 17.01
C ILE B 309 -45.05 -1.53 18.38
N GLU B 310 -45.21 -0.22 18.38
CA GLU B 310 -45.30 0.55 19.61
C GLU B 310 -46.60 0.33 20.38
N GLN B 311 -47.72 0.23 19.67
CA GLN B 311 -49.02 0.04 20.29
C GLN B 311 -49.25 -1.39 20.76
N VAL B 312 -48.83 -2.35 19.95
CA VAL B 312 -48.99 -3.77 20.27
C VAL B 312 -47.86 -4.34 21.10
N ILE B 313 -46.68 -4.48 20.50
CA ILE B 313 -45.53 -5.04 21.21
C ILE B 313 -44.95 -4.10 22.26
N GLY B 314 -44.63 -2.88 21.84
CA GLY B 314 -44.07 -1.91 22.77
C GLY B 314 -42.61 -1.61 22.49
N SER B 315 -41.76 -1.93 23.46
CA SER B 315 -40.32 -1.69 23.33
C SER B 315 -39.57 -2.23 24.56
N HIS B 316 -40.23 -3.11 25.31
CA HIS B 316 -39.64 -3.72 26.50
C HIS B 316 -39.74 -5.25 26.45
N ARG B 317 -40.30 -5.77 25.36
CA ARG B 317 -40.42 -7.21 25.19
C ARG B 317 -40.20 -7.56 23.72
N PRO B 318 -39.63 -8.75 23.45
CA PRO B 318 -39.36 -9.23 22.10
C PRO B 318 -40.63 -9.73 21.40
N PRO B 319 -40.77 -9.43 20.10
CA PRO B 319 -41.93 -9.87 19.32
C PRO B 319 -42.24 -11.35 19.47
N ALA B 320 -43.53 -11.68 19.45
CA ALA B 320 -43.96 -13.07 19.55
C ALA B 320 -44.83 -13.33 18.33
N LEU B 321 -44.72 -14.52 17.74
CA LEU B 321 -45.51 -14.85 16.56
C LEU B 321 -46.98 -14.54 16.76
N ASP B 322 -47.48 -14.71 17.98
CA ASP B 322 -48.89 -14.44 18.25
C ASP B 322 -49.19 -12.94 18.26
N ASP B 323 -48.38 -12.19 17.53
CA ASP B 323 -48.53 -10.72 17.43
C ASP B 323 -48.95 -10.37 16.00
N ARG B 324 -48.52 -11.20 15.05
CA ARG B 324 -48.83 -11.00 13.65
C ARG B 324 -50.35 -10.92 13.43
N ALA B 325 -51.10 -11.33 14.45
CA ALA B 325 -52.55 -11.32 14.36
C ALA B 325 -53.12 -10.00 14.83
N LYS B 326 -52.37 -9.30 15.69
CA LYS B 326 -52.80 -8.01 16.22
C LYS B 326 -52.14 -6.87 15.44
N MET B 327 -51.36 -7.21 14.41
CA MET B 327 -50.68 -6.23 13.59
C MET B 327 -50.95 -6.50 12.12
N PRO B 328 -52.07 -6.00 11.59
CA PRO B 328 -52.43 -6.21 10.19
C PRO B 328 -51.64 -5.40 9.16
N TYR B 329 -50.93 -4.37 9.60
CA TYR B 329 -50.14 -3.55 8.67
C TYR B 329 -48.79 -4.21 8.39
N THR B 330 -48.01 -4.41 9.43
CA THR B 330 -46.69 -5.04 9.32
C THR B 330 -46.84 -6.39 8.61
N ASP B 331 -47.96 -7.06 8.87
CA ASP B 331 -48.24 -8.35 8.27
C ASP B 331 -48.47 -8.11 6.77
N ALA B 332 -49.18 -7.02 6.47
CA ALA B 332 -49.48 -6.65 5.09
C ALA B 332 -48.23 -6.13 4.39
N VAL B 333 -47.40 -5.39 5.11
CA VAL B 333 -46.17 -4.86 4.54
C VAL B 333 -45.33 -6.02 4.04
N ILE B 334 -45.07 -6.97 4.93
CA ILE B 334 -44.29 -8.15 4.59
C ILE B 334 -44.83 -8.83 3.35
N HIS B 335 -46.14 -9.09 3.34
CA HIS B 335 -46.76 -9.72 2.17
C HIS B 335 -46.34 -8.98 0.90
N GLU B 336 -46.29 -7.65 1.00
CA GLU B 336 -45.91 -6.82 -0.13
C GLU B 336 -44.45 -7.06 -0.50
N ILE B 337 -43.58 -7.11 0.52
CA ILE B 337 -42.16 -7.35 0.31
C ILE B 337 -41.94 -8.65 -0.44
N GLN B 338 -42.74 -9.67 -0.13
CA GLN B 338 -42.63 -10.95 -0.81
C GLN B 338 -43.20 -10.83 -2.22
N ARG B 339 -44.30 -10.09 -2.35
CA ARG B 339 -44.92 -9.92 -3.65
C ARG B 339 -43.90 -9.29 -4.58
N LEU B 340 -43.47 -8.07 -4.26
CA LEU B 340 -42.47 -7.39 -5.08
C LEU B 340 -41.15 -8.16 -5.06
N GLY B 341 -40.89 -8.88 -3.97
CA GLY B 341 -39.66 -9.64 -3.88
C GLY B 341 -39.53 -10.61 -5.04
N ASP B 342 -40.53 -11.48 -5.20
CA ASP B 342 -40.54 -12.47 -6.27
C ASP B 342 -39.19 -13.16 -6.36
N LEU B 343 -38.80 -13.85 -5.29
CA LEU B 343 -37.52 -14.55 -5.25
C LEU B 343 -37.44 -15.73 -6.20
N ILE B 344 -38.56 -16.08 -6.82
CA ILE B 344 -38.59 -17.18 -7.76
C ILE B 344 -39.65 -16.91 -8.82
N PRO B 345 -39.24 -16.29 -9.94
CA PRO B 345 -40.06 -15.91 -11.09
C PRO B 345 -40.91 -17.02 -11.66
N PHE B 346 -40.26 -18.01 -12.25
CA PHE B 346 -40.99 -19.12 -12.84
C PHE B 346 -40.91 -20.42 -12.05
N GLY B 347 -41.10 -20.30 -10.73
CA GLY B 347 -41.08 -21.45 -9.83
C GLY B 347 -40.01 -22.50 -10.07
N VAL B 348 -40.26 -23.70 -9.57
CA VAL B 348 -39.30 -24.79 -9.76
C VAL B 348 -39.93 -25.88 -10.62
N PRO B 349 -39.40 -26.06 -11.85
CA PRO B 349 -39.87 -27.04 -12.83
C PRO B 349 -40.80 -28.12 -12.29
N HIS B 350 -42.00 -28.15 -12.86
CA HIS B 350 -43.04 -29.11 -12.52
C HIS B 350 -43.13 -30.06 -13.71
N THR B 351 -43.81 -31.19 -13.51
CA THR B 351 -44.04 -32.17 -14.58
C THR B 351 -45.36 -32.84 -14.26
N VAL B 352 -46.16 -33.10 -15.28
CA VAL B 352 -47.46 -33.74 -15.06
C VAL B 352 -47.26 -35.24 -14.82
N THR B 353 -47.71 -35.71 -13.66
CA THR B 353 -47.58 -37.12 -13.28
C THR B 353 -47.94 -38.06 -14.42
N LYS B 354 -48.78 -37.58 -15.32
CA LYS B 354 -49.22 -38.37 -16.47
C LYS B 354 -50.19 -37.55 -17.30
N ASP B 355 -50.45 -38.00 -18.52
CA ASP B 355 -51.37 -37.34 -19.44
C ASP B 355 -52.42 -36.54 -18.67
N THR B 356 -52.63 -35.28 -19.07
CA THR B 356 -53.60 -34.43 -18.38
C THR B 356 -54.43 -33.53 -19.29
N GLN B 357 -55.68 -33.33 -18.92
CA GLN B 357 -56.58 -32.48 -19.70
C GLN B 357 -56.62 -31.13 -19.01
N PHE B 358 -56.59 -30.05 -19.79
CA PHE B 358 -56.62 -28.71 -19.23
C PHE B 358 -56.96 -27.68 -20.31
N ARG B 359 -58.02 -26.92 -20.07
CA ARG B 359 -58.47 -25.89 -21.01
C ARG B 359 -58.57 -26.37 -22.46
N GLY B 360 -58.96 -27.63 -22.65
CA GLY B 360 -59.09 -28.17 -24.00
C GLY B 360 -57.78 -28.60 -24.63
N TYR B 361 -56.70 -28.51 -23.87
CA TYR B 361 -55.39 -28.90 -24.35
C TYR B 361 -54.99 -30.18 -23.61
N VAL B 362 -54.11 -30.98 -24.20
CA VAL B 362 -53.67 -32.22 -23.56
C VAL B 362 -52.17 -32.26 -23.33
N ILE B 363 -51.78 -32.28 -22.06
CA ILE B 363 -50.38 -32.32 -21.69
C ILE B 363 -49.97 -33.78 -21.48
N PRO B 364 -49.12 -34.32 -22.37
CA PRO B 364 -48.69 -35.72 -22.26
C PRO B 364 -48.08 -36.08 -20.90
N LYS B 365 -47.82 -37.38 -20.72
CA LYS B 365 -47.27 -37.88 -19.48
C LYS B 365 -45.80 -37.47 -19.29
N ASN B 366 -45.52 -36.80 -18.18
CA ASN B 366 -44.18 -36.33 -17.81
C ASN B 366 -43.78 -34.98 -18.43
N THR B 367 -44.75 -34.27 -18.99
CA THR B 367 -44.49 -32.98 -19.60
C THR B 367 -44.12 -31.95 -18.54
N GLU B 368 -43.10 -31.15 -18.82
CA GLU B 368 -42.68 -30.12 -17.88
C GLU B 368 -43.57 -28.88 -17.91
N VAL B 369 -43.84 -28.36 -16.72
CA VAL B 369 -44.70 -27.19 -16.57
C VAL B 369 -44.01 -26.14 -15.70
N PHE B 370 -44.00 -24.89 -16.15
CA PHE B 370 -43.38 -23.79 -15.42
C PHE B 370 -44.42 -22.79 -14.92
N PRO B 371 -44.71 -22.80 -13.61
CA PRO B 371 -45.70 -21.86 -13.05
C PRO B 371 -45.04 -20.49 -12.90
N VAL B 372 -45.30 -19.58 -13.83
CA VAL B 372 -44.70 -18.25 -13.72
C VAL B 372 -45.32 -17.52 -12.54
N LEU B 373 -44.94 -17.96 -11.35
CA LEU B 373 -45.43 -17.39 -10.09
C LEU B 373 -45.39 -15.87 -10.13
N SER B 374 -44.44 -15.33 -10.91
CA SER B 374 -44.29 -13.89 -11.03
C SER B 374 -45.49 -13.28 -11.74
N SER B 375 -45.96 -13.97 -12.79
CA SER B 375 -47.10 -13.51 -13.57
C SER B 375 -48.34 -13.43 -12.68
N ALA B 376 -48.37 -14.27 -11.66
CA ALA B 376 -49.48 -14.29 -10.71
C ALA B 376 -49.23 -13.24 -9.64
N LEU B 377 -47.96 -13.04 -9.30
CA LEU B 377 -47.55 -12.06 -8.28
C LEU B 377 -47.64 -10.62 -8.78
N HIS B 378 -47.59 -10.44 -10.10
CA HIS B 378 -47.69 -9.10 -10.69
C HIS B 378 -48.91 -9.01 -11.61
N ASP B 379 -49.93 -9.82 -11.31
CA ASP B 379 -51.15 -9.82 -12.09
C ASP B 379 -51.99 -8.59 -11.71
N PRO B 380 -52.32 -7.74 -12.69
CA PRO B 380 -53.11 -6.52 -12.48
C PRO B 380 -54.58 -6.72 -12.17
N ARG B 381 -55.07 -7.94 -12.34
CA ARG B 381 -56.48 -8.23 -12.06
C ARG B 381 -56.74 -8.48 -10.57
N TYR B 382 -55.71 -8.95 -9.87
CA TYR B 382 -55.82 -9.24 -8.44
C TYR B 382 -55.04 -8.26 -7.57
N PHE B 383 -54.26 -7.40 -8.22
CA PHE B 383 -53.44 -6.39 -7.52
C PHE B 383 -53.63 -5.03 -8.19
N GLU B 384 -54.12 -4.05 -7.44
CA GLU B 384 -54.37 -2.73 -7.97
C GLU B 384 -53.10 -1.88 -8.19
N THR B 385 -51.99 -2.55 -8.47
CA THR B 385 -50.72 -1.87 -8.73
C THR B 385 -49.56 -2.85 -8.54
N PRO B 386 -49.54 -3.91 -9.36
CA PRO B 386 -48.52 -4.96 -9.34
C PRO B 386 -47.08 -4.50 -9.61
N ASN B 387 -46.82 -3.21 -9.50
CA ASN B 387 -45.49 -2.68 -9.73
C ASN B 387 -45.16 -1.55 -8.77
N THR B 388 -45.81 -1.57 -7.60
CA THR B 388 -45.56 -0.54 -6.61
C THR B 388 -45.89 -1.01 -5.21
N PHE B 389 -44.97 -0.78 -4.29
CA PHE B 389 -45.18 -1.15 -2.90
C PHE B 389 -46.57 -0.62 -2.60
N ASN B 390 -47.46 -1.46 -2.07
CA ASN B 390 -48.82 -1.02 -1.79
C ASN B 390 -49.59 -1.94 -0.84
N PRO B 391 -49.38 -1.79 0.47
CA PRO B 391 -50.05 -2.61 1.49
C PRO B 391 -51.55 -2.79 1.25
N GLY B 392 -52.13 -1.87 0.49
CA GLY B 392 -53.55 -1.93 0.21
C GLY B 392 -54.03 -3.26 -0.32
N HIS B 393 -53.17 -3.96 -1.06
CA HIS B 393 -53.55 -5.24 -1.62
C HIS B 393 -53.95 -6.23 -0.55
N PHE B 394 -53.52 -5.96 0.68
CA PHE B 394 -53.80 -6.86 1.78
C PHE B 394 -54.58 -6.25 2.94
N LEU B 395 -55.26 -5.14 2.67
CA LEU B 395 -56.03 -4.47 3.70
C LEU B 395 -57.40 -4.00 3.19
N ASP B 396 -58.43 -4.22 4.01
CA ASP B 396 -59.78 -3.80 3.64
C ASP B 396 -60.04 -2.40 4.18
N ALA B 397 -61.19 -1.84 3.83
CA ALA B 397 -61.57 -0.49 4.25
C ALA B 397 -61.39 -0.21 5.74
N ASN B 398 -61.15 -1.24 6.54
CA ASN B 398 -60.99 -1.06 7.98
C ASN B 398 -59.59 -1.26 8.53
N GLY B 399 -58.61 -1.39 7.64
CA GLY B 399 -57.25 -1.59 8.09
C GLY B 399 -57.01 -2.95 8.70
N ALA B 400 -57.63 -3.97 8.13
CA ALA B 400 -57.48 -5.34 8.62
C ALA B 400 -57.06 -6.24 7.46
N LEU B 401 -56.07 -7.09 7.70
CA LEU B 401 -55.56 -7.99 6.67
C LEU B 401 -56.68 -8.66 5.89
N LYS B 402 -56.43 -8.85 4.60
CA LYS B 402 -57.38 -9.47 3.69
C LYS B 402 -56.65 -10.43 2.76
N ARG B 403 -57.02 -11.70 2.80
CA ARG B 403 -56.38 -12.68 1.94
C ARG B 403 -56.50 -12.19 0.51
N ASN B 404 -55.46 -12.43 -0.28
CA ASN B 404 -55.43 -12.01 -1.68
C ASN B 404 -55.03 -13.21 -2.53
N GLU B 405 -55.99 -13.73 -3.30
CA GLU B 405 -55.75 -14.90 -4.12
C GLU B 405 -54.63 -14.79 -5.15
N GLY B 406 -54.05 -13.61 -5.30
CA GLY B 406 -52.98 -13.43 -6.25
C GLY B 406 -51.61 -13.62 -5.64
N PHE B 407 -51.56 -13.67 -4.31
CA PHE B 407 -50.31 -13.83 -3.58
C PHE B 407 -49.88 -15.30 -3.43
N MET B 408 -48.95 -15.75 -4.27
CA MET B 408 -48.47 -17.13 -4.20
C MET B 408 -46.95 -17.27 -4.44
N PRO B 409 -46.13 -16.77 -3.50
CA PRO B 409 -44.67 -16.86 -3.62
C PRO B 409 -44.14 -18.23 -3.21
N PHE B 410 -44.98 -18.98 -2.50
CA PHE B 410 -44.63 -20.31 -2.04
C PHE B 410 -45.25 -21.33 -2.99
N SER B 411 -45.85 -20.80 -4.05
CA SER B 411 -46.51 -21.61 -5.07
C SER B 411 -47.74 -22.29 -4.47
N LEU B 412 -48.32 -23.21 -5.23
CA LEU B 412 -49.52 -23.90 -4.78
C LEU B 412 -49.50 -25.37 -5.17
N GLY B 413 -50.22 -26.18 -4.40
CA GLY B 413 -50.30 -27.60 -4.68
C GLY B 413 -49.62 -28.51 -3.67
N LYS B 414 -49.53 -29.79 -4.03
CA LYS B 414 -48.89 -30.78 -3.18
C LYS B 414 -47.38 -30.51 -3.14
N ARG B 415 -46.92 -29.67 -4.04
CA ARG B 415 -45.50 -29.32 -4.13
C ARG B 415 -45.15 -28.02 -3.40
N ILE B 416 -46.17 -27.31 -2.93
CA ILE B 416 -46.03 -26.04 -2.23
C ILE B 416 -44.81 -26.04 -1.31
N CYS B 417 -44.19 -24.88 -1.16
CA CYS B 417 -43.00 -24.72 -0.33
C CYS B 417 -43.08 -25.44 1.00
N LEU B 418 -42.25 -26.47 1.15
CA LEU B 418 -42.22 -27.24 2.38
C LEU B 418 -42.01 -26.35 3.59
N GLY B 419 -41.03 -25.46 3.50
CA GLY B 419 -40.72 -24.57 4.62
C GLY B 419 -41.59 -23.32 4.77
N GLU B 420 -42.70 -23.27 4.04
CA GLU B 420 -43.58 -22.11 4.11
C GLU B 420 -43.83 -21.74 5.57
N GLY B 421 -43.95 -22.77 6.40
CA GLY B 421 -44.17 -22.53 7.82
C GLY B 421 -43.12 -21.66 8.47
N ILE B 422 -41.94 -22.23 8.67
CA ILE B 422 -40.84 -21.51 9.29
C ILE B 422 -40.63 -20.16 8.63
N ALA B 423 -40.38 -20.19 7.33
CA ALA B 423 -40.15 -18.97 6.55
C ALA B 423 -41.02 -17.79 6.98
N ARG B 424 -42.33 -17.96 6.94
CA ARG B 424 -43.23 -16.89 7.31
C ARG B 424 -43.00 -16.39 8.75
N THR B 425 -42.57 -17.29 9.63
CA THR B 425 -42.32 -16.91 11.02
C THR B 425 -40.94 -16.30 11.24
N GLU B 426 -39.97 -16.70 10.41
CA GLU B 426 -38.63 -16.13 10.52
C GLU B 426 -38.77 -14.67 10.10
N LEU B 427 -39.53 -14.46 9.02
CA LEU B 427 -39.78 -13.13 8.49
C LEU B 427 -40.35 -12.17 9.52
N PHE B 428 -41.49 -12.53 10.10
CA PHE B 428 -42.14 -11.67 11.07
C PHE B 428 -41.29 -11.32 12.28
N LEU B 429 -40.77 -12.31 12.99
CA LEU B 429 -39.94 -12.03 14.15
C LEU B 429 -38.68 -11.26 13.77
N PHE B 430 -38.01 -11.68 12.71
CA PHE B 430 -36.79 -11.02 12.28
C PHE B 430 -37.03 -9.61 11.74
N PHE B 431 -38.03 -9.47 10.89
CA PHE B 431 -38.35 -8.16 10.32
C PHE B 431 -38.72 -7.15 11.40
N THR B 432 -39.55 -7.56 12.34
CA THR B 432 -39.97 -6.69 13.42
C THR B 432 -38.85 -6.43 14.44
N THR B 433 -38.39 -7.47 15.12
CA THR B 433 -37.33 -7.33 16.13
C THR B 433 -36.22 -6.36 15.69
N ILE B 434 -35.75 -6.53 14.46
CA ILE B 434 -34.68 -5.67 13.95
C ILE B 434 -35.13 -4.23 13.93
N LEU B 435 -36.25 -3.97 13.28
CA LEU B 435 -36.81 -2.62 13.18
C LEU B 435 -37.29 -2.07 14.51
N GLN B 436 -37.58 -2.96 15.45
CA GLN B 436 -38.02 -2.50 16.76
C GLN B 436 -36.83 -1.90 17.50
N ASN B 437 -35.72 -2.64 17.51
CA ASN B 437 -34.50 -2.22 18.18
C ASN B 437 -33.60 -1.34 17.33
N PHE B 438 -34.03 -1.02 16.11
CA PHE B 438 -33.20 -0.21 15.22
C PHE B 438 -33.91 0.73 14.25
N SER B 439 -33.09 1.36 13.41
CA SER B 439 -33.56 2.30 12.41
C SER B 439 -32.79 2.13 11.10
N ILE B 440 -33.51 2.10 9.99
CA ILE B 440 -32.88 1.96 8.68
C ILE B 440 -32.09 3.25 8.39
N ALA B 441 -31.07 3.13 7.54
CA ALA B 441 -30.25 4.27 7.18
C ALA B 441 -29.17 3.92 6.15
N SER B 442 -29.08 4.75 5.12
CA SER B 442 -28.09 4.55 4.06
C SER B 442 -27.91 5.85 3.27
N PRO B 443 -26.68 6.15 2.83
CA PRO B 443 -26.40 7.36 2.07
C PRO B 443 -26.90 7.29 0.62
N VAL B 444 -28.06 6.68 0.42
CA VAL B 444 -28.65 6.56 -0.91
C VAL B 444 -30.08 7.08 -0.85
N PRO B 445 -30.31 8.31 -1.31
CA PRO B 445 -31.66 8.89 -1.29
C PRO B 445 -32.73 7.93 -1.78
N PRO B 446 -33.86 7.83 -1.05
CA PRO B 446 -35.01 6.98 -1.32
C PRO B 446 -35.41 6.88 -2.79
N GLU B 447 -35.39 8.02 -3.49
CA GLU B 447 -35.75 8.02 -4.90
C GLU B 447 -34.64 7.40 -5.71
N ASP B 448 -33.42 7.43 -5.19
CA ASP B 448 -32.26 6.86 -5.87
C ASP B 448 -32.07 5.36 -5.63
N ILE B 449 -32.87 4.80 -4.72
CA ILE B 449 -32.80 3.36 -4.42
C ILE B 449 -33.40 2.55 -5.57
N ASP B 450 -32.62 1.65 -6.14
CA ASP B 450 -33.08 0.80 -7.23
C ASP B 450 -33.28 -0.60 -6.68
N LEU B 451 -34.45 -1.18 -6.94
CA LEU B 451 -34.79 -2.51 -6.45
C LEU B 451 -34.58 -3.60 -7.49
N THR B 452 -34.59 -3.22 -8.77
CA THR B 452 -34.42 -4.21 -9.84
C THR B 452 -33.25 -5.14 -9.52
N PRO B 453 -33.43 -6.45 -9.77
CA PRO B 453 -32.44 -7.51 -9.54
C PRO B 453 -31.04 -7.26 -10.10
N ARG B 454 -30.04 -7.89 -9.47
CA ARG B 454 -28.65 -7.78 -9.90
C ARG B 454 -28.39 -9.02 -10.76
N GLU B 455 -29.38 -9.89 -10.81
CA GLU B 455 -29.31 -11.13 -11.56
C GLU B 455 -30.69 -11.77 -11.52
N SER B 456 -31.23 -12.15 -12.67
CA SER B 456 -32.55 -12.76 -12.70
C SER B 456 -32.65 -13.98 -13.60
N GLY B 457 -33.29 -15.02 -13.08
CA GLY B 457 -33.47 -16.25 -13.81
C GLY B 457 -34.31 -17.17 -12.96
N VAL B 458 -33.81 -18.36 -12.65
CA VAL B 458 -34.57 -19.28 -11.82
C VAL B 458 -34.79 -18.64 -10.44
N GLY B 459 -33.96 -17.66 -10.12
CA GLY B 459 -34.07 -16.97 -8.85
C GLY B 459 -33.69 -15.50 -8.98
N ASN B 460 -34.44 -14.62 -8.31
CA ASN B 460 -34.15 -13.18 -8.37
C ASN B 460 -33.27 -12.74 -7.20
N VAL B 461 -31.96 -12.72 -7.39
CA VAL B 461 -31.09 -12.29 -6.31
C VAL B 461 -31.02 -10.75 -6.31
N PRO B 462 -31.45 -10.12 -5.20
CA PRO B 462 -31.42 -8.66 -5.08
C PRO B 462 -30.00 -8.11 -5.10
N PRO B 463 -29.84 -6.81 -5.38
CA PRO B 463 -28.51 -6.20 -5.42
C PRO B 463 -27.91 -5.99 -4.02
N SER B 464 -26.58 -5.91 -3.96
CA SER B 464 -25.89 -5.70 -2.68
C SER B 464 -25.86 -4.21 -2.40
N TYR B 465 -26.26 -3.82 -1.19
CA TYR B 465 -26.31 -2.42 -0.81
C TYR B 465 -25.76 -2.19 0.59
N GLN B 466 -25.37 -0.95 0.87
CA GLN B 466 -24.84 -0.57 2.18
C GLN B 466 -26.03 -0.18 3.04
N ILE B 467 -25.97 -0.51 4.33
CA ILE B 467 -27.06 -0.18 5.24
C ILE B 467 -26.59 -0.20 6.69
N ARG B 468 -26.69 0.94 7.36
CA ARG B 468 -26.27 1.02 8.74
C ARG B 468 -27.48 0.84 9.65
N PHE B 469 -27.31 0.04 10.70
CA PHE B 469 -28.39 -0.21 11.65
C PHE B 469 -28.14 0.57 12.94
N LEU B 470 -28.67 1.78 12.98
CA LEU B 470 -28.54 2.66 14.13
C LEU B 470 -29.46 2.18 15.24
N ALA B 471 -28.89 1.96 16.42
CA ALA B 471 -29.67 1.50 17.55
C ALA B 471 -30.65 2.54 18.04
N ARG B 472 -31.91 2.15 18.19
CA ARG B 472 -32.94 3.05 18.68
C ARG B 472 -32.86 3.06 20.20
N HIS B 473 -33.09 4.23 20.79
CA HIS B 473 -33.04 4.38 22.24
C HIS B 473 -34.45 4.47 22.84
N GLY C 9 -16.28 -5.71 -61.24
CA GLY C 9 -15.15 -4.77 -60.95
C GLY C 9 -14.14 -5.36 -59.99
N LYS C 10 -14.41 -6.58 -59.54
CA LYS C 10 -13.56 -7.32 -58.60
C LYS C 10 -13.19 -6.53 -57.34
N LEU C 11 -12.67 -7.25 -56.34
CA LEU C 11 -12.25 -6.67 -55.08
C LEU C 11 -10.73 -6.72 -54.95
N PRO C 12 -10.18 -6.16 -53.85
CA PRO C 12 -8.73 -6.19 -53.68
C PRO C 12 -8.22 -7.61 -53.44
N PRO C 13 -6.90 -7.79 -53.41
CA PRO C 13 -6.33 -9.12 -53.19
C PRO C 13 -6.58 -9.60 -51.76
N GLY C 14 -7.28 -10.72 -51.62
CA GLY C 14 -7.57 -11.22 -50.29
C GLY C 14 -7.38 -12.72 -50.19
N PRO C 15 -7.13 -13.25 -48.97
CA PRO C 15 -6.94 -14.68 -48.78
C PRO C 15 -8.22 -15.46 -49.03
N SER C 16 -8.10 -16.61 -49.67
CA SER C 16 -9.25 -17.47 -49.97
C SER C 16 -10.02 -17.81 -48.69
N PRO C 17 -11.23 -17.25 -48.54
CA PRO C 17 -12.06 -17.51 -47.36
C PRO C 17 -12.71 -18.89 -47.34
N LEU C 18 -13.60 -19.09 -46.36
CA LEU C 18 -14.32 -20.34 -46.22
C LEU C 18 -15.75 -20.01 -45.75
N PRO C 19 -16.63 -21.02 -45.70
CA PRO C 19 -18.04 -20.88 -45.28
C PRO C 19 -18.25 -20.44 -43.83
N VAL C 20 -19.03 -19.39 -43.64
CA VAL C 20 -19.35 -18.82 -42.33
C VAL C 20 -18.12 -18.40 -41.52
N LEU C 21 -17.00 -19.12 -41.69
CA LEU C 21 -15.76 -18.75 -41.01
C LEU C 21 -14.81 -18.16 -42.04
N GLY C 22 -15.03 -16.90 -42.38
CA GLY C 22 -14.24 -16.21 -43.36
C GLY C 22 -12.77 -16.56 -43.45
N ASN C 23 -11.94 -15.82 -42.73
CA ASN C 23 -10.50 -16.06 -42.74
C ASN C 23 -9.96 -16.36 -41.35
N LEU C 24 -10.79 -16.99 -40.53
CA LEU C 24 -10.38 -17.35 -39.18
C LEU C 24 -9.07 -18.13 -39.28
N LEU C 25 -9.08 -19.16 -40.11
CA LEU C 25 -7.91 -20.00 -40.31
C LEU C 25 -6.69 -19.20 -40.74
N GLN C 26 -6.89 -17.93 -41.05
CA GLN C 26 -5.78 -17.10 -41.47
C GLN C 26 -5.51 -15.93 -40.53
N MET C 27 -6.01 -16.02 -39.30
CA MET C 27 -5.81 -14.94 -38.33
C MET C 27 -4.58 -15.24 -37.47
N ASP C 28 -4.13 -14.24 -36.71
CA ASP C 28 -2.98 -14.42 -35.83
C ASP C 28 -3.47 -14.34 -34.38
N ARG C 29 -3.08 -15.32 -33.58
CA ARG C 29 -3.45 -15.40 -32.18
C ARG C 29 -3.66 -14.04 -31.51
N LYS C 30 -2.58 -13.28 -31.37
CA LYS C 30 -2.62 -11.95 -30.73
C LYS C 30 -3.93 -11.15 -30.89
N GLY C 31 -4.57 -11.24 -32.05
CA GLY C 31 -5.81 -10.51 -32.27
C GLY C 31 -6.05 -10.16 -33.72
N LEU C 32 -6.90 -9.17 -33.97
CA LEU C 32 -7.20 -8.76 -35.34
C LEU C 32 -6.06 -7.91 -35.88
N LEU C 33 -5.64 -6.91 -35.10
CA LEU C 33 -4.58 -6.03 -35.53
C LEU C 33 -3.30 -6.79 -35.90
N ARG C 34 -2.75 -7.54 -34.95
CA ARG C 34 -1.54 -8.32 -35.21
C ARG C 34 -1.86 -9.34 -36.29
N SER C 35 -3.12 -9.40 -36.67
CA SER C 35 -3.56 -10.33 -37.70
C SER C 35 -3.51 -9.63 -39.05
N PHE C 36 -3.98 -8.39 -39.10
CA PHE C 36 -3.98 -7.62 -40.34
C PHE C 36 -2.57 -7.31 -40.80
N LEU C 37 -1.81 -6.66 -39.91
CA LEU C 37 -0.45 -6.28 -40.23
C LEU C 37 0.37 -7.47 -40.71
N ARG C 38 -0.08 -8.68 -40.41
CA ARG C 38 0.64 -9.87 -40.83
C ARG C 38 0.11 -10.39 -42.18
N LEU C 39 -1.03 -9.87 -42.60
CA LEU C 39 -1.62 -10.24 -43.89
C LEU C 39 -1.09 -9.24 -44.90
N ARG C 40 -0.86 -8.03 -44.44
CA ARG C 40 -0.33 -6.96 -45.29
C ARG C 40 1.01 -7.46 -45.84
N GLU C 41 1.76 -8.14 -45.00
CA GLU C 41 3.06 -8.69 -45.36
C GLU C 41 2.91 -9.56 -46.60
N LYS C 42 1.70 -10.07 -46.80
CA LYS C 42 1.43 -10.97 -47.92
C LYS C 42 0.66 -10.35 -49.09
N TYR C 43 -0.35 -9.54 -48.82
CA TYR C 43 -1.17 -8.96 -49.88
C TYR C 43 -1.15 -7.43 -50.09
N GLY C 44 -0.14 -6.74 -49.58
CA GLY C 44 -0.03 -5.31 -49.79
C GLY C 44 -0.70 -4.35 -48.82
N ASP C 45 -0.63 -3.06 -49.13
CA ASP C 45 -1.20 -1.99 -48.31
C ASP C 45 -2.72 -1.92 -48.33
N VAL C 46 -3.35 -2.64 -49.25
CA VAL C 46 -4.80 -2.65 -49.35
C VAL C 46 -5.28 -4.03 -49.78
N PHE C 47 -5.72 -4.81 -48.79
CA PHE C 47 -6.20 -6.17 -49.05
C PHE C 47 -7.62 -6.39 -48.52
N THR C 48 -8.15 -7.57 -48.80
CA THR C 48 -9.49 -7.95 -48.38
C THR C 48 -9.48 -9.23 -47.55
N VAL C 49 -10.07 -9.14 -46.36
CA VAL C 49 -10.17 -10.29 -45.46
C VAL C 49 -11.62 -10.45 -45.04
N TYR C 50 -12.02 -11.69 -44.75
CA TYR C 50 -13.39 -11.93 -44.34
C TYR C 50 -13.53 -12.28 -42.87
N LEU C 51 -14.34 -11.49 -42.17
CA LEU C 51 -14.62 -11.68 -40.75
C LEU C 51 -15.97 -12.39 -40.66
N GLY C 52 -15.94 -13.70 -40.54
CA GLY C 52 -17.18 -14.46 -40.48
C GLY C 52 -17.74 -14.56 -41.88
N SER C 53 -18.40 -13.48 -42.33
CA SER C 53 -18.97 -13.43 -43.67
C SER C 53 -18.58 -12.09 -44.26
N ARG C 54 -18.97 -11.04 -43.53
CA ARG C 54 -18.71 -9.66 -43.91
C ARG C 54 -17.30 -9.42 -44.45
N PRO C 55 -17.18 -9.15 -45.75
CA PRO C 55 -15.84 -8.90 -46.31
C PRO C 55 -15.45 -7.48 -45.92
N VAL C 56 -14.26 -7.33 -45.34
CA VAL C 56 -13.79 -6.01 -44.93
C VAL C 56 -12.51 -5.63 -45.66
N VAL C 57 -12.46 -4.40 -46.16
CA VAL C 57 -11.28 -3.93 -46.86
C VAL C 57 -10.39 -3.14 -45.91
N VAL C 58 -9.32 -3.77 -45.47
CA VAL C 58 -8.39 -3.14 -44.55
C VAL C 58 -7.56 -2.13 -45.33
N LEU C 59 -7.06 -1.12 -44.63
CA LEU C 59 -6.23 -0.10 -45.27
C LEU C 59 -5.03 0.19 -44.39
N CYS C 60 -3.84 -0.17 -44.88
CA CYS C 60 -2.61 0.04 -44.14
C CYS C 60 -1.84 1.22 -44.70
N GLY C 61 -0.67 1.47 -44.12
CA GLY C 61 0.16 2.57 -44.58
C GLY C 61 -0.49 3.92 -44.50
N THR C 62 0.35 4.96 -44.53
CA THR C 62 -0.13 6.34 -44.46
C THR C 62 -0.78 6.77 -45.77
N ASP C 63 -0.14 6.41 -46.87
CA ASP C 63 -0.63 6.76 -48.21
C ASP C 63 -2.05 6.26 -48.39
N ALA C 64 -2.20 4.94 -48.39
CA ALA C 64 -3.50 4.31 -48.56
C ALA C 64 -4.59 4.96 -47.71
N ILE C 65 -4.34 5.06 -46.40
CA ILE C 65 -5.31 5.67 -45.49
C ILE C 65 -5.75 7.05 -45.97
N ARG C 66 -4.81 7.81 -46.52
CA ARG C 66 -5.11 9.16 -47.01
C ARG C 66 -5.89 9.14 -48.32
N GLU C 67 -5.55 8.25 -49.23
CA GLU C 67 -6.27 8.16 -50.49
C GLU C 67 -7.76 8.05 -50.17
N ALA C 68 -8.15 6.88 -49.69
CA ALA C 68 -9.53 6.60 -49.33
C ALA C 68 -10.25 7.64 -48.47
N LEU C 69 -9.58 8.16 -47.44
CA LEU C 69 -10.22 9.12 -46.53
C LEU C 69 -10.12 10.62 -46.83
N VAL C 70 -9.12 11.04 -47.58
CA VAL C 70 -9.01 12.47 -47.89
C VAL C 70 -9.37 12.70 -49.35
N ASP C 71 -8.90 11.81 -50.21
CA ASP C 71 -9.17 11.90 -51.64
C ASP C 71 -10.36 11.02 -52.00
N GLN C 72 -11.52 11.37 -51.46
CA GLN C 72 -12.81 10.69 -51.64
C GLN C 72 -13.52 10.69 -50.29
N ALA C 73 -13.21 11.72 -49.50
CA ALA C 73 -13.77 11.90 -48.17
C ALA C 73 -15.21 11.47 -47.99
N GLU C 74 -16.02 11.61 -49.04
CA GLU C 74 -17.43 11.23 -48.96
C GLU C 74 -17.63 9.74 -49.24
N ALA C 75 -16.97 9.25 -50.29
CA ALA C 75 -17.07 7.84 -50.67
C ALA C 75 -16.76 6.96 -49.47
N PHE C 76 -15.65 7.28 -48.80
CA PHE C 76 -15.20 6.54 -47.63
C PHE C 76 -15.62 7.26 -46.35
N SER C 77 -16.90 7.13 -45.99
CA SER C 77 -17.38 7.77 -44.77
C SER C 77 -18.73 7.23 -44.30
N GLY C 78 -18.87 5.90 -44.33
CA GLY C 78 -20.09 5.28 -43.87
C GLY C 78 -19.83 4.53 -42.59
N ARG C 79 -20.29 5.07 -41.46
CA ARG C 79 -20.07 4.43 -40.17
C ARG C 79 -20.28 2.92 -40.22
N GLY C 80 -19.33 2.20 -39.65
CA GLY C 80 -19.42 0.75 -39.63
C GLY C 80 -20.03 0.27 -38.33
N LYS C 81 -19.92 -1.03 -38.08
CA LYS C 81 -20.47 -1.61 -36.87
C LYS C 81 -19.43 -2.30 -36.00
N ILE C 82 -19.66 -2.21 -34.69
CA ILE C 82 -18.81 -2.85 -33.71
C ILE C 82 -19.71 -3.86 -33.02
N ALA C 83 -19.69 -5.09 -33.52
CA ALA C 83 -20.50 -6.18 -33.01
C ALA C 83 -20.83 -6.13 -31.51
N VAL C 84 -19.81 -5.90 -30.70
CA VAL C 84 -19.98 -5.85 -29.25
C VAL C 84 -20.84 -4.72 -28.68
N VAL C 85 -20.81 -3.54 -29.30
CA VAL C 85 -21.60 -2.42 -28.80
C VAL C 85 -22.70 -1.98 -29.75
N ASP C 86 -23.00 -2.82 -30.73
CA ASP C 86 -24.05 -2.51 -31.69
C ASP C 86 -25.39 -2.75 -31.00
N PRO C 87 -25.56 -3.92 -30.37
CA PRO C 87 -26.82 -4.21 -29.67
C PRO C 87 -27.29 -3.04 -28.81
N ILE C 88 -26.34 -2.24 -28.33
CA ILE C 88 -26.65 -1.09 -27.50
C ILE C 88 -27.11 0.10 -28.33
N PHE C 89 -26.20 0.66 -29.11
CA PHE C 89 -26.52 1.81 -29.95
C PHE C 89 -27.55 1.50 -31.02
N GLN C 90 -27.82 0.22 -31.24
CA GLN C 90 -28.80 -0.21 -32.25
C GLN C 90 -28.35 0.22 -33.63
N GLY C 91 -28.22 1.54 -33.80
CA GLY C 91 -27.79 2.12 -35.06
C GLY C 91 -27.97 3.61 -34.96
N TYR C 92 -28.09 4.10 -33.73
CA TYR C 92 -28.29 5.52 -33.45
C TYR C 92 -27.08 6.14 -32.75
N GLY C 93 -27.16 7.45 -32.51
CA GLY C 93 -26.08 8.13 -31.84
C GLY C 93 -25.20 8.91 -32.79
N VAL C 94 -24.57 9.96 -32.28
CA VAL C 94 -23.70 10.81 -33.07
C VAL C 94 -22.48 10.08 -33.64
N ILE C 95 -22.26 8.83 -33.19
CA ILE C 95 -21.12 8.06 -33.68
C ILE C 95 -21.50 6.93 -34.64
N PHE C 96 -22.36 6.03 -34.18
CA PHE C 96 -22.78 4.90 -34.99
C PHE C 96 -23.93 5.18 -35.92
N ALA C 97 -24.34 6.45 -36.01
CA ALA C 97 -25.42 6.83 -36.89
C ALA C 97 -24.95 6.59 -38.33
N ASN C 98 -25.43 7.39 -39.27
CA ASN C 98 -25.02 7.20 -40.66
C ASN C 98 -25.75 8.11 -41.65
N GLY C 99 -24.97 8.71 -42.55
CA GLY C 99 -25.52 9.58 -43.57
C GLY C 99 -26.40 10.72 -43.11
N GLU C 100 -27.70 10.54 -43.26
CA GLU C 100 -28.66 11.57 -42.87
C GLU C 100 -28.58 11.86 -41.38
N ARG C 101 -29.10 10.95 -40.57
CA ARG C 101 -29.09 11.09 -39.12
C ARG C 101 -27.71 11.54 -38.64
N TRP C 102 -26.68 11.14 -39.38
CA TRP C 102 -25.30 11.51 -39.06
C TRP C 102 -25.10 13.02 -39.15
N ARG C 103 -25.24 13.55 -40.36
CA ARG C 103 -25.06 14.98 -40.58
C ARG C 103 -25.76 15.87 -39.54
N ALA C 104 -27.04 15.63 -39.31
CA ALA C 104 -27.81 16.43 -38.35
C ALA C 104 -27.29 16.25 -36.92
N LEU C 105 -27.13 15.00 -36.50
CA LEU C 105 -26.64 14.72 -35.16
C LEU C 105 -25.20 15.20 -35.00
N ARG C 106 -24.42 15.14 -36.07
CA ARG C 106 -23.03 15.59 -36.01
C ARG C 106 -23.02 17.10 -36.06
N ARG C 107 -23.96 17.67 -36.80
CA ARG C 107 -24.07 19.12 -36.93
C ARG C 107 -24.54 19.76 -35.65
N PHE C 108 -25.71 19.34 -35.17
CA PHE C 108 -26.29 19.89 -33.95
C PHE C 108 -25.28 19.90 -32.82
N SER C 109 -24.75 18.71 -32.50
CA SER C 109 -23.77 18.59 -31.44
C SER C 109 -22.62 19.56 -31.69
N LEU C 110 -21.86 19.33 -32.76
CA LEU C 110 -20.74 20.20 -33.11
C LEU C 110 -21.12 21.66 -32.99
N ALA C 111 -22.39 21.96 -33.24
CA ALA C 111 -22.89 23.33 -33.17
C ALA C 111 -23.27 23.70 -31.74
N THR C 112 -23.99 22.81 -31.06
CA THR C 112 -24.41 23.07 -29.68
C THR C 112 -23.19 23.25 -28.78
N MET C 113 -22.25 22.32 -28.88
CA MET C 113 -21.04 22.38 -28.07
C MET C 113 -20.07 23.41 -28.65
N ARG C 114 -20.36 23.85 -29.87
CA ARG C 114 -19.52 24.85 -30.53
C ARG C 114 -19.69 26.09 -29.65
N ASP C 115 -20.79 26.79 -29.86
CA ASP C 115 -21.10 27.98 -29.06
C ASP C 115 -21.34 27.44 -27.66
N PHE C 116 -21.01 28.21 -26.64
CA PHE C 116 -21.19 27.73 -25.28
C PHE C 116 -20.36 26.46 -25.17
N GLY C 117 -19.05 26.63 -25.03
CA GLY C 117 -18.16 25.48 -24.94
C GLY C 117 -16.96 25.65 -25.84
N MET C 118 -16.83 24.77 -26.84
CA MET C 118 -15.70 24.82 -27.78
C MET C 118 -15.45 26.23 -28.29
N GLY C 119 -14.28 26.41 -28.91
CA GLY C 119 -13.91 27.72 -29.43
C GLY C 119 -12.86 28.36 -28.56
N LYS C 120 -12.43 27.64 -27.55
CA LYS C 120 -11.40 28.10 -26.61
C LYS C 120 -11.96 29.15 -25.63
N ARG C 121 -11.19 29.43 -24.58
CA ARG C 121 -11.58 30.39 -23.54
C ARG C 121 -12.80 29.93 -22.75
N SER C 122 -13.98 29.98 -23.37
CA SER C 122 -15.20 29.56 -22.69
C SER C 122 -15.04 28.12 -22.22
N VAL C 123 -14.36 27.33 -23.02
CA VAL C 123 -14.11 25.92 -22.73
C VAL C 123 -12.70 25.75 -22.17
N GLU C 124 -11.83 26.69 -22.50
CA GLU C 124 -10.45 26.66 -22.01
C GLU C 124 -10.41 27.06 -20.54
N GLU C 125 -11.29 27.97 -20.14
CA GLU C 125 -11.35 28.37 -18.74
C GLU C 125 -11.90 27.14 -18.03
N ARG C 126 -12.86 26.50 -18.68
CA ARG C 126 -13.46 25.28 -18.15
C ARG C 126 -12.31 24.33 -17.86
N ILE C 127 -11.54 24.02 -18.91
CA ILE C 127 -10.40 23.12 -18.79
C ILE C 127 -9.36 23.63 -17.79
N GLN C 128 -9.00 24.91 -17.89
CA GLN C 128 -8.03 25.49 -16.96
C GLN C 128 -8.55 25.34 -15.54
N GLU C 129 -9.84 25.62 -15.36
CA GLU C 129 -10.48 25.50 -14.06
C GLU C 129 -10.38 24.06 -13.60
N GLU C 130 -10.90 23.16 -14.43
CA GLU C 130 -10.86 21.74 -14.10
C GLU C 130 -9.44 21.34 -13.76
N ALA C 131 -8.51 21.74 -14.61
CA ALA C 131 -7.10 21.43 -14.41
C ALA C 131 -6.57 22.05 -13.12
N ARG C 132 -7.31 23.01 -12.58
CA ARG C 132 -6.90 23.68 -11.35
C ARG C 132 -7.35 22.84 -10.14
N CYS C 133 -8.53 22.24 -10.24
CA CYS C 133 -9.04 21.41 -9.16
C CYS C 133 -8.14 20.17 -9.06
N LEU C 134 -7.66 19.72 -10.21
CA LEU C 134 -6.78 18.56 -10.27
C LEU C 134 -5.53 18.81 -9.43
N VAL C 135 -4.83 19.89 -9.75
CA VAL C 135 -3.61 20.27 -9.05
C VAL C 135 -3.82 20.27 -7.53
N GLU C 136 -4.94 20.83 -7.09
CA GLU C 136 -5.24 20.89 -5.67
C GLU C 136 -5.41 19.48 -5.12
N GLU C 137 -6.16 18.67 -5.85
CA GLU C 137 -6.40 17.28 -5.46
C GLU C 137 -5.07 16.55 -5.27
N LEU C 138 -4.27 16.51 -6.35
CA LEU C 138 -2.97 15.85 -6.30
C LEU C 138 -2.14 16.31 -5.11
N ARG C 139 -2.52 17.43 -4.50
CA ARG C 139 -1.81 17.95 -3.34
C ARG C 139 -2.11 17.11 -2.10
N LYS C 140 -3.39 16.83 -1.90
CA LYS C 140 -3.84 16.05 -0.75
C LYS C 140 -3.17 14.68 -0.71
N SER C 141 -2.74 14.18 -1.87
CA SER C 141 -2.11 12.89 -1.94
C SER C 141 -0.73 12.87 -1.29
N LYS C 142 -0.17 14.05 -1.07
CA LYS C 142 1.15 14.17 -0.45
C LYS C 142 2.18 13.23 -1.07
N GLY C 143 2.08 13.01 -2.37
CA GLY C 143 3.03 12.14 -3.05
C GLY C 143 2.95 10.72 -2.52
N ALA C 144 1.99 9.96 -3.03
CA ALA C 144 1.79 8.58 -2.62
C ALA C 144 1.43 7.76 -3.86
N LEU C 145 1.89 6.51 -3.89
CA LEU C 145 1.62 5.64 -5.04
C LEU C 145 0.15 5.35 -5.30
N LEU C 146 -0.36 5.90 -6.39
CA LEU C 146 -1.76 5.71 -6.75
C LEU C 146 -1.96 5.41 -8.23
N ASP C 147 -3.12 4.84 -8.53
CA ASP C 147 -3.47 4.50 -9.90
C ASP C 147 -4.24 5.69 -10.47
N ASN C 148 -3.50 6.61 -11.09
CA ASN C 148 -4.09 7.80 -11.68
C ASN C 148 -5.22 7.41 -12.64
N THR C 149 -5.26 6.12 -12.97
CA THR C 149 -6.27 5.59 -13.88
C THR C 149 -7.64 6.22 -13.75
N LEU C 150 -8.17 6.27 -12.53
CA LEU C 150 -9.51 6.82 -12.30
C LEU C 150 -9.64 8.33 -12.07
N LEU C 151 -8.60 8.95 -11.51
CA LEU C 151 -8.64 10.39 -11.27
C LEU C 151 -8.60 11.11 -12.61
N PHE C 152 -7.93 10.49 -13.58
CA PHE C 152 -7.79 11.05 -14.92
C PHE C 152 -9.09 11.03 -15.73
N HIS C 153 -9.95 10.04 -15.49
CA HIS C 153 -11.21 9.99 -16.21
C HIS C 153 -12.20 10.90 -15.52
N SER C 154 -11.70 11.64 -14.54
CA SER C 154 -12.53 12.56 -13.78
C SER C 154 -12.43 13.95 -14.40
N ILE C 155 -11.22 14.34 -14.81
CA ILE C 155 -10.99 15.65 -15.40
C ILE C 155 -11.44 15.75 -16.86
N THR C 156 -11.18 14.72 -17.65
CA THR C 156 -11.59 14.76 -19.05
C THR C 156 -13.10 14.62 -19.13
N SER C 157 -13.68 14.00 -18.11
CA SER C 157 -15.12 13.81 -18.05
C SER C 157 -15.77 15.12 -17.61
N ASN C 158 -15.39 15.60 -16.43
CA ASN C 158 -15.94 16.85 -15.90
C ASN C 158 -15.89 18.01 -16.88
N ILE C 159 -15.23 17.81 -18.02
CA ILE C 159 -15.13 18.84 -19.05
C ILE C 159 -16.26 18.62 -20.04
N ILE C 160 -16.25 17.45 -20.67
CA ILE C 160 -17.27 17.08 -21.63
C ILE C 160 -18.56 16.86 -20.84
N CYS C 161 -18.40 16.66 -19.53
CA CYS C 161 -19.53 16.44 -18.62
C CYS C 161 -20.19 17.78 -18.28
N SER C 162 -19.39 18.84 -18.28
CA SER C 162 -19.88 20.17 -17.99
C SER C 162 -20.66 20.74 -19.18
N ILE C 163 -20.31 20.28 -20.37
CA ILE C 163 -20.95 20.73 -21.60
C ILE C 163 -22.26 19.99 -21.94
N VAL C 164 -22.45 18.80 -21.36
CA VAL C 164 -23.66 18.05 -21.65
C VAL C 164 -24.62 17.92 -20.46
N PHE C 165 -24.08 17.98 -19.25
CA PHE C 165 -24.92 17.87 -18.06
C PHE C 165 -24.77 19.11 -17.18
N GLY C 166 -24.11 20.13 -17.74
CA GLY C 166 -23.91 21.38 -17.05
C GLY C 166 -23.10 21.36 -15.76
N LYS C 167 -23.17 20.26 -15.02
CA LYS C 167 -22.45 20.16 -13.76
C LYS C 167 -21.14 19.37 -13.85
N ARG C 168 -20.35 19.40 -12.78
CA ARG C 168 -19.10 18.66 -12.73
C ARG C 168 -19.07 17.90 -11.42
N PHE C 169 -19.20 16.59 -11.50
CA PHE C 169 -19.23 15.76 -10.30
C PHE C 169 -17.87 15.71 -9.61
N ASP C 170 -17.90 15.81 -8.28
CA ASP C 170 -16.69 15.79 -7.47
C ASP C 170 -16.01 14.42 -7.49
N TYR C 171 -14.68 14.43 -7.58
CA TYR C 171 -13.90 13.21 -7.63
C TYR C 171 -14.29 12.25 -6.51
N LYS C 172 -14.80 12.80 -5.41
CA LYS C 172 -15.20 12.00 -4.27
C LYS C 172 -16.71 11.72 -4.27
N ASP C 173 -17.32 11.81 -5.45
CA ASP C 173 -18.76 11.56 -5.58
C ASP C 173 -19.04 10.08 -5.76
N PRO C 174 -20.11 9.58 -5.11
CA PRO C 174 -20.49 8.17 -5.20
C PRO C 174 -20.90 7.84 -6.64
N VAL C 175 -22.04 8.41 -7.02
CA VAL C 175 -22.60 8.22 -8.35
C VAL C 175 -21.53 8.36 -9.42
N PHE C 176 -20.97 9.55 -9.55
CA PHE C 176 -19.93 9.85 -10.53
C PHE C 176 -18.89 8.73 -10.66
N LEU C 177 -18.15 8.50 -9.59
CA LEU C 177 -17.12 7.46 -9.58
C LEU C 177 -17.59 6.12 -10.11
N ARG C 178 -18.89 5.87 -10.04
CA ARG C 178 -19.45 4.62 -10.55
C ARG C 178 -19.37 4.66 -12.06
N LEU C 179 -19.99 5.68 -12.65
CA LEU C 179 -19.97 5.82 -14.10
C LEU C 179 -18.55 5.58 -14.60
N LEU C 180 -17.61 6.39 -14.11
CA LEU C 180 -16.21 6.28 -14.53
C LEU C 180 -15.74 4.84 -14.65
N ASP C 181 -15.58 4.15 -13.53
CA ASP C 181 -15.10 2.77 -13.56
C ASP C 181 -15.75 1.97 -14.69
N LEU C 182 -17.00 2.28 -15.00
CA LEU C 182 -17.71 1.61 -16.07
C LEU C 182 -17.06 1.92 -17.41
N PHE C 183 -16.84 3.20 -17.68
CA PHE C 183 -16.21 3.61 -18.92
C PHE C 183 -14.90 2.87 -19.06
N PHE C 184 -14.10 2.88 -17.99
CA PHE C 184 -12.82 2.22 -18.00
C PHE C 184 -12.89 0.73 -18.31
N GLN C 185 -13.60 -0.01 -17.48
CA GLN C 185 -13.71 -1.45 -17.68
C GLN C 185 -14.56 -1.86 -18.89
N SER C 186 -15.43 -0.98 -19.36
CA SER C 186 -16.25 -1.30 -20.52
C SER C 186 -15.39 -1.11 -21.77
N PHE C 187 -14.51 -0.11 -21.71
CA PHE C 187 -13.60 0.19 -22.81
C PHE C 187 -12.61 -0.96 -22.90
N SER C 188 -12.15 -1.42 -21.74
CA SER C 188 -11.19 -2.50 -21.68
C SER C 188 -11.83 -3.80 -22.15
N LEU C 189 -13.12 -3.96 -21.90
CA LEU C 189 -13.83 -5.17 -22.32
C LEU C 189 -14.08 -5.20 -23.81
N ILE C 190 -14.40 -4.05 -24.38
CA ILE C 190 -14.65 -3.96 -25.82
C ILE C 190 -13.36 -4.26 -26.56
N SER C 191 -12.24 -3.94 -25.92
CA SER C 191 -10.92 -4.16 -26.52
C SER C 191 -10.35 -5.52 -26.14
N SER C 192 -11.18 -6.37 -25.52
CA SER C 192 -10.73 -7.69 -25.10
C SER C 192 -10.86 -8.71 -26.21
N PHE C 193 -10.10 -9.80 -26.09
CA PHE C 193 -10.11 -10.88 -27.07
C PHE C 193 -11.49 -11.45 -27.40
N SER C 194 -12.34 -11.63 -26.39
CA SER C 194 -13.69 -12.16 -26.62
C SER C 194 -14.50 -11.18 -27.45
N SER C 195 -14.17 -9.89 -27.34
CA SER C 195 -14.87 -8.85 -28.10
C SER C 195 -14.47 -8.93 -29.56
N GLN C 196 -13.17 -9.10 -29.80
CA GLN C 196 -12.67 -9.22 -31.15
C GLN C 196 -13.21 -10.49 -31.78
N VAL C 197 -13.24 -11.58 -31.02
CA VAL C 197 -13.74 -12.84 -31.56
C VAL C 197 -15.25 -12.74 -31.68
N PHE C 198 -15.84 -11.78 -30.99
CA PHE C 198 -17.28 -11.59 -31.06
C PHE C 198 -17.58 -10.79 -32.32
N GLU C 199 -16.52 -10.27 -32.93
CA GLU C 199 -16.64 -9.49 -34.14
C GLU C 199 -16.73 -10.42 -35.35
N LEU C 200 -16.47 -11.70 -35.12
CA LEU C 200 -16.51 -12.69 -36.18
C LEU C 200 -17.59 -13.75 -36.04
N PHE C 201 -18.32 -13.75 -34.94
CA PHE C 201 -19.36 -14.75 -34.73
C PHE C 201 -20.53 -14.26 -33.89
N SER C 202 -20.66 -12.94 -33.77
CA SER C 202 -21.74 -12.36 -32.98
C SER C 202 -23.06 -13.08 -33.16
N GLY C 203 -23.55 -13.13 -34.40
CA GLY C 203 -24.80 -13.81 -34.67
C GLY C 203 -24.89 -15.20 -34.07
N PHE C 204 -23.73 -15.80 -33.82
CA PHE C 204 -23.65 -17.15 -33.27
C PHE C 204 -23.47 -17.12 -31.74
N LEU C 205 -22.42 -16.44 -31.29
CA LEU C 205 -22.12 -16.37 -29.88
C LEU C 205 -23.05 -15.52 -29.01
N LYS C 206 -23.88 -14.69 -29.62
CA LYS C 206 -24.76 -13.85 -28.81
C LYS C 206 -25.84 -14.65 -28.10
N TYR C 207 -25.99 -15.92 -28.49
CA TYR C 207 -26.99 -16.79 -27.88
C TYR C 207 -26.33 -17.58 -26.76
N PHE C 208 -25.16 -17.10 -26.34
CA PHE C 208 -24.41 -17.77 -25.29
C PHE C 208 -23.79 -16.77 -24.34
N PRO C 209 -23.49 -17.21 -23.11
CA PRO C 209 -22.88 -16.33 -22.11
C PRO C 209 -21.51 -15.84 -22.57
N GLY C 210 -21.26 -14.56 -22.39
CA GLY C 210 -19.99 -13.99 -22.80
C GLY C 210 -19.84 -12.59 -22.24
N THR C 211 -18.68 -11.97 -22.48
CA THR C 211 -18.45 -10.63 -21.98
C THR C 211 -19.36 -9.66 -22.67
N HIS C 212 -19.63 -9.91 -23.96
CA HIS C 212 -20.49 -9.04 -24.74
C HIS C 212 -21.78 -8.67 -24.02
N ARG C 213 -22.22 -9.52 -23.09
CA ARG C 213 -23.44 -9.24 -22.34
C ARG C 213 -23.12 -8.25 -21.22
N GLN C 214 -21.93 -8.40 -20.66
CA GLN C 214 -21.49 -7.52 -19.58
C GLN C 214 -21.33 -6.10 -20.12
N ILE C 215 -20.61 -5.97 -21.24
CA ILE C 215 -20.38 -4.67 -21.85
C ILE C 215 -21.72 -3.97 -22.10
N TYR C 216 -22.74 -4.78 -22.36
CA TYR C 216 -24.07 -4.27 -22.61
C TYR C 216 -24.65 -3.61 -21.36
N ARG C 217 -24.74 -4.38 -20.27
CA ARG C 217 -25.27 -3.86 -19.01
C ARG C 217 -24.60 -2.58 -18.55
N ASN C 218 -23.27 -2.58 -18.57
CA ASN C 218 -22.51 -1.42 -18.13
C ASN C 218 -23.01 -0.15 -18.80
N LEU C 219 -23.38 -0.26 -20.07
CA LEU C 219 -23.89 0.90 -20.80
C LEU C 219 -25.33 1.19 -20.37
N GLN C 220 -26.06 0.16 -19.99
CA GLN C 220 -27.43 0.33 -19.55
C GLN C 220 -27.47 1.23 -18.31
N GLU C 221 -26.41 1.15 -17.50
CA GLU C 221 -26.32 1.97 -16.29
C GLU C 221 -26.17 3.43 -16.69
N ILE C 222 -25.35 3.66 -17.71
CA ILE C 222 -25.10 4.99 -18.20
C ILE C 222 -26.36 5.55 -18.86
N ASN C 223 -27.06 4.71 -19.62
CA ASN C 223 -28.28 5.14 -20.28
C ASN C 223 -29.35 5.55 -19.27
N THR C 224 -29.36 4.86 -18.12
CA THR C 224 -30.33 5.17 -17.07
C THR C 224 -29.99 6.51 -16.43
N PHE C 225 -28.73 6.68 -16.02
CA PHE C 225 -28.28 7.92 -15.41
C PHE C 225 -28.63 9.10 -16.31
N ILE C 226 -28.25 8.98 -17.58
CA ILE C 226 -28.51 10.02 -18.56
C ILE C 226 -30.01 10.24 -18.71
N GLY C 227 -30.74 9.16 -18.93
CA GLY C 227 -32.19 9.26 -19.08
C GLY C 227 -32.87 10.05 -17.98
N GLN C 228 -32.64 9.65 -16.73
CA GLN C 228 -33.26 10.34 -15.60
C GLN C 228 -32.70 11.75 -15.45
N SER C 229 -31.46 11.95 -15.90
CA SER C 229 -30.83 13.26 -15.81
C SER C 229 -31.35 14.15 -16.94
N VAL C 230 -32.11 13.56 -17.85
CA VAL C 230 -32.68 14.31 -18.96
C VAL C 230 -34.02 14.89 -18.51
N GLU C 231 -34.77 14.08 -17.75
CA GLU C 231 -36.05 14.54 -17.24
C GLU C 231 -35.82 15.66 -16.22
N LYS C 232 -34.83 15.48 -15.35
CA LYS C 232 -34.49 16.49 -14.36
C LYS C 232 -34.06 17.77 -15.06
N HIS C 233 -33.94 17.71 -16.38
CA HIS C 233 -33.58 18.86 -17.18
C HIS C 233 -34.83 19.29 -17.93
N ARG C 234 -35.69 18.31 -18.20
CA ARG C 234 -36.95 18.56 -18.89
C ARG C 234 -37.92 19.11 -17.85
N ALA C 235 -37.44 19.20 -16.61
CA ALA C 235 -38.25 19.69 -15.49
C ALA C 235 -37.90 21.12 -15.09
N THR C 236 -36.71 21.57 -15.43
CA THR C 236 -36.30 22.93 -15.09
C THR C 236 -35.83 23.70 -16.31
N LEU C 237 -36.41 23.37 -17.47
CA LEU C 237 -36.07 24.02 -18.74
C LEU C 237 -36.21 25.54 -18.65
N ASP C 238 -35.82 26.22 -19.72
CA ASP C 238 -35.89 27.68 -19.77
C ASP C 238 -35.58 28.17 -21.18
N PRO C 239 -36.58 28.13 -22.08
CA PRO C 239 -36.45 28.57 -23.48
C PRO C 239 -35.82 29.97 -23.66
N SER C 240 -35.79 30.76 -22.59
CA SER C 240 -35.22 32.11 -22.63
C SER C 240 -33.76 32.12 -22.23
N ASN C 241 -33.25 30.98 -21.80
CA ASN C 241 -31.86 30.86 -21.38
C ASN C 241 -31.50 29.38 -21.21
N PRO C 242 -31.35 28.65 -22.33
CA PRO C 242 -31.01 27.22 -22.25
C PRO C 242 -29.64 27.03 -21.62
N ARG C 243 -29.49 25.96 -20.85
CA ARG C 243 -28.23 25.66 -20.17
C ARG C 243 -27.31 24.81 -21.02
N ASP C 244 -27.19 23.53 -20.67
CA ASP C 244 -26.31 22.60 -21.37
C ASP C 244 -26.86 21.96 -22.65
N PHE C 245 -26.05 21.08 -23.24
CA PHE C 245 -26.41 20.35 -24.46
C PHE C 245 -27.79 19.72 -24.35
N ILE C 246 -28.24 19.47 -23.12
CA ILE C 246 -29.55 18.87 -22.90
C ILE C 246 -30.67 19.80 -23.30
N ASP C 247 -30.86 20.89 -22.55
CA ASP C 247 -31.90 21.86 -22.87
C ASP C 247 -31.88 22.12 -24.37
N VAL C 248 -30.77 22.67 -24.84
CA VAL C 248 -30.59 22.98 -26.26
C VAL C 248 -31.13 21.86 -27.15
N TYR C 249 -31.00 20.63 -26.69
CA TYR C 249 -31.49 19.50 -27.47
C TYR C 249 -33.00 19.39 -27.30
N LEU C 250 -33.47 19.44 -26.06
CA LEU C 250 -34.90 19.37 -25.77
C LEU C 250 -35.67 20.41 -26.56
N LEU C 251 -35.15 21.64 -26.58
CA LEU C 251 -35.77 22.75 -27.28
C LEU C 251 -35.91 22.50 -28.78
N ARG C 252 -34.80 22.34 -29.49
CA ARG C 252 -34.86 22.10 -30.93
C ARG C 252 -35.57 20.78 -31.19
N MET C 253 -35.92 20.09 -30.10
CA MET C 253 -36.63 18.83 -30.19
C MET C 253 -38.11 19.16 -30.02
N GLU C 254 -38.38 20.23 -29.26
CA GLU C 254 -39.73 20.70 -29.02
C GLU C 254 -40.15 21.60 -30.17
N LYS C 255 -39.15 22.08 -30.90
CA LYS C 255 -39.36 22.93 -32.06
C LYS C 255 -39.70 21.97 -33.20
N ASP C 256 -38.87 20.95 -33.35
CA ASP C 256 -39.04 19.93 -34.37
C ASP C 256 -39.43 18.62 -33.68
N LYS C 257 -40.70 18.50 -33.33
CA LYS C 257 -41.21 17.30 -32.66
C LYS C 257 -42.46 16.69 -33.29
N SER C 258 -42.89 17.25 -34.41
CA SER C 258 -44.08 16.73 -35.07
C SER C 258 -43.74 15.96 -36.34
N ASP C 259 -42.86 16.54 -37.16
CA ASP C 259 -42.46 15.90 -38.41
C ASP C 259 -41.98 14.48 -38.13
N PRO C 260 -42.41 13.50 -38.94
CA PRO C 260 -42.00 12.11 -38.76
C PRO C 260 -40.55 11.85 -39.15
N SER C 261 -40.10 12.43 -40.26
CA SER C 261 -38.74 12.24 -40.73
C SER C 261 -37.71 13.04 -39.92
N SER C 262 -38.07 13.42 -38.70
CA SER C 262 -37.16 14.18 -37.84
C SER C 262 -36.33 13.18 -37.03
N GLU C 263 -35.11 13.57 -36.67
CA GLU C 263 -34.21 12.68 -35.93
C GLU C 263 -34.11 12.99 -34.43
N PHE C 264 -34.49 14.21 -34.05
CA PHE C 264 -34.43 14.60 -32.64
C PHE C 264 -35.49 13.92 -31.77
N HIS C 265 -35.50 12.59 -31.78
CA HIS C 265 -36.47 11.83 -30.99
C HIS C 265 -35.81 10.79 -30.09
N HIS C 266 -35.78 11.11 -28.79
CA HIS C 266 -35.21 10.30 -27.71
C HIS C 266 -34.11 9.30 -28.09
N GLN C 267 -34.45 8.31 -28.90
CA GLN C 267 -33.48 7.30 -29.35
C GLN C 267 -32.10 7.91 -29.56
N ASN C 268 -32.09 9.06 -30.23
CA ASN C 268 -30.85 9.76 -30.52
C ASN C 268 -30.33 10.57 -29.34
N LEU C 269 -31.24 10.99 -28.45
CA LEU C 269 -30.84 11.79 -27.29
C LEU C 269 -29.97 11.02 -26.28
N ILE C 270 -30.53 9.96 -25.70
CA ILE C 270 -29.78 9.16 -24.74
C ILE C 270 -28.44 8.72 -25.31
N LEU C 271 -28.50 8.00 -26.43
CA LEU C 271 -27.30 7.49 -27.07
C LEU C 271 -26.23 8.51 -27.44
N THR C 272 -26.59 9.57 -28.16
CA THR C 272 -25.62 10.58 -28.55
C THR C 272 -24.82 11.05 -27.32
N VAL C 273 -25.49 11.13 -26.18
CA VAL C 273 -24.83 11.54 -24.94
C VAL C 273 -23.89 10.43 -24.49
N LEU C 274 -24.35 9.19 -24.60
CA LEU C 274 -23.54 8.04 -24.22
C LEU C 274 -22.28 8.04 -25.08
N SER C 275 -22.40 8.57 -26.28
CA SER C 275 -21.27 8.65 -27.19
C SER C 275 -20.35 9.78 -26.77
N LEU C 276 -20.93 10.94 -26.47
CA LEU C 276 -20.15 12.10 -26.07
C LEU C 276 -19.53 11.91 -24.69
N PHE C 277 -20.27 11.26 -23.80
CA PHE C 277 -19.79 11.02 -22.45
C PHE C 277 -18.62 10.06 -22.53
N PHE C 278 -18.86 8.93 -23.19
CA PHE C 278 -17.86 7.88 -23.35
C PHE C 278 -16.64 8.46 -24.05
N ALA C 279 -16.68 8.49 -25.38
CA ALA C 279 -15.59 9.01 -26.18
C ALA C 279 -14.96 10.28 -25.60
N GLY C 280 -15.76 11.07 -24.90
CA GLY C 280 -15.26 12.31 -24.31
C GLY C 280 -14.48 12.13 -23.03
N THR C 281 -14.83 11.11 -22.25
CA THR C 281 -14.16 10.84 -20.99
C THR C 281 -13.04 9.82 -21.14
N GLU C 282 -13.36 8.68 -21.73
CA GLU C 282 -12.41 7.60 -21.93
C GLU C 282 -11.11 7.91 -22.67
N THR C 283 -11.15 7.80 -24.00
CA THR C 283 -10.00 8.02 -24.88
C THR C 283 -9.16 9.29 -24.70
N THR C 284 -9.69 10.30 -24.04
CA THR C 284 -8.93 11.53 -23.83
C THR C 284 -7.95 11.31 -22.68
N SER C 285 -8.51 10.88 -21.54
CA SER C 285 -7.75 10.63 -20.33
C SER C 285 -6.76 9.49 -20.45
N THR C 286 -7.23 8.34 -20.94
CA THR C 286 -6.37 7.17 -21.08
C THR C 286 -5.12 7.47 -21.91
N THR C 287 -5.11 8.64 -22.56
CA THR C 287 -3.94 9.04 -23.34
C THR C 287 -2.95 9.63 -22.34
N LEU C 288 -3.50 10.35 -21.36
CA LEU C 288 -2.70 10.94 -20.30
C LEU C 288 -2.12 9.81 -19.46
N ARG C 289 -2.94 8.79 -19.24
CA ARG C 289 -2.51 7.62 -18.48
C ARG C 289 -1.26 7.11 -19.17
N TYR C 290 -1.41 6.70 -20.43
CA TYR C 290 -0.30 6.19 -21.22
C TYR C 290 0.81 7.22 -21.26
N GLY C 291 0.43 8.49 -21.39
CA GLY C 291 1.40 9.56 -21.45
C GLY C 291 2.37 9.59 -20.29
N PHE C 292 1.84 9.61 -19.07
CA PHE C 292 2.71 9.64 -17.89
C PHE C 292 3.49 8.36 -17.66
N LEU C 293 3.02 7.25 -18.22
CA LEU C 293 3.72 5.98 -18.08
C LEU C 293 5.07 6.21 -18.72
N LEU C 294 5.04 6.91 -19.86
CA LEU C 294 6.25 7.23 -20.60
C LEU C 294 7.10 8.21 -19.82
N MET C 295 6.46 9.23 -19.24
CA MET C 295 7.19 10.23 -18.48
C MET C 295 8.08 9.58 -17.42
N LEU C 296 7.66 8.42 -16.93
CA LEU C 296 8.42 7.69 -15.93
C LEU C 296 9.50 6.85 -16.58
N LYS C 297 9.26 6.41 -17.81
CA LYS C 297 10.24 5.60 -18.52
C LYS C 297 11.35 6.44 -19.12
N TYR C 298 11.06 7.68 -19.47
CA TYR C 298 12.04 8.59 -20.04
C TYR C 298 12.02 9.90 -19.25
N PRO C 299 12.77 9.94 -18.13
CA PRO C 299 12.87 11.09 -17.23
C PRO C 299 13.54 12.29 -17.83
N HIS C 300 14.55 12.06 -18.67
CA HIS C 300 15.27 13.15 -19.32
C HIS C 300 14.35 13.89 -20.29
N VAL C 301 13.29 13.22 -20.74
CA VAL C 301 12.32 13.81 -21.65
C VAL C 301 11.28 14.61 -20.87
N THR C 302 11.27 14.42 -19.56
CA THR C 302 10.33 15.13 -18.70
C THR C 302 11.00 16.40 -18.17
N GLU C 303 12.29 16.32 -17.89
CA GLU C 303 13.02 17.49 -17.40
C GLU C 303 13.06 18.52 -18.53
N ARG C 304 13.22 18.04 -19.75
CA ARG C 304 13.27 18.90 -20.93
C ARG C 304 11.95 19.67 -21.00
N VAL C 305 10.85 19.01 -20.64
CA VAL C 305 9.53 19.64 -20.66
C VAL C 305 9.30 20.54 -19.44
N GLN C 306 9.71 20.07 -18.26
CA GLN C 306 9.54 20.87 -17.05
C GLN C 306 10.39 22.13 -17.19
N LYS C 307 11.46 22.04 -17.98
CA LYS C 307 12.34 23.17 -18.21
C LYS C 307 11.65 24.12 -19.18
N GLU C 308 11.18 23.59 -20.30
CA GLU C 308 10.49 24.41 -21.29
C GLU C 308 9.28 25.08 -20.62
N ILE C 309 8.57 24.33 -19.78
CA ILE C 309 7.41 24.90 -19.10
C ILE C 309 7.86 26.12 -18.30
N GLU C 310 9.11 26.11 -17.86
CA GLU C 310 9.66 27.22 -17.08
C GLU C 310 9.85 28.43 -17.97
N GLN C 311 10.84 28.36 -18.86
CA GLN C 311 11.14 29.45 -19.78
C GLN C 311 9.88 30.14 -20.29
N VAL C 312 9.03 29.38 -20.98
CA VAL C 312 7.79 29.89 -21.57
C VAL C 312 6.66 30.29 -20.63
N ILE C 313 6.33 29.42 -19.68
CA ILE C 313 5.23 29.70 -18.77
C ILE C 313 5.66 30.00 -17.34
N GLY C 314 6.94 30.29 -17.14
CA GLY C 314 7.43 30.58 -15.81
C GLY C 314 6.95 29.55 -14.80
N SER C 315 6.71 29.97 -13.57
CA SER C 315 6.23 29.07 -12.54
C SER C 315 5.20 29.75 -11.66
N HIS C 316 4.75 30.92 -12.10
CA HIS C 316 3.77 31.70 -11.35
C HIS C 316 2.47 31.93 -12.13
N ARG C 317 2.24 31.12 -13.16
CA ARG C 317 1.03 31.28 -13.97
C ARG C 317 0.51 29.95 -14.53
N PRO C 318 -0.82 29.75 -14.51
CA PRO C 318 -1.41 28.52 -15.02
C PRO C 318 -1.31 28.43 -16.55
N PRO C 319 -1.01 27.22 -17.08
CA PRO C 319 -0.86 26.98 -18.52
C PRO C 319 -1.96 27.56 -19.40
N ALA C 320 -1.56 28.29 -20.43
CA ALA C 320 -2.48 28.90 -21.38
C ALA C 320 -2.27 28.24 -22.73
N LEU C 321 -3.37 27.89 -23.40
CA LEU C 321 -3.30 27.23 -24.69
C LEU C 321 -2.43 27.93 -25.73
N ASP C 322 -2.27 29.24 -25.59
CA ASP C 322 -1.44 29.97 -26.54
C ASP C 322 0.03 29.62 -26.35
N ASP C 323 0.38 29.20 -25.14
CA ASP C 323 1.75 28.83 -24.83
C ASP C 323 2.15 27.55 -25.56
N ARG C 324 1.21 26.96 -26.28
CA ARG C 324 1.46 25.74 -27.02
C ARG C 324 2.34 26.01 -28.24
N ALA C 325 2.09 27.12 -28.90
CA ALA C 325 2.87 27.50 -30.07
C ALA C 325 4.26 27.98 -29.67
N LYS C 326 4.44 28.27 -28.39
CA LYS C 326 5.74 28.74 -27.88
C LYS C 326 6.60 27.56 -27.44
N MET C 327 5.97 26.41 -27.26
CA MET C 327 6.67 25.22 -26.83
C MET C 327 6.62 24.16 -27.94
N PRO C 328 7.69 24.09 -28.75
CA PRO C 328 7.75 23.11 -29.84
C PRO C 328 8.14 21.71 -29.37
N TYR C 329 8.65 21.63 -28.14
CA TYR C 329 9.06 20.34 -27.59
C TYR C 329 7.91 19.63 -26.88
N THR C 330 7.28 20.31 -25.92
CA THR C 330 6.17 19.72 -25.19
C THR C 330 5.11 19.30 -26.21
N ASP C 331 4.99 20.08 -27.26
CA ASP C 331 4.01 19.82 -28.30
C ASP C 331 4.36 18.56 -29.08
N ALA C 332 5.66 18.37 -29.33
CA ALA C 332 6.11 17.20 -30.06
C ALA C 332 5.81 15.94 -29.24
N VAL C 333 6.21 15.98 -27.97
CA VAL C 333 6.01 14.85 -27.06
C VAL C 333 4.54 14.48 -26.95
N ILE C 334 3.66 15.46 -26.87
CA ILE C 334 2.23 15.16 -26.79
C ILE C 334 1.82 14.45 -28.09
N HIS C 335 2.42 14.86 -29.19
CA HIS C 335 2.12 14.26 -30.49
C HIS C 335 2.62 12.83 -30.51
N GLU C 336 3.83 12.62 -30.01
CA GLU C 336 4.43 11.30 -29.97
C GLU C 336 3.58 10.40 -29.06
N ILE C 337 3.21 10.93 -27.90
CA ILE C 337 2.38 10.22 -26.94
C ILE C 337 1.11 9.75 -27.64
N GLN C 338 0.51 10.64 -28.42
CA GLN C 338 -0.71 10.30 -29.14
C GLN C 338 -0.39 9.30 -30.25
N ARG C 339 0.79 9.46 -30.86
CA ARG C 339 1.20 8.59 -31.94
C ARG C 339 1.52 7.19 -31.44
N LEU C 340 2.58 7.08 -30.66
CA LEU C 340 2.98 5.79 -30.12
C LEU C 340 1.90 5.29 -29.17
N GLY C 341 1.11 6.22 -28.65
CA GLY C 341 0.03 5.87 -27.74
C GLY C 341 -0.95 4.97 -28.45
N ASP C 342 -1.04 5.14 -29.77
CA ASP C 342 -1.93 4.35 -30.61
C ASP C 342 -3.20 4.00 -29.84
N LEU C 343 -3.88 5.02 -29.34
CA LEU C 343 -5.11 4.79 -28.56
C LEU C 343 -6.19 4.00 -29.32
N ILE C 344 -6.12 3.98 -30.65
CA ILE C 344 -7.10 3.24 -31.46
C ILE C 344 -6.46 2.67 -32.72
N PRO C 345 -5.91 1.45 -32.62
CA PRO C 345 -5.24 0.69 -33.68
C PRO C 345 -5.85 0.76 -35.07
N PHE C 346 -7.18 0.71 -35.16
CA PHE C 346 -7.82 0.76 -36.46
C PHE C 346 -9.16 1.49 -36.50
N GLY C 347 -9.23 2.58 -35.73
CA GLY C 347 -10.43 3.41 -35.66
C GLY C 347 -11.76 2.70 -35.73
N VAL C 348 -12.83 3.47 -35.79
CA VAL C 348 -14.16 2.91 -35.87
C VAL C 348 -14.37 2.44 -37.31
N PRO C 349 -15.01 1.27 -37.49
CA PRO C 349 -15.26 0.73 -38.84
C PRO C 349 -15.85 1.74 -39.80
N HIS C 350 -15.47 1.62 -41.07
CA HIS C 350 -15.94 2.50 -42.13
C HIS C 350 -16.71 1.73 -43.20
N THR C 351 -17.50 2.46 -43.98
CA THR C 351 -18.29 1.86 -45.05
C THR C 351 -18.33 2.82 -46.23
N VAL C 352 -18.34 2.26 -47.44
CA VAL C 352 -18.41 3.05 -48.65
C VAL C 352 -19.89 3.19 -49.01
N THR C 353 -20.42 4.40 -48.92
CA THR C 353 -21.82 4.66 -49.22
C THR C 353 -22.23 4.32 -50.64
N LYS C 354 -21.27 4.41 -51.56
CA LYS C 354 -21.51 4.12 -52.97
C LYS C 354 -20.39 3.25 -53.48
N ASP C 355 -20.69 2.33 -54.39
CA ASP C 355 -19.65 1.48 -54.95
C ASP C 355 -18.48 2.41 -55.24
N THR C 356 -17.31 2.06 -54.71
CA THR C 356 -16.14 2.90 -54.90
C THR C 356 -15.00 2.19 -55.63
N GLN C 357 -14.30 2.95 -56.47
CA GLN C 357 -13.18 2.41 -57.20
C GLN C 357 -11.91 2.88 -56.51
N PHE C 358 -11.03 1.92 -56.22
CA PHE C 358 -9.79 2.20 -55.53
C PHE C 358 -8.70 1.31 -56.12
N ARG C 359 -7.59 1.92 -56.52
CA ARG C 359 -6.46 1.19 -57.10
C ARG C 359 -6.85 0.08 -58.08
N GLY C 360 -7.82 0.37 -58.93
CA GLY C 360 -8.26 -0.61 -59.92
C GLY C 360 -9.30 -1.57 -59.40
N TYR C 361 -9.36 -1.71 -58.08
CA TYR C 361 -10.32 -2.60 -57.45
C TYR C 361 -11.63 -1.84 -57.22
N VAL C 362 -12.73 -2.57 -57.16
CA VAL C 362 -14.03 -1.95 -56.94
C VAL C 362 -14.73 -2.53 -55.73
N ILE C 363 -15.09 -1.66 -54.79
CA ILE C 363 -15.78 -2.06 -53.57
C ILE C 363 -17.27 -1.88 -53.74
N PRO C 364 -18.06 -2.96 -53.57
CA PRO C 364 -19.51 -2.86 -53.71
C PRO C 364 -20.08 -1.89 -52.68
N LYS C 365 -21.14 -1.17 -53.05
CA LYS C 365 -21.75 -0.21 -52.12
C LYS C 365 -21.96 -0.87 -50.77
N ASN C 366 -21.74 -0.10 -49.71
CA ASN C 366 -21.88 -0.60 -48.35
C ASN C 366 -20.91 -1.75 -48.10
N THR C 367 -19.70 -1.42 -47.69
CA THR C 367 -18.68 -2.42 -47.40
C THR C 367 -17.84 -1.99 -46.20
N GLU C 368 -17.62 -2.92 -45.29
CA GLU C 368 -16.83 -2.64 -44.09
C GLU C 368 -15.39 -2.27 -44.49
N VAL C 369 -14.87 -1.22 -43.87
CA VAL C 369 -13.51 -0.77 -44.14
C VAL C 369 -12.83 -0.29 -42.87
N PHE C 370 -11.81 -1.03 -42.44
CA PHE C 370 -11.07 -0.68 -41.23
C PHE C 370 -9.81 0.11 -41.56
N PRO C 371 -9.81 1.42 -41.23
CA PRO C 371 -8.70 2.34 -41.46
C PRO C 371 -7.59 2.14 -40.42
N VAL C 372 -6.74 1.15 -40.65
CA VAL C 372 -5.65 0.86 -39.73
C VAL C 372 -4.83 2.10 -39.39
N LEU C 373 -5.36 2.95 -38.52
CA LEU C 373 -4.64 4.16 -38.15
C LEU C 373 -3.26 3.80 -37.61
N SER C 374 -3.18 2.68 -36.90
CA SER C 374 -1.92 2.24 -36.32
C SER C 374 -0.82 2.20 -37.38
N SER C 375 -0.99 1.35 -38.38
CA SER C 375 -0.01 1.20 -39.45
C SER C 375 0.45 2.52 -40.04
N ALA C 376 -0.31 3.57 -39.74
CA ALA C 376 0.04 4.90 -40.22
C ALA C 376 1.00 5.50 -39.21
N LEU C 377 0.58 5.48 -37.94
CA LEU C 377 1.36 6.02 -36.84
C LEU C 377 2.71 5.31 -36.70
N HIS C 378 2.79 4.10 -37.26
CA HIS C 378 4.02 3.32 -37.21
C HIS C 378 4.68 3.25 -38.57
N ASP C 379 4.01 3.77 -39.59
CA ASP C 379 4.53 3.75 -40.94
C ASP C 379 5.97 4.25 -40.98
N PRO C 380 6.93 3.35 -41.27
CA PRO C 380 8.36 3.68 -41.34
C PRO C 380 8.71 4.47 -42.58
N ARG C 381 7.69 4.97 -43.27
CA ARG C 381 7.91 5.76 -44.47
C ARG C 381 7.95 7.21 -44.01
N TYR C 382 7.04 7.57 -43.10
CA TYR C 382 6.96 8.92 -42.56
C TYR C 382 7.57 8.99 -41.17
N PHE C 383 8.14 7.87 -40.70
CA PHE C 383 8.73 7.87 -39.37
C PHE C 383 10.07 7.15 -39.26
N GLU C 384 11.05 7.86 -38.75
CA GLU C 384 12.37 7.29 -38.53
C GLU C 384 12.14 6.67 -37.16
N THR C 385 12.66 5.46 -36.91
CA THR C 385 12.45 4.79 -35.62
C THR C 385 10.97 4.87 -35.16
N PRO C 386 10.07 4.20 -35.90
CA PRO C 386 8.64 4.19 -35.58
C PRO C 386 8.21 3.48 -34.30
N ASN C 387 9.07 2.60 -33.80
CA ASN C 387 8.73 1.85 -32.61
C ASN C 387 9.26 2.42 -31.28
N THR C 388 10.10 3.44 -31.36
CA THR C 388 10.65 4.04 -30.15
C THR C 388 9.96 5.37 -29.86
N PHE C 389 9.95 5.77 -28.58
CA PHE C 389 9.35 7.03 -28.20
C PHE C 389 10.38 8.11 -28.49
N ASN C 390 10.26 8.73 -29.66
CA ASN C 390 11.17 9.78 -30.06
C ASN C 390 10.46 11.13 -30.10
N PRO C 391 10.78 12.02 -29.15
CA PRO C 391 10.14 13.34 -29.08
C PRO C 391 10.49 14.20 -30.30
N GLY C 392 11.43 13.72 -31.11
CA GLY C 392 11.86 14.46 -32.28
C GLY C 392 11.18 14.12 -33.61
N HIS C 393 10.22 13.20 -33.60
CA HIS C 393 9.53 12.83 -34.83
C HIS C 393 8.80 14.04 -35.38
N PHE C 394 8.41 14.92 -34.47
CA PHE C 394 7.69 16.13 -34.82
C PHE C 394 8.53 17.35 -34.46
N LEU C 395 9.77 17.35 -34.94
CA LEU C 395 10.71 18.44 -34.68
C LEU C 395 11.67 18.58 -35.86
N ASP C 396 11.65 19.75 -36.50
CA ASP C 396 12.53 20.01 -37.64
C ASP C 396 13.99 20.02 -37.21
N ALA C 397 14.87 20.42 -38.13
CA ALA C 397 16.30 20.46 -37.85
C ALA C 397 16.68 21.55 -36.86
N ASN C 398 15.96 22.67 -36.89
CA ASN C 398 16.23 23.80 -36.00
C ASN C 398 15.58 23.61 -34.64
N GLY C 399 14.26 23.50 -34.63
CA GLY C 399 13.55 23.30 -33.38
C GLY C 399 12.04 23.27 -33.53
N ALA C 400 11.47 24.39 -33.95
CA ALA C 400 10.02 24.51 -34.12
C ALA C 400 9.35 23.20 -34.51
N LEU C 401 8.07 23.07 -34.18
CA LEU C 401 7.30 21.87 -34.48
C LEU C 401 7.19 21.57 -35.97
N LYS C 402 7.42 20.31 -36.33
CA LYS C 402 7.33 19.86 -37.70
C LYS C 402 5.90 19.39 -37.93
N ARG C 403 5.72 18.35 -38.74
CA ARG C 403 4.38 17.82 -39.03
C ARG C 403 4.54 16.59 -39.90
N ASN C 404 3.64 15.63 -39.75
CA ASN C 404 3.71 14.40 -40.52
C ASN C 404 2.34 13.97 -41.04
N GLU C 405 2.34 13.35 -42.21
CA GLU C 405 1.10 12.86 -42.81
C GLU C 405 0.76 11.52 -42.17
N GLY C 406 1.75 10.93 -41.52
CA GLY C 406 1.55 9.65 -40.86
C GLY C 406 0.85 9.81 -39.52
N PHE C 407 0.99 10.99 -38.92
CA PHE C 407 0.38 11.30 -37.64
C PHE C 407 -1.11 11.62 -37.75
N MET C 408 -1.94 10.58 -37.81
CA MET C 408 -3.38 10.73 -37.92
C MET C 408 -4.11 9.94 -36.82
N PRO C 409 -3.97 10.39 -35.55
CA PRO C 409 -4.60 9.74 -34.40
C PRO C 409 -6.12 9.89 -34.29
N PHE C 410 -6.68 10.90 -34.97
CA PHE C 410 -8.11 11.13 -34.95
C PHE C 410 -8.72 10.74 -36.29
N SER C 411 -7.96 9.98 -37.07
CA SER C 411 -8.40 9.54 -38.38
C SER C 411 -8.61 10.76 -39.27
N LEU C 412 -9.10 10.53 -40.49
CA LEU C 412 -9.32 11.62 -41.43
C LEU C 412 -10.76 11.67 -41.91
N GLY C 413 -10.96 11.57 -43.22
CA GLY C 413 -12.30 11.59 -43.79
C GLY C 413 -13.22 12.63 -43.20
N LYS C 414 -14.52 12.48 -43.46
CA LYS C 414 -15.53 13.40 -42.94
C LYS C 414 -15.99 12.88 -41.59
N ARG C 415 -15.43 11.75 -41.19
CA ARG C 415 -15.78 11.12 -39.93
C ARG C 415 -14.84 11.56 -38.81
N ILE C 416 -13.76 12.26 -39.16
CA ILE C 416 -12.77 12.73 -38.20
C ILE C 416 -13.37 12.97 -36.82
N CYS C 417 -12.62 12.59 -35.79
CA CYS C 417 -13.04 12.76 -34.41
C CYS C 417 -13.73 14.10 -34.18
N LEU C 418 -15.04 14.03 -33.94
CA LEU C 418 -15.85 15.21 -33.69
C LEU C 418 -15.30 16.05 -32.53
N GLY C 419 -14.56 15.42 -31.64
CA GLY C 419 -14.01 16.13 -30.50
C GLY C 419 -12.50 16.25 -30.54
N GLU C 420 -11.92 16.00 -31.71
CA GLU C 420 -10.48 16.09 -31.89
C GLU C 420 -9.91 17.34 -31.20
N GLY C 421 -10.56 18.47 -31.45
CA GLY C 421 -10.11 19.72 -30.87
C GLY C 421 -9.98 19.71 -29.36
N ILE C 422 -11.11 19.56 -28.67
CA ILE C 422 -11.11 19.55 -27.21
C ILE C 422 -9.97 18.67 -26.71
N ALA C 423 -9.98 17.42 -27.15
CA ALA C 423 -8.98 16.44 -26.77
C ALA C 423 -7.57 17.04 -26.70
N ARG C 424 -7.11 17.58 -27.82
CA ARG C 424 -5.78 18.18 -27.88
C ARG C 424 -5.54 19.29 -26.88
N THR C 425 -6.59 20.05 -26.55
CA THR C 425 -6.45 21.14 -25.59
C THR C 425 -6.39 20.62 -24.18
N GLU C 426 -7.25 19.66 -23.87
CA GLU C 426 -7.25 19.06 -22.54
C GLU C 426 -5.87 18.43 -22.39
N LEU C 427 -5.44 17.75 -23.45
CA LEU C 427 -4.14 17.09 -23.46
C LEU C 427 -3.03 18.06 -23.06
N PHE C 428 -2.87 19.13 -23.83
CA PHE C 428 -1.82 20.09 -23.52
C PHE C 428 -1.99 20.76 -22.17
N LEU C 429 -3.19 21.27 -21.91
CA LEU C 429 -3.45 21.93 -20.64
C LEU C 429 -3.21 21.03 -19.44
N PHE C 430 -3.80 19.85 -19.44
CA PHE C 430 -3.61 18.93 -18.32
C PHE C 430 -2.18 18.44 -18.19
N PHE C 431 -1.60 18.01 -19.32
CA PHE C 431 -0.24 17.50 -19.34
C PHE C 431 0.77 18.49 -18.74
N THR C 432 0.50 19.78 -18.90
CA THR C 432 1.42 20.79 -18.38
C THR C 432 1.08 21.34 -17.00
N THR C 433 -0.20 21.63 -16.76
CA THR C 433 -0.60 22.15 -15.46
C THR C 433 -0.08 21.18 -14.41
N ILE C 434 -0.06 19.91 -14.77
CA ILE C 434 0.42 18.86 -13.89
C ILE C 434 1.91 19.03 -13.65
N LEU C 435 2.70 18.84 -14.69
CA LEU C 435 4.16 18.95 -14.62
C LEU C 435 4.66 20.32 -14.18
N GLN C 436 3.77 21.30 -14.15
CA GLN C 436 4.17 22.63 -13.70
C GLN C 436 4.28 22.60 -12.19
N ASN C 437 3.20 22.20 -11.54
CA ASN C 437 3.17 22.15 -10.09
C ASN C 437 3.49 20.76 -9.51
N PHE C 438 4.00 19.87 -10.35
CA PHE C 438 4.36 18.52 -9.91
C PHE C 438 5.52 17.89 -10.64
N SER C 439 6.20 16.97 -9.97
CA SER C 439 7.33 16.25 -10.53
C SER C 439 7.10 14.78 -10.16
N ILE C 440 7.08 13.88 -11.14
CA ILE C 440 6.81 12.47 -10.87
C ILE C 440 7.95 11.59 -10.37
N ALA C 441 7.56 10.40 -9.88
CA ALA C 441 8.49 9.40 -9.36
C ALA C 441 7.73 8.08 -9.24
N SER C 442 8.43 6.96 -9.39
CA SER C 442 7.79 5.65 -9.30
C SER C 442 8.70 4.59 -8.67
N PRO C 443 8.09 3.49 -8.21
CA PRO C 443 8.84 2.39 -7.60
C PRO C 443 9.39 1.42 -8.65
N VAL C 444 9.41 1.86 -9.90
CA VAL C 444 9.92 1.03 -11.00
C VAL C 444 10.95 1.81 -11.83
N PRO C 445 12.04 1.14 -12.23
CA PRO C 445 13.09 1.76 -13.03
C PRO C 445 12.64 1.97 -14.48
N PRO C 446 13.05 3.08 -15.10
CA PRO C 446 12.66 3.35 -16.48
C PRO C 446 12.99 2.17 -17.38
N GLU C 447 14.11 1.51 -17.09
CA GLU C 447 14.53 0.38 -17.88
C GLU C 447 13.56 -0.80 -17.84
N ASP C 448 12.87 -0.97 -16.72
CA ASP C 448 11.93 -2.08 -16.56
C ASP C 448 10.48 -1.72 -16.87
N ILE C 449 10.20 -0.45 -17.11
CA ILE C 449 8.85 0.00 -17.42
C ILE C 449 8.31 -0.68 -18.70
N ASP C 450 7.30 -1.53 -18.53
CA ASP C 450 6.68 -2.24 -19.65
C ASP C 450 5.55 -1.37 -20.20
N LEU C 451 5.64 -1.02 -21.48
CA LEU C 451 4.63 -0.19 -22.11
C LEU C 451 3.51 -0.95 -22.82
N THR C 452 3.80 -2.18 -23.22
CA THR C 452 2.81 -3.01 -23.92
C THR C 452 1.42 -2.83 -23.34
N PRO C 453 0.38 -2.86 -24.21
CA PRO C 453 -0.99 -2.69 -23.71
C PRO C 453 -1.46 -3.88 -22.89
N ARG C 454 -2.44 -3.64 -22.02
CA ARG C 454 -3.01 -4.68 -21.17
C ARG C 454 -4.06 -5.42 -21.99
N GLU C 455 -4.54 -4.76 -23.04
CA GLU C 455 -5.56 -5.30 -23.95
C GLU C 455 -5.47 -4.50 -25.25
N SER C 456 -5.60 -5.18 -26.40
CA SER C 456 -5.52 -4.51 -27.70
C SER C 456 -6.49 -5.01 -28.77
N GLY C 457 -7.62 -4.33 -28.90
CA GLY C 457 -8.61 -4.70 -29.89
C GLY C 457 -9.06 -3.43 -30.60
N VAL C 458 -10.24 -2.95 -30.23
CA VAL C 458 -10.76 -1.73 -30.82
C VAL C 458 -10.16 -0.57 -30.02
N GLY C 459 -9.02 -0.86 -29.40
CA GLY C 459 -8.35 0.15 -28.61
C GLY C 459 -7.23 -0.46 -27.79
N ASN C 460 -6.23 0.36 -27.46
CA ASN C 460 -5.11 -0.09 -26.65
C ASN C 460 -5.25 0.44 -25.24
N VAL C 461 -5.47 -0.45 -24.28
CA VAL C 461 -5.62 -0.04 -22.90
C VAL C 461 -4.27 -0.08 -22.20
N PRO C 462 -3.66 1.09 -21.93
CA PRO C 462 -2.36 1.10 -21.26
C PRO C 462 -2.36 0.25 -19.99
N PRO C 463 -1.23 -0.39 -19.68
CA PRO C 463 -1.21 -1.20 -18.46
C PRO C 463 -1.43 -0.33 -17.22
N SER C 464 -1.94 -0.93 -16.16
CA SER C 464 -2.19 -0.19 -14.91
C SER C 464 -0.86 0.02 -14.22
N TYR C 465 -0.73 1.11 -13.47
CA TYR C 465 0.53 1.37 -12.80
C TYR C 465 0.47 2.37 -11.65
N GLN C 466 1.45 2.27 -10.76
CA GLN C 466 1.56 3.15 -9.62
C GLN C 466 2.47 4.31 -9.97
N ILE C 467 2.18 5.47 -9.38
CA ILE C 467 2.96 6.67 -9.62
C ILE C 467 2.64 7.68 -8.53
N ARG C 468 3.67 8.33 -8.02
CA ARG C 468 3.49 9.34 -6.99
C ARG C 468 3.77 10.71 -7.60
N PHE C 469 2.90 11.66 -7.28
CA PHE C 469 3.05 13.02 -7.76
C PHE C 469 3.54 13.87 -6.61
N LEU C 470 4.86 14.05 -6.54
CA LEU C 470 5.48 14.85 -5.49
C LEU C 470 5.39 16.34 -5.79
N ALA C 471 4.47 17.02 -5.11
CA ALA C 471 4.28 18.46 -5.27
C ALA C 471 5.62 19.16 -5.45
N ARG C 472 5.61 20.24 -6.23
CA ARG C 472 6.82 21.01 -6.47
C ARG C 472 6.73 22.35 -5.76
N HIS C 473 7.82 22.73 -5.10
CA HIS C 473 7.87 23.98 -4.35
C HIS C 473 8.55 25.06 -5.19
N GLY D 9 7.27 -0.30 77.69
CA GLY D 9 8.33 -1.20 77.19
C GLY D 9 8.88 -0.80 75.84
N LYS D 10 9.01 0.51 75.62
CA LYS D 10 9.52 1.09 74.37
C LYS D 10 8.98 0.46 73.07
N LEU D 11 9.34 1.09 71.95
CA LEU D 11 8.95 0.61 70.64
C LEU D 11 10.04 -0.29 70.08
N PRO D 12 9.69 -1.19 69.15
CA PRO D 12 10.72 -2.05 68.59
C PRO D 12 11.93 -1.24 68.14
N PRO D 13 13.07 -1.92 67.91
CA PRO D 13 14.31 -1.26 67.48
C PRO D 13 14.21 -0.69 66.08
N GLY D 14 15.04 0.31 65.78
CA GLY D 14 14.98 0.89 64.45
C GLY D 14 15.87 2.10 64.23
N PRO D 15 15.99 2.55 62.97
CA PRO D 15 16.79 3.69 62.56
C PRO D 15 16.38 5.00 63.22
N SER D 16 17.36 5.89 63.43
CA SER D 16 17.12 7.20 64.04
C SER D 16 16.30 8.04 63.08
N PRO D 17 15.08 8.44 63.47
CA PRO D 17 14.21 9.25 62.61
C PRO D 17 14.32 10.76 62.70
N LEU D 18 14.80 11.40 61.64
CA LEU D 18 14.88 12.85 61.64
C LEU D 18 13.42 13.28 61.67
N PRO D 19 13.11 14.45 62.24
CA PRO D 19 11.72 14.91 62.28
C PRO D 19 11.19 15.28 60.90
N VAL D 20 9.88 15.14 60.70
CA VAL D 20 9.26 15.47 59.42
C VAL D 20 9.60 14.52 58.29
N LEU D 21 10.89 14.25 58.09
CA LEU D 21 11.32 13.35 57.03
C LEU D 21 11.34 11.89 57.50
N GLY D 22 11.46 11.69 58.80
CA GLY D 22 11.49 10.35 59.33
C GLY D 22 12.68 9.58 58.79
N ASN D 23 12.46 8.29 58.53
CA ASN D 23 13.52 7.43 58.01
C ASN D 23 13.66 7.50 56.50
N LEU D 24 13.75 8.73 55.98
CA LEU D 24 13.88 8.92 54.55
C LEU D 24 15.29 8.55 54.12
N LEU D 25 16.26 9.13 54.80
CA LEU D 25 17.66 8.88 54.48
C LEU D 25 18.05 7.42 54.72
N GLN D 26 17.08 6.60 55.09
CA GLN D 26 17.34 5.18 55.33
C GLN D 26 16.56 4.33 54.33
N MET D 27 15.52 4.91 53.73
CA MET D 27 14.70 4.19 52.76
C MET D 27 15.51 3.81 51.54
N ASP D 28 15.08 2.75 50.87
CA ASP D 28 15.77 2.27 49.67
C ASP D 28 15.13 2.87 48.42
N ARG D 29 15.93 3.03 47.38
CA ARG D 29 15.48 3.58 46.12
C ARG D 29 14.32 2.81 45.50
N LYS D 30 14.47 1.50 45.31
CA LYS D 30 13.41 0.71 44.70
C LYS D 30 12.03 0.85 45.34
N GLY D 31 11.96 1.55 46.46
CA GLY D 31 10.67 1.73 47.10
C GLY D 31 10.60 1.33 48.56
N LEU D 32 9.39 1.07 49.04
CA LEU D 32 9.17 0.68 50.43
C LEU D 32 9.50 -0.78 50.66
N LEU D 33 8.97 -1.66 49.81
CA LEU D 33 9.20 -3.09 49.95
C LEU D 33 10.67 -3.47 50.06
N ARG D 34 11.51 -2.90 49.19
CA ARG D 34 12.93 -3.21 49.22
C ARG D 34 13.62 -2.45 50.34
N SER D 35 12.85 -1.61 51.03
CA SER D 35 13.38 -0.86 52.14
C SER D 35 13.19 -1.68 53.40
N PHE D 36 11.95 -2.12 53.64
CA PHE D 36 11.64 -2.93 54.81
C PHE D 36 12.58 -4.12 54.86
N LEU D 37 12.89 -4.67 53.69
CA LEU D 37 13.76 -5.83 53.63
C LEU D 37 15.20 -5.46 53.92
N ARG D 38 15.67 -4.38 53.31
CA ARG D 38 17.05 -3.95 53.51
C ARG D 38 17.31 -3.45 54.93
N LEU D 39 16.24 -3.14 55.67
CA LEU D 39 16.36 -2.65 57.04
C LEU D 39 16.27 -3.79 58.04
N ARG D 40 15.52 -4.82 57.67
CA ARG D 40 15.33 -5.99 58.52
C ARG D 40 16.65 -6.71 58.77
N GLU D 41 17.56 -6.61 57.80
CA GLU D 41 18.87 -7.26 57.89
C GLU D 41 19.79 -6.61 58.93
N LYS D 42 19.47 -5.39 59.33
CA LYS D 42 20.26 -4.66 60.32
C LYS D 42 19.66 -4.81 61.70
N TYR D 43 18.34 -4.65 61.79
CA TYR D 43 17.64 -4.71 63.06
C TYR D 43 17.13 -6.08 63.46
N GLY D 44 15.88 -6.37 63.13
CA GLY D 44 15.34 -7.66 63.49
C GLY D 44 14.15 -8.00 62.62
N ASP D 45 13.35 -8.97 63.06
CA ASP D 45 12.15 -9.36 62.33
C ASP D 45 11.03 -8.42 62.79
N VAL D 46 11.40 -7.44 63.59
CA VAL D 46 10.49 -6.45 64.15
C VAL D 46 11.29 -5.17 64.39
N PHE D 47 11.01 -4.13 63.62
CA PHE D 47 11.71 -2.87 63.79
C PHE D 47 10.76 -1.70 63.60
N THR D 48 11.22 -0.50 63.98
CA THR D 48 10.38 0.67 63.87
C THR D 48 10.95 1.73 62.94
N VAL D 49 10.36 1.82 61.75
CA VAL D 49 10.78 2.80 60.75
C VAL D 49 9.77 3.95 60.79
N TYR D 50 10.24 5.17 60.56
CA TYR D 50 9.36 6.33 60.56
C TYR D 50 9.01 6.83 59.16
N LEU D 51 7.84 6.41 58.67
CA LEU D 51 7.39 6.82 57.35
C LEU D 51 7.01 8.29 57.44
N GLY D 52 8.01 9.14 57.25
CA GLY D 52 7.79 10.57 57.32
C GLY D 52 7.62 11.02 58.76
N SER D 53 6.37 11.18 59.17
CA SER D 53 6.08 11.62 60.54
C SER D 53 5.39 10.52 61.32
N ARG D 54 4.83 9.56 60.61
CA ARG D 54 4.12 8.44 61.23
C ARG D 54 5.07 7.31 61.59
N PRO D 55 4.90 6.75 62.79
CA PRO D 55 5.74 5.65 63.25
C PRO D 55 5.02 4.34 62.94
N VAL D 56 5.63 3.49 62.11
CA VAL D 56 5.01 2.22 61.78
C VAL D 56 5.88 1.06 62.27
N VAL D 57 5.23 0.01 62.76
CA VAL D 57 5.95 -1.16 63.22
C VAL D 57 5.97 -2.06 62.00
N VAL D 58 6.96 -2.96 61.91
CA VAL D 58 7.06 -3.86 60.77
C VAL D 58 7.34 -5.28 61.22
N LEU D 59 6.58 -6.23 60.66
CA LEU D 59 6.75 -7.64 61.00
C LEU D 59 7.16 -8.47 59.79
N CYS D 60 8.38 -8.99 59.83
CA CYS D 60 8.92 -9.80 58.74
C CYS D 60 9.06 -11.25 59.19
N GLY D 61 8.72 -12.19 58.32
CA GLY D 61 8.87 -13.58 58.70
C GLY D 61 7.59 -14.34 58.97
N THR D 62 7.56 -15.61 58.58
CA THR D 62 6.40 -16.45 58.79
C THR D 62 6.07 -16.50 60.27
N ASP D 63 7.07 -16.26 61.11
CA ASP D 63 6.90 -16.29 62.55
C ASP D 63 6.37 -14.99 63.13
N ALA D 64 7.15 -13.92 63.00
CA ALA D 64 6.78 -12.61 63.52
C ALA D 64 5.36 -12.17 63.15
N ILE D 65 4.81 -12.67 62.04
CA ILE D 65 3.46 -12.30 61.63
C ILE D 65 2.43 -13.05 62.46
N ARG D 66 2.37 -14.37 62.30
CA ARG D 66 1.43 -15.19 63.04
C ARG D 66 1.36 -14.80 64.52
N GLU D 67 2.52 -14.76 65.16
CA GLU D 67 2.59 -14.39 66.57
C GLU D 67 1.77 -13.13 66.86
N ALA D 68 1.58 -12.29 65.85
CA ALA D 68 0.83 -11.04 66.03
C ALA D 68 -0.55 -11.02 65.37
N LEU D 69 -0.61 -11.40 64.10
CA LEU D 69 -1.88 -11.38 63.39
C LEU D 69 -2.82 -12.45 63.88
N VAL D 70 -2.29 -13.44 64.60
CA VAL D 70 -3.14 -14.50 65.10
C VAL D 70 -3.18 -14.59 66.63
N ASP D 71 -2.02 -14.81 67.24
CA ASP D 71 -1.92 -14.92 68.69
C ASP D 71 -2.21 -13.60 69.41
N GLN D 72 -2.85 -12.67 68.68
CA GLN D 72 -3.24 -11.36 69.18
C GLN D 72 -4.12 -10.71 68.12
N ALA D 73 -4.63 -11.57 67.23
CA ALA D 73 -5.49 -11.15 66.12
C ALA D 73 -6.45 -10.02 66.46
N GLU D 74 -6.93 -10.02 67.70
CA GLU D 74 -7.85 -8.98 68.14
C GLU D 74 -7.12 -7.64 68.20
N ALA D 75 -5.97 -7.64 68.85
CA ALA D 75 -5.17 -6.43 69.00
C ALA D 75 -4.62 -5.93 67.68
N PHE D 76 -4.57 -6.80 66.69
CA PHE D 76 -4.03 -6.42 65.40
C PHE D 76 -5.08 -6.50 64.30
N SER D 77 -6.31 -6.13 64.61
CA SER D 77 -7.37 -6.17 63.61
C SER D 77 -7.63 -4.78 63.05
N GLY D 78 -7.23 -3.75 63.80
CA GLY D 78 -7.45 -2.40 63.35
C GLY D 78 -6.77 -2.12 62.02
N ARG D 79 -7.51 -1.52 61.09
CA ARG D 79 -6.99 -1.19 59.78
C ARG D 79 -6.24 0.13 59.75
N GLY D 80 -5.24 0.23 58.89
CA GLY D 80 -4.47 1.45 58.77
C GLY D 80 -5.05 2.23 57.60
N LYS D 81 -4.25 3.13 57.03
CA LYS D 81 -4.72 3.93 55.90
C LYS D 81 -3.72 3.98 54.75
N ILE D 82 -4.25 4.05 53.52
CA ILE D 82 -3.42 4.10 52.32
C ILE D 82 -3.50 5.52 51.73
N ALA D 83 -2.40 6.24 51.85
CA ALA D 83 -2.31 7.62 51.38
C ALA D 83 -3.03 7.97 50.08
N VAL D 84 -2.79 7.19 49.04
CA VAL D 84 -3.40 7.45 47.73
C VAL D 84 -4.91 7.25 47.60
N VAL D 85 -5.47 6.26 48.30
CA VAL D 85 -6.90 6.03 48.20
C VAL D 85 -7.69 6.29 49.47
N ASP D 86 -7.15 7.13 50.35
CA ASP D 86 -7.84 7.47 51.59
C ASP D 86 -8.89 8.52 51.25
N PRO D 87 -8.52 9.51 50.43
CA PRO D 87 -9.44 10.58 50.02
C PRO D 87 -10.71 10.06 49.35
N ILE D 88 -10.80 8.75 49.13
CA ILE D 88 -11.97 8.17 48.51
C ILE D 88 -12.77 7.40 49.55
N PHE D 89 -12.09 6.58 50.32
CA PHE D 89 -12.78 5.81 51.35
C PHE D 89 -13.00 6.65 52.59
N GLN D 90 -12.19 7.69 52.75
CA GLN D 90 -12.27 8.58 53.91
C GLN D 90 -11.91 7.77 55.14
N GLY D 91 -12.58 6.63 55.27
CA GLY D 91 -12.38 5.73 56.39
C GLY D 91 -13.63 4.87 56.48
N TYR D 92 -14.33 4.76 55.36
CA TYR D 92 -15.55 3.98 55.27
C TYR D 92 -15.37 2.87 54.25
N GLY D 93 -16.05 1.74 54.46
CA GLY D 93 -15.95 0.64 53.54
C GLY D 93 -15.33 -0.56 54.23
N VAL D 94 -15.88 -1.74 53.98
CA VAL D 94 -15.39 -2.96 54.60
C VAL D 94 -13.87 -3.09 54.70
N ILE D 95 -13.13 -2.59 53.70
CA ILE D 95 -11.67 -2.69 53.73
C ILE D 95 -11.01 -1.71 54.69
N PHE D 96 -11.29 -0.43 54.53
CA PHE D 96 -10.68 0.60 55.35
C PHE D 96 -11.49 1.11 56.54
N ALA D 97 -12.74 0.70 56.66
CA ALA D 97 -13.54 1.13 57.79
C ALA D 97 -12.94 0.48 59.04
N ASN D 98 -13.13 1.09 60.20
CA ASN D 98 -12.56 0.53 61.42
C ASN D 98 -13.57 0.51 62.57
N GLY D 99 -13.36 -0.39 63.52
CA GLY D 99 -14.25 -0.47 64.67
C GLY D 99 -15.57 -1.16 64.40
N GLU D 100 -16.64 -0.75 65.09
CA GLU D 100 -17.97 -1.34 64.90
C GLU D 100 -18.37 -1.18 63.44
N ARG D 101 -17.89 -0.12 62.81
CA ARG D 101 -18.20 0.10 61.40
C ARG D 101 -17.70 -1.15 60.69
N TRP D 102 -16.41 -1.42 60.85
CA TRP D 102 -15.81 -2.61 60.24
C TRP D 102 -16.61 -3.81 60.74
N ARG D 103 -16.67 -3.97 62.06
CA ARG D 103 -17.39 -5.07 62.69
C ARG D 103 -18.71 -5.38 61.96
N ALA D 104 -19.56 -4.37 61.84
CA ALA D 104 -20.85 -4.54 61.18
C ALA D 104 -20.69 -4.90 59.71
N LEU D 105 -20.21 -3.94 58.92
CA LEU D 105 -20.00 -4.11 57.48
C LEU D 105 -19.46 -5.48 57.11
N ARG D 106 -18.25 -5.79 57.60
CA ARG D 106 -17.61 -7.07 57.31
C ARG D 106 -18.51 -8.24 57.70
N ARG D 107 -19.31 -8.05 58.75
CA ARG D 107 -20.22 -9.08 59.21
C ARG D 107 -21.34 -9.31 58.21
N PHE D 108 -21.96 -8.21 57.77
CA PHE D 108 -23.04 -8.24 56.80
C PHE D 108 -22.54 -8.74 55.44
N SER D 109 -21.46 -8.14 54.97
CA SER D 109 -20.86 -8.49 53.69
C SER D 109 -20.71 -10.01 53.54
N LEU D 110 -19.68 -10.56 54.17
CA LEU D 110 -19.41 -11.99 54.11
C LEU D 110 -20.68 -12.83 54.22
N ALA D 111 -21.52 -12.52 55.20
CA ALA D 111 -22.76 -13.26 55.42
C ALA D 111 -23.70 -13.23 54.21
N THR D 112 -23.83 -12.06 53.58
CA THR D 112 -24.70 -11.90 52.42
C THR D 112 -24.16 -12.56 51.16
N MET D 113 -22.97 -12.13 50.71
CA MET D 113 -22.36 -12.68 49.50
C MET D 113 -22.03 -14.16 49.56
N ARG D 114 -21.81 -14.76 48.38
CA ARG D 114 -21.52 -16.19 48.22
C ARG D 114 -22.75 -16.96 48.66
N ASP D 115 -23.35 -16.46 49.74
CA ASP D 115 -24.55 -17.01 50.34
C ASP D 115 -25.73 -16.57 49.47
N PHE D 116 -25.64 -16.93 48.19
CA PHE D 116 -26.67 -16.60 47.21
C PHE D 116 -26.93 -17.76 46.24
N GLY D 117 -28.18 -17.95 45.87
CA GLY D 117 -28.53 -19.01 44.94
C GLY D 117 -29.70 -19.90 45.36
N MET D 118 -30.41 -20.44 44.37
CA MET D 118 -31.54 -21.33 44.62
C MET D 118 -31.25 -22.72 44.07
N GLY D 119 -30.85 -23.63 44.96
CA GLY D 119 -30.55 -24.98 44.55
C GLY D 119 -29.09 -25.13 44.15
N LYS D 120 -28.79 -24.86 42.88
CA LYS D 120 -27.42 -24.96 42.39
C LYS D 120 -26.95 -23.70 41.66
N ARG D 121 -27.01 -22.56 42.36
CA ARG D 121 -26.56 -21.29 41.77
C ARG D 121 -25.26 -20.93 42.47
N SER D 122 -24.66 -21.94 43.10
CA SER D 122 -23.41 -21.79 43.81
C SER D 122 -22.48 -20.90 43.01
N VAL D 123 -21.61 -20.18 43.70
CA VAL D 123 -20.65 -19.34 43.01
C VAL D 123 -19.74 -20.29 42.26
N GLU D 124 -19.90 -21.59 42.53
CA GLU D 124 -19.12 -22.63 41.87
C GLU D 124 -19.89 -22.97 40.61
N GLU D 125 -21.21 -22.95 40.73
CA GLU D 125 -22.08 -23.23 39.61
C GLU D 125 -21.97 -22.08 38.62
N ARG D 126 -21.85 -20.85 39.15
CA ARG D 126 -21.77 -19.69 38.29
C ARG D 126 -20.36 -19.37 37.80
N ILE D 127 -19.36 -20.00 38.41
CA ILE D 127 -17.98 -19.81 37.98
C ILE D 127 -17.75 -20.76 36.81
N GLN D 128 -18.28 -21.98 36.93
CA GLN D 128 -18.14 -22.98 35.88
C GLN D 128 -18.78 -22.42 34.62
N GLU D 129 -19.79 -21.58 34.81
CA GLU D 129 -20.50 -20.95 33.71
C GLU D 129 -19.61 -19.88 33.08
N GLU D 130 -19.04 -19.03 33.92
CA GLU D 130 -18.16 -17.95 33.46
C GLU D 130 -16.96 -18.57 32.77
N ALA D 131 -16.53 -19.73 33.24
CA ALA D 131 -15.39 -20.42 32.65
C ALA D 131 -15.78 -20.94 31.28
N ARG D 132 -16.95 -21.56 31.19
CA ARG D 132 -17.41 -22.06 29.91
C ARG D 132 -17.34 -20.90 28.92
N CYS D 133 -17.86 -19.75 29.33
CA CYS D 133 -17.84 -18.56 28.48
C CYS D 133 -16.41 -18.15 28.15
N LEU D 134 -15.53 -18.10 29.15
CA LEU D 134 -14.14 -17.74 28.90
C LEU D 134 -13.56 -18.68 27.86
N VAL D 135 -13.97 -19.94 27.90
CA VAL D 135 -13.49 -20.92 26.94
C VAL D 135 -13.95 -20.46 25.57
N GLU D 136 -15.25 -20.28 25.43
CA GLU D 136 -15.88 -19.83 24.20
C GLU D 136 -15.20 -18.60 23.59
N GLU D 137 -15.01 -17.56 24.39
CA GLU D 137 -14.37 -16.34 23.93
C GLU D 137 -12.96 -16.61 23.40
N LEU D 138 -12.19 -17.42 24.12
CA LEU D 138 -10.86 -17.73 23.66
C LEU D 138 -10.91 -18.47 22.34
N ARG D 139 -12.10 -18.94 21.98
CA ARG D 139 -12.27 -19.67 20.73
C ARG D 139 -12.51 -18.65 19.60
N LYS D 140 -13.44 -17.73 19.82
CA LYS D 140 -13.74 -16.72 18.81
C LYS D 140 -12.46 -16.00 18.39
N SER D 141 -11.43 -16.09 19.23
CA SER D 141 -10.14 -15.44 18.98
C SER D 141 -9.15 -16.35 18.25
N LYS D 142 -9.67 -17.37 17.58
CA LYS D 142 -8.87 -18.31 16.81
C LYS D 142 -7.36 -18.27 17.11
N GLY D 143 -6.99 -18.82 18.27
CA GLY D 143 -5.58 -18.87 18.65
C GLY D 143 -4.76 -17.62 18.39
N ALA D 144 -5.40 -16.46 18.46
CA ALA D 144 -4.72 -15.20 18.22
C ALA D 144 -3.74 -14.92 19.35
N LEU D 145 -2.67 -14.18 19.03
CA LEU D 145 -1.66 -13.83 20.03
C LEU D 145 -2.11 -12.57 20.73
N LEU D 146 -2.97 -12.72 21.73
CA LEU D 146 -3.50 -11.57 22.46
C LEU D 146 -2.81 -11.21 23.78
N ASP D 147 -3.41 -10.26 24.49
CA ASP D 147 -2.93 -9.78 25.77
C ASP D 147 -4.01 -10.07 26.83
N ASN D 148 -3.91 -11.27 27.39
CA ASN D 148 -4.83 -11.79 28.40
C ASN D 148 -5.22 -10.89 29.58
N THR D 149 -4.75 -9.66 29.61
CA THR D 149 -5.07 -8.77 30.73
C THR D 149 -6.55 -8.55 31.04
N LEU D 150 -7.26 -7.86 30.15
CA LEU D 150 -8.66 -7.56 30.39
C LEU D 150 -9.63 -8.74 30.44
N LEU D 151 -9.27 -9.85 29.81
CA LEU D 151 -10.14 -11.02 29.83
C LEU D 151 -10.21 -11.61 31.23
N PHE D 152 -9.04 -11.88 31.80
CA PHE D 152 -8.96 -12.44 33.14
C PHE D 152 -9.59 -11.44 34.10
N HIS D 153 -9.55 -10.16 33.72
CA HIS D 153 -10.15 -9.13 34.55
C HIS D 153 -11.66 -9.24 34.36
N SER D 154 -12.07 -9.70 33.18
CA SER D 154 -13.48 -9.85 32.86
C SER D 154 -14.08 -11.01 33.65
N ILE D 155 -13.54 -12.20 33.44
CA ILE D 155 -14.03 -13.40 34.11
C ILE D 155 -14.10 -13.24 35.64
N THR D 156 -12.98 -12.92 36.25
CA THR D 156 -12.91 -12.75 37.70
C THR D 156 -13.82 -11.64 38.20
N SER D 157 -14.16 -10.70 37.32
CA SER D 157 -15.04 -9.60 37.71
C SER D 157 -16.50 -9.98 37.67
N ASN D 158 -16.97 -10.48 36.54
CA ASN D 158 -18.36 -10.87 36.40
C ASN D 158 -18.86 -11.69 37.59
N ILE D 159 -17.97 -12.42 38.24
CA ILE D 159 -18.33 -13.24 39.40
C ILE D 159 -18.74 -12.32 40.56
N ILE D 160 -17.76 -11.71 41.21
CA ILE D 160 -18.03 -10.81 42.31
C ILE D 160 -18.97 -9.71 41.83
N CYS D 161 -18.91 -9.42 40.54
CA CYS D 161 -19.75 -8.40 39.93
C CYS D 161 -21.23 -8.78 39.89
N SER D 162 -21.51 -10.07 39.74
CA SER D 162 -22.89 -10.57 39.67
C SER D 162 -23.44 -10.98 41.03
N ILE D 163 -22.60 -10.88 42.06
CA ILE D 163 -23.00 -11.21 43.41
C ILE D 163 -23.33 -9.90 44.12
N VAL D 164 -22.93 -8.80 43.49
CA VAL D 164 -23.16 -7.46 44.02
C VAL D 164 -24.17 -6.65 43.20
N PHE D 165 -24.06 -6.74 41.88
CA PHE D 165 -24.95 -6.02 40.97
C PHE D 165 -26.07 -6.89 40.40
N GLY D 166 -25.92 -8.21 40.53
CA GLY D 166 -26.93 -9.13 40.04
C GLY D 166 -26.88 -9.43 38.55
N LYS D 167 -26.00 -8.75 37.83
CA LYS D 167 -25.86 -8.92 36.39
C LYS D 167 -24.40 -9.12 36.00
N ARG D 168 -24.17 -9.75 34.85
CA ARG D 168 -22.81 -9.96 34.36
C ARG D 168 -22.63 -9.04 33.16
N PHE D 169 -21.46 -9.08 32.52
CA PHE D 169 -21.22 -8.22 31.37
C PHE D 169 -20.52 -8.95 30.23
N ASP D 170 -20.78 -8.48 29.00
CA ASP D 170 -20.17 -9.09 27.82
C ASP D 170 -18.71 -8.68 27.77
N TYR D 171 -17.84 -9.62 27.42
CA TYR D 171 -16.41 -9.34 27.33
C TYR D 171 -16.11 -8.19 26.39
N LYS D 172 -17.15 -7.63 25.78
CA LYS D 172 -16.97 -6.53 24.85
C LYS D 172 -17.88 -5.32 25.09
N ASP D 173 -18.51 -5.26 26.26
CA ASP D 173 -19.38 -4.14 26.58
C ASP D 173 -18.53 -2.86 26.65
N PRO D 174 -18.95 -1.79 25.99
CA PRO D 174 -18.22 -0.52 25.99
C PRO D 174 -17.96 0.02 27.40
N VAL D 175 -18.95 -0.10 28.28
CA VAL D 175 -18.82 0.37 29.66
C VAL D 175 -17.98 -0.56 30.50
N PHE D 176 -18.41 -1.82 30.57
CA PHE D 176 -17.71 -2.85 31.34
C PHE D 176 -16.21 -2.77 31.10
N LEU D 177 -15.79 -2.80 29.84
CA LEU D 177 -14.36 -2.74 29.51
C LEU D 177 -13.71 -1.44 29.95
N ARG D 178 -14.52 -0.42 30.17
CA ARG D 178 -14.01 0.87 30.61
C ARG D 178 -13.67 0.79 32.08
N LEU D 179 -14.61 0.34 32.89
CA LEU D 179 -14.38 0.23 34.33
C LEU D 179 -13.20 -0.72 34.56
N LEU D 180 -13.23 -1.88 33.91
CA LEU D 180 -12.16 -2.86 34.04
C LEU D 180 -10.80 -2.22 33.76
N ASP D 181 -10.72 -1.41 32.72
CA ASP D 181 -9.46 -0.76 32.41
C ASP D 181 -9.12 0.19 33.54
N LEU D 182 -10.14 0.70 34.22
CA LEU D 182 -9.92 1.61 35.33
C LEU D 182 -9.32 0.84 36.50
N PHE D 183 -9.95 -0.26 36.88
CA PHE D 183 -9.47 -1.09 37.98
C PHE D 183 -8.01 -1.46 37.76
N PHE D 184 -7.64 -1.76 36.51
CA PHE D 184 -6.29 -2.14 36.17
C PHE D 184 -5.31 -0.99 36.44
N GLN D 185 -5.23 -0.06 35.51
CA GLN D 185 -4.32 1.07 35.64
C GLN D 185 -4.31 1.67 37.05
N SER D 186 -5.44 1.66 37.73
CA SER D 186 -5.49 2.21 39.08
C SER D 186 -4.63 1.40 40.03
N PHE D 187 -4.85 0.10 40.10
CA PHE D 187 -4.08 -0.77 40.98
C PHE D 187 -2.59 -0.65 40.64
N SER D 188 -2.32 -0.53 39.36
CA SER D 188 -0.96 -0.39 38.88
C SER D 188 -0.46 1.02 39.23
N LEU D 189 -1.38 1.96 39.36
CA LEU D 189 -1.03 3.35 39.70
C LEU D 189 -0.75 3.46 41.20
N ILE D 190 -1.58 2.77 41.99
CA ILE D 190 -1.43 2.76 43.44
C ILE D 190 -0.11 2.10 43.81
N SER D 191 0.40 1.23 42.93
CA SER D 191 1.65 0.52 43.16
C SER D 191 2.85 1.28 42.63
N SER D 192 2.59 2.44 42.01
CA SER D 192 3.65 3.27 41.45
C SER D 192 4.59 3.76 42.54
N PHE D 193 5.74 4.26 42.11
CA PHE D 193 6.72 4.78 43.04
C PHE D 193 6.18 6.07 43.63
N SER D 194 5.31 6.73 42.86
CA SER D 194 4.70 7.99 43.27
C SER D 194 3.76 7.77 44.45
N SER D 195 2.90 6.75 44.33
CA SER D 195 1.94 6.44 45.40
C SER D 195 2.68 6.19 46.71
N GLN D 196 3.92 5.74 46.60
CA GLN D 196 4.74 5.43 47.77
C GLN D 196 5.42 6.66 48.37
N VAL D 197 5.95 7.53 47.52
CA VAL D 197 6.61 8.75 47.98
C VAL D 197 5.53 9.74 48.44
N PHE D 198 4.28 9.35 48.23
CA PHE D 198 3.12 10.15 48.62
C PHE D 198 2.70 9.56 49.96
N GLU D 199 2.85 8.24 50.06
CA GLU D 199 2.51 7.54 51.28
C GLU D 199 3.27 8.16 52.43
N LEU D 200 4.45 8.70 52.14
CA LEU D 200 5.26 9.34 53.15
C LEU D 200 4.87 10.79 53.39
N PHE D 201 5.00 11.63 52.37
CA PHE D 201 4.68 13.04 52.48
C PHE D 201 3.45 13.42 51.68
N SER D 202 2.26 13.04 52.15
CA SER D 202 1.03 13.35 51.41
C SER D 202 0.50 14.72 51.79
N GLY D 203 0.39 14.97 53.09
CA GLY D 203 -0.10 16.25 53.56
C GLY D 203 0.56 17.40 52.84
N PHE D 204 1.73 17.13 52.29
CA PHE D 204 2.51 18.12 51.54
C PHE D 204 2.23 17.97 50.04
N LEU D 205 2.35 16.75 49.54
CA LEU D 205 2.17 16.48 48.13
C LEU D 205 0.73 16.40 47.60
N LYS D 206 -0.24 16.82 48.40
CA LYS D 206 -1.62 16.79 47.93
C LYS D 206 -2.01 18.15 47.37
N TYR D 207 -1.50 19.21 47.98
CA TYR D 207 -1.78 20.55 47.50
C TYR D 207 -1.02 20.73 46.20
N PHE D 208 -0.45 19.63 45.71
CA PHE D 208 0.32 19.66 44.47
C PHE D 208 -0.03 18.53 43.54
N PRO D 209 -0.03 18.82 42.23
CA PRO D 209 -0.35 17.86 41.17
C PRO D 209 0.55 16.62 41.17
N GLY D 210 -0.09 15.46 41.31
CA GLY D 210 0.64 14.22 41.31
C GLY D 210 -0.24 13.10 40.77
N THR D 211 0.35 11.92 40.59
CA THR D 211 -0.39 10.77 40.08
C THR D 211 -1.40 10.26 41.11
N HIS D 212 -1.65 11.07 42.14
CA HIS D 212 -2.59 10.69 43.19
C HIS D 212 -3.98 11.26 42.91
N ARG D 213 -4.05 12.26 42.03
CA ARG D 213 -5.33 12.88 41.68
C ARG D 213 -5.96 12.08 40.55
N GLN D 214 -5.11 11.41 39.78
CA GLN D 214 -5.56 10.58 38.67
C GLN D 214 -6.17 9.31 39.23
N ILE D 215 -5.67 8.89 40.41
CA ILE D 215 -6.19 7.71 41.08
C ILE D 215 -7.55 8.04 41.70
N TYR D 216 -7.62 9.20 42.34
CA TYR D 216 -8.86 9.67 42.96
C TYR D 216 -9.94 9.77 41.91
N ARG D 217 -9.59 10.38 40.78
CA ARG D 217 -10.51 10.57 39.66
C ARG D 217 -11.07 9.25 39.16
N ASN D 218 -10.17 8.31 38.83
CA ASN D 218 -10.59 7.00 38.35
C ASN D 218 -11.55 6.36 39.35
N LEU D 219 -11.15 6.32 40.62
CA LEU D 219 -12.00 5.76 41.65
C LEU D 219 -13.33 6.49 41.65
N GLN D 220 -13.28 7.78 41.36
CA GLN D 220 -14.50 8.56 41.32
C GLN D 220 -15.39 7.99 40.23
N GLU D 221 -14.90 7.99 38.99
CA GLU D 221 -15.66 7.48 37.88
C GLU D 221 -16.33 6.13 38.18
N ILE D 222 -15.64 5.30 38.96
CA ILE D 222 -16.18 3.99 39.32
C ILE D 222 -17.34 4.12 40.31
N ASN D 223 -17.33 5.17 41.11
CA ASN D 223 -18.40 5.38 42.08
C ASN D 223 -19.60 6.02 41.39
N THR D 224 -19.31 6.83 40.38
CA THR D 224 -20.35 7.48 39.59
C THR D 224 -21.21 6.36 39.01
N PHE D 225 -20.56 5.23 38.70
CA PHE D 225 -21.22 4.05 38.16
C PHE D 225 -21.87 3.29 39.30
N ILE D 226 -21.17 3.21 40.43
CA ILE D 226 -21.70 2.49 41.58
C ILE D 226 -22.90 3.25 42.11
N GLY D 227 -22.81 4.57 42.09
CA GLY D 227 -23.89 5.40 42.57
C GLY D 227 -25.18 5.16 41.80
N GLN D 228 -25.20 5.60 40.54
CA GLN D 228 -26.37 5.43 39.69
C GLN D 228 -26.83 3.99 39.62
N SER D 229 -25.88 3.07 39.51
CA SER D 229 -26.22 1.65 39.43
C SER D 229 -27.06 1.24 40.64
N VAL D 230 -27.08 2.07 41.67
CA VAL D 230 -27.88 1.77 42.85
C VAL D 230 -29.25 2.39 42.63
N GLU D 231 -29.28 3.46 41.84
CA GLU D 231 -30.52 4.15 41.51
C GLU D 231 -31.46 3.16 40.83
N LYS D 232 -30.97 2.57 39.74
CA LYS D 232 -31.77 1.60 39.00
C LYS D 232 -32.21 0.46 39.91
N HIS D 233 -31.37 0.11 40.88
CA HIS D 233 -31.70 -0.97 41.81
C HIS D 233 -32.76 -0.51 42.81
N ARG D 234 -32.71 0.77 43.18
CA ARG D 234 -33.69 1.33 44.10
C ARG D 234 -34.96 1.59 43.30
N ALA D 235 -34.80 2.36 42.24
CA ALA D 235 -35.89 2.74 41.35
C ALA D 235 -36.62 1.54 40.76
N THR D 236 -36.17 0.33 41.07
CA THR D 236 -36.82 -0.87 40.56
C THR D 236 -36.80 -1.96 41.61
N LEU D 237 -36.48 -1.57 42.85
CA LEU D 237 -36.42 -2.51 43.96
C LEU D 237 -37.76 -3.17 44.24
N ASP D 238 -37.72 -4.48 44.44
CA ASP D 238 -38.92 -5.25 44.73
C ASP D 238 -38.68 -6.07 46.00
N PRO D 239 -38.88 -5.46 47.17
CA PRO D 239 -38.69 -6.07 48.49
C PRO D 239 -39.12 -7.53 48.63
N SER D 240 -40.14 -7.93 47.88
CA SER D 240 -40.65 -9.31 47.91
C SER D 240 -39.51 -10.32 47.80
N ASN D 241 -38.75 -10.20 46.72
CA ASN D 241 -37.63 -11.09 46.48
C ASN D 241 -36.44 -10.26 46.00
N PRO D 242 -35.50 -9.94 46.92
CA PRO D 242 -34.31 -9.15 46.60
C PRO D 242 -33.44 -9.86 45.57
N ARG D 243 -32.67 -9.10 44.81
CA ARG D 243 -31.83 -9.66 43.76
C ARG D 243 -30.33 -9.77 44.07
N ASP D 244 -29.75 -8.71 44.63
CA ASP D 244 -28.31 -8.71 44.92
C ASP D 244 -27.89 -8.01 46.22
N PHE D 245 -26.59 -7.75 46.32
CA PHE D 245 -26.00 -7.10 47.47
C PHE D 245 -26.53 -5.68 47.66
N ILE D 246 -26.70 -4.94 46.56
CA ILE D 246 -27.21 -3.59 46.65
C ILE D 246 -28.67 -3.61 47.13
N ASP D 247 -29.40 -4.67 46.76
CA ASP D 247 -30.80 -4.79 47.17
C ASP D 247 -30.87 -4.98 48.68
N VAL D 248 -30.40 -6.14 49.15
CA VAL D 248 -30.41 -6.44 50.58
C VAL D 248 -29.96 -5.24 51.40
N TYR D 249 -28.91 -4.58 50.94
CA TYR D 249 -28.37 -3.41 51.61
C TYR D 249 -29.43 -2.31 51.64
N LEU D 250 -30.07 -2.06 50.49
CA LEU D 250 -31.10 -1.03 50.42
C LEU D 250 -32.28 -1.40 51.30
N LEU D 251 -32.65 -2.67 51.30
CA LEU D 251 -33.77 -3.12 52.12
C LEU D 251 -33.41 -2.95 53.58
N ARG D 252 -32.20 -3.34 53.95
CA ARG D 252 -31.76 -3.21 55.33
C ARG D 252 -31.18 -1.81 55.59
N MET D 253 -31.34 -0.93 54.61
CA MET D 253 -30.88 0.45 54.72
C MET D 253 -32.11 1.25 55.12
N GLU D 254 -33.24 0.85 54.53
CA GLU D 254 -34.54 1.45 54.78
C GLU D 254 -35.01 1.00 56.16
N LYS D 255 -34.52 -0.15 56.58
CA LYS D 255 -34.89 -0.72 57.88
C LYS D 255 -34.17 -0.01 59.02
N ASP D 256 -33.08 0.69 58.70
CA ASP D 256 -32.32 1.38 59.72
C ASP D 256 -32.36 2.91 59.63
N LYS D 257 -33.51 3.43 59.21
CA LYS D 257 -33.67 4.88 59.10
C LYS D 257 -34.01 5.48 60.46
N SER D 258 -34.72 4.70 61.27
CA SER D 258 -35.10 5.12 62.62
C SER D 258 -33.92 4.87 63.53
N ASP D 259 -32.73 5.23 63.06
CA ASP D 259 -31.51 5.03 63.82
C ASP D 259 -30.31 5.73 63.16
N PRO D 260 -29.98 6.95 63.62
CA PRO D 260 -28.87 7.76 63.11
C PRO D 260 -27.53 7.27 63.67
N SER D 261 -27.49 5.97 63.98
CA SER D 261 -26.30 5.33 64.50
C SER D 261 -26.15 4.01 63.76
N SER D 262 -26.85 3.90 62.63
CA SER D 262 -26.81 2.71 61.80
C SER D 262 -25.77 2.92 60.71
N GLU D 263 -24.76 2.05 60.67
CA GLU D 263 -23.70 2.17 59.68
C GLU D 263 -24.25 2.06 58.26
N PHE D 264 -25.24 1.18 58.07
CA PHE D 264 -25.84 0.94 56.76
C PHE D 264 -26.60 2.10 56.12
N HIS D 265 -25.90 3.19 55.81
CA HIS D 265 -26.53 4.35 55.21
C HIS D 265 -25.66 5.00 54.15
N HIS D 266 -26.04 4.78 52.89
CA HIS D 266 -25.36 5.30 51.71
C HIS D 266 -23.85 5.45 51.79
N GLN D 267 -23.37 6.36 52.65
CA GLN D 267 -21.95 6.57 52.83
C GLN D 267 -21.15 5.30 52.55
N ASN D 268 -21.52 4.23 53.24
CA ASN D 268 -20.83 2.95 53.05
C ASN D 268 -21.24 2.26 51.77
N LEU D 269 -22.54 2.13 51.53
CA LEU D 269 -23.05 1.46 50.34
C LEU D 269 -22.12 1.56 49.13
N ILE D 270 -21.85 2.78 48.69
CA ILE D 270 -20.98 2.99 47.54
C ILE D 270 -19.55 2.54 47.79
N LEU D 271 -18.97 2.97 48.91
CA LEU D 271 -17.61 2.60 49.25
C LEU D 271 -17.41 1.11 49.52
N THR D 272 -18.41 0.44 50.07
CA THR D 272 -18.27 -0.99 50.30
C THR D 272 -18.33 -1.69 48.95
N VAL D 273 -19.28 -1.28 48.13
CA VAL D 273 -19.42 -1.88 46.81
C VAL D 273 -18.15 -1.63 46.00
N LEU D 274 -17.52 -0.48 46.20
CA LEU D 274 -16.28 -0.15 45.49
C LEU D 274 -15.14 -1.06 45.91
N SER D 275 -15.14 -1.47 47.17
CA SER D 275 -14.09 -2.34 47.68
C SER D 275 -14.22 -3.75 47.09
N LEU D 276 -15.37 -4.36 47.29
CA LEU D 276 -15.63 -5.71 46.78
C LEU D 276 -15.50 -5.78 45.26
N PHE D 277 -15.89 -4.70 44.58
CA PHE D 277 -15.84 -4.62 43.12
C PHE D 277 -14.42 -4.44 42.59
N PHE D 278 -13.57 -3.75 43.34
CA PHE D 278 -12.19 -3.51 42.94
C PHE D 278 -11.21 -4.60 43.38
N ALA D 279 -11.58 -5.37 44.40
CA ALA D 279 -10.74 -6.44 44.91
C ALA D 279 -11.09 -7.80 44.30
N GLY D 280 -12.37 -8.04 44.10
CA GLY D 280 -12.79 -9.31 43.51
C GLY D 280 -12.34 -9.41 42.07
N THR D 281 -12.29 -8.27 41.40
CA THR D 281 -11.89 -8.17 40.00
C THR D 281 -10.38 -8.18 39.77
N GLU D 282 -9.72 -7.14 40.27
CA GLU D 282 -8.29 -6.96 40.11
C GLU D 282 -7.34 -8.09 40.54
N THR D 283 -7.29 -8.38 41.84
CA THR D 283 -6.37 -9.39 42.35
C THR D 283 -6.50 -10.83 41.83
N THR D 284 -7.66 -11.45 42.00
CA THR D 284 -7.85 -12.82 41.52
C THR D 284 -7.43 -12.94 40.05
N SER D 285 -7.58 -11.85 39.30
CA SER D 285 -7.22 -11.81 37.88
C SER D 285 -5.71 -11.77 37.66
N THR D 286 -5.06 -10.73 38.18
CA THR D 286 -3.61 -10.60 38.02
C THR D 286 -2.84 -11.79 38.59
N THR D 287 -3.56 -12.72 39.20
CA THR D 287 -2.92 -13.92 39.73
C THR D 287 -2.89 -14.90 38.57
N LEU D 288 -4.00 -14.98 37.83
CA LEU D 288 -4.08 -15.85 36.68
C LEU D 288 -3.04 -15.38 35.68
N ARG D 289 -2.96 -14.07 35.49
CA ARG D 289 -1.97 -13.49 34.58
C ARG D 289 -0.60 -14.04 34.94
N TYR D 290 -0.10 -13.65 36.10
CA TYR D 290 1.20 -14.11 36.56
C TYR D 290 1.31 -15.63 36.47
N GLY D 291 0.19 -16.31 36.71
CA GLY D 291 0.18 -17.77 36.66
C GLY D 291 0.64 -18.28 35.30
N PHE D 292 -0.08 -17.90 34.26
CA PHE D 292 0.27 -18.33 32.91
C PHE D 292 1.63 -17.79 32.46
N LEU D 293 2.22 -16.89 33.24
CA LEU D 293 3.52 -16.34 32.87
C LEU D 293 4.62 -17.27 33.40
N LEU D 294 4.23 -18.21 34.26
CA LEU D 294 5.17 -19.20 34.79
C LEU D 294 4.91 -20.41 33.92
N MET D 295 3.64 -20.61 33.59
CA MET D 295 3.21 -21.73 32.76
C MET D 295 3.87 -21.63 31.39
N LEU D 296 4.44 -20.46 31.10
CA LEU D 296 5.15 -20.26 29.85
C LEU D 296 6.59 -20.63 30.17
N LYS D 297 7.21 -19.88 31.07
CA LYS D 297 8.59 -20.12 31.47
C LYS D 297 8.80 -21.58 31.88
N TYR D 298 7.75 -22.18 32.43
CA TYR D 298 7.83 -23.57 32.86
C TYR D 298 6.74 -24.37 32.18
N PRO D 299 7.00 -24.84 30.97
CA PRO D 299 6.02 -25.63 30.21
C PRO D 299 5.97 -27.08 30.70
N HIS D 300 7.07 -27.56 31.27
CA HIS D 300 7.11 -28.93 31.77
C HIS D 300 6.14 -29.08 32.94
N VAL D 301 5.69 -27.94 33.47
CA VAL D 301 4.75 -27.90 34.58
C VAL D 301 3.35 -27.79 33.99
N THR D 302 3.28 -27.29 32.76
CA THR D 302 2.00 -27.13 32.07
C THR D 302 1.48 -28.48 31.58
N GLU D 303 2.35 -29.29 30.99
CA GLU D 303 1.96 -30.61 30.51
C GLU D 303 1.58 -31.46 31.71
N ARG D 304 2.37 -31.37 32.78
CA ARG D 304 2.11 -32.11 34.01
C ARG D 304 0.67 -31.84 34.43
N VAL D 305 0.28 -30.58 34.47
CA VAL D 305 -1.08 -30.23 34.83
C VAL D 305 -1.98 -30.74 33.71
N GLN D 306 -1.55 -30.53 32.48
CA GLN D 306 -2.28 -30.95 31.29
C GLN D 306 -2.72 -32.40 31.39
N LYS D 307 -1.90 -33.20 32.08
CA LYS D 307 -2.20 -34.61 32.26
C LYS D 307 -3.08 -34.85 33.48
N GLU D 308 -2.68 -34.32 34.63
CA GLU D 308 -3.47 -34.51 35.84
C GLU D 308 -4.94 -34.17 35.64
N ILE D 309 -5.21 -33.26 34.70
CA ILE D 309 -6.57 -32.83 34.40
C ILE D 309 -7.33 -33.89 33.61
N GLU D 310 -6.62 -34.58 32.71
CA GLU D 310 -7.23 -35.64 31.91
C GLU D 310 -7.11 -36.98 32.65
N GLN D 311 -6.18 -37.04 33.60
CA GLN D 311 -5.96 -38.24 34.39
C GLN D 311 -6.98 -38.33 35.52
N VAL D 312 -7.65 -37.23 35.80
CA VAL D 312 -8.63 -37.18 36.87
C VAL D 312 -9.98 -36.58 36.45
N ILE D 313 -9.94 -35.56 35.60
CA ILE D 313 -11.18 -34.92 35.13
C ILE D 313 -11.49 -35.32 33.69
N GLY D 314 -10.47 -35.71 32.95
CA GLY D 314 -10.67 -36.10 31.57
C GLY D 314 -10.85 -34.90 30.65
N SER D 315 -11.69 -35.04 29.64
CA SER D 315 -11.94 -33.96 28.69
C SER D 315 -13.41 -33.88 28.31
N HIS D 316 -14.24 -34.66 28.99
CA HIS D 316 -15.67 -34.67 28.71
C HIS D 316 -16.47 -34.17 29.91
N ARG D 317 -16.29 -32.89 30.22
CA ARG D 317 -16.96 -32.20 31.32
C ARG D 317 -16.01 -31.13 31.87
N PRO D 318 -16.56 -30.06 32.45
CA PRO D 318 -15.76 -28.96 33.00
C PRO D 318 -15.23 -29.26 34.41
N PRO D 319 -14.09 -28.66 34.79
CA PRO D 319 -13.49 -28.86 36.11
C PRO D 319 -14.43 -28.46 37.25
N ALA D 320 -14.53 -29.32 38.26
CA ALA D 320 -15.37 -29.05 39.42
C ALA D 320 -14.48 -28.64 40.59
N LEU D 321 -15.07 -28.19 41.68
CA LEU D 321 -14.28 -27.77 42.83
C LEU D 321 -13.83 -28.92 43.73
N ASP D 322 -14.66 -29.95 43.85
CA ASP D 322 -14.30 -31.09 44.68
C ASP D 322 -13.26 -31.98 44.03
N ASP D 323 -12.78 -31.58 42.85
CA ASP D 323 -11.75 -32.33 42.14
C ASP D 323 -10.40 -31.90 42.70
N ARG D 324 -10.33 -30.64 43.14
CA ARG D 324 -9.11 -30.05 43.68
C ARG D 324 -8.39 -30.97 44.66
N ALA D 325 -9.15 -31.82 45.36
CA ALA D 325 -8.56 -32.77 46.30
C ALA D 325 -7.92 -33.88 45.48
N LYS D 326 -8.67 -34.37 44.51
CA LYS D 326 -8.21 -35.44 43.64
C LYS D 326 -7.13 -34.92 42.68
N MET D 327 -6.57 -33.76 43.00
CA MET D 327 -5.53 -33.17 42.17
C MET D 327 -4.50 -32.44 43.03
N PRO D 328 -3.54 -33.18 43.59
CA PRO D 328 -2.52 -32.57 44.43
C PRO D 328 -1.52 -31.68 43.69
N TYR D 329 -1.03 -32.13 42.55
CA TYR D 329 -0.05 -31.36 41.79
C TYR D 329 -0.58 -30.01 41.35
N THR D 330 -1.75 -30.03 40.71
CA THR D 330 -2.38 -28.80 40.24
C THR D 330 -2.50 -27.81 41.39
N ASP D 331 -3.04 -28.28 42.51
CA ASP D 331 -3.21 -27.45 43.70
C ASP D 331 -1.89 -26.88 44.18
N ALA D 332 -0.86 -27.72 44.23
CA ALA D 332 0.46 -27.28 44.67
C ALA D 332 1.05 -26.27 43.68
N VAL D 333 0.74 -26.46 42.40
CA VAL D 333 1.23 -25.56 41.37
C VAL D 333 0.60 -24.19 41.55
N ILE D 334 -0.71 -24.18 41.78
CA ILE D 334 -1.45 -22.93 41.98
C ILE D 334 -0.91 -22.21 43.21
N HIS D 335 -0.89 -22.93 44.34
CA HIS D 335 -0.39 -22.39 45.60
C HIS D 335 0.98 -21.75 45.39
N GLU D 336 1.78 -22.37 44.53
CA GLU D 336 3.12 -21.88 44.22
C GLU D 336 3.05 -20.60 43.36
N ILE D 337 2.08 -20.53 42.46
CA ILE D 337 1.94 -19.35 41.61
C ILE D 337 1.65 -18.16 42.51
N GLN D 338 0.66 -18.36 43.36
CA GLN D 338 0.18 -17.35 44.30
C GLN D 338 1.24 -16.93 45.31
N ARG D 339 2.22 -17.79 45.54
CA ARG D 339 3.31 -17.46 46.47
C ARG D 339 4.35 -16.61 45.77
N LEU D 340 4.83 -17.07 44.62
CA LEU D 340 5.83 -16.33 43.85
C LEU D 340 5.17 -15.06 43.33
N GLY D 341 3.88 -15.17 43.03
CA GLY D 341 3.13 -14.02 42.56
C GLY D 341 3.32 -12.93 43.59
N ASP D 342 2.76 -13.17 44.77
CA ASP D 342 2.91 -12.22 45.86
C ASP D 342 2.26 -10.92 45.46
N LEU D 343 1.05 -11.01 44.89
CA LEU D 343 0.32 -9.85 44.41
C LEU D 343 0.29 -8.64 45.36
N ILE D 344 0.33 -8.90 46.66
CA ILE D 344 0.32 -7.81 47.64
C ILE D 344 1.54 -7.96 48.55
N PRO D 345 2.65 -7.32 48.17
CA PRO D 345 3.94 -7.31 48.86
C PRO D 345 3.90 -7.25 50.38
N PHE D 346 3.46 -6.11 50.92
CA PHE D 346 3.40 -5.95 52.36
C PHE D 346 1.98 -5.83 52.92
N GLY D 347 1.06 -6.58 52.32
CA GLY D 347 -0.33 -6.57 52.75
C GLY D 347 -0.93 -5.21 52.92
N VAL D 348 -2.14 -5.16 53.47
CA VAL D 348 -2.83 -3.90 53.70
C VAL D 348 -2.58 -3.47 55.15
N PRO D 349 -2.15 -2.21 55.35
CA PRO D 349 -1.84 -1.59 56.65
C PRO D 349 -2.76 -1.92 57.83
N HIS D 350 -2.13 -2.07 59.00
CA HIS D 350 -2.84 -2.39 60.23
C HIS D 350 -2.60 -1.36 61.33
N THR D 351 -3.29 -1.58 62.44
CA THR D 351 -3.18 -0.73 63.61
C THR D 351 -3.56 -1.60 64.79
N VAL D 352 -2.99 -1.30 65.95
CA VAL D 352 -3.29 -2.04 67.16
C VAL D 352 -4.52 -1.41 67.79
N THR D 353 -5.58 -2.19 67.95
CA THR D 353 -6.81 -1.65 68.54
C THR D 353 -6.55 -1.11 69.94
N LYS D 354 -5.33 -1.24 70.43
CA LYS D 354 -5.00 -0.78 71.78
C LYS D 354 -3.51 -0.71 72.00
N ASP D 355 -3.13 -0.40 73.23
CA ASP D 355 -1.73 -0.36 73.62
C ASP D 355 -1.45 -1.85 73.81
N THR D 356 -0.69 -2.44 72.88
CA THR D 356 -0.39 -3.87 72.95
C THR D 356 1.06 -4.24 73.19
N GLN D 357 1.25 -5.42 73.78
CA GLN D 357 2.57 -5.96 74.05
C GLN D 357 2.86 -7.08 73.08
N PHE D 358 4.00 -6.98 72.40
CA PHE D 358 4.39 -7.96 71.40
C PHE D 358 5.90 -8.15 71.47
N ARG D 359 6.33 -9.39 71.68
CA ARG D 359 7.75 -9.70 71.76
C ARG D 359 8.52 -8.64 72.55
N GLY D 360 8.31 -8.60 73.86
CA GLY D 360 9.01 -7.63 74.69
C GLY D 360 8.91 -6.17 74.32
N TYR D 361 7.91 -5.80 73.53
CA TYR D 361 7.74 -4.40 73.14
C TYR D 361 6.33 -3.89 73.40
N VAL D 362 6.20 -2.56 73.37
CA VAL D 362 4.92 -1.92 73.61
C VAL D 362 4.53 -1.10 72.39
N ILE D 363 3.50 -1.57 71.69
CA ILE D 363 3.00 -0.89 70.51
C ILE D 363 1.75 -0.14 70.95
N PRO D 364 1.85 1.19 71.10
CA PRO D 364 0.73 2.04 71.52
C PRO D 364 -0.56 1.83 70.73
N LYS D 365 -1.67 2.34 71.26
CA LYS D 365 -2.98 2.19 70.62
C LYS D 365 -3.09 2.92 69.28
N ASN D 366 -3.65 2.22 68.29
CA ASN D 366 -3.84 2.75 66.95
C ASN D 366 -2.54 3.13 66.26
N THR D 367 -1.54 2.26 66.38
CA THR D 367 -0.25 2.49 65.73
C THR D 367 -0.23 1.66 64.47
N GLU D 368 0.28 2.24 63.38
CA GLU D 368 0.34 1.56 62.11
C GLU D 368 1.32 0.38 62.10
N VAL D 369 0.90 -0.72 61.47
CA VAL D 369 1.72 -1.93 61.38
C VAL D 369 1.61 -2.56 60.00
N PHE D 370 2.74 -2.79 59.36
CA PHE D 370 2.76 -3.41 58.03
C PHE D 370 3.11 -4.90 58.07
N PRO D 371 2.16 -5.78 57.75
CA PRO D 371 2.46 -7.21 57.76
C PRO D 371 3.10 -7.60 56.42
N VAL D 372 4.43 -7.53 56.35
CA VAL D 372 5.13 -7.86 55.10
C VAL D 372 4.98 -9.33 54.74
N LEU D 373 3.83 -9.66 54.16
CA LEU D 373 3.53 -11.02 53.76
C LEU D 373 4.60 -11.63 52.85
N SER D 374 5.19 -10.81 51.99
CA SER D 374 6.21 -11.32 51.09
C SER D 374 7.28 -12.06 51.87
N SER D 375 7.85 -11.40 52.87
CA SER D 375 8.89 -11.97 53.69
C SER D 375 8.47 -13.27 54.37
N ALA D 376 7.20 -13.62 54.22
CA ALA D 376 6.67 -14.85 54.81
C ALA D 376 6.54 -15.89 53.70
N LEU D 377 6.10 -15.44 52.54
CA LEU D 377 5.92 -16.31 51.38
C LEU D 377 7.29 -16.68 50.81
N HIS D 378 8.33 -15.98 51.26
CA HIS D 378 9.69 -16.23 50.82
C HIS D 378 10.56 -16.61 52.02
N ASP D 379 9.96 -16.64 53.20
CA ASP D 379 10.68 -16.98 54.42
C ASP D 379 11.28 -18.37 54.22
N PRO D 380 12.62 -18.45 54.12
CA PRO D 380 13.30 -19.74 53.92
C PRO D 380 13.01 -20.73 55.04
N ARG D 381 13.01 -20.22 56.26
CA ARG D 381 12.75 -21.03 57.45
C ARG D 381 11.64 -22.06 57.22
N TYR D 382 10.80 -21.80 56.23
CA TYR D 382 9.71 -22.72 55.92
C TYR D 382 9.71 -23.13 54.46
N PHE D 383 10.48 -22.44 53.64
CA PHE D 383 10.52 -22.73 52.22
C PHE D 383 11.90 -23.08 51.66
N GLU D 384 11.99 -24.21 50.98
CA GLU D 384 13.23 -24.60 50.34
C GLU D 384 13.08 -23.84 49.02
N THR D 385 14.17 -23.42 48.40
CA THR D 385 14.07 -22.68 47.13
C THR D 385 12.96 -21.63 47.23
N PRO D 386 13.09 -20.67 48.16
CA PRO D 386 12.07 -19.64 48.33
C PRO D 386 11.80 -18.81 47.08
N ASN D 387 12.81 -18.70 46.22
CA ASN D 387 12.69 -17.92 44.99
C ASN D 387 12.70 -18.78 43.74
N THR D 388 12.05 -19.94 43.80
CA THR D 388 12.01 -20.84 42.66
C THR D 388 10.70 -21.58 42.58
N PHE D 389 10.10 -21.59 41.38
CA PHE D 389 8.85 -22.30 41.20
C PHE D 389 9.13 -23.74 41.57
N ASN D 390 8.60 -24.18 42.70
CA ASN D 390 8.83 -25.53 43.17
C ASN D 390 7.52 -26.12 43.70
N PRO D 391 6.78 -26.84 42.83
CA PRO D 391 5.51 -27.46 43.20
C PRO D 391 5.63 -28.27 44.49
N GLY D 392 6.86 -28.39 44.98
CA GLY D 392 7.10 -29.09 46.24
C GLY D 392 6.52 -28.15 47.27
N HIS D 393 7.18 -28.01 48.41
CA HIS D 393 6.67 -27.10 49.44
C HIS D 393 5.28 -27.53 49.90
N PHE D 394 4.40 -27.69 48.92
CA PHE D 394 3.02 -28.07 49.14
C PHE D 394 2.77 -29.52 48.75
N LEU D 395 3.85 -30.29 48.69
CA LEU D 395 3.78 -31.71 48.36
C LEU D 395 4.70 -32.50 49.28
N ASP D 396 4.20 -33.62 49.80
CA ASP D 396 5.00 -34.46 50.69
C ASP D 396 5.97 -35.28 49.83
N ALA D 397 6.44 -36.39 50.38
CA ALA D 397 7.37 -37.24 49.66
C ALA D 397 6.66 -38.46 49.10
N ASN D 398 5.33 -38.44 49.18
CA ASN D 398 4.51 -39.53 48.68
C ASN D 398 3.70 -39.04 47.47
N GLY D 399 3.52 -37.72 47.39
CA GLY D 399 2.77 -37.13 46.28
C GLY D 399 1.44 -36.50 46.63
N ALA D 400 1.17 -36.29 47.91
CA ALA D 400 -0.09 -35.70 48.34
C ALA D 400 0.09 -34.24 48.77
N LEU D 401 -0.96 -33.46 48.65
CA LEU D 401 -0.92 -32.05 49.02
C LEU D 401 -0.50 -31.90 50.48
N LYS D 402 0.47 -31.02 50.73
CA LYS D 402 0.99 -30.79 52.07
C LYS D 402 0.36 -29.56 52.76
N ARG D 403 1.22 -28.67 53.25
CA ARG D 403 0.80 -27.44 53.92
C ARG D 403 2.02 -26.75 54.51
N ASN D 404 2.11 -25.44 54.33
CA ASN D 404 3.23 -24.68 54.85
C ASN D 404 2.79 -23.40 55.57
N GLU D 405 3.15 -23.30 56.84
CA GLU D 405 2.81 -22.16 57.67
C GLU D 405 3.35 -20.83 57.15
N GLY D 406 4.16 -20.88 56.09
CA GLY D 406 4.72 -19.68 55.52
C GLY D 406 3.88 -19.15 54.37
N PHE D 407 2.94 -19.98 53.95
CA PHE D 407 2.03 -19.64 52.85
C PHE D 407 0.83 -18.88 53.43
N MET D 408 0.76 -17.59 53.14
CA MET D 408 -0.32 -16.74 53.64
C MET D 408 -0.58 -15.59 52.68
N PRO D 409 -0.97 -15.89 51.43
CA PRO D 409 -1.24 -14.84 50.44
C PRO D 409 -2.41 -13.92 50.79
N PHE D 410 -3.41 -14.48 51.47
CA PHE D 410 -4.59 -13.72 51.88
C PHE D 410 -4.37 -13.16 53.28
N SER D 411 -3.17 -13.35 53.80
CA SER D 411 -2.83 -12.89 55.14
C SER D 411 -3.67 -13.68 56.12
N LEU D 412 -3.44 -13.49 57.41
CA LEU D 412 -4.20 -14.22 58.41
C LEU D 412 -4.63 -13.32 59.54
N GLY D 413 -5.71 -13.72 60.21
CA GLY D 413 -6.22 -12.92 61.32
C GLY D 413 -7.68 -12.59 61.15
N LYS D 414 -8.16 -11.63 61.93
CA LYS D 414 -9.56 -11.25 61.83
C LYS D 414 -9.76 -10.35 60.64
N ARG D 415 -8.66 -10.01 59.98
CA ARG D 415 -8.70 -9.16 58.80
C ARG D 415 -8.32 -9.95 57.53
N ILE D 416 -8.18 -11.26 57.67
CA ILE D 416 -7.81 -12.13 56.55
C ILE D 416 -8.76 -11.86 55.38
N CYS D 417 -8.20 -11.86 54.17
CA CYS D 417 -9.00 -11.59 52.97
C CYS D 417 -10.41 -12.13 53.06
N LEU D 418 -11.38 -11.24 52.82
CA LEU D 418 -12.78 -11.58 52.87
C LEU D 418 -13.16 -12.41 51.65
N GLY D 419 -12.39 -12.27 50.59
CA GLY D 419 -12.66 -13.00 49.37
C GLY D 419 -11.89 -14.30 49.26
N GLU D 420 -10.93 -14.52 50.15
CA GLU D 420 -10.13 -15.74 50.14
C GLU D 420 -10.87 -16.91 49.53
N GLY D 421 -12.10 -17.13 49.99
CA GLY D 421 -12.90 -18.23 49.49
C GLY D 421 -13.27 -18.12 48.04
N ILE D 422 -14.11 -17.13 47.71
CA ILE D 422 -14.55 -16.94 46.33
C ILE D 422 -13.39 -16.90 45.32
N ALA D 423 -12.18 -16.60 45.80
CA ALA D 423 -11.01 -16.52 44.91
C ALA D 423 -10.25 -17.84 44.73
N ARG D 424 -10.18 -18.64 45.79
CA ARG D 424 -9.48 -19.91 45.71
C ARG D 424 -10.22 -20.81 44.72
N THR D 425 -11.52 -20.57 44.59
CA THR D 425 -12.34 -21.35 43.68
C THR D 425 -12.21 -20.79 42.28
N GLU D 426 -12.19 -19.46 42.16
CA GLU D 426 -12.06 -18.82 40.85
C GLU D 426 -10.69 -19.15 40.25
N LEU D 427 -9.65 -19.16 41.09
CA LEU D 427 -8.33 -19.50 40.59
C LEU D 427 -8.34 -20.91 40.02
N PHE D 428 -8.70 -21.88 40.86
CA PHE D 428 -8.74 -23.27 40.41
C PHE D 428 -9.57 -23.41 39.14
N LEU D 429 -10.89 -23.54 39.30
CA LEU D 429 -11.81 -23.70 38.17
C LEU D 429 -11.32 -23.02 36.90
N PHE D 430 -11.13 -21.71 36.93
CA PHE D 430 -10.65 -21.00 35.74
C PHE D 430 -9.35 -21.62 35.26
N PHE D 431 -8.30 -21.50 36.07
CA PHE D 431 -7.00 -22.03 35.73
C PHE D 431 -7.03 -23.50 35.27
N THR D 432 -8.10 -24.21 35.59
CA THR D 432 -8.22 -25.62 35.18
C THR D 432 -9.00 -25.69 33.87
N THR D 433 -10.18 -25.07 33.85
CA THR D 433 -11.01 -25.07 32.66
C THR D 433 -10.19 -24.61 31.46
N ILE D 434 -9.38 -23.58 31.66
CA ILE D 434 -8.53 -23.05 30.59
C ILE D 434 -7.67 -24.17 30.03
N LEU D 435 -6.62 -24.53 30.77
CA LEU D 435 -5.71 -25.59 30.34
C LEU D 435 -6.42 -26.80 29.74
N GLN D 436 -7.56 -27.17 30.30
CA GLN D 436 -8.30 -28.31 29.79
C GLN D 436 -8.44 -28.24 28.29
N ASN D 437 -9.23 -27.28 27.81
CA ASN D 437 -9.46 -27.11 26.39
C ASN D 437 -8.29 -26.51 25.63
N PHE D 438 -7.90 -25.30 26.03
CA PHE D 438 -6.80 -24.59 25.38
C PHE D 438 -5.41 -24.94 25.90
N SER D 439 -4.42 -24.82 25.01
CA SER D 439 -3.03 -25.10 25.36
C SER D 439 -2.33 -23.74 25.19
N ILE D 440 -1.15 -23.58 25.79
CA ILE D 440 -0.48 -22.27 25.70
C ILE D 440 0.92 -22.25 25.12
N ALA D 441 1.30 -21.09 24.59
CA ALA D 441 2.60 -20.86 23.98
C ALA D 441 2.77 -19.39 23.59
N SER D 442 4.01 -18.98 23.36
CA SER D 442 4.30 -17.61 22.96
C SER D 442 5.71 -17.57 22.36
N PRO D 443 6.00 -16.54 21.56
CA PRO D 443 7.30 -16.36 20.90
C PRO D 443 8.44 -16.03 21.85
N VAL D 444 8.23 -16.22 23.15
CA VAL D 444 9.27 -15.94 24.12
C VAL D 444 9.75 -17.26 24.71
N PRO D 445 11.05 -17.53 24.63
CA PRO D 445 11.66 -18.75 25.16
C PRO D 445 11.63 -18.76 26.69
N PRO D 446 11.18 -19.87 27.30
CA PRO D 446 11.10 -20.03 28.76
C PRO D 446 12.25 -19.44 29.58
N GLU D 447 13.49 -19.62 29.13
CA GLU D 447 14.64 -19.08 29.83
C GLU D 447 14.91 -17.63 29.42
N ASP D 448 13.85 -16.96 28.98
CA ASP D 448 13.94 -15.58 28.54
C ASP D 448 12.87 -14.75 29.25
N ILE D 449 11.84 -15.44 29.74
CA ILE D 449 10.73 -14.78 30.44
C ILE D 449 11.23 -14.14 31.73
N ASP D 450 10.86 -12.87 31.90
CA ASP D 450 11.23 -12.08 33.08
C ASP D 450 9.98 -11.92 33.96
N LEU D 451 10.08 -12.38 35.20
CA LEU D 451 8.97 -12.33 36.16
C LEU D 451 8.96 -11.12 37.08
N THR D 452 9.93 -10.25 36.94
CA THR D 452 9.99 -9.08 37.79
C THR D 452 8.72 -8.25 37.58
N PRO D 453 8.13 -7.74 38.67
CA PRO D 453 6.90 -6.93 38.62
C PRO D 453 7.15 -5.61 37.90
N ARG D 454 6.41 -5.36 36.83
CA ARG D 454 6.57 -4.13 36.08
C ARG D 454 6.46 -2.95 37.04
N GLU D 455 5.72 -3.16 38.13
CA GLU D 455 5.51 -2.14 39.15
C GLU D 455 5.39 -2.87 40.50
N SER D 456 6.05 -2.34 41.53
CA SER D 456 6.00 -2.98 42.84
C SER D 456 5.82 -2.01 44.00
N GLY D 457 4.60 -1.94 44.51
CA GLY D 457 4.30 -1.06 45.63
C GLY D 457 3.36 -1.80 46.56
N VAL D 458 2.25 -1.17 46.94
CA VAL D 458 1.27 -1.84 47.80
C VAL D 458 0.94 -3.19 47.18
N GLY D 459 1.11 -3.27 45.86
CA GLY D 459 0.86 -4.50 45.14
C GLY D 459 1.96 -4.83 44.13
N ASN D 460 1.99 -6.07 43.67
CA ASN D 460 2.97 -6.50 42.68
C ASN D 460 2.22 -6.64 41.37
N VAL D 461 2.66 -5.91 40.36
CA VAL D 461 2.00 -5.93 39.06
C VAL D 461 2.82 -6.72 38.03
N PRO D 462 2.31 -7.89 37.61
CA PRO D 462 2.99 -8.74 36.63
C PRO D 462 3.14 -8.02 35.29
N PRO D 463 4.35 -8.03 34.72
CA PRO D 463 4.53 -7.35 33.44
C PRO D 463 3.48 -7.80 32.45
N SER D 464 3.18 -6.95 31.47
CA SER D 464 2.20 -7.30 30.46
C SER D 464 2.92 -8.18 29.44
N TYR D 465 2.22 -9.18 28.93
CA TYR D 465 2.80 -10.09 27.95
C TYR D 465 1.70 -10.67 27.06
N GLN D 466 2.09 -11.12 25.87
CA GLN D 466 1.13 -11.71 24.93
C GLN D 466 1.24 -13.22 24.97
N ILE D 467 0.11 -13.89 24.85
CA ILE D 467 0.11 -15.34 24.90
C ILE D 467 -0.95 -15.91 23.95
N ARG D 468 -0.60 -16.98 23.24
CA ARG D 468 -1.52 -17.62 22.30
C ARG D 468 -2.26 -18.79 22.92
N PHE D 469 -3.58 -18.76 22.85
CA PHE D 469 -4.38 -19.85 23.39
C PHE D 469 -4.87 -20.71 22.24
N LEU D 470 -4.18 -21.81 22.02
CA LEU D 470 -4.49 -22.73 20.94
C LEU D 470 -5.46 -23.82 21.37
N ALA D 471 -6.36 -24.19 20.46
CA ALA D 471 -7.35 -25.22 20.73
C ALA D 471 -6.71 -26.60 20.77
N ARG D 472 -7.35 -27.50 21.51
CA ARG D 472 -6.89 -28.88 21.62
C ARG D 472 -8.04 -29.74 21.11
N HIS D 473 -7.76 -30.55 20.10
CA HIS D 473 -8.76 -31.41 19.48
C HIS D 473 -8.85 -32.79 20.12
N GLY E 9 -11.08 51.24 54.09
CA GLY E 9 -12.48 50.74 53.97
C GLY E 9 -12.57 49.23 54.01
N LYS E 10 -11.53 48.61 54.56
CA LYS E 10 -11.43 47.15 54.68
C LYS E 10 -11.85 46.41 53.42
N LEU E 11 -11.98 45.10 53.54
CA LEU E 11 -12.38 44.25 52.44
C LEU E 11 -13.48 43.31 52.92
N PRO E 12 -14.17 42.63 51.99
CA PRO E 12 -15.25 41.71 52.33
C PRO E 12 -14.79 40.62 53.30
N PRO E 13 -15.71 39.73 53.71
CA PRO E 13 -15.37 38.65 54.65
C PRO E 13 -14.51 37.56 54.01
N GLY E 14 -13.69 36.90 54.82
CA GLY E 14 -12.83 35.84 54.32
C GLY E 14 -11.96 35.26 55.42
N PRO E 15 -11.39 34.06 55.21
CA PRO E 15 -10.53 33.41 56.20
C PRO E 15 -9.16 34.07 56.36
N SER E 16 -8.56 33.92 57.53
CA SER E 16 -7.26 34.51 57.83
C SER E 16 -6.13 33.80 57.08
N PRO E 17 -5.57 34.45 56.06
CA PRO E 17 -4.49 33.91 55.24
C PRO E 17 -3.17 33.75 55.96
N LEU E 18 -2.49 32.64 55.71
CA LEU E 18 -1.19 32.38 56.32
C LEU E 18 -0.19 32.83 55.27
N PRO E 19 0.80 33.65 55.65
CA PRO E 19 1.81 34.14 54.71
C PRO E 19 2.31 33.08 53.73
N VAL E 20 2.32 33.44 52.45
CA VAL E 20 2.79 32.56 51.37
C VAL E 20 1.71 31.58 50.88
N LEU E 21 0.94 31.02 51.80
CA LEU E 21 -0.11 30.06 51.45
C LEU E 21 -1.49 30.68 51.25
N GLY E 22 -1.74 31.80 51.91
CA GLY E 22 -3.03 32.43 51.78
C GLY E 22 -4.08 31.52 52.40
N ASN E 23 -5.22 31.41 51.73
CA ASN E 23 -6.30 30.57 52.21
C ASN E 23 -6.22 29.17 51.61
N LEU E 24 -5.01 28.60 51.60
CA LEU E 24 -4.78 27.27 51.04
C LEU E 24 -5.58 26.22 51.80
N LEU E 25 -5.49 26.26 53.12
CA LEU E 25 -6.21 25.31 53.96
C LEU E 25 -7.71 25.58 53.90
N GLN E 26 -8.10 26.55 53.07
CA GLN E 26 -9.50 26.92 52.91
C GLN E 26 -10.01 26.53 51.52
N MET E 27 -9.08 26.37 50.58
CA MET E 27 -9.41 25.98 49.22
C MET E 27 -9.96 24.55 49.21
N ASP E 28 -10.98 24.32 48.40
CA ASP E 28 -11.57 23.00 48.28
C ASP E 28 -10.83 22.19 47.23
N ARG E 29 -10.78 20.87 47.43
CA ARG E 29 -10.09 19.95 46.54
C ARG E 29 -10.21 20.13 45.02
N LYS E 30 -11.44 20.06 44.49
CA LYS E 30 -11.65 20.14 43.04
C LYS E 30 -11.43 21.47 42.31
N GLY E 31 -10.39 22.21 42.66
CA GLY E 31 -10.13 23.46 41.97
C GLY E 31 -10.60 24.75 42.61
N LEU E 32 -10.49 25.83 41.84
CA LEU E 32 -10.87 27.17 42.29
C LEU E 32 -12.37 27.44 42.26
N LEU E 33 -13.01 27.11 41.14
CA LEU E 33 -14.44 27.35 41.02
C LEU E 33 -15.20 26.78 42.22
N ARG E 34 -15.06 25.47 42.46
CA ARG E 34 -15.72 24.83 43.58
C ARG E 34 -15.17 25.34 44.91
N SER E 35 -13.91 25.78 44.88
CA SER E 35 -13.26 26.32 46.07
C SER E 35 -14.06 27.53 46.56
N PHE E 36 -14.28 28.49 45.66
CA PHE E 36 -15.02 29.71 45.96
C PHE E 36 -16.46 29.46 46.37
N LEU E 37 -17.18 28.68 45.55
CA LEU E 37 -18.58 28.37 45.82
C LEU E 37 -18.81 27.82 47.23
N ARG E 38 -17.77 27.26 47.83
CA ARG E 38 -17.88 26.71 49.18
C ARG E 38 -17.57 27.78 50.22
N LEU E 39 -17.04 28.91 49.76
CA LEU E 39 -16.72 30.02 50.64
C LEU E 39 -17.84 31.04 50.54
N ARG E 40 -18.58 31.00 49.43
CA ARG E 40 -19.70 31.90 49.20
C ARG E 40 -20.74 31.65 50.29
N GLU E 41 -20.86 30.39 50.69
CA GLU E 41 -21.79 29.99 51.73
C GLU E 41 -21.45 30.75 53.00
N LYS E 42 -20.40 30.29 53.67
CA LYS E 42 -19.91 30.85 54.91
C LYS E 42 -19.49 32.33 54.89
N TYR E 43 -19.37 32.92 53.70
CA TYR E 43 -18.93 34.32 53.63
C TYR E 43 -19.72 35.27 52.75
N GLY E 44 -20.82 34.78 52.16
CA GLY E 44 -21.65 35.64 51.33
C GLY E 44 -21.21 35.93 49.90
N ASP E 45 -22.16 36.46 49.12
CA ASP E 45 -21.95 36.79 47.71
C ASP E 45 -20.67 37.56 47.36
N VAL E 46 -20.13 38.29 48.33
CA VAL E 46 -18.89 39.03 48.07
C VAL E 46 -17.90 38.76 49.19
N PHE E 47 -16.87 37.98 48.87
CA PHE E 47 -15.84 37.65 49.85
C PHE E 47 -14.42 37.80 49.30
N THR E 48 -13.46 37.83 50.22
CA THR E 48 -12.04 37.96 49.87
C THR E 48 -11.28 36.71 50.26
N VAL E 49 -10.68 36.06 49.27
CA VAL E 49 -9.90 34.86 49.49
C VAL E 49 -8.46 35.14 49.13
N TYR E 50 -7.54 34.46 49.81
CA TYR E 50 -6.12 34.65 49.56
C TYR E 50 -5.48 33.50 48.80
N LEU E 51 -5.10 33.76 47.56
CA LEU E 51 -4.45 32.77 46.72
C LEU E 51 -2.96 32.90 46.99
N GLY E 52 -2.50 32.31 48.09
CA GLY E 52 -1.10 32.37 48.44
C GLY E 52 -0.71 33.70 49.05
N SER E 53 -0.21 34.61 48.21
CA SER E 53 0.20 35.93 48.66
C SER E 53 -0.42 37.01 47.78
N ARG E 54 -1.70 36.85 47.48
CA ARG E 54 -2.41 37.80 46.62
C ARG E 54 -3.90 37.85 46.99
N PRO E 55 -4.36 38.96 47.57
CA PRO E 55 -5.77 39.07 47.93
C PRO E 55 -6.66 39.24 46.70
N VAL E 56 -7.79 38.53 46.67
CA VAL E 56 -8.71 38.61 45.55
C VAL E 56 -10.15 38.72 46.03
N VAL E 57 -10.88 39.70 45.48
CA VAL E 57 -12.27 39.90 45.84
C VAL E 57 -13.16 39.10 44.92
N VAL E 58 -13.76 38.03 45.45
CA VAL E 58 -14.64 37.17 44.67
C VAL E 58 -16.07 37.70 44.60
N LEU E 59 -16.63 37.70 43.39
CA LEU E 59 -17.99 38.18 43.18
C LEU E 59 -18.91 37.04 42.76
N CYS E 60 -19.85 36.70 43.63
CA CYS E 60 -20.81 35.63 43.35
C CYS E 60 -22.23 36.20 43.37
N GLY E 61 -23.08 35.68 42.48
CA GLY E 61 -24.44 36.16 42.41
C GLY E 61 -24.61 37.18 41.30
N THR E 62 -25.63 36.97 40.46
CA THR E 62 -25.92 37.84 39.33
C THR E 62 -25.83 39.33 39.63
N ASP E 63 -26.47 39.75 40.72
CA ASP E 63 -26.49 41.15 41.11
C ASP E 63 -25.11 41.78 41.28
N ALA E 64 -24.35 41.32 42.26
CA ALA E 64 -23.03 41.86 42.53
C ALA E 64 -22.15 41.93 41.27
N ILE E 65 -22.19 40.88 40.46
CA ILE E 65 -21.41 40.79 39.23
C ILE E 65 -21.75 42.03 38.39
N ARG E 66 -23.00 42.47 38.53
CA ARG E 66 -23.50 43.63 37.82
C ARG E 66 -23.12 44.89 38.57
N GLU E 67 -23.40 44.90 39.88
CA GLU E 67 -23.07 46.04 40.72
C GLU E 67 -21.60 46.42 40.56
N ALA E 68 -20.83 45.50 39.99
CA ALA E 68 -19.40 45.72 39.79
C ALA E 68 -19.05 46.06 38.35
N LEU E 69 -19.48 45.23 37.41
CA LEU E 69 -19.18 45.45 35.99
C LEU E 69 -20.14 46.41 35.30
N VAL E 70 -21.42 46.35 35.66
CA VAL E 70 -22.41 47.22 35.05
C VAL E 70 -22.22 48.64 35.58
N ASP E 71 -22.32 48.80 36.89
CA ASP E 71 -22.14 50.09 37.54
C ASP E 71 -20.66 50.22 37.85
N GLN E 72 -20.18 51.44 38.08
CA GLN E 72 -18.77 51.67 38.38
C GLN E 72 -17.94 50.99 37.30
N ALA E 73 -18.54 50.88 36.11
CA ALA E 73 -17.94 50.25 34.93
C ALA E 73 -16.44 50.51 34.74
N GLU E 74 -15.93 51.55 35.38
CA GLU E 74 -14.51 51.88 35.24
C GLU E 74 -13.70 51.27 36.37
N ALA E 75 -14.14 51.48 37.60
CA ALA E 75 -13.45 50.93 38.76
C ALA E 75 -13.02 49.50 38.43
N PHE E 76 -13.96 48.73 37.89
CA PHE E 76 -13.72 47.35 37.53
C PHE E 76 -13.57 47.22 36.02
N SER E 77 -12.43 47.64 35.47
CA SER E 77 -12.21 47.54 34.04
C SER E 77 -10.79 47.09 33.72
N GLY E 78 -9.94 47.06 34.75
CA GLY E 78 -8.56 46.63 34.53
C GLY E 78 -8.54 45.12 34.31
N ARG E 79 -7.50 44.63 33.63
CA ARG E 79 -7.37 43.21 33.36
C ARG E 79 -6.76 42.46 34.53
N GLY E 80 -7.13 41.20 34.69
CA GLY E 80 -6.59 40.38 35.76
C GLY E 80 -5.21 39.87 35.42
N LYS E 81 -4.89 38.66 35.87
CA LYS E 81 -3.58 38.09 35.61
C LYS E 81 -3.62 36.56 35.69
N ILE E 82 -3.53 35.91 34.53
CA ILE E 82 -3.53 34.44 34.50
C ILE E 82 -2.11 33.92 34.66
N ALA E 83 -1.84 33.34 35.83
CA ALA E 83 -0.54 32.79 36.17
C ALA E 83 0.10 31.99 35.03
N VAL E 84 -0.56 30.88 34.68
CA VAL E 84 -0.12 29.96 33.65
C VAL E 84 0.40 30.58 32.34
N VAL E 85 -0.31 31.59 31.83
CA VAL E 85 0.08 32.23 30.57
C VAL E 85 0.83 33.55 30.70
N ASP E 86 0.66 34.25 31.82
CA ASP E 86 1.33 35.54 32.01
C ASP E 86 2.74 35.53 31.42
N PRO E 87 3.53 34.48 31.71
CA PRO E 87 4.89 34.41 31.17
C PRO E 87 5.01 34.51 29.64
N ILE E 88 3.89 34.39 28.93
CA ILE E 88 3.90 34.49 27.47
C ILE E 88 3.49 35.91 27.07
N PHE E 89 2.37 36.36 27.62
CA PHE E 89 1.86 37.69 27.34
C PHE E 89 2.57 38.77 28.13
N GLN E 90 3.11 38.39 29.28
CA GLN E 90 3.83 39.33 30.14
C GLN E 90 2.92 40.45 30.67
N GLY E 91 2.10 40.99 29.77
CA GLY E 91 1.19 42.05 30.13
C GLY E 91 0.85 42.86 28.90
N TYR E 92 1.06 42.25 27.74
CA TYR E 92 0.79 42.88 26.45
C TYR E 92 -0.46 42.32 25.78
N GLY E 93 -0.50 42.37 24.45
CA GLY E 93 -1.65 41.88 23.73
C GLY E 93 -2.90 42.70 24.01
N VAL E 94 -4.04 42.22 23.51
CA VAL E 94 -5.32 42.90 23.68
C VAL E 94 -6.13 42.38 24.87
N ILE E 95 -5.69 41.29 25.49
CA ILE E 95 -6.42 40.72 26.63
C ILE E 95 -5.84 41.08 27.99
N PHE E 96 -4.59 40.67 28.23
CA PHE E 96 -3.94 40.91 29.50
C PHE E 96 -3.21 42.25 29.60
N ALA E 97 -3.66 43.21 28.80
CA ALA E 97 -3.07 44.55 28.81
C ALA E 97 -3.87 45.44 29.75
N ASN E 98 -3.37 46.64 30.04
CA ASN E 98 -4.05 47.56 30.94
C ASN E 98 -3.95 49.02 30.52
N GLY E 99 -4.35 49.90 31.44
CA GLY E 99 -4.31 51.34 31.22
C GLY E 99 -4.59 51.81 29.81
N GLU E 100 -4.02 52.95 29.45
CA GLU E 100 -4.20 53.51 28.12
C GLU E 100 -3.76 52.48 27.08
N ARG E 101 -2.77 51.67 27.44
CA ARG E 101 -2.26 50.63 26.56
C ARG E 101 -3.39 49.82 25.95
N TRP E 102 -4.29 49.37 26.81
CA TRP E 102 -5.44 48.57 26.40
C TRP E 102 -6.46 49.28 25.52
N ARG E 103 -6.73 50.56 25.80
CA ARG E 103 -7.68 51.33 25.01
C ARG E 103 -7.38 51.23 23.52
N ALA E 104 -6.28 51.86 23.11
CA ALA E 104 -5.87 51.87 21.71
C ALA E 104 -5.88 50.46 21.13
N LEU E 105 -5.40 49.50 21.91
CA LEU E 105 -5.35 48.11 21.47
C LEU E 105 -6.73 47.55 21.22
N ARG E 106 -7.64 47.76 22.17
CA ARG E 106 -9.01 47.29 22.03
C ARG E 106 -9.74 48.14 21.01
N ARG E 107 -9.40 49.43 20.99
CA ARG E 107 -10.01 50.37 20.06
C ARG E 107 -9.49 50.17 18.63
N PHE E 108 -8.32 49.56 18.50
CA PHE E 108 -7.76 49.29 17.17
C PHE E 108 -8.33 47.97 16.69
N SER E 109 -8.22 46.96 17.54
CA SER E 109 -8.74 45.63 17.23
C SER E 109 -10.22 45.76 16.91
N LEU E 110 -10.92 46.54 17.72
CA LEU E 110 -12.35 46.76 17.49
C LEU E 110 -12.53 47.39 16.12
N ALA E 111 -11.93 48.56 15.92
CA ALA E 111 -12.01 49.28 14.66
C ALA E 111 -12.20 48.33 13.48
N THR E 112 -11.13 47.61 13.16
CA THR E 112 -11.17 46.65 12.06
C THR E 112 -11.99 45.43 12.51
N MET E 113 -13.31 45.50 12.31
CA MET E 113 -14.22 44.44 12.72
C MET E 113 -15.29 44.08 11.68
N ARG E 114 -16.54 44.04 12.16
CA ARG E 114 -17.69 43.74 11.32
C ARG E 114 -17.72 44.64 10.09
N ASP E 115 -17.16 45.84 10.23
CA ASP E 115 -17.11 46.79 9.12
C ASP E 115 -16.00 46.37 8.15
N PHE E 116 -15.11 45.50 8.63
CA PHE E 116 -14.02 44.98 7.82
C PHE E 116 -14.32 43.50 7.56
N GLY E 117 -15.42 43.25 6.86
CA GLY E 117 -15.81 41.90 6.52
C GLY E 117 -15.73 41.75 5.01
N MET E 118 -14.74 42.42 4.43
CA MET E 118 -14.54 42.41 2.99
C MET E 118 -14.18 41.02 2.47
N GLY E 119 -14.48 40.78 1.20
CA GLY E 119 -14.19 39.48 0.60
C GLY E 119 -15.46 38.70 0.31
N LYS E 120 -16.11 38.22 1.36
CA LYS E 120 -17.33 37.44 1.24
C LYS E 120 -18.52 38.14 1.89
N ARG E 121 -19.26 38.92 1.11
CA ARG E 121 -20.44 39.66 1.56
C ARG E 121 -20.45 39.90 3.07
N SER E 122 -19.39 40.55 3.56
CA SER E 122 -19.22 40.86 4.98
C SER E 122 -19.03 39.63 5.86
N VAL E 123 -18.53 39.86 7.07
CA VAL E 123 -18.28 38.78 8.03
C VAL E 123 -19.44 37.81 8.19
N GLU E 124 -20.66 38.32 8.17
CA GLU E 124 -21.85 37.48 8.34
C GLU E 124 -22.11 36.54 7.16
N GLU E 125 -21.42 36.76 6.04
CA GLU E 125 -21.57 35.89 4.87
C GLU E 125 -20.35 34.99 4.77
N ARG E 126 -19.21 35.50 5.20
CA ARG E 126 -17.98 34.73 5.18
C ARG E 126 -18.15 33.55 6.13
N ILE E 127 -19.11 33.69 7.04
CA ILE E 127 -19.44 32.66 8.03
C ILE E 127 -20.45 31.69 7.43
N GLN E 128 -21.11 32.12 6.36
CA GLN E 128 -22.09 31.27 5.68
C GLN E 128 -21.37 30.54 4.58
N GLU E 129 -20.23 31.10 4.17
CA GLU E 129 -19.42 30.50 3.12
C GLU E 129 -18.72 29.28 3.74
N GLU E 130 -18.04 29.53 4.86
CA GLU E 130 -17.34 28.47 5.58
C GLU E 130 -18.35 27.39 5.93
N ALA E 131 -19.49 27.82 6.47
CA ALA E 131 -20.54 26.91 6.88
C ALA E 131 -20.93 26.01 5.71
N ARG E 132 -20.84 26.52 4.50
CA ARG E 132 -21.19 25.74 3.31
C ARG E 132 -20.16 24.64 3.11
N CYS E 133 -18.89 25.02 3.11
CA CYS E 133 -17.80 24.07 2.94
C CYS E 133 -17.99 22.93 3.94
N LEU E 134 -18.27 23.27 5.19
CA LEU E 134 -18.49 22.28 6.24
C LEU E 134 -19.56 21.28 5.79
N VAL E 135 -20.70 21.79 5.33
CA VAL E 135 -21.77 20.93 4.87
C VAL E 135 -21.20 19.90 3.90
N GLU E 136 -20.43 20.39 2.93
CA GLU E 136 -19.81 19.55 1.92
C GLU E 136 -18.71 18.66 2.50
N GLU E 137 -18.08 19.13 3.58
CA GLU E 137 -17.02 18.38 4.24
C GLU E 137 -17.60 17.18 4.97
N LEU E 138 -18.66 17.41 5.74
CA LEU E 138 -19.33 16.35 6.47
C LEU E 138 -19.91 15.35 5.47
N ARG E 139 -20.28 15.85 4.30
CA ARG E 139 -20.81 15.00 3.24
C ARG E 139 -19.70 14.05 2.82
N LYS E 140 -18.51 14.61 2.65
CA LYS E 140 -17.34 13.83 2.25
C LYS E 140 -16.83 12.94 3.37
N SER E 141 -17.75 12.50 4.24
CA SER E 141 -17.40 11.62 5.36
C SER E 141 -18.42 10.51 5.46
N LYS E 142 -19.48 10.59 4.66
CA LYS E 142 -20.53 9.59 4.67
C LYS E 142 -21.00 9.26 6.08
N GLY E 143 -21.75 10.20 6.68
CA GLY E 143 -22.27 10.03 8.02
C GLY E 143 -21.68 8.86 8.81
N ALA E 144 -20.48 9.07 9.31
CA ALA E 144 -19.78 8.04 10.09
C ALA E 144 -19.36 8.62 11.43
N LEU E 145 -19.16 7.75 12.42
CA LEU E 145 -18.75 8.20 13.76
C LEU E 145 -17.41 8.91 13.75
N LEU E 146 -17.31 9.94 14.57
CA LEU E 146 -16.07 10.71 14.67
C LEU E 146 -16.12 11.74 15.78
N ASP E 147 -14.95 12.34 16.04
CA ASP E 147 -14.85 13.36 17.06
C ASP E 147 -14.70 14.70 16.36
N ASN E 148 -15.80 15.46 16.37
CA ASN E 148 -15.88 16.76 15.74
C ASN E 148 -15.03 17.86 16.37
N THR E 149 -14.35 17.56 17.47
CA THR E 149 -13.51 18.56 18.14
C THR E 149 -12.64 19.34 17.19
N LEU E 150 -11.78 18.63 16.46
CA LEU E 150 -10.86 19.29 15.55
C LEU E 150 -11.52 19.99 14.36
N LEU E 151 -12.67 19.50 13.91
CA LEU E 151 -13.35 20.12 12.77
C LEU E 151 -13.99 21.44 13.20
N PHE E 152 -14.55 21.46 14.40
CA PHE E 152 -15.18 22.66 14.94
C PHE E 152 -14.18 23.80 15.11
N HIS E 153 -12.90 23.45 15.20
CA HIS E 153 -11.88 24.47 15.33
C HIS E 153 -11.39 24.83 13.93
N SER E 154 -11.75 24.01 12.95
CA SER E 154 -11.36 24.25 11.57
C SER E 154 -12.20 25.33 10.94
N ILE E 155 -13.37 25.58 11.52
CA ILE E 155 -14.27 26.61 11.01
C ILE E 155 -14.16 27.91 11.81
N THR E 156 -14.45 27.83 13.10
CA THR E 156 -14.40 29.01 13.97
C THR E 156 -13.03 29.68 13.94
N SER E 157 -12.00 28.89 13.64
CA SER E 157 -10.65 29.43 13.56
C SER E 157 -10.45 30.01 12.18
N ASN E 158 -10.94 29.29 11.17
CA ASN E 158 -10.81 29.70 9.78
C ASN E 158 -11.37 31.11 9.60
N ILE E 159 -12.58 31.32 10.11
CA ILE E 159 -13.24 32.62 10.02
C ILE E 159 -12.36 33.75 10.55
N ILE E 160 -11.78 33.56 11.72
CA ILE E 160 -10.93 34.59 12.33
C ILE E 160 -9.62 34.78 11.55
N CYS E 161 -9.21 33.76 10.81
CA CYS E 161 -8.00 33.87 10.02
C CYS E 161 -8.30 34.77 8.83
N SER E 162 -9.56 34.74 8.39
CA SER E 162 -10.01 35.55 7.26
C SER E 162 -9.70 37.01 7.57
N ILE E 163 -9.99 37.40 8.81
CA ILE E 163 -9.76 38.76 9.26
C ILE E 163 -8.30 39.05 9.56
N VAL E 164 -7.65 38.15 10.29
CA VAL E 164 -6.26 38.34 10.70
C VAL E 164 -5.14 37.87 9.76
N PHE E 165 -5.18 36.61 9.33
CA PHE E 165 -4.12 36.10 8.47
C PHE E 165 -4.43 36.17 6.97
N GLY E 166 -5.61 36.66 6.62
CA GLY E 166 -5.96 36.76 5.22
C GLY E 166 -6.80 35.62 4.69
N LYS E 167 -6.15 34.61 4.11
CA LYS E 167 -6.87 33.47 3.54
C LYS E 167 -7.30 32.42 4.54
N ARG E 168 -8.05 31.44 4.03
CA ARG E 168 -8.57 30.34 4.82
C ARG E 168 -7.70 29.12 4.59
N PHE E 169 -7.79 28.15 5.49
CA PHE E 169 -7.02 26.92 5.38
C PHE E 169 -7.88 25.75 4.93
N ASP E 170 -7.26 24.60 4.73
CA ASP E 170 -7.98 23.42 4.30
C ASP E 170 -8.28 22.46 5.45
N TYR E 171 -9.43 21.80 5.38
CA TYR E 171 -9.85 20.86 6.42
C TYR E 171 -8.85 19.72 6.65
N LYS E 172 -7.97 19.50 5.67
CA LYS E 172 -6.97 18.44 5.77
C LYS E 172 -5.55 18.98 5.70
N ASP E 173 -5.39 20.29 5.89
CA ASP E 173 -4.07 20.91 5.83
C ASP E 173 -3.31 20.68 7.15
N PRO E 174 -2.15 20.02 7.07
CA PRO E 174 -1.29 19.71 8.22
C PRO E 174 -0.90 20.89 9.11
N VAL E 175 -0.41 21.96 8.49
CA VAL E 175 0.02 23.14 9.25
C VAL E 175 -1.13 23.75 10.06
N PHE E 176 -2.30 23.81 9.46
CA PHE E 176 -3.49 24.36 10.12
C PHE E 176 -3.89 23.45 11.28
N LEU E 177 -4.22 22.22 10.93
CA LEU E 177 -4.62 21.22 11.91
C LEU E 177 -3.67 21.19 13.12
N ARG E 178 -2.37 21.33 12.86
CA ARG E 178 -1.39 21.34 13.95
C ARG E 178 -1.78 22.45 14.91
N LEU E 179 -1.93 23.65 14.36
CA LEU E 179 -2.31 24.83 15.14
C LEU E 179 -3.57 24.58 15.95
N LEU E 180 -4.62 24.12 15.29
CA LEU E 180 -5.87 23.85 15.98
C LEU E 180 -5.68 22.87 17.13
N ASP E 181 -4.95 21.80 16.88
CA ASP E 181 -4.73 20.82 17.95
C ASP E 181 -4.11 21.50 19.16
N LEU E 182 -3.16 22.38 18.93
CA LEU E 182 -2.50 23.09 20.02
C LEU E 182 -3.47 23.92 20.86
N PHE E 183 -4.30 24.72 20.20
CA PHE E 183 -5.26 25.53 20.94
C PHE E 183 -6.02 24.59 21.87
N PHE E 184 -6.77 23.68 21.25
CA PHE E 184 -7.57 22.70 21.98
C PHE E 184 -6.91 22.20 23.27
N GLN E 185 -5.69 21.69 23.14
CA GLN E 185 -4.97 21.18 24.29
C GLN E 185 -4.41 22.28 25.17
N SER E 186 -3.94 23.35 24.56
CA SER E 186 -3.39 24.45 25.33
C SER E 186 -4.45 25.00 26.26
N PHE E 187 -5.70 24.89 25.85
CA PHE E 187 -6.83 25.35 26.65
C PHE E 187 -7.09 24.36 27.78
N SER E 188 -6.96 23.07 27.48
CA SER E 188 -7.17 22.04 28.47
C SER E 188 -6.07 22.07 29.51
N LEU E 189 -4.84 22.29 29.07
CA LEU E 189 -3.72 22.35 30.00
C LEU E 189 -3.89 23.55 30.94
N ILE E 190 -4.42 24.64 30.40
CA ILE E 190 -4.64 25.85 31.20
C ILE E 190 -5.77 25.67 32.22
N SER E 191 -6.77 24.88 31.84
CA SER E 191 -7.91 24.62 32.70
C SER E 191 -7.63 23.43 33.62
N SER E 192 -6.42 22.90 33.52
CA SER E 192 -6.01 21.75 34.33
C SER E 192 -5.98 22.07 35.81
N PHE E 193 -5.40 21.16 36.58
CA PHE E 193 -5.26 21.34 38.01
C PHE E 193 -3.87 21.89 38.25
N SER E 194 -2.91 21.41 37.48
CA SER E 194 -1.53 21.86 37.61
C SER E 194 -1.43 23.33 37.24
N SER E 195 -2.48 23.85 36.60
CA SER E 195 -2.52 25.25 36.19
C SER E 195 -3.10 26.13 37.28
N GLN E 196 -4.05 25.56 38.04
CA GLN E 196 -4.67 26.29 39.13
C GLN E 196 -3.76 26.26 40.35
N VAL E 197 -3.14 25.12 40.61
CA VAL E 197 -2.24 25.00 41.75
C VAL E 197 -1.00 25.86 41.49
N PHE E 198 -0.82 26.24 40.23
CA PHE E 198 0.32 27.06 39.84
C PHE E 198 -0.06 28.49 40.18
N GLU E 199 -1.35 28.78 40.05
CA GLU E 199 -1.91 30.09 40.32
C GLU E 199 -1.45 30.60 41.67
N LEU E 200 -1.71 29.81 42.70
CA LEU E 200 -1.34 30.16 44.07
C LEU E 200 0.15 30.29 44.34
N PHE E 201 0.96 29.46 43.68
CA PHE E 201 2.40 29.49 43.94
C PHE E 201 3.28 29.58 42.70
N SER E 202 2.83 30.31 41.69
CA SER E 202 3.58 30.46 40.45
C SER E 202 5.08 30.63 40.64
N GLY E 203 5.49 31.79 41.14
CA GLY E 203 6.91 32.07 41.35
C GLY E 203 7.70 30.92 41.96
N PHE E 204 7.05 30.16 42.82
CA PHE E 204 7.68 29.03 43.49
C PHE E 204 7.98 27.89 42.51
N LEU E 205 6.92 27.19 42.09
CA LEU E 205 7.07 26.07 41.18
C LEU E 205 7.15 26.42 39.70
N LYS E 206 8.00 27.38 39.37
CA LYS E 206 8.20 27.76 37.98
C LYS E 206 9.63 27.38 37.65
N TYR E 207 10.36 27.01 38.70
CA TYR E 207 11.73 26.59 38.61
C TYR E 207 11.75 25.09 38.38
N PHE E 208 10.61 24.47 38.63
CA PHE E 208 10.47 23.03 38.47
C PHE E 208 9.49 22.73 37.35
N PRO E 209 9.54 21.51 36.80
CA PRO E 209 8.65 21.11 35.71
C PRO E 209 7.19 20.92 36.09
N GLY E 210 6.33 20.94 35.07
CA GLY E 210 4.91 20.79 35.27
C GLY E 210 4.21 21.22 33.99
N THR E 211 2.88 21.17 33.98
CA THR E 211 2.13 21.58 32.80
C THR E 211 2.37 23.05 32.53
N HIS E 212 2.72 23.79 33.58
CA HIS E 212 2.97 25.23 33.47
C HIS E 212 4.02 25.55 32.42
N ARG E 213 4.89 24.60 32.11
CA ARG E 213 5.96 24.82 31.15
C ARG E 213 5.65 24.31 29.75
N GLN E 214 4.76 23.33 29.66
CA GLN E 214 4.35 22.75 28.39
C GLN E 214 3.45 23.74 27.68
N ILE E 215 2.62 24.43 28.46
CA ILE E 215 1.70 25.42 27.92
C ILE E 215 2.51 26.57 27.30
N TYR E 216 3.59 26.95 27.98
CA TYR E 216 4.45 28.02 27.51
C TYR E 216 5.03 27.71 26.13
N ARG E 217 5.23 26.42 25.86
CA ARG E 217 5.81 25.97 24.60
C ARG E 217 4.87 26.00 23.39
N ASN E 218 3.58 25.79 23.61
CA ASN E 218 2.62 25.79 22.51
C ASN E 218 2.31 27.19 22.04
N LEU E 219 2.18 28.12 22.97
CA LEU E 219 1.89 29.49 22.62
C LEU E 219 3.10 30.00 21.83
N GLN E 220 4.29 29.47 22.14
CA GLN E 220 5.52 29.83 21.46
C GLN E 220 5.48 29.36 20.01
N GLU E 221 5.24 28.07 19.83
CA GLU E 221 5.16 27.47 18.51
C GLU E 221 4.21 28.29 17.65
N ILE E 222 3.10 28.74 18.25
CA ILE E 222 2.10 29.54 17.56
C ILE E 222 2.65 30.94 17.28
N ASN E 223 3.22 31.57 18.30
CA ASN E 223 3.78 32.91 18.13
C ASN E 223 4.86 32.86 17.06
N THR E 224 5.22 31.64 16.67
CA THR E 224 6.21 31.45 15.64
C THR E 224 5.45 31.41 14.32
N PHE E 225 4.28 30.77 14.33
CA PHE E 225 3.45 30.70 13.14
C PHE E 225 3.12 32.15 12.80
N ILE E 226 2.70 32.90 13.81
CA ILE E 226 2.35 34.30 13.66
C ILE E 226 3.58 35.09 13.22
N GLY E 227 4.68 34.88 13.94
CA GLY E 227 5.92 35.57 13.63
C GLY E 227 6.37 35.53 12.18
N GLN E 228 6.36 34.34 11.58
CA GLN E 228 6.79 34.20 10.19
C GLN E 228 5.66 34.50 9.22
N SER E 229 4.44 34.55 9.74
CA SER E 229 3.27 34.86 8.93
C SER E 229 3.28 36.36 8.66
N VAL E 230 3.83 37.11 9.62
CA VAL E 230 3.93 38.55 9.50
C VAL E 230 4.96 38.90 8.43
N GLU E 231 6.09 38.19 8.43
CA GLU E 231 7.14 38.43 7.45
C GLU E 231 6.65 38.24 6.03
N LYS E 232 5.74 37.29 5.84
CA LYS E 232 5.19 37.03 4.52
C LYS E 232 4.12 38.07 4.21
N HIS E 233 3.92 38.99 5.15
CA HIS E 233 2.94 40.07 5.02
C HIS E 233 3.65 41.42 4.94
N ARG E 234 4.87 41.48 5.48
CA ARG E 234 5.66 42.70 5.46
C ARG E 234 6.51 42.68 4.19
N ALA E 235 6.74 41.49 3.66
CA ALA E 235 7.54 41.32 2.45
C ALA E 235 6.65 41.45 1.22
N THR E 236 5.39 41.82 1.43
CA THR E 236 4.43 41.99 0.34
C THR E 236 3.41 43.06 0.70
N LEU E 237 3.71 43.81 1.76
CA LEU E 237 2.83 44.87 2.26
C LEU E 237 2.44 45.88 1.18
N ASP E 238 1.15 46.11 1.05
CA ASP E 238 0.63 47.05 0.06
C ASP E 238 -0.27 48.09 0.73
N PRO E 239 0.29 49.27 1.05
CA PRO E 239 -0.44 50.36 1.71
C PRO E 239 -1.76 50.71 1.03
N SER E 240 -1.81 50.57 -0.29
CA SER E 240 -3.03 50.88 -1.04
C SER E 240 -4.04 49.75 -0.96
N ASN E 241 -3.67 48.65 -0.31
CA ASN E 241 -4.58 47.52 -0.19
C ASN E 241 -4.19 46.57 0.95
N PRO E 242 -4.63 46.89 2.18
CA PRO E 242 -4.34 46.07 3.36
C PRO E 242 -5.26 44.85 3.37
N ARG E 243 -4.68 43.67 3.17
CA ARG E 243 -5.44 42.42 3.11
C ARG E 243 -6.11 42.01 4.42
N ASP E 244 -5.34 41.92 5.48
CA ASP E 244 -5.88 41.48 6.77
C ASP E 244 -5.35 42.28 7.96
N PHE E 245 -5.88 41.98 9.13
CA PHE E 245 -5.52 42.62 10.40
C PHE E 245 -4.02 42.91 10.47
N ILE E 246 -3.22 42.04 9.85
CA ILE E 246 -1.77 42.19 9.83
C ILE E 246 -1.37 43.50 9.11
N ASP E 247 -1.68 43.59 7.82
CA ASP E 247 -1.37 44.79 7.04
C ASP E 247 -1.80 46.06 7.78
N VAL E 248 -3.04 46.05 8.27
CA VAL E 248 -3.61 47.18 9.01
C VAL E 248 -2.72 47.55 10.20
N TYR E 249 -1.98 46.58 10.71
CA TYR E 249 -1.09 46.80 11.84
C TYR E 249 0.30 47.14 11.32
N LEU E 250 0.77 46.40 10.33
CA LEU E 250 2.09 46.66 9.75
C LEU E 250 2.21 48.13 9.37
N LEU E 251 1.34 48.59 8.48
CA LEU E 251 1.34 49.96 8.00
C LEU E 251 1.14 50.97 9.14
N ARG E 252 0.13 50.75 9.97
CA ARG E 252 -0.13 51.64 11.09
C ARG E 252 1.12 51.79 11.95
N MET E 253 2.09 50.90 11.75
CA MET E 253 3.36 50.92 12.48
C MET E 253 4.34 51.77 11.68
N GLU E 254 4.31 51.58 10.36
CA GLU E 254 5.16 52.33 9.45
C GLU E 254 4.89 53.80 9.74
N LYS E 255 3.61 54.12 9.90
CA LYS E 255 3.15 55.47 10.20
C LYS E 255 3.32 55.74 11.69
N ASP E 256 4.24 55.01 12.32
CA ASP E 256 4.50 55.16 13.74
C ASP E 256 5.91 54.74 14.13
N LYS E 257 6.81 54.66 13.16
CA LYS E 257 8.20 54.30 13.43
C LYS E 257 8.70 55.36 14.41
N SER E 258 7.97 56.47 14.47
CA SER E 258 8.28 57.60 15.33
C SER E 258 7.83 57.32 16.76
N ASP E 259 6.64 57.83 17.08
CA ASP E 259 6.00 57.70 18.39
C ASP E 259 6.70 56.74 19.34
N PRO E 260 7.33 57.27 20.40
CA PRO E 260 8.04 56.47 21.40
C PRO E 260 7.11 55.95 22.51
N SER E 261 6.39 56.87 23.15
CA SER E 261 5.47 56.53 24.23
C SER E 261 4.30 55.68 23.70
N SER E 262 4.28 55.47 22.39
CA SER E 262 3.24 54.69 21.75
C SER E 262 3.17 53.28 22.36
N GLU E 263 2.07 52.58 22.08
CA GLU E 263 1.86 51.23 22.59
C GLU E 263 1.62 50.28 21.44
N PHE E 264 2.19 50.59 20.28
CA PHE E 264 2.04 49.75 19.08
C PHE E 264 3.35 49.16 18.57
N HIS E 265 4.09 48.51 19.46
CA HIS E 265 5.36 47.89 19.10
C HIS E 265 5.16 46.55 18.39
N HIS E 266 5.91 45.53 18.80
CA HIS E 266 5.81 44.21 18.21
C HIS E 266 5.22 43.28 19.27
N GLN E 267 5.69 43.44 20.51
CA GLN E 267 5.21 42.64 21.62
C GLN E 267 3.74 42.90 21.89
N ASN E 268 3.17 43.84 21.14
CA ASN E 268 1.75 44.16 21.27
C ASN E 268 1.05 43.55 20.06
N LEU E 269 1.76 43.51 18.94
CA LEU E 269 1.21 42.93 17.73
C LEU E 269 1.00 41.44 17.93
N ILE E 270 2.11 40.70 17.99
CA ILE E 270 2.07 39.26 18.18
C ILE E 270 1.07 38.82 19.24
N LEU E 271 1.40 39.10 20.50
CA LEU E 271 0.56 38.72 21.63
C LEU E 271 -0.93 38.98 21.40
N THR E 272 -1.25 39.99 20.61
CA THR E 272 -2.65 40.29 20.32
C THR E 272 -3.16 39.28 19.30
N VAL E 273 -2.45 39.17 18.18
CA VAL E 273 -2.84 38.24 17.11
C VAL E 273 -3.01 36.84 17.65
N LEU E 274 -2.31 36.53 18.73
CA LEU E 274 -2.40 35.22 19.35
C LEU E 274 -3.74 35.15 20.07
N SER E 275 -4.08 36.22 20.78
CA SER E 275 -5.33 36.29 21.52
C SER E 275 -6.56 36.21 20.63
N LEU E 276 -6.45 36.69 19.40
CA LEU E 276 -7.58 36.64 18.49
C LEU E 276 -7.64 35.31 17.75
N PHE E 277 -6.49 34.79 17.38
CA PHE E 277 -6.38 33.52 16.69
C PHE E 277 -6.66 32.38 17.66
N PHE E 278 -6.52 32.65 18.95
CA PHE E 278 -6.76 31.68 20.01
C PHE E 278 -8.22 31.75 20.48
N ALA E 279 -8.58 32.87 21.10
CA ALA E 279 -9.94 33.07 21.59
C ALA E 279 -10.97 32.95 20.47
N GLY E 280 -10.62 33.43 19.29
CA GLY E 280 -11.53 33.34 18.18
C GLY E 280 -11.81 31.92 17.75
N THR E 281 -10.81 31.05 17.93
CA THR E 281 -10.93 29.65 17.54
C THR E 281 -11.54 28.79 18.64
N GLU E 282 -10.90 28.79 19.81
CA GLU E 282 -11.36 27.98 20.93
C GLU E 282 -12.85 28.06 21.28
N THR E 283 -13.20 28.88 22.26
CA THR E 283 -14.58 29.03 22.74
C THR E 283 -15.73 28.90 21.74
N THR E 284 -15.74 29.72 20.70
CA THR E 284 -16.82 29.65 19.73
C THR E 284 -17.00 28.21 19.23
N SER E 285 -15.92 27.43 19.27
CA SER E 285 -15.91 26.06 18.80
C SER E 285 -16.27 25.07 19.89
N THR E 286 -15.61 25.16 21.04
CA THR E 286 -15.91 24.24 22.14
C THR E 286 -17.30 24.52 22.69
N THR E 287 -17.87 25.67 22.35
CA THR E 287 -19.21 26.01 22.79
C THR E 287 -20.14 25.23 21.89
N LEU E 288 -19.62 24.87 20.74
CA LEU E 288 -20.34 24.08 19.76
C LEU E 288 -20.24 22.63 20.17
N ARG E 289 -19.00 22.15 20.35
CA ARG E 289 -18.76 20.76 20.74
C ARG E 289 -19.64 20.41 21.92
N TYR E 290 -19.95 21.41 22.75
CA TYR E 290 -20.81 21.19 23.91
C TYR E 290 -22.26 21.25 23.45
N GLY E 291 -22.59 22.32 22.74
CA GLY E 291 -23.93 22.49 22.24
C GLY E 291 -24.48 21.22 21.61
N PHE E 292 -23.72 20.64 20.68
CA PHE E 292 -24.15 19.42 20.01
C PHE E 292 -24.20 18.21 20.92
N LEU E 293 -23.23 18.09 21.83
CA LEU E 293 -23.23 16.98 22.75
C LEU E 293 -24.53 17.00 23.52
N LEU E 294 -24.98 18.21 23.88
CA LEU E 294 -26.22 18.40 24.61
C LEU E 294 -27.40 18.08 23.70
N MET E 295 -27.17 18.18 22.38
CA MET E 295 -28.22 17.90 21.39
C MET E 295 -28.31 16.39 21.19
N LEU E 296 -27.40 15.67 21.82
CA LEU E 296 -27.37 14.22 21.73
C LEU E 296 -28.08 13.70 22.97
N LYS E 297 -27.99 14.46 24.06
CA LYS E 297 -28.64 14.09 25.31
C LYS E 297 -30.15 14.29 25.21
N TYR E 298 -30.57 15.23 24.37
CA TYR E 298 -31.98 15.48 24.17
C TYR E 298 -32.30 15.32 22.68
N PRO E 299 -32.97 14.21 22.32
CA PRO E 299 -33.31 13.96 20.92
C PRO E 299 -34.52 14.73 20.41
N HIS E 300 -35.44 15.06 21.31
CA HIS E 300 -36.67 15.77 20.93
C HIS E 300 -36.47 17.27 20.69
N VAL E 301 -35.34 17.82 21.12
CA VAL E 301 -35.06 19.24 20.92
C VAL E 301 -34.42 19.44 19.55
N THR E 302 -33.62 18.47 19.13
CA THR E 302 -32.97 18.54 17.83
C THR E 302 -34.08 18.69 16.79
N GLU E 303 -35.22 18.08 17.07
CA GLU E 303 -36.38 18.13 16.18
C GLU E 303 -37.00 19.51 16.27
N ARG E 304 -37.48 19.85 17.46
CA ARG E 304 -38.08 21.16 17.69
C ARG E 304 -37.30 22.26 16.98
N VAL E 305 -35.98 22.12 16.96
CA VAL E 305 -35.12 23.10 16.30
C VAL E 305 -35.21 22.98 14.78
N GLN E 306 -35.04 21.77 14.26
CA GLN E 306 -35.11 21.55 12.82
C GLN E 306 -36.50 21.90 12.31
N LYS E 307 -37.38 22.22 13.25
CA LYS E 307 -38.76 22.59 12.93
C LYS E 307 -38.78 24.09 12.64
N GLU E 308 -38.39 24.88 13.63
CA GLU E 308 -38.37 26.34 13.50
C GLU E 308 -37.42 26.75 12.38
N ILE E 309 -36.60 25.81 11.92
CA ILE E 309 -35.65 26.07 10.83
C ILE E 309 -36.35 25.66 9.54
N GLU E 310 -36.97 24.49 9.57
CA GLU E 310 -37.67 23.96 8.41
C GLU E 310 -38.78 24.91 8.01
N GLN E 311 -39.16 25.80 8.91
CA GLN E 311 -40.20 26.79 8.65
C GLN E 311 -39.59 28.09 8.15
N VAL E 312 -38.99 28.85 9.05
CA VAL E 312 -38.37 30.12 8.69
C VAL E 312 -37.35 29.99 7.56
N ILE E 313 -36.14 29.55 7.91
CA ILE E 313 -35.06 29.38 6.94
C ILE E 313 -35.48 28.59 5.70
N GLY E 314 -36.57 27.83 5.83
CA GLY E 314 -37.03 27.05 4.70
C GLY E 314 -36.30 25.73 4.58
N SER E 315 -35.82 25.41 3.38
CA SER E 315 -35.10 24.17 3.15
C SER E 315 -34.34 24.18 1.82
N HIS E 316 -33.98 25.37 1.35
CA HIS E 316 -33.26 25.50 0.09
C HIS E 316 -32.40 26.76 -0.02
N ARG E 317 -31.95 27.26 1.13
CA ARG E 317 -31.11 28.45 1.17
C ARG E 317 -30.26 28.50 2.44
N PRO E 318 -29.01 28.99 2.33
CA PRO E 318 -28.14 29.07 3.49
C PRO E 318 -28.68 30.03 4.55
N PRO E 319 -28.98 29.51 5.76
CA PRO E 319 -29.51 30.30 6.87
C PRO E 319 -28.85 31.67 7.05
N ALA E 320 -29.60 32.73 6.72
CA ALA E 320 -29.09 34.10 6.85
C ALA E 320 -29.19 34.53 8.31
N LEU E 321 -28.30 35.43 8.73
CA LEU E 321 -28.31 35.89 10.10
C LEU E 321 -29.63 36.51 10.54
N ASP E 322 -30.25 37.24 9.62
CA ASP E 322 -31.51 37.91 9.91
C ASP E 322 -32.62 36.91 10.29
N ASP E 323 -32.43 35.66 9.91
CA ASP E 323 -33.41 34.61 10.20
C ASP E 323 -33.48 34.22 11.67
N ARG E 324 -32.71 34.91 12.51
CA ARG E 324 -32.68 34.61 13.94
C ARG E 324 -33.84 35.23 14.71
N ALA E 325 -34.18 36.46 14.37
CA ALA E 325 -35.28 37.16 15.03
C ALA E 325 -36.58 36.43 14.75
N LYS E 326 -36.64 35.75 13.60
CA LYS E 326 -37.81 34.99 13.19
C LYS E 326 -37.78 33.59 13.80
N MET E 327 -36.83 33.37 14.71
CA MET E 327 -36.66 32.08 15.35
C MET E 327 -36.30 32.23 16.82
N PRO E 328 -37.30 32.46 17.68
CA PRO E 328 -37.08 32.63 19.12
C PRO E 328 -36.68 31.34 19.82
N TYR E 329 -36.98 30.20 19.22
CA TYR E 329 -36.63 28.92 19.84
C TYR E 329 -35.17 28.59 19.60
N THR E 330 -34.79 28.42 18.35
CA THR E 330 -33.40 28.12 18.01
C THR E 330 -32.51 29.09 18.77
N ASP E 331 -33.00 30.31 18.94
CA ASP E 331 -32.28 31.35 19.65
C ASP E 331 -32.29 31.02 21.15
N ALA E 332 -33.47 30.68 21.65
CA ALA E 332 -33.65 30.34 23.06
C ALA E 332 -32.81 29.13 23.42
N VAL E 333 -32.64 28.23 22.47
CA VAL E 333 -31.84 27.03 22.70
C VAL E 333 -30.37 27.40 22.81
N ILE E 334 -29.87 28.11 21.81
CA ILE E 334 -28.46 28.54 21.78
C ILE E 334 -28.10 29.42 22.97
N HIS E 335 -29.10 30.09 23.52
CA HIS E 335 -28.87 30.93 24.68
C HIS E 335 -28.63 30.02 25.85
N GLU E 336 -29.52 29.04 26.04
CA GLU E 336 -29.40 28.09 27.13
C GLU E 336 -28.08 27.32 26.99
N ILE E 337 -27.91 26.65 25.86
CA ILE E 337 -26.71 25.89 25.57
C ILE E 337 -25.45 26.64 25.97
N GLN E 338 -25.37 27.88 25.51
CA GLN E 338 -24.22 28.73 25.78
C GLN E 338 -24.02 29.02 27.27
N ARG E 339 -25.07 28.81 28.06
CA ARG E 339 -24.99 29.05 29.49
C ARG E 339 -24.47 27.83 30.24
N LEU E 340 -25.10 26.67 30.04
CA LEU E 340 -24.65 25.45 30.70
C LEU E 340 -23.19 25.19 30.36
N GLY E 341 -22.84 25.41 29.09
CA GLY E 341 -21.46 25.21 28.66
C GLY E 341 -20.52 25.84 29.67
N ASP E 342 -20.83 27.07 30.06
CA ASP E 342 -20.03 27.79 31.05
C ASP E 342 -18.56 27.78 30.63
N LEU E 343 -18.27 28.05 29.36
CA LEU E 343 -16.90 28.03 28.87
C LEU E 343 -15.87 28.72 29.77
N ILE E 344 -16.30 29.71 30.53
CA ILE E 344 -15.40 30.43 31.43
C ILE E 344 -16.05 30.47 32.81
N PRO E 345 -15.78 29.44 33.63
CA PRO E 345 -16.33 29.32 34.99
C PRO E 345 -16.35 30.62 35.78
N PHE E 346 -15.21 31.31 35.85
CA PHE E 346 -15.14 32.56 36.58
C PHE E 346 -14.46 33.68 35.80
N GLY E 347 -14.78 33.77 34.52
CA GLY E 347 -14.22 34.79 33.65
C GLY E 347 -12.74 35.04 33.75
N VAL E 348 -12.23 35.82 32.81
CA VAL E 348 -10.81 36.17 32.82
C VAL E 348 -10.66 37.18 33.95
N PRO E 349 -9.65 36.98 34.83
CA PRO E 349 -9.41 37.87 35.96
C PRO E 349 -9.60 39.36 35.70
N HIS E 350 -9.93 40.10 36.76
CA HIS E 350 -10.15 41.54 36.70
C HIS E 350 -9.38 42.30 37.77
N THR E 351 -9.30 43.61 37.61
CA THR E 351 -8.60 44.46 38.57
C THR E 351 -9.21 45.85 38.61
N VAL E 352 -9.22 46.47 39.79
CA VAL E 352 -9.76 47.81 39.94
C VAL E 352 -8.73 48.84 39.49
N THR E 353 -9.19 49.86 38.76
CA THR E 353 -8.32 50.92 38.26
C THR E 353 -8.13 52.02 39.31
N LYS E 354 -8.93 51.97 40.35
CA LYS E 354 -8.86 52.95 41.43
C LYS E 354 -9.40 52.31 42.69
N ASP E 355 -8.95 52.80 43.85
CA ASP E 355 -9.45 52.27 45.11
C ASP E 355 -10.95 52.45 44.99
N THR E 356 -11.70 51.36 44.97
CA THR E 356 -13.14 51.45 44.82
C THR E 356 -13.94 51.05 46.07
N GLN E 357 -15.17 51.53 46.14
CA GLN E 357 -16.06 51.25 47.25
C GLN E 357 -17.16 50.32 46.76
N PHE E 358 -17.34 49.18 47.44
CA PHE E 358 -18.36 48.23 47.03
C PHE E 358 -19.13 47.63 48.21
N ARG E 359 -20.46 47.63 48.09
CA ARG E 359 -21.36 47.08 49.10
C ARG E 359 -20.94 47.29 50.56
N GLY E 360 -20.21 48.37 50.85
CA GLY E 360 -19.80 48.65 52.21
C GLY E 360 -18.34 48.36 52.52
N TYR E 361 -17.54 48.10 51.48
CA TYR E 361 -16.12 47.81 51.65
C TYR E 361 -15.33 48.59 50.60
N VAL E 362 -14.01 48.48 50.66
CA VAL E 362 -13.14 49.17 49.71
C VAL E 362 -12.07 48.25 49.11
N ILE E 363 -12.04 48.20 47.78
CA ILE E 363 -11.08 47.39 47.04
C ILE E 363 -9.91 48.28 46.65
N PRO E 364 -8.80 48.19 47.39
CA PRO E 364 -7.62 49.01 47.08
C PRO E 364 -7.31 49.00 45.59
N LYS E 365 -6.48 49.94 45.14
CA LYS E 365 -6.14 50.02 43.72
C LYS E 365 -5.36 48.81 43.21
N ASN E 366 -5.65 48.41 41.97
CA ASN E 366 -5.01 47.25 41.35
C ASN E 366 -5.22 46.03 42.24
N THR E 367 -6.33 45.35 42.04
CA THR E 367 -6.66 44.18 42.83
C THR E 367 -7.29 43.07 41.99
N GLU E 368 -7.03 41.83 42.39
CA GLU E 368 -7.57 40.68 41.69
C GLU E 368 -9.05 40.50 42.04
N VAL E 369 -9.91 40.59 41.03
CA VAL E 369 -11.34 40.42 41.23
C VAL E 369 -11.86 39.37 40.25
N PHE E 370 -12.46 38.32 40.78
CA PHE E 370 -12.96 37.22 39.96
C PHE E 370 -14.46 37.29 39.70
N PRO E 371 -14.84 37.65 38.46
CA PRO E 371 -16.25 37.75 38.06
C PRO E 371 -16.81 36.34 37.87
N VAL E 372 -17.04 35.64 38.97
CA VAL E 372 -17.56 34.29 38.92
C VAL E 372 -18.85 34.21 38.11
N LEU E 373 -18.71 34.14 36.79
CA LEU E 373 -19.87 34.07 35.91
C LEU E 373 -20.68 32.81 36.20
N SER E 374 -20.00 31.74 36.60
CA SER E 374 -20.68 30.49 36.90
C SER E 374 -21.73 30.66 37.99
N SER E 375 -21.52 31.62 38.87
CA SER E 375 -22.48 31.86 39.95
C SER E 375 -23.62 32.75 39.45
N ALA E 376 -23.50 33.20 38.21
CA ALA E 376 -24.51 34.06 37.58
C ALA E 376 -25.33 33.24 36.58
N LEU E 377 -24.64 32.55 35.69
CA LEU E 377 -25.29 31.71 34.69
C LEU E 377 -26.06 30.62 35.40
N HIS E 378 -25.58 30.26 36.60
CA HIS E 378 -26.20 29.23 37.41
C HIS E 378 -27.06 29.82 38.53
N ASP E 379 -27.04 31.15 38.64
CA ASP E 379 -27.81 31.85 39.67
C ASP E 379 -29.29 31.49 39.55
N PRO E 380 -29.83 30.79 40.57
CA PRO E 380 -31.23 30.36 40.61
C PRO E 380 -32.21 31.52 40.66
N ARG E 381 -31.82 32.59 41.35
CA ARG E 381 -32.66 33.77 41.49
C ARG E 381 -33.23 34.29 40.17
N TYR E 382 -32.47 34.14 39.08
CA TYR E 382 -32.94 34.59 37.77
C TYR E 382 -33.24 33.45 36.82
N PHE E 383 -32.87 32.23 37.21
CA PHE E 383 -33.10 31.08 36.35
C PHE E 383 -33.96 30.00 37.00
N GLU E 384 -35.11 29.77 36.40
CA GLU E 384 -36.02 28.72 36.88
C GLU E 384 -35.26 27.44 36.55
N THR E 385 -35.06 26.58 37.53
CA THR E 385 -34.30 25.33 37.35
C THR E 385 -32.98 25.62 36.62
N PRO E 386 -32.02 26.24 37.33
CA PRO E 386 -30.71 26.59 36.79
C PRO E 386 -29.91 25.43 36.22
N ASN E 387 -29.74 24.38 37.02
CA ASN E 387 -28.99 23.22 36.58
C ASN E 387 -29.85 22.25 35.77
N THR E 388 -30.46 22.77 34.70
CA THR E 388 -31.31 21.95 33.83
C THR E 388 -31.47 22.68 32.50
N PHE E 389 -31.10 22.02 31.41
CA PHE E 389 -31.24 22.64 30.09
C PHE E 389 -32.73 22.90 29.93
N ASN E 390 -33.10 24.05 29.39
CA ASN E 390 -34.51 24.39 29.20
C ASN E 390 -34.66 25.73 28.50
N PRO E 391 -34.77 25.72 27.16
CA PRO E 391 -34.93 26.94 26.37
C PRO E 391 -36.02 27.86 26.92
N GLY E 392 -36.81 27.34 27.86
CA GLY E 392 -37.87 28.13 28.46
C GLY E 392 -37.32 29.35 29.17
N HIS E 393 -36.06 29.25 29.61
CA HIS E 393 -35.40 30.36 30.30
C HIS E 393 -35.33 31.59 29.41
N PHE E 394 -35.59 31.40 28.11
CA PHE E 394 -35.54 32.49 27.15
C PHE E 394 -36.78 32.57 26.26
N LEU E 395 -37.96 32.53 26.89
CA LEU E 395 -39.23 32.62 26.18
C LEU E 395 -40.24 33.37 27.07
N ASP E 396 -41.49 33.38 26.64
CA ASP E 396 -42.54 34.06 27.41
C ASP E 396 -43.81 33.20 27.50
N ALA E 397 -44.96 33.82 27.28
CA ALA E 397 -46.24 33.11 27.36
C ALA E 397 -46.81 32.77 26.00
N ASN E 398 -46.15 33.22 24.94
CA ASN E 398 -46.63 32.97 23.58
C ASN E 398 -45.62 32.14 22.80
N GLY E 399 -44.38 32.62 22.76
CA GLY E 399 -43.33 31.91 22.05
C GLY E 399 -42.34 32.88 21.44
N ALA E 400 -41.79 33.77 22.27
CA ALA E 400 -40.83 34.76 21.80
C ALA E 400 -39.51 34.70 22.58
N LEU E 401 -38.58 35.59 22.24
CA LEU E 401 -37.27 35.62 22.88
C LEU E 401 -37.15 36.63 24.02
N LYS E 402 -37.42 36.18 25.24
CA LYS E 402 -37.33 37.04 26.42
C LYS E 402 -35.88 37.12 26.86
N ARG E 403 -35.48 38.29 27.34
CA ARG E 403 -34.11 38.49 27.81
C ARG E 403 -34.01 38.00 29.25
N ASN E 404 -32.81 37.67 29.70
CA ASN E 404 -32.61 37.20 31.07
C ASN E 404 -31.38 37.85 31.67
N GLU E 405 -31.59 38.63 32.73
CA GLU E 405 -30.51 39.35 33.39
C GLU E 405 -29.43 38.47 34.05
N GLY E 406 -29.56 37.16 33.91
CA GLY E 406 -28.58 36.26 34.50
C GLY E 406 -27.59 35.77 33.45
N PHE E 407 -28.12 35.48 32.25
CA PHE E 407 -27.35 35.01 31.12
C PHE E 407 -26.29 36.04 30.73
N MET E 408 -25.04 35.77 31.07
CA MET E 408 -23.96 36.68 30.75
C MET E 408 -22.68 35.88 30.48
N PRO E 409 -22.75 34.94 29.52
CA PRO E 409 -21.62 34.08 29.14
C PRO E 409 -20.39 34.83 28.64
N PHE E 410 -20.61 36.02 28.08
CA PHE E 410 -19.52 36.83 27.54
C PHE E 410 -19.02 37.85 28.55
N SER E 411 -19.52 37.75 29.78
CA SER E 411 -19.12 38.67 30.83
C SER E 411 -19.79 40.03 30.60
N LEU E 412 -19.26 41.06 31.24
CA LEU E 412 -19.82 42.41 31.11
C LEU E 412 -18.72 43.46 31.25
N GLY E 413 -19.14 44.70 31.47
CA GLY E 413 -18.18 45.78 31.63
C GLY E 413 -17.64 46.36 30.34
N LYS E 414 -16.64 47.23 30.49
CA LYS E 414 -16.00 47.86 29.35
C LYS E 414 -15.10 46.81 28.72
N ARG E 415 -14.99 45.68 29.43
CA ARG E 415 -14.15 44.54 29.03
C ARG E 415 -14.90 43.43 28.30
N ILE E 416 -16.22 43.53 28.25
CA ILE E 416 -17.06 42.52 27.60
C ILE E 416 -16.41 41.90 26.38
N CYS E 417 -16.61 40.61 26.21
CA CYS E 417 -16.05 39.88 25.09
C CYS E 417 -15.99 40.77 23.86
N LEU E 418 -14.78 40.98 23.37
CA LEU E 418 -14.57 41.80 22.19
C LEU E 418 -14.81 40.93 20.94
N GLY E 419 -15.38 39.75 21.16
CA GLY E 419 -15.66 38.86 20.04
C GLY E 419 -17.12 38.49 19.97
N GLU E 420 -17.86 38.78 21.04
CA GLU E 420 -19.29 38.47 21.12
C GLU E 420 -20.05 38.67 19.80
N GLY E 421 -19.60 39.64 19.01
CA GLY E 421 -20.26 39.88 17.74
C GLY E 421 -20.21 38.64 16.87
N ILE E 422 -19.06 38.39 16.27
CA ILE E 422 -18.86 37.22 15.42
C ILE E 422 -19.20 35.94 16.16
N ALA E 423 -18.99 35.95 17.46
CA ALA E 423 -19.25 34.80 18.31
C ALA E 423 -20.68 34.28 18.18
N ARG E 424 -21.64 35.12 18.54
CA ARG E 424 -23.05 34.74 18.48
C ARG E 424 -23.56 34.61 17.05
N THR E 425 -22.88 35.22 16.09
CA THR E 425 -23.30 35.15 14.70
C THR E 425 -23.03 33.75 14.17
N GLU E 426 -21.83 33.23 14.42
CA GLU E 426 -21.48 31.89 13.97
C GLU E 426 -22.35 30.91 14.76
N LEU E 427 -22.33 31.05 16.08
CA LEU E 427 -23.12 30.18 16.95
C LEU E 427 -24.50 29.90 16.38
N PHE E 428 -25.10 30.91 15.74
CA PHE E 428 -26.41 30.73 15.15
C PHE E 428 -26.28 30.09 13.77
N LEU E 429 -25.51 30.75 12.91
CA LEU E 429 -25.32 30.26 11.55
C LEU E 429 -24.92 28.79 11.46
N PHE E 430 -23.82 28.43 12.11
CA PHE E 430 -23.37 27.03 12.09
C PHE E 430 -24.41 26.09 12.69
N PHE E 431 -24.72 26.29 13.96
CA PHE E 431 -25.68 25.47 14.69
C PHE E 431 -26.96 25.20 13.89
N THR E 432 -27.34 26.14 13.03
CA THR E 432 -28.55 25.99 12.22
C THR E 432 -28.24 25.40 10.84
N THR E 433 -27.22 25.93 10.18
CA THR E 433 -26.83 25.44 8.86
C THR E 433 -26.52 23.96 8.95
N ILE E 434 -26.03 23.52 10.10
CA ILE E 434 -25.68 22.11 10.32
C ILE E 434 -26.92 21.24 10.49
N LEU E 435 -27.69 21.50 11.56
CA LEU E 435 -28.89 20.71 11.82
C LEU E 435 -29.95 20.84 10.74
N GLN E 436 -29.69 21.69 9.76
CA GLN E 436 -30.63 21.85 8.66
C GLN E 436 -30.31 20.80 7.62
N ASN E 437 -29.03 20.74 7.25
CA ASN E 437 -28.55 19.79 6.25
C ASN E 437 -28.36 18.37 6.79
N PHE E 438 -28.04 18.26 8.08
CA PHE E 438 -27.81 16.96 8.71
C PHE E 438 -28.70 16.72 9.91
N SER E 439 -28.69 15.47 10.40
CA SER E 439 -29.44 15.08 11.58
C SER E 439 -28.49 14.23 12.41
N ILE E 440 -28.31 14.57 13.68
CA ILE E 440 -27.36 13.85 14.53
C ILE E 440 -27.86 12.59 15.24
N ALA E 441 -26.91 11.71 15.54
CA ALA E 441 -27.18 10.46 16.23
C ALA E 441 -25.85 9.89 16.73
N SER E 442 -25.86 9.29 17.91
CA SER E 442 -24.63 8.71 18.47
C SER E 442 -24.94 7.39 19.15
N PRO E 443 -23.96 6.47 19.16
CA PRO E 443 -24.10 5.15 19.77
C PRO E 443 -24.22 5.14 21.30
N VAL E 444 -24.68 6.25 21.87
CA VAL E 444 -24.85 6.34 23.31
C VAL E 444 -26.22 6.91 23.66
N PRO E 445 -26.88 6.36 24.70
CA PRO E 445 -28.20 6.82 25.14
C PRO E 445 -28.23 8.26 25.65
N PRO E 446 -29.37 8.94 25.51
CA PRO E 446 -29.53 10.32 25.97
C PRO E 446 -29.37 10.44 27.48
N GLU E 447 -29.98 9.51 28.21
CA GLU E 447 -29.88 9.51 29.66
C GLU E 447 -28.59 8.85 30.11
N ASP E 448 -27.67 8.70 29.15
CA ASP E 448 -26.37 8.09 29.40
C ASP E 448 -25.26 9.10 29.14
N ILE E 449 -25.64 10.24 28.55
CA ILE E 449 -24.68 11.31 28.25
C ILE E 449 -24.35 12.05 29.54
N ASP E 450 -23.06 12.33 29.72
CA ASP E 450 -22.59 13.04 30.91
C ASP E 450 -21.99 14.37 30.46
N LEU E 451 -22.73 15.46 30.68
CA LEU E 451 -22.30 16.79 30.28
C LEU E 451 -21.33 17.49 31.26
N THR E 452 -20.64 16.70 32.08
CA THR E 452 -19.68 17.26 33.02
C THR E 452 -18.35 17.52 32.31
N PRO E 453 -17.67 18.61 32.65
CA PRO E 453 -16.38 18.99 32.07
C PRO E 453 -15.24 18.00 32.26
N ARG E 454 -14.56 17.67 31.18
CA ARG E 454 -13.43 16.75 31.25
C ARG E 454 -12.32 17.50 31.97
N GLU E 455 -12.52 18.81 32.11
CA GLU E 455 -11.52 19.65 32.76
C GLU E 455 -12.15 20.99 33.17
N SER E 456 -12.01 21.34 34.44
CA SER E 456 -12.57 22.58 34.94
C SER E 456 -11.50 23.44 35.59
N GLY E 457 -11.71 24.74 35.53
CA GLY E 457 -10.77 25.70 36.08
C GLY E 457 -11.10 27.01 35.40
N VAL E 458 -10.10 27.67 34.82
CA VAL E 458 -10.36 28.93 34.13
C VAL E 458 -11.04 28.65 32.79
N GLY E 459 -11.53 27.42 32.65
CA GLY E 459 -12.19 27.06 31.42
C GLY E 459 -12.78 25.67 31.50
N ASN E 460 -14.05 25.52 31.16
CA ASN E 460 -14.70 24.23 31.20
C ASN E 460 -14.62 23.54 29.86
N VAL E 461 -13.77 22.53 29.80
CA VAL E 461 -13.56 21.75 28.60
C VAL E 461 -14.60 20.64 28.50
N PRO E 462 -15.55 20.77 27.58
CA PRO E 462 -16.54 19.70 27.47
C PRO E 462 -15.81 18.41 27.13
N PRO E 463 -16.34 17.27 27.59
CA PRO E 463 -15.66 16.01 27.27
C PRO E 463 -15.67 15.76 25.77
N SER E 464 -14.97 14.72 25.34
CA SER E 464 -14.91 14.35 23.93
C SER E 464 -16.00 13.30 23.72
N TYR E 465 -16.56 13.23 22.52
CA TYR E 465 -17.63 12.27 22.28
C TYR E 465 -17.67 11.76 20.84
N GLN E 466 -18.39 10.64 20.67
CA GLN E 466 -18.56 10.02 19.36
C GLN E 466 -19.89 10.50 18.82
N ILE E 467 -19.90 10.98 17.57
CA ILE E 467 -21.13 11.46 16.95
C ILE E 467 -21.08 11.32 15.43
N ARG E 468 -22.20 10.91 14.84
CA ARG E 468 -22.30 10.72 13.40
C ARG E 468 -23.37 11.61 12.75
N PHE E 469 -22.92 12.53 11.91
CA PHE E 469 -23.80 13.45 11.18
C PHE E 469 -24.37 12.72 9.96
N LEU E 470 -25.67 12.49 9.97
CA LEU E 470 -26.33 11.80 8.87
C LEU E 470 -26.99 12.80 7.94
N ALA E 471 -26.49 12.88 6.72
CA ALA E 471 -27.01 13.79 5.71
C ALA E 471 -28.51 13.59 5.54
N ARG E 472 -29.25 14.69 5.40
CA ARG E 472 -30.69 14.64 5.24
C ARG E 472 -31.07 14.72 3.76
N HIS E 473 -32.30 14.33 3.44
CA HIS E 473 -32.77 14.33 2.06
C HIS E 473 -34.08 15.14 1.88
N GLY F 9 43.17 32.76 46.04
CA GLY F 9 42.95 33.87 45.07
C GLY F 9 41.59 33.84 44.41
N LYS F 10 40.62 33.27 45.10
CA LYS F 10 39.24 33.16 44.61
C LYS F 10 39.13 32.60 43.19
N LEU F 11 37.92 32.65 42.64
CA LEU F 11 37.66 32.16 41.29
C LEU F 11 37.15 33.32 40.44
N PRO F 12 36.75 33.05 39.19
CA PRO F 12 36.25 34.13 38.32
C PRO F 12 35.03 34.82 38.93
N PRO F 13 34.52 35.88 38.27
CA PRO F 13 33.36 36.61 38.79
C PRO F 13 32.08 35.77 38.82
N GLY F 14 31.34 35.85 39.92
CA GLY F 14 30.11 35.09 40.05
C GLY F 14 29.03 35.86 40.81
N PRO F 15 27.78 35.89 40.29
CA PRO F 15 26.68 36.60 40.95
C PRO F 15 26.39 36.10 42.36
N SER F 16 25.40 36.72 43.00
CA SER F 16 25.02 36.34 44.36
C SER F 16 24.73 34.86 44.45
N PRO F 17 25.57 34.10 45.16
CA PRO F 17 25.39 32.66 45.32
C PRO F 17 24.58 32.29 46.56
N LEU F 18 23.42 32.93 46.72
CA LEU F 18 22.55 32.68 47.87
C LEU F 18 22.56 31.21 48.28
N PRO F 19 22.84 30.92 49.56
CA PRO F 19 22.89 29.55 50.06
C PRO F 19 21.80 28.67 49.48
N VAL F 20 22.19 27.47 49.06
CA VAL F 20 21.26 26.51 48.46
C VAL F 20 20.83 26.93 47.07
N LEU F 21 19.90 27.88 47.02
CA LEU F 21 19.36 28.39 45.77
C LEU F 21 20.41 28.70 44.70
N GLY F 22 21.68 28.62 45.06
CA GLY F 22 22.73 28.89 44.10
C GLY F 22 22.51 30.17 43.31
N ASN F 23 22.75 30.13 42.01
CA ASN F 23 22.57 31.29 41.15
C ASN F 23 21.21 31.23 40.48
N LEU F 24 20.39 30.30 40.93
CA LEU F 24 19.05 30.11 40.40
C LEU F 24 18.38 31.37 39.86
N LEU F 25 18.38 32.43 40.66
CA LEU F 25 17.71 33.68 40.28
C LEU F 25 18.20 34.44 39.04
N GLN F 26 19.48 34.35 38.71
CA GLN F 26 19.96 35.07 37.52
C GLN F 26 19.90 34.17 36.28
N MET F 27 19.44 32.93 36.50
CA MET F 27 19.32 31.92 35.44
C MET F 27 18.19 32.15 34.45
N ASP F 28 18.50 31.97 33.18
CA ASP F 28 17.54 32.14 32.10
C ASP F 28 16.51 31.03 32.07
N ARG F 29 15.33 31.36 31.55
CA ARG F 29 14.24 30.41 31.45
C ARG F 29 14.53 29.23 30.51
N LYS F 30 14.59 29.53 29.22
CA LYS F 30 14.84 28.55 28.16
C LYS F 30 15.67 27.33 28.53
N GLY F 31 16.74 27.52 29.30
CA GLY F 31 17.57 26.39 29.68
C GLY F 31 18.88 26.78 30.32
N LEU F 32 19.84 25.86 30.31
CA LEU F 32 21.16 26.10 30.88
C LEU F 32 22.06 26.79 29.86
N LEU F 33 21.84 26.51 28.58
CA LEU F 33 22.64 27.12 27.52
C LEU F 33 22.26 28.58 27.30
N ARG F 34 20.99 28.82 26.98
CA ARG F 34 20.51 30.17 26.75
C ARG F 34 20.63 30.96 28.05
N SER F 35 21.12 30.29 29.09
CA SER F 35 21.32 30.92 30.38
C SER F 35 22.78 31.36 30.47
N PHE F 36 23.70 30.44 30.18
CA PHE F 36 25.12 30.78 30.22
C PHE F 36 25.38 31.91 29.22
N LEU F 37 24.92 31.71 27.99
CA LEU F 37 25.10 32.69 26.92
C LEU F 37 24.71 34.11 27.34
N ARG F 38 23.79 34.23 28.29
CA ARG F 38 23.36 35.55 28.76
C ARG F 38 24.26 36.07 29.88
N LEU F 39 24.70 35.18 30.76
CA LEU F 39 25.58 35.58 31.84
C LEU F 39 26.88 36.05 31.20
N ARG F 40 27.05 35.70 29.92
CA ARG F 40 28.23 36.07 29.16
C ARG F 40 28.20 37.57 28.88
N GLU F 41 27.03 38.07 28.50
CA GLU F 41 26.84 39.49 28.21
C GLU F 41 27.22 40.34 29.42
N LYS F 42 27.38 39.68 30.57
CA LYS F 42 27.70 40.37 31.81
C LYS F 42 29.14 40.18 32.29
N TYR F 43 29.50 38.95 32.64
CA TYR F 43 30.85 38.68 33.14
C TYR F 43 31.85 38.24 32.06
N GLY F 44 31.75 38.84 30.87
CA GLY F 44 32.67 38.50 29.80
C GLY F 44 32.67 37.05 29.32
N ASP F 45 33.86 36.45 29.28
CA ASP F 45 34.03 35.07 28.81
C ASP F 45 34.11 33.99 29.89
N VAL F 46 34.49 34.37 31.10
CA VAL F 46 34.59 33.40 32.18
C VAL F 46 33.89 33.89 33.43
N PHE F 47 33.14 33.01 34.07
CA PHE F 47 32.43 33.38 35.29
C PHE F 47 32.07 32.17 36.13
N THR F 48 32.12 32.36 37.44
CA THR F 48 31.79 31.32 38.40
C THR F 48 30.30 31.37 38.67
N VAL F 49 29.56 30.42 38.11
CA VAL F 49 28.12 30.37 38.30
C VAL F 49 27.77 29.15 39.14
N TYR F 50 27.17 29.39 40.30
CA TYR F 50 26.81 28.31 41.21
C TYR F 50 25.55 27.57 40.79
N LEU F 51 25.73 26.45 40.08
CA LEU F 51 24.59 25.66 39.65
C LEU F 51 23.97 25.04 40.90
N GLY F 52 23.21 25.85 41.62
CA GLY F 52 22.58 25.37 42.84
C GLY F 52 23.60 25.36 43.96
N SER F 53 23.59 24.27 44.73
CA SER F 53 24.49 24.12 45.87
C SER F 53 25.92 23.79 45.43
N ARG F 54 26.22 23.99 44.15
CA ARG F 54 27.55 23.69 43.60
C ARG F 54 28.06 24.77 42.63
N PRO F 55 29.33 25.17 42.78
CA PRO F 55 29.98 26.19 41.94
C PRO F 55 30.71 25.60 40.73
N VAL F 56 30.52 26.21 39.56
CA VAL F 56 31.17 25.73 38.34
C VAL F 56 31.68 26.92 37.54
N VAL F 57 32.56 26.65 36.58
CA VAL F 57 33.10 27.72 35.76
C VAL F 57 32.89 27.53 34.26
N VAL F 58 32.20 28.51 33.67
CA VAL F 58 31.91 28.50 32.24
C VAL F 58 33.19 28.83 31.47
N LEU F 59 33.14 28.72 30.15
CA LEU F 59 34.29 29.02 29.32
C LEU F 59 33.85 29.43 27.92
N CYS F 60 32.77 30.21 27.84
CA CYS F 60 32.24 30.66 26.56
C CYS F 60 33.32 31.17 25.59
N GLY F 61 32.91 31.46 24.36
CA GLY F 61 33.83 31.96 23.36
C GLY F 61 34.73 30.87 22.79
N THR F 62 35.24 31.09 21.58
CA THR F 62 36.11 30.14 20.91
C THR F 62 37.44 29.99 21.66
N ASP F 63 38.15 31.11 21.79
CA ASP F 63 39.44 31.17 22.45
C ASP F 63 39.51 30.61 23.87
N ALA F 64 38.58 31.01 24.71
CA ALA F 64 38.56 30.55 26.10
C ALA F 64 38.42 29.04 26.21
N ILE F 65 37.87 28.42 25.18
CA ILE F 65 37.67 26.96 25.17
C ILE F 65 38.98 26.21 25.00
N ARG F 66 39.79 26.61 24.03
CA ARG F 66 41.06 25.95 23.79
C ARG F 66 41.93 25.92 25.05
N GLU F 67 42.43 27.08 25.45
CA GLU F 67 43.28 27.21 26.63
C GLU F 67 43.14 26.10 27.65
N ALA F 68 42.32 26.32 28.67
CA ALA F 68 42.12 25.34 29.74
C ALA F 68 42.17 23.88 29.31
N LEU F 69 41.23 23.46 28.46
CA LEU F 69 41.19 22.07 28.01
C LEU F 69 42.28 21.66 27.03
N VAL F 70 43.23 22.57 26.78
CA VAL F 70 44.34 22.28 25.87
C VAL F 70 45.66 22.63 26.53
N ASP F 71 45.93 23.93 26.63
CA ASP F 71 47.15 24.44 27.26
C ASP F 71 46.93 24.42 28.77
N GLN F 72 47.11 23.24 29.36
CA GLN F 72 46.93 22.92 30.78
C GLN F 72 46.05 21.67 30.82
N ALA F 73 46.10 20.94 29.71
CA ALA F 73 45.34 19.73 29.48
C ALA F 73 45.27 18.72 30.62
N GLU F 74 46.41 18.25 31.10
CA GLU F 74 46.46 17.28 32.19
C GLU F 74 45.87 17.82 33.49
N ALA F 75 45.66 19.14 33.54
CA ALA F 75 45.09 19.77 34.72
C ALA F 75 43.57 19.67 34.65
N PHE F 76 43.08 19.08 33.56
CA PHE F 76 41.65 18.91 33.33
C PHE F 76 41.26 17.51 32.87
N SER F 77 41.99 16.52 33.33
CA SER F 77 41.70 15.12 32.98
C SER F 77 40.54 14.77 33.89
N GLY F 78 39.83 15.81 34.33
CA GLY F 78 38.69 15.62 35.20
C GLY F 78 37.38 15.76 34.46
N ARG F 79 36.49 14.81 34.72
CA ARG F 79 35.18 14.80 34.10
C ARG F 79 34.18 15.33 35.12
N GLY F 80 33.24 16.15 34.67
CA GLY F 80 32.26 16.67 35.58
C GLY F 80 31.44 15.51 36.12
N LYS F 81 30.16 15.74 36.32
CA LYS F 81 29.31 14.67 36.83
C LYS F 81 27.87 15.03 36.53
N ILE F 82 27.23 14.23 35.71
CA ILE F 82 25.85 14.47 35.34
C ILE F 82 24.91 13.93 36.40
N ALA F 83 24.15 14.83 37.01
CA ALA F 83 23.20 14.49 38.06
C ALA F 83 22.23 13.38 37.68
N VAL F 84 21.63 13.48 36.49
CA VAL F 84 20.66 12.47 36.06
C VAL F 84 21.21 11.09 35.67
N VAL F 85 22.47 11.01 35.27
CA VAL F 85 23.04 9.72 34.89
C VAL F 85 23.98 9.18 35.96
N ASP F 86 24.39 10.05 36.87
CA ASP F 86 25.30 9.63 37.93
C ASP F 86 24.89 8.32 38.59
N PRO F 87 23.71 8.29 39.24
CA PRO F 87 23.26 7.06 39.89
C PRO F 87 23.60 5.76 39.16
N ILE F 88 23.66 5.81 37.83
CA ILE F 88 23.98 4.63 37.03
C ILE F 88 25.48 4.40 36.94
N PHE F 89 26.23 5.45 36.58
CA PHE F 89 27.67 5.35 36.45
C PHE F 89 28.36 5.37 37.82
N GLN F 90 27.80 6.13 38.75
CA GLN F 90 28.35 6.27 40.09
C GLN F 90 29.85 6.55 40.04
N GLY F 91 30.31 7.14 38.94
CA GLY F 91 31.72 7.47 38.81
C GLY F 91 32.51 6.43 38.03
N TYR F 92 31.82 5.41 37.53
CA TYR F 92 32.46 4.36 36.74
C TYR F 92 32.48 4.72 35.26
N GLY F 93 32.49 3.69 34.42
CA GLY F 93 32.51 3.92 32.98
C GLY F 93 33.74 4.62 32.47
N VAL F 94 34.05 4.41 31.20
CA VAL F 94 35.19 5.02 30.54
C VAL F 94 35.00 6.52 30.33
N ILE F 95 33.75 6.97 30.37
CA ILE F 95 33.42 8.38 30.16
C ILE F 95 33.41 9.22 31.43
N PHE F 96 32.76 8.71 32.48
CA PHE F 96 32.68 9.45 33.73
C PHE F 96 33.67 9.00 34.80
N ALA F 97 34.94 8.88 34.43
CA ALA F 97 35.98 8.47 35.36
C ALA F 97 37.14 9.45 35.25
N ASN F 98 37.97 9.53 36.28
CA ASN F 98 39.11 10.43 36.27
C ASN F 98 40.38 9.84 36.86
N GLY F 99 41.51 10.49 36.58
CA GLY F 99 42.77 10.04 37.11
C GLY F 99 43.20 8.65 36.68
N GLU F 100 42.95 7.65 37.52
CA GLU F 100 43.35 6.28 37.22
C GLU F 100 42.27 5.38 36.60
N ARG F 101 41.15 5.22 37.29
CA ARG F 101 40.05 4.39 36.77
C ARG F 101 39.71 4.78 35.34
N TRP F 102 40.18 5.95 34.93
CA TRP F 102 39.95 6.46 33.57
C TRP F 102 41.18 6.28 32.69
N ARG F 103 42.18 7.14 32.88
CA ARG F 103 43.42 7.13 32.11
C ARG F 103 43.76 5.78 31.49
N ALA F 104 43.58 4.71 32.26
CA ALA F 104 43.88 3.36 31.79
C ALA F 104 42.75 2.81 30.92
N LEU F 105 41.51 2.96 31.39
CA LEU F 105 40.34 2.48 30.68
C LEU F 105 40.14 3.16 29.33
N ARG F 106 40.79 4.31 29.12
CA ARG F 106 40.68 5.03 27.86
C ARG F 106 41.58 4.43 26.78
N ARG F 107 42.87 4.71 26.88
CA ARG F 107 43.85 4.22 25.93
C ARG F 107 43.56 2.78 25.49
N PHE F 108 43.07 1.97 26.43
CA PHE F 108 42.74 0.57 26.13
C PHE F 108 41.64 0.49 25.08
N SER F 109 40.48 1.03 25.41
CA SER F 109 39.33 1.02 24.51
C SER F 109 39.57 1.94 23.30
N LEU F 110 40.80 2.45 23.18
CA LEU F 110 41.16 3.31 22.07
C LEU F 110 41.92 2.48 21.06
N ALA F 111 42.22 1.24 21.43
CA ALA F 111 42.95 0.33 20.56
C ALA F 111 42.16 -0.97 20.37
N THR F 112 41.57 -1.47 21.46
CA THR F 112 40.78 -2.70 21.41
C THR F 112 39.68 -2.59 20.35
N MET F 113 39.30 -1.35 20.03
CA MET F 113 38.27 -1.14 19.03
C MET F 113 38.92 -0.88 17.68
N ARG F 114 40.16 -0.40 17.69
CA ARG F 114 40.88 -0.14 16.44
C ARG F 114 41.50 -1.45 15.94
N ASP F 115 42.52 -1.92 16.65
CA ASP F 115 43.19 -3.16 16.28
C ASP F 115 42.21 -4.33 16.26
N PHE F 116 42.29 -5.15 15.22
CA PHE F 116 41.42 -6.31 15.09
C PHE F 116 42.11 -7.52 14.46
N GLY F 117 43.14 -7.28 13.64
CA GLY F 117 43.86 -8.39 13.04
C GLY F 117 43.72 -8.64 11.55
N MET F 118 43.82 -9.92 11.19
CA MET F 118 43.74 -10.38 9.80
C MET F 118 42.31 -10.56 9.27
N GLY F 119 41.58 -11.52 9.86
CA GLY F 119 40.23 -11.79 9.43
C GLY F 119 39.13 -11.23 10.33
N LYS F 120 38.76 -9.98 10.08
CA LYS F 120 37.72 -9.28 10.83
C LYS F 120 37.51 -7.91 10.16
N ARG F 121 36.74 -7.93 9.07
CA ARG F 121 36.44 -6.73 8.27
C ARG F 121 36.72 -5.38 8.93
N SER F 122 37.32 -4.49 8.16
CA SER F 122 37.66 -3.15 8.63
C SER F 122 36.41 -2.32 8.90
N VAL F 123 36.58 -1.28 9.71
CA VAL F 123 35.47 -0.39 10.05
C VAL F 123 35.00 0.36 8.81
N GLU F 124 35.95 0.82 7.99
CA GLU F 124 35.60 1.53 6.75
C GLU F 124 34.74 0.62 5.93
N GLU F 125 34.95 -0.68 6.10
CA GLU F 125 34.22 -1.70 5.38
C GLU F 125 32.88 -1.95 6.07
N ARG F 126 32.93 -2.10 7.39
CA ARG F 126 31.69 -2.32 8.15
C ARG F 126 30.71 -1.19 7.89
N ILE F 127 31.24 0.03 7.81
CA ILE F 127 30.41 1.21 7.56
C ILE F 127 29.92 1.23 6.12
N GLN F 128 30.67 0.57 5.23
CA GLN F 128 30.29 0.50 3.83
C GLN F 128 29.20 -0.56 3.77
N GLU F 129 29.50 -1.71 4.36
CA GLU F 129 28.57 -2.82 4.39
C GLU F 129 27.25 -2.38 5.02
N GLU F 130 27.36 -1.81 6.21
CA GLU F 130 26.17 -1.33 6.92
C GLU F 130 25.44 -0.36 6.02
N ALA F 131 26.17 0.54 5.39
CA ALA F 131 25.59 1.53 4.50
C ALA F 131 24.94 0.82 3.31
N ARG F 132 25.52 -0.31 2.92
CA ARG F 132 24.99 -1.08 1.80
C ARG F 132 23.59 -1.55 2.18
N CYS F 133 23.44 -2.00 3.42
CA CYS F 133 22.16 -2.46 3.92
C CYS F 133 21.17 -1.31 3.93
N LEU F 134 21.59 -0.19 4.51
CA LEU F 134 20.75 1.00 4.59
C LEU F 134 20.10 1.28 3.25
N VAL F 135 20.89 1.29 2.19
CA VAL F 135 20.34 1.56 0.87
C VAL F 135 19.37 0.46 0.46
N GLU F 136 19.79 -0.80 0.58
CA GLU F 136 18.94 -1.91 0.23
C GLU F 136 17.63 -1.85 1.01
N GLU F 137 17.74 -1.58 2.30
CA GLU F 137 16.58 -1.48 3.18
C GLU F 137 15.80 -0.18 2.95
N LEU F 138 16.38 0.73 2.18
CA LEU F 138 15.71 1.99 1.88
C LEU F 138 14.89 1.86 0.61
N ARG F 139 15.44 1.16 -0.39
CA ARG F 139 14.72 0.95 -1.63
C ARG F 139 13.43 0.22 -1.33
N LYS F 140 13.47 -0.66 -0.33
CA LYS F 140 12.31 -1.42 0.06
C LYS F 140 11.12 -0.53 0.40
N SER F 141 11.38 0.55 1.12
CA SER F 141 10.32 1.48 1.52
C SER F 141 9.78 2.33 0.37
N LYS F 142 9.86 1.78 -0.85
CA LYS F 142 9.38 2.44 -2.06
C LYS F 142 9.33 3.97 -2.05
N GLY F 143 10.44 4.59 -1.67
CA GLY F 143 10.53 6.05 -1.64
C GLY F 143 9.38 6.77 -0.96
N ALA F 144 8.51 6.02 -0.28
CA ALA F 144 7.39 6.63 0.42
C ALA F 144 7.89 7.42 1.62
N LEU F 145 6.98 8.05 2.33
CA LEU F 145 7.34 8.83 3.51
C LEU F 145 7.72 7.94 4.68
N LEU F 146 8.58 8.45 5.55
CA LEU F 146 9.02 7.72 6.73
C LEU F 146 9.76 8.65 7.67
N ASP F 147 10.02 8.17 8.88
CA ASP F 147 10.75 8.97 9.85
C ASP F 147 12.11 8.31 10.08
N ASN F 148 13.15 8.96 9.56
CA ASN F 148 14.52 8.46 9.67
C ASN F 148 15.10 8.46 11.08
N THR F 149 14.34 8.94 12.06
CA THR F 149 14.82 8.97 13.44
C THR F 149 15.19 7.55 13.88
N LEU F 150 14.38 6.60 13.43
CA LEU F 150 14.58 5.19 13.74
C LEU F 150 15.80 4.63 13.03
N LEU F 151 15.68 4.46 11.72
CA LEU F 151 16.74 3.89 10.88
C LEU F 151 18.12 4.47 11.15
N PHE F 152 18.25 5.79 11.01
CA PHE F 152 19.53 6.46 11.24
C PHE F 152 20.15 6.02 12.57
N HIS F 153 19.29 5.79 13.56
CA HIS F 153 19.73 5.34 14.86
C HIS F 153 20.19 3.91 14.79
N SER F 154 19.62 3.15 13.86
CA SER F 154 19.97 1.75 13.70
C SER F 154 21.38 1.54 13.17
N ILE F 155 21.69 2.18 12.04
CA ILE F 155 23.01 2.03 11.44
C ILE F 155 24.18 2.47 12.33
N THR F 156 24.11 3.67 12.90
CA THR F 156 25.21 4.14 13.76
C THR F 156 25.35 3.21 14.97
N SER F 157 24.27 2.51 15.28
CA SER F 157 24.25 1.58 16.42
C SER F 157 24.99 0.29 16.09
N ASN F 158 24.66 -0.32 14.96
CA ASN F 158 25.33 -1.55 14.56
C ASN F 158 26.85 -1.38 14.48
N ILE F 159 27.30 -0.31 13.80
CA ILE F 159 28.72 -0.03 13.67
C ILE F 159 29.41 -0.22 15.02
N ILE F 160 28.70 0.18 16.08
CA ILE F 160 29.25 0.06 17.43
C ILE F 160 29.01 -1.35 17.99
N CYS F 161 27.84 -1.92 17.71
CA CYS F 161 27.53 -3.26 18.20
C CYS F 161 28.53 -4.25 17.60
N SER F 162 29.07 -3.89 16.44
CA SER F 162 30.04 -4.72 15.75
C SER F 162 31.35 -4.76 16.53
N ILE F 163 31.98 -3.60 16.70
CA ILE F 163 33.24 -3.50 17.42
C ILE F 163 33.11 -3.90 18.90
N VAL F 164 31.92 -3.71 19.45
CA VAL F 164 31.64 -4.03 20.85
C VAL F 164 31.07 -5.43 21.07
N PHE F 165 29.94 -5.72 20.44
CA PHE F 165 29.29 -7.01 20.60
C PHE F 165 29.73 -8.06 19.58
N GLY F 166 30.20 -7.62 18.42
CA GLY F 166 30.65 -8.55 17.41
C GLY F 166 29.74 -8.71 16.21
N LYS F 167 28.43 -8.67 16.45
CA LYS F 167 27.46 -8.81 15.37
C LYS F 167 26.68 -7.53 15.17
N ARG F 168 25.87 -7.49 14.11
CA ARG F 168 25.05 -6.32 13.83
C ARG F 168 23.61 -6.79 14.00
N PHE F 169 22.63 -5.96 13.67
CA PHE F 169 21.24 -6.35 13.83
C PHE F 169 20.36 -6.12 12.61
N ASP F 170 19.24 -6.83 12.57
CA ASP F 170 18.28 -6.69 11.49
C ASP F 170 17.51 -5.41 11.80
N TYR F 171 17.41 -4.53 10.81
CA TYR F 171 16.71 -3.27 11.00
C TYR F 171 15.30 -3.44 11.58
N LYS F 172 14.86 -4.67 11.78
CA LYS F 172 13.52 -4.92 12.31
C LYS F 172 13.44 -5.84 13.52
N ASP F 173 14.56 -6.47 13.89
CA ASP F 173 14.58 -7.36 15.06
C ASP F 173 14.16 -6.57 16.29
N PRO F 174 12.97 -6.85 16.84
CA PRO F 174 12.45 -6.15 18.03
C PRO F 174 13.48 -5.85 19.12
N VAL F 175 14.32 -6.82 19.47
CA VAL F 175 15.33 -6.62 20.50
C VAL F 175 16.11 -5.34 20.23
N PHE F 176 16.56 -5.20 18.99
CA PHE F 176 17.34 -4.05 18.56
C PHE F 176 16.44 -2.82 18.51
N LEU F 177 15.16 -3.02 18.19
CA LEU F 177 14.21 -1.92 18.13
C LEU F 177 13.92 -1.38 19.53
N ARG F 178 14.08 -2.23 20.55
CA ARG F 178 13.84 -1.83 21.93
C ARG F 178 15.05 -1.05 22.45
N LEU F 179 16.22 -1.64 22.30
CA LEU F 179 17.44 -1.00 22.74
C LEU F 179 17.60 0.40 22.13
N LEU F 180 17.13 0.58 20.90
CA LEU F 180 17.22 1.88 20.23
C LEU F 180 16.16 2.83 20.75
N ASP F 181 15.05 2.27 21.21
CA ASP F 181 13.96 3.07 21.74
C ASP F 181 14.41 3.59 23.11
N LEU F 182 15.18 2.78 23.81
CA LEU F 182 15.69 3.14 25.12
C LEU F 182 16.64 4.32 25.00
N PHE F 183 17.66 4.19 24.15
CA PHE F 183 18.64 5.24 23.95
C PHE F 183 18.02 6.57 23.55
N PHE F 184 17.10 6.53 22.58
CA PHE F 184 16.47 7.74 22.11
C PHE F 184 15.78 8.51 23.22
N GLN F 185 14.63 8.04 23.67
CA GLN F 185 13.90 8.75 24.71
C GLN F 185 14.76 9.04 25.93
N SER F 186 15.98 8.51 25.95
CA SER F 186 16.90 8.74 27.05
C SER F 186 17.76 9.98 26.81
N PHE F 187 18.44 10.03 25.68
CA PHE F 187 19.27 11.20 25.38
C PHE F 187 18.34 12.38 25.24
N SER F 188 17.08 12.07 24.93
CA SER F 188 16.04 13.07 24.77
C SER F 188 15.62 13.54 26.16
N LEU F 189 15.48 12.60 27.08
CA LEU F 189 15.11 12.92 28.46
C LEU F 189 16.23 13.58 29.24
N ILE F 190 17.46 13.10 29.03
CA ILE F 190 18.63 13.64 29.71
C ILE F 190 18.81 15.12 29.36
N SER F 191 18.06 15.57 28.36
CA SER F 191 18.13 16.95 27.91
C SER F 191 16.85 17.73 28.23
N SER F 192 15.87 17.06 28.82
CA SER F 192 14.60 17.71 29.16
C SER F 192 14.82 18.68 30.31
N PHE F 193 13.79 19.44 30.63
CA PHE F 193 13.85 20.43 31.71
C PHE F 193 14.26 19.74 33.02
N SER F 194 13.47 18.76 33.44
CA SER F 194 13.75 18.03 34.68
C SER F 194 15.20 17.60 34.84
N SER F 195 15.85 17.22 33.75
CA SER F 195 17.23 16.81 33.83
C SER F 195 18.08 17.99 34.28
N GLN F 196 17.76 19.15 33.72
CA GLN F 196 18.49 20.36 34.04
C GLN F 196 18.22 20.87 35.44
N VAL F 197 16.99 20.76 35.92
CA VAL F 197 16.67 21.21 37.27
C VAL F 197 17.08 20.15 38.30
N PHE F 198 16.92 18.89 37.94
CA PHE F 198 17.31 17.79 38.83
C PHE F 198 18.82 17.94 39.00
N GLU F 199 19.44 18.53 37.98
CA GLU F 199 20.88 18.77 37.98
C GLU F 199 21.25 19.65 39.17
N LEU F 200 20.55 20.80 39.25
CA LEU F 200 20.74 21.78 40.31
C LEU F 200 20.23 21.33 41.67
N PHE F 201 19.15 20.55 41.66
CA PHE F 201 18.54 20.09 42.91
C PHE F 201 18.46 18.57 43.05
N SER F 202 19.54 17.88 42.70
CA SER F 202 19.59 16.44 42.78
C SER F 202 19.20 15.92 44.17
N GLY F 203 20.07 16.11 45.15
CA GLY F 203 19.82 15.65 46.50
C GLY F 203 18.43 15.93 47.05
N PHE F 204 17.77 16.94 46.48
CA PHE F 204 16.44 17.32 46.93
C PHE F 204 15.41 16.56 46.08
N LEU F 205 15.53 16.69 44.77
CA LEU F 205 14.60 16.08 43.82
C LEU F 205 14.70 14.56 43.64
N LYS F 206 15.84 13.97 44.00
CA LYS F 206 16.03 12.54 43.84
C LYS F 206 15.26 11.70 44.87
N TYR F 207 14.30 12.32 45.54
CA TYR F 207 13.48 11.63 46.52
C TYR F 207 12.04 11.68 46.07
N PHE F 208 11.84 12.22 44.87
CA PHE F 208 10.49 12.37 44.34
C PHE F 208 10.42 11.90 42.90
N PRO F 209 9.24 11.43 42.47
CA PRO F 209 9.00 10.93 41.12
C PRO F 209 9.34 11.98 40.07
N GLY F 210 9.96 11.56 38.97
CA GLY F 210 10.33 12.52 37.95
C GLY F 210 11.06 11.86 36.80
N THR F 211 11.17 12.56 35.66
CA THR F 211 11.84 12.00 34.50
C THR F 211 13.32 11.73 34.75
N HIS F 212 13.66 11.40 35.98
CA HIS F 212 15.04 11.10 36.35
C HIS F 212 15.08 9.65 36.81
N ARG F 213 13.90 9.10 37.13
CA ARG F 213 13.77 7.71 37.57
C ARG F 213 13.45 6.90 36.33
N GLN F 214 12.83 7.57 35.37
CA GLN F 214 12.46 6.97 34.10
C GLN F 214 13.75 6.74 33.31
N ILE F 215 14.79 7.50 33.64
CA ILE F 215 16.07 7.37 32.95
C ILE F 215 16.82 6.17 33.52
N TYR F 216 16.48 5.82 34.76
CA TYR F 216 17.09 4.68 35.43
C TYR F 216 16.47 3.44 34.81
N ARG F 217 15.20 3.19 35.11
CA ARG F 217 14.48 2.03 34.58
C ARG F 217 14.99 1.71 33.18
N ASN F 218 15.09 2.75 32.36
CA ASN F 218 15.58 2.61 30.98
C ASN F 218 17.01 2.11 30.93
N LEU F 219 17.92 2.83 31.60
CA LEU F 219 19.31 2.45 31.62
C LEU F 219 19.49 1.14 32.38
N GLN F 220 18.45 0.75 33.10
CA GLN F 220 18.45 -0.50 33.88
C GLN F 220 18.02 -1.66 33.00
N GLU F 221 18.10 -1.46 31.70
CA GLU F 221 17.76 -2.48 30.73
C GLU F 221 18.95 -2.69 29.81
N ILE F 222 19.53 -1.59 29.35
CA ILE F 222 20.69 -1.64 28.48
C ILE F 222 21.76 -2.48 29.15
N ASN F 223 21.84 -2.36 30.47
CA ASN F 223 22.82 -3.12 31.24
C ASN F 223 22.28 -4.52 31.56
N THR F 224 20.95 -4.63 31.66
CA THR F 224 20.30 -5.93 31.91
C THR F 224 20.30 -6.63 30.54
N PHE F 225 21.11 -6.11 29.65
CA PHE F 225 21.26 -6.65 28.31
C PHE F 225 22.76 -6.77 28.06
N ILE F 226 23.52 -5.79 28.55
CA ILE F 226 24.96 -5.84 28.40
C ILE F 226 25.44 -6.88 29.42
N GLY F 227 24.50 -7.37 30.21
CA GLY F 227 24.83 -8.38 31.19
C GLY F 227 24.58 -9.74 30.56
N GLN F 228 23.31 -10.00 30.27
CA GLN F 228 22.90 -11.27 29.65
C GLN F 228 23.44 -11.42 28.23
N SER F 229 24.57 -10.77 27.96
CA SER F 229 25.19 -10.83 26.65
C SER F 229 26.69 -10.59 26.79
N VAL F 230 27.12 -10.23 27.99
CA VAL F 230 28.54 -10.04 28.24
C VAL F 230 28.94 -11.39 28.82
N GLU F 231 27.93 -12.12 29.27
CA GLU F 231 28.12 -13.44 29.83
C GLU F 231 28.11 -14.42 28.67
N LYS F 232 27.22 -14.20 27.71
CA LYS F 232 27.15 -15.05 26.54
C LYS F 232 28.46 -14.91 25.78
N HIS F 233 29.35 -14.08 26.34
CA HIS F 233 30.66 -13.85 25.76
C HIS F 233 31.74 -14.57 26.56
N ARG F 234 31.33 -15.22 27.65
CA ARG F 234 32.26 -15.96 28.49
C ARG F 234 32.10 -17.46 28.29
N ALA F 235 30.86 -17.89 28.14
CA ALA F 235 30.57 -19.31 27.95
C ALA F 235 30.89 -19.73 26.52
N THR F 236 30.95 -18.75 25.61
CA THR F 236 31.26 -19.01 24.21
C THR F 236 32.62 -18.45 23.86
N LEU F 237 33.30 -17.89 24.85
CA LEU F 237 34.62 -17.32 24.65
C LEU F 237 35.56 -18.30 23.96
N ASP F 238 36.67 -17.77 23.46
CA ASP F 238 37.70 -18.54 22.78
C ASP F 238 38.98 -17.72 22.84
N PRO F 239 39.77 -17.90 23.90
CA PRO F 239 41.03 -17.18 24.12
C PRO F 239 41.99 -17.19 22.92
N SER F 240 41.68 -18.03 21.95
CA SER F 240 42.49 -18.16 20.74
C SER F 240 42.46 -16.87 19.91
N ASN F 241 41.32 -16.65 19.26
CA ASN F 241 41.10 -15.49 18.41
C ASN F 241 39.76 -14.87 18.81
N PRO F 242 39.79 -13.79 19.63
CA PRO F 242 38.57 -13.12 20.08
C PRO F 242 37.66 -12.69 18.92
N ARG F 243 36.47 -12.19 19.25
CA ARG F 243 35.51 -11.77 18.22
C ARG F 243 35.16 -10.29 18.26
N ASP F 244 35.74 -9.55 19.20
CA ASP F 244 35.46 -8.12 19.32
C ASP F 244 36.17 -7.41 20.47
N PHE F 245 35.43 -6.49 21.09
CA PHE F 245 35.90 -5.69 22.22
C PHE F 245 35.66 -6.44 23.53
N ILE F 246 34.39 -6.71 23.82
CA ILE F 246 33.99 -7.42 25.03
C ILE F 246 34.86 -8.64 25.28
N ASP F 247 35.49 -9.15 24.23
CA ASP F 247 36.35 -10.32 24.39
C ASP F 247 37.72 -9.91 24.93
N VAL F 248 38.44 -9.07 24.19
CA VAL F 248 39.76 -8.63 24.59
C VAL F 248 39.71 -8.13 26.04
N TYR F 249 38.57 -7.60 26.43
CA TYR F 249 38.38 -7.09 27.79
C TYR F 249 38.11 -8.24 28.75
N LEU F 250 37.45 -9.29 28.27
CA LEU F 250 37.17 -10.46 29.11
C LEU F 250 38.42 -11.32 29.23
N LEU F 251 39.42 -11.01 28.42
CA LEU F 251 40.69 -11.73 28.46
C LEU F 251 41.59 -11.06 29.50
N ARG F 252 41.48 -9.74 29.59
CA ARG F 252 42.25 -8.97 30.54
C ARG F 252 41.51 -8.98 31.89
N MET F 253 40.23 -9.35 31.84
CA MET F 253 39.39 -9.44 33.03
C MET F 253 39.67 -10.81 33.64
N GLU F 254 39.99 -11.77 32.77
CA GLU F 254 40.30 -13.13 33.20
C GLU F 254 41.75 -13.19 33.64
N LYS F 255 42.58 -12.32 33.05
CA LYS F 255 43.99 -12.27 33.38
C LYS F 255 44.17 -11.74 34.81
N ASP F 256 43.95 -10.44 34.98
CA ASP F 256 44.10 -9.81 36.28
C ASP F 256 42.88 -10.03 37.19
N LYS F 257 42.26 -11.20 37.07
CA LYS F 257 41.08 -11.52 37.90
C LYS F 257 41.45 -11.59 39.37
N SER F 258 42.75 -11.51 39.65
CA SER F 258 43.28 -11.58 41.01
C SER F 258 44.00 -10.29 41.41
N ASP F 259 44.47 -9.54 40.42
CA ASP F 259 45.18 -8.29 40.67
C ASP F 259 44.46 -7.41 41.68
N PRO F 260 45.21 -6.60 42.44
CA PRO F 260 44.64 -5.71 43.46
C PRO F 260 44.18 -4.33 42.97
N SER F 261 44.86 -3.78 41.97
CA SER F 261 44.51 -2.46 41.43
C SER F 261 44.20 -2.47 39.94
N SER F 262 43.17 -3.21 39.55
CA SER F 262 42.75 -3.30 38.15
C SER F 262 41.24 -3.10 38.06
N GLU F 263 40.83 -2.00 37.44
CA GLU F 263 39.41 -1.68 37.30
C GLU F 263 38.67 -2.61 36.35
N PHE F 264 39.43 -3.36 35.55
CA PHE F 264 38.86 -4.26 34.55
C PHE F 264 38.13 -5.50 35.10
N HIS F 265 37.24 -5.30 36.07
CA HIS F 265 36.48 -6.39 36.64
C HIS F 265 34.99 -6.04 36.55
N HIS F 266 34.30 -6.67 35.61
CA HIS F 266 32.87 -6.44 35.38
C HIS F 266 32.61 -4.95 35.55
N GLN F 267 31.51 -4.58 36.20
CA GLN F 267 31.17 -3.17 36.41
C GLN F 267 31.72 -2.28 35.30
N ASN F 268 32.98 -1.83 35.45
CA ASN F 268 33.61 -1.00 34.42
C ASN F 268 33.25 -1.62 33.07
N LEU F 269 33.34 -2.94 32.99
CA LEU F 269 33.00 -3.68 31.78
C LEU F 269 31.63 -3.21 31.28
N ILE F 270 30.61 -3.45 32.08
CA ILE F 270 29.25 -3.05 31.72
C ILE F 270 29.11 -1.55 31.49
N LEU F 271 29.59 -0.75 32.43
CA LEU F 271 29.49 0.71 32.31
C LEU F 271 30.46 1.37 31.32
N THR F 272 31.29 0.56 30.67
CA THR F 272 32.22 1.09 29.68
C THR F 272 31.59 0.75 28.34
N VAL F 273 30.75 -0.28 28.37
CA VAL F 273 30.03 -0.71 27.19
C VAL F 273 28.80 0.19 27.10
N LEU F 274 28.20 0.46 28.25
CA LEU F 274 27.01 1.31 28.33
C LEU F 274 27.32 2.70 27.77
N SER F 275 28.59 3.07 27.79
CA SER F 275 29.03 4.37 27.29
C SER F 275 29.25 4.37 25.78
N LEU F 276 29.99 3.38 25.29
CA LEU F 276 30.26 3.30 23.86
C LEU F 276 29.06 2.83 23.09
N PHE F 277 28.23 1.99 23.70
CA PHE F 277 27.05 1.49 23.03
C PHE F 277 25.97 2.56 23.06
N PHE F 278 26.33 3.72 23.61
CA PHE F 278 25.40 4.84 23.72
C PHE F 278 25.74 5.89 22.67
N ALA F 279 26.89 6.54 22.84
CA ALA F 279 27.36 7.57 21.93
C ALA F 279 27.46 7.13 20.47
N GLY F 280 28.08 5.98 20.23
CA GLY F 280 28.20 5.49 18.88
C GLY F 280 26.83 5.25 18.26
N THR F 281 25.84 5.07 19.12
CA THR F 281 24.47 4.81 18.69
C THR F 281 23.59 6.05 18.69
N GLU F 282 23.93 7.03 19.50
CA GLU F 282 23.13 8.25 19.61
C GLU F 282 23.57 9.47 18.78
N THR F 283 24.46 10.27 19.37
CA THR F 283 24.92 11.49 18.73
C THR F 283 25.32 11.40 17.26
N THR F 284 25.87 10.27 16.82
CA THR F 284 26.25 10.17 15.41
C THR F 284 25.00 10.07 14.55
N SER F 285 24.00 9.33 15.05
CA SER F 285 22.74 9.16 14.34
C SER F 285 22.00 10.49 14.31
N THR F 286 22.06 11.21 15.42
CA THR F 286 21.40 12.51 15.54
C THR F 286 21.98 13.49 14.52
N THR F 287 23.30 13.53 14.40
CA THR F 287 23.96 14.43 13.46
C THR F 287 23.43 14.22 12.05
N LEU F 288 23.04 12.98 11.75
CA LEU F 288 22.51 12.64 10.44
C LEU F 288 21.06 13.13 10.30
N ARG F 289 20.25 12.93 11.33
CA ARG F 289 18.85 13.38 11.33
C ARG F 289 18.84 14.88 11.03
N TYR F 290 19.74 15.59 11.68
CA TYR F 290 19.87 17.03 11.51
C TYR F 290 20.33 17.31 10.08
N GLY F 291 21.56 16.92 9.80
CA GLY F 291 22.13 17.11 8.49
C GLY F 291 21.16 16.92 7.34
N PHE F 292 20.39 15.84 7.37
CA PHE F 292 19.44 15.59 6.31
C PHE F 292 18.24 16.52 6.34
N LEU F 293 17.84 16.93 7.54
CA LEU F 293 16.73 17.85 7.66
C LEU F 293 17.22 19.17 7.11
N LEU F 294 18.50 19.42 7.31
CA LEU F 294 19.16 20.65 6.84
C LEU F 294 19.15 20.63 5.31
N MET F 295 19.38 19.47 4.72
CA MET F 295 19.39 19.31 3.27
C MET F 295 17.99 19.53 2.72
N LEU F 296 16.99 19.24 3.55
CA LEU F 296 15.59 19.40 3.15
C LEU F 296 15.15 20.86 3.28
N LYS F 297 16.10 21.74 3.56
CA LYS F 297 15.82 23.16 3.68
C LYS F 297 16.62 23.90 2.61
N TYR F 298 17.79 23.36 2.29
CA TYR F 298 18.68 23.94 1.29
C TYR F 298 18.90 22.95 0.13
N PRO F 299 17.86 22.71 -0.68
CA PRO F 299 18.05 21.77 -1.78
C PRO F 299 19.29 22.12 -2.59
N HIS F 300 19.55 23.42 -2.71
CA HIS F 300 20.71 23.91 -3.44
C HIS F 300 21.93 23.04 -3.18
N VAL F 301 22.20 22.78 -1.90
CA VAL F 301 23.35 21.99 -1.51
C VAL F 301 23.22 20.49 -1.79
N THR F 302 21.99 19.97 -1.69
CA THR F 302 21.78 18.56 -1.95
C THR F 302 22.43 18.19 -3.28
N GLU F 303 21.99 18.83 -4.36
CA GLU F 303 22.55 18.57 -5.68
C GLU F 303 23.97 19.11 -5.74
N ARG F 304 24.24 20.17 -4.99
CA ARG F 304 25.57 20.75 -4.96
C ARG F 304 26.58 19.72 -4.45
N VAL F 305 26.07 18.66 -3.85
CA VAL F 305 26.90 17.58 -3.32
C VAL F 305 26.90 16.44 -4.33
N GLN F 306 25.70 15.91 -4.61
CA GLN F 306 25.57 14.82 -5.56
C GLN F 306 26.31 15.18 -6.84
N LYS F 307 26.30 16.47 -7.16
CA LYS F 307 26.98 16.97 -8.36
C LYS F 307 28.42 16.47 -8.34
N GLU F 308 29.11 16.71 -7.23
CA GLU F 308 30.50 16.28 -7.07
C GLU F 308 30.59 14.76 -7.03
N ILE F 309 29.53 14.13 -6.52
CA ILE F 309 29.50 12.68 -6.44
C ILE F 309 29.58 12.08 -7.84
N GLU F 310 28.90 12.73 -8.79
CA GLU F 310 28.89 12.27 -10.17
C GLU F 310 30.26 12.42 -10.82
N GLN F 311 31.09 13.30 -10.26
CA GLN F 311 32.43 13.52 -10.78
C GLN F 311 33.42 12.56 -10.16
N VAL F 312 33.66 12.74 -8.87
CA VAL F 312 34.60 11.91 -8.13
C VAL F 312 34.20 10.46 -7.97
N ILE F 313 33.28 10.19 -7.03
CA ILE F 313 32.85 8.82 -6.76
C ILE F 313 32.18 8.09 -7.93
N GLY F 314 31.50 8.84 -8.79
CA GLY F 314 30.83 8.21 -9.92
C GLY F 314 29.64 7.39 -9.49
N SER F 315 28.66 7.26 -10.38
CA SER F 315 27.45 6.51 -10.08
C SER F 315 27.57 5.00 -10.30
N HIS F 316 28.49 4.36 -9.58
CA HIS F 316 28.65 2.92 -9.72
C HIS F 316 29.40 2.18 -8.61
N ARG F 317 30.43 2.81 -8.05
CA ARG F 317 31.18 2.16 -6.98
C ARG F 317 30.80 2.68 -5.60
N PRO F 318 30.84 1.81 -4.57
CA PRO F 318 30.49 2.20 -3.21
C PRO F 318 31.52 3.17 -2.63
N PRO F 319 31.09 4.41 -2.35
CA PRO F 319 31.95 5.46 -1.79
C PRO F 319 32.91 4.97 -0.72
N ALA F 320 34.21 5.08 -1.01
CA ALA F 320 35.24 4.68 -0.05
C ALA F 320 35.55 5.89 0.82
N LEU F 321 36.35 5.70 1.86
CA LEU F 321 36.68 6.80 2.77
C LEU F 321 37.67 7.78 2.14
N ASP F 322 38.67 7.25 1.46
CA ASP F 322 39.71 8.06 0.81
C ASP F 322 39.16 9.05 -0.22
N ASP F 323 37.87 9.01 -0.47
CA ASP F 323 37.24 9.92 -1.42
C ASP F 323 36.91 11.24 -0.73
N ARG F 324 37.00 11.23 0.60
CA ARG F 324 36.70 12.42 1.37
C ARG F 324 37.57 13.56 0.83
N ALA F 325 38.77 13.20 0.39
CA ALA F 325 39.71 14.16 -0.16
C ALA F 325 39.12 14.87 -1.38
N LYS F 326 39.07 14.16 -2.51
CA LYS F 326 38.55 14.68 -3.76
C LYS F 326 37.18 15.36 -3.66
N MET F 327 36.57 15.34 -2.48
CA MET F 327 35.28 15.97 -2.31
C MET F 327 35.31 17.03 -1.22
N PRO F 328 35.97 18.16 -1.50
CA PRO F 328 36.09 19.28 -0.56
C PRO F 328 34.76 19.89 -0.16
N TYR F 329 33.84 19.99 -1.10
CA TYR F 329 32.55 20.58 -0.78
C TYR F 329 31.78 19.71 0.20
N THR F 330 31.52 18.46 -0.21
CA THR F 330 30.80 17.54 0.64
C THR F 330 31.44 17.54 2.03
N ASP F 331 32.76 17.46 2.06
CA ASP F 331 33.50 17.46 3.30
C ASP F 331 33.30 18.79 4.03
N ALA F 332 33.04 19.84 3.27
CA ALA F 332 32.80 21.15 3.85
C ALA F 332 31.41 21.19 4.47
N VAL F 333 30.43 20.67 3.73
CA VAL F 333 29.04 20.63 4.19
C VAL F 333 28.96 19.98 5.56
N ILE F 334 29.41 18.73 5.63
CA ILE F 334 29.40 17.98 6.88
C ILE F 334 30.02 18.80 8.00
N HIS F 335 31.00 19.62 7.64
CA HIS F 335 31.67 20.46 8.62
C HIS F 335 30.73 21.54 9.13
N GLU F 336 29.74 21.88 8.31
CA GLU F 336 28.78 22.90 8.70
C GLU F 336 27.64 22.22 9.46
N ILE F 337 27.19 21.08 8.94
CA ILE F 337 26.14 20.31 9.60
C ILE F 337 26.58 20.06 11.03
N GLN F 338 27.75 19.44 11.16
CA GLN F 338 28.33 19.12 12.45
C GLN F 338 28.30 20.29 13.43
N ARG F 339 28.74 21.47 12.97
CA ARG F 339 28.79 22.67 13.79
C ARG F 339 27.39 23.23 14.06
N LEU F 340 26.76 23.70 12.99
CA LEU F 340 25.43 24.27 13.07
C LEU F 340 24.48 23.41 13.90
N GLY F 341 24.68 22.09 13.85
CA GLY F 341 23.86 21.16 14.60
C GLY F 341 24.15 21.20 16.08
N ASP F 342 25.44 21.28 16.42
CA ASP F 342 25.87 21.36 17.81
C ASP F 342 25.08 20.39 18.69
N LEU F 343 25.20 19.10 18.41
CA LEU F 343 24.47 18.08 19.15
C LEU F 343 24.73 18.11 20.66
N ILE F 344 25.66 18.95 21.09
CA ILE F 344 25.95 19.06 22.51
C ILE F 344 26.11 20.53 22.92
N PRO F 345 25.01 21.14 23.39
CA PRO F 345 24.96 22.53 23.83
C PRO F 345 26.22 23.05 24.49
N PHE F 346 26.53 22.53 25.67
CA PHE F 346 27.70 22.99 26.39
C PHE F 346 28.72 21.92 26.75
N GLY F 347 28.92 20.96 25.87
CA GLY F 347 29.88 19.89 26.14
C GLY F 347 29.63 19.21 27.47
N VAL F 348 30.38 18.15 27.75
CA VAL F 348 30.20 17.42 29.00
C VAL F 348 31.03 18.03 30.13
N PRO F 349 30.45 18.14 31.34
CA PRO F 349 31.14 18.70 32.50
C PRO F 349 32.57 18.21 32.72
N HIS F 350 33.37 19.05 33.35
CA HIS F 350 34.78 18.76 33.65
C HIS F 350 35.06 19.05 35.12
N THR F 351 36.31 18.82 35.52
CA THR F 351 36.77 19.08 36.88
C THR F 351 38.29 19.25 36.78
N VAL F 352 38.84 20.05 37.67
CA VAL F 352 40.27 20.31 37.69
C VAL F 352 41.00 19.29 38.57
N THR F 353 42.22 18.93 38.19
CA THR F 353 43.03 17.96 38.93
C THR F 353 43.94 18.63 39.96
N LYS F 354 43.98 19.96 39.91
CA LYS F 354 44.81 20.73 40.83
C LYS F 354 44.34 22.18 40.83
N ASP F 355 44.85 22.97 41.78
CA ASP F 355 44.45 24.38 41.89
C ASP F 355 44.95 25.23 40.73
N THR F 356 45.07 24.62 39.56
CA THR F 356 45.54 25.32 38.35
C THR F 356 44.95 26.72 38.20
N GLN F 357 45.77 27.65 37.72
CA GLN F 357 45.34 29.03 37.54
C GLN F 357 45.07 29.36 36.07
N PHE F 358 44.12 30.25 35.85
CA PHE F 358 43.76 30.68 34.49
C PHE F 358 44.00 32.19 34.42
N ARG F 359 43.12 32.90 33.71
CA ARG F 359 43.23 34.34 33.54
C ARG F 359 43.08 35.10 34.86
N GLY F 360 44.14 35.11 35.66
CA GLY F 360 44.13 35.81 36.93
C GLY F 360 43.20 35.24 37.99
N TYR F 361 42.75 34.00 37.79
CA TYR F 361 41.86 33.35 38.74
C TYR F 361 42.39 32.00 39.19
N VAL F 362 41.90 31.55 40.34
CA VAL F 362 42.31 30.26 40.88
C VAL F 362 41.08 29.37 40.98
N ILE F 363 41.21 28.13 40.53
CA ILE F 363 40.11 27.18 40.57
C ILE F 363 40.54 25.98 41.41
N PRO F 364 40.15 25.96 42.70
CA PRO F 364 40.51 24.86 43.59
C PRO F 364 40.36 23.47 42.98
N LYS F 365 41.30 22.58 43.33
CA LYS F 365 41.29 21.21 42.82
C LYS F 365 39.91 20.59 42.94
N ASN F 366 39.46 19.93 41.87
CA ASN F 366 38.15 19.28 41.82
C ASN F 366 36.98 20.27 41.71
N THR F 367 37.03 21.10 40.68
CA THR F 367 35.98 22.09 40.43
C THR F 367 35.47 21.92 39.01
N GLU F 368 34.15 21.83 38.85
CA GLU F 368 33.56 21.65 37.54
C GLU F 368 33.72 22.84 36.60
N VAL F 369 34.05 22.54 35.35
CA VAL F 369 34.23 23.57 34.34
C VAL F 369 33.44 23.18 33.11
N PHE F 370 32.50 24.03 32.71
CA PHE F 370 31.68 23.75 31.55
C PHE F 370 32.22 24.43 30.31
N PRO F 371 32.83 23.65 29.42
CA PRO F 371 33.41 24.12 28.16
C PRO F 371 32.39 24.50 27.07
N VAL F 372 31.41 25.32 27.45
CA VAL F 372 30.36 25.78 26.53
C VAL F 372 30.76 25.71 25.05
N LEU F 373 30.76 24.49 24.51
CA LEU F 373 31.14 24.23 23.13
C LEU F 373 30.26 24.90 22.07
N SER F 374 29.01 25.18 22.43
CA SER F 374 28.08 25.81 21.49
C SER F 374 28.63 27.15 21.00
N SER F 375 29.02 27.99 21.96
CA SER F 375 29.56 29.31 21.67
C SER F 375 30.77 29.22 20.74
N ALA F 376 31.71 28.35 21.10
CA ALA F 376 32.92 28.16 20.29
C ALA F 376 32.52 27.85 18.86
N LEU F 377 31.35 27.24 18.70
CA LEU F 377 30.82 26.87 17.40
C LEU F 377 30.09 28.00 16.69
N HIS F 378 29.45 28.88 17.44
CA HIS F 378 28.72 29.99 16.83
C HIS F 378 29.46 31.33 16.94
N ASP F 379 30.65 31.29 17.53
CA ASP F 379 31.46 32.50 17.68
C ASP F 379 31.80 33.11 16.31
N PRO F 380 31.51 34.41 16.13
CA PRO F 380 31.78 35.12 14.87
C PRO F 380 33.22 35.55 14.70
N ARG F 381 34.03 35.35 15.74
CA ARG F 381 35.44 35.73 15.70
C ARG F 381 36.16 34.82 14.71
N TYR F 382 35.51 33.72 14.35
CA TYR F 382 36.08 32.76 13.40
C TYR F 382 35.02 32.27 12.44
N PHE F 383 33.76 32.54 12.77
CA PHE F 383 32.66 32.10 11.93
C PHE F 383 31.75 33.26 11.49
N GLU F 384 31.98 33.76 10.29
CA GLU F 384 31.13 34.82 9.76
C GLU F 384 29.82 34.09 9.50
N THR F 385 28.72 34.82 9.34
CA THR F 385 27.42 34.17 9.12
C THR F 385 27.34 32.86 9.91
N PRO F 386 27.69 32.91 11.21
CA PRO F 386 27.66 31.71 12.06
C PRO F 386 26.27 31.09 12.18
N ASN F 387 25.29 31.93 12.51
CA ASN F 387 23.92 31.46 12.67
C ASN F 387 23.30 31.03 11.34
N THR F 388 24.15 30.78 10.35
CA THR F 388 23.66 30.35 9.03
C THR F 388 24.57 29.30 8.41
N PHE F 389 23.95 28.41 7.64
CA PHE F 389 24.64 27.35 6.94
C PHE F 389 25.42 27.93 5.76
N ASN F 390 26.74 27.78 5.80
CA ASN F 390 27.60 28.29 4.75
C ASN F 390 28.94 27.55 4.76
N PRO F 391 29.08 26.53 3.88
CA PRO F 391 30.30 25.71 3.77
C PRO F 391 31.59 26.53 3.69
N GLY F 392 31.45 27.83 3.49
CA GLY F 392 32.60 28.71 3.38
C GLY F 392 33.53 28.68 4.58
N HIS F 393 32.96 28.60 5.78
CA HIS F 393 33.75 28.59 7.01
C HIS F 393 34.91 27.61 6.90
N PHE F 394 34.82 26.72 5.93
CA PHE F 394 35.84 25.70 5.73
C PHE F 394 36.29 25.62 4.26
N LEU F 395 36.28 26.76 3.57
CA LEU F 395 36.70 26.81 2.17
C LEU F 395 37.76 27.89 1.96
N ASP F 396 38.91 27.49 1.44
CA ASP F 396 40.03 28.39 1.19
C ASP F 396 39.65 29.54 0.26
N ALA F 397 39.25 29.18 -0.97
CA ALA F 397 38.86 30.15 -1.98
C ALA F 397 38.68 29.44 -3.32
N ASN F 398 39.71 28.69 -3.73
CA ASN F 398 39.69 27.96 -4.99
C ASN F 398 38.61 26.88 -4.99
N GLY F 399 38.60 26.06 -3.95
CA GLY F 399 37.60 25.00 -3.87
C GLY F 399 37.89 23.91 -2.85
N ALA F 400 39.04 23.99 -2.18
CA ALA F 400 39.39 23.00 -1.18
C ALA F 400 38.87 23.41 0.21
N LEU F 401 39.32 22.71 1.23
CA LEU F 401 38.91 23.00 2.60
C LEU F 401 39.70 24.15 3.22
N LYS F 402 39.55 24.31 4.53
CA LYS F 402 40.25 25.38 5.25
C LYS F 402 39.94 25.26 6.74
N ARG F 403 40.70 24.42 7.44
CA ARG F 403 40.51 24.19 8.87
C ARG F 403 40.13 25.46 9.62
N ASN F 404 39.32 25.30 10.67
CA ASN F 404 38.87 26.44 11.48
C ASN F 404 39.13 26.19 12.96
N GLU F 405 39.46 27.26 13.69
CA GLU F 405 39.76 27.17 15.12
C GLU F 405 38.52 27.01 16.00
N GLY F 406 37.35 27.39 15.48
CA GLY F 406 36.13 27.27 16.24
C GLY F 406 35.51 25.89 16.17
N PHE F 407 35.60 25.28 14.99
CA PHE F 407 35.07 23.94 14.76
C PHE F 407 35.62 22.94 15.76
N MET F 408 34.76 22.46 16.67
CA MET F 408 35.19 21.50 17.68
C MET F 408 34.01 20.86 18.41
N PRO F 409 33.24 20.00 17.72
CA PRO F 409 32.08 19.33 18.30
C PRO F 409 32.47 18.11 19.14
N PHE F 410 33.77 17.81 19.19
CA PHE F 410 34.26 16.67 19.95
C PHE F 410 35.10 17.15 21.13
N SER F 411 35.05 18.46 21.39
CA SER F 411 35.79 19.07 22.48
C SER F 411 37.28 19.02 22.14
N LEU F 412 38.14 19.13 23.15
CA LEU F 412 39.59 19.11 22.91
C LEU F 412 40.40 18.60 24.10
N GLY F 413 41.67 18.27 23.85
CA GLY F 413 42.55 17.81 24.92
C GLY F 413 42.44 16.36 25.34
N LYS F 414 42.96 16.07 26.52
CA LYS F 414 42.95 14.72 27.08
C LYS F 414 41.55 14.15 27.29
N ARG F 415 40.54 14.90 26.85
CA ARG F 415 39.16 14.45 27.00
C ARG F 415 38.37 14.51 25.70
N ILE F 416 39.06 14.75 24.60
CA ILE F 416 38.39 14.81 23.30
C ILE F 416 37.56 13.55 23.09
N CYS F 417 36.69 13.59 22.10
CA CYS F 417 35.81 12.47 21.78
C CYS F 417 36.60 11.21 21.47
N LEU F 418 36.41 10.19 22.29
CA LEU F 418 37.07 8.91 22.10
C LEU F 418 36.90 8.45 20.67
N GLY F 419 35.69 8.03 20.32
CA GLY F 419 35.43 7.57 18.97
C GLY F 419 35.19 8.72 18.00
N GLU F 420 36.11 9.67 17.98
CA GLU F 420 35.99 10.82 17.10
C GLU F 420 36.14 10.42 15.63
N GLY F 421 37.09 9.53 15.37
CA GLY F 421 37.33 9.09 14.01
C GLY F 421 36.17 8.38 13.35
N ILE F 422 35.64 7.34 14.02
CA ILE F 422 34.52 6.56 13.52
C ILE F 422 33.47 7.48 12.91
N ALA F 423 32.82 8.25 13.78
CA ALA F 423 31.80 9.19 13.40
C ALA F 423 32.16 9.86 12.08
N ARG F 424 33.29 10.56 12.08
CA ARG F 424 33.76 11.26 10.88
C ARG F 424 33.62 10.37 9.65
N THR F 425 33.99 9.09 9.79
CA THR F 425 33.89 8.16 8.69
C THR F 425 32.44 7.70 8.47
N GLU F 426 31.70 7.49 9.56
CA GLU F 426 30.31 7.09 9.44
C GLU F 426 29.60 8.24 8.70
N LEU F 427 29.63 9.42 9.31
CA LEU F 427 29.02 10.61 8.74
C LEU F 427 29.28 10.76 7.24
N PHE F 428 30.56 10.72 6.85
CA PHE F 428 30.92 10.88 5.44
C PHE F 428 30.44 9.74 4.53
N LEU F 429 30.34 8.53 5.07
CA LEU F 429 29.89 7.41 4.26
C LEU F 429 28.37 7.30 4.18
N PHE F 430 27.72 7.15 5.33
CA PHE F 430 26.27 7.03 5.35
C PHE F 430 25.67 8.20 4.57
N PHE F 431 26.36 9.33 4.59
CA PHE F 431 25.89 10.55 3.91
C PHE F 431 26.04 10.46 2.39
N THR F 432 27.24 10.17 1.91
CA THR F 432 27.49 10.09 0.48
C THR F 432 26.74 8.96 -0.20
N THR F 433 26.57 7.83 0.49
CA THR F 433 25.87 6.69 -0.10
C THR F 433 24.37 6.94 -0.24
N ILE F 434 23.77 7.61 0.74
CA ILE F 434 22.35 7.89 0.67
C ILE F 434 22.10 8.81 -0.52
N LEU F 435 22.81 9.95 -0.54
CA LEU F 435 22.68 10.94 -1.61
C LEU F 435 23.13 10.42 -2.97
N GLN F 436 23.82 9.29 -2.99
CA GLN F 436 24.29 8.73 -4.25
C GLN F 436 23.17 7.90 -4.86
N ASN F 437 22.35 7.30 -4.01
CA ASN F 437 21.26 6.46 -4.46
C ASN F 437 19.88 7.07 -4.28
N PHE F 438 19.79 8.13 -3.50
CA PHE F 438 18.49 8.73 -3.26
C PHE F 438 18.55 10.25 -3.33
N SER F 439 17.41 10.85 -3.63
CA SER F 439 17.29 12.30 -3.71
C SER F 439 16.19 12.67 -2.72
N ILE F 440 16.60 13.04 -1.50
CA ILE F 440 15.64 13.41 -0.47
C ILE F 440 14.63 14.44 -0.93
N ALA F 441 13.43 14.36 -0.36
CA ALA F 441 12.34 15.28 -0.69
C ALA F 441 11.23 15.09 0.32
N SER F 442 10.43 16.13 0.53
CA SER F 442 9.33 16.06 1.48
C SER F 442 8.22 17.03 1.09
N PRO F 443 7.00 16.80 1.62
CA PRO F 443 5.87 17.69 1.32
C PRO F 443 5.99 19.00 2.09
N VAL F 444 7.13 19.19 2.76
CA VAL F 444 7.38 20.40 3.53
C VAL F 444 8.26 21.35 2.72
N PRO F 445 7.78 22.58 2.47
CA PRO F 445 8.53 23.59 1.72
C PRO F 445 9.93 23.84 2.29
N PRO F 446 10.95 23.89 1.40
CA PRO F 446 12.37 24.12 1.75
C PRO F 446 12.62 25.26 2.72
N GLU F 447 12.40 26.49 2.28
CA GLU F 447 12.63 27.66 3.12
C GLU F 447 11.61 27.69 4.26
N ASP F 448 10.79 26.64 4.32
CA ASP F 448 9.76 26.51 5.33
C ASP F 448 10.06 25.32 6.25
N ILE F 449 11.35 25.17 6.59
CA ILE F 449 11.80 24.09 7.47
C ILE F 449 12.29 24.68 8.79
N ASP F 450 12.08 23.95 9.88
CA ASP F 450 12.48 24.44 11.21
C ASP F 450 13.59 23.61 11.85
N LEU F 451 14.81 24.15 11.83
CA LEU F 451 15.97 23.47 12.40
C LEU F 451 16.07 23.65 13.91
N THR F 452 15.00 24.19 14.51
CA THR F 452 14.96 24.42 15.95
C THR F 452 14.87 23.12 16.74
N PRO F 453 15.79 22.93 17.70
CA PRO F 453 15.77 21.72 18.52
C PRO F 453 14.45 21.56 19.29
N ARG F 454 14.07 20.32 19.54
CA ARG F 454 12.85 20.02 20.28
C ARG F 454 13.20 19.96 21.75
N GLU F 455 14.49 19.84 22.04
CA GLU F 455 14.97 19.77 23.41
C GLU F 455 16.44 20.20 23.43
N SER F 456 16.82 20.95 24.44
CA SER F 456 18.20 21.42 24.55
C SER F 456 18.68 21.52 25.98
N GLY F 457 19.07 20.38 26.53
CA GLY F 457 19.59 20.35 27.87
C GLY F 457 21.08 20.23 27.67
N VAL F 458 21.60 19.03 27.83
CA VAL F 458 23.02 18.76 27.66
C VAL F 458 23.27 18.30 26.22
N GLY F 459 22.18 17.99 25.53
CA GLY F 459 22.26 17.55 24.15
C GLY F 459 21.26 18.33 23.33
N ASN F 460 21.45 18.37 22.02
CA ASN F 460 20.53 19.09 21.17
C ASN F 460 19.78 18.17 20.23
N VAL F 461 18.55 17.86 20.62
CA VAL F 461 17.67 16.97 19.87
C VAL F 461 16.98 17.66 18.70
N PRO F 462 17.36 17.33 17.46
CA PRO F 462 16.72 17.94 16.30
C PRO F 462 15.26 17.54 16.31
N PRO F 463 14.38 18.36 15.73
CA PRO F 463 12.97 18.00 15.72
C PRO F 463 12.68 16.85 14.75
N SER F 464 11.65 16.06 15.05
CA SER F 464 11.27 14.94 14.19
C SER F 464 10.73 15.51 12.89
N TYR F 465 10.66 14.69 11.84
CA TYR F 465 10.18 15.19 10.56
C TYR F 465 9.89 14.12 9.51
N GLN F 466 9.18 14.54 8.47
CA GLN F 466 8.84 13.65 7.37
C GLN F 466 9.93 13.72 6.32
N ILE F 467 10.11 12.63 5.56
CA ILE F 467 11.11 12.58 4.50
C ILE F 467 10.93 11.32 3.66
N ARG F 468 11.13 11.46 2.35
CA ARG F 468 11.02 10.31 1.45
C ARG F 468 12.29 10.20 0.63
N PHE F 469 12.88 9.00 0.65
CA PHE F 469 14.10 8.73 -0.10
C PHE F 469 13.75 8.12 -1.45
N LEU F 470 13.90 8.91 -2.50
CA LEU F 470 13.60 8.49 -3.86
C LEU F 470 14.79 7.78 -4.50
N ALA F 471 14.60 6.50 -4.82
CA ALA F 471 15.66 5.71 -5.42
C ALA F 471 16.01 6.22 -6.81
N ARG F 472 17.12 6.94 -6.90
CA ARG F 472 17.59 7.48 -8.18
C ARG F 472 17.85 6.30 -9.11
N HIS F 473 17.85 6.57 -10.41
CA HIS F 473 18.08 5.50 -11.38
C HIS F 473 19.28 5.81 -12.28
N GLY G 9 57.01 4.96 -24.58
CA GLY G 9 55.82 4.56 -25.38
C GLY G 9 56.16 3.62 -26.52
N LYS G 10 57.37 3.76 -27.06
CA LYS G 10 57.88 2.94 -28.16
C LYS G 10 56.95 2.82 -29.37
N LEU G 11 57.25 3.61 -30.41
CA LEU G 11 56.46 3.62 -31.65
C LEU G 11 56.50 2.25 -32.34
N PRO G 12 55.36 1.78 -32.86
CA PRO G 12 55.33 0.48 -33.54
C PRO G 12 56.44 0.40 -34.60
N PRO G 13 56.74 -0.81 -35.09
CA PRO G 13 57.77 -1.04 -36.10
C PRO G 13 57.78 -0.11 -37.32
N GLY G 14 58.47 1.02 -37.17
CA GLY G 14 58.57 1.97 -38.27
C GLY G 14 60.03 2.12 -38.67
N PRO G 15 60.36 1.95 -39.97
CA PRO G 15 61.74 2.07 -40.45
C PRO G 15 62.43 3.37 -40.05
N SER G 16 63.76 3.38 -40.14
CA SER G 16 64.55 4.55 -39.77
C SER G 16 64.06 5.83 -40.44
N PRO G 17 63.43 6.72 -39.65
CA PRO G 17 62.90 8.00 -40.14
C PRO G 17 64.00 9.04 -40.44
N LEU G 18 64.64 8.90 -41.59
CA LEU G 18 65.71 9.82 -41.99
C LEU G 18 65.33 11.29 -41.79
N PRO G 19 66.34 12.19 -41.79
CA PRO G 19 66.15 13.64 -41.62
C PRO G 19 65.32 14.31 -42.69
N VAL G 20 64.18 14.87 -42.27
CA VAL G 20 63.26 15.57 -43.16
C VAL G 20 62.57 14.66 -44.17
N LEU G 21 63.33 13.76 -44.81
CA LEU G 21 62.77 12.85 -45.80
C LEU G 21 61.77 11.88 -45.15
N GLY G 22 62.02 11.56 -43.88
CA GLY G 22 61.16 10.63 -43.17
C GLY G 22 61.42 9.26 -43.76
N ASN G 23 60.45 8.36 -43.64
CA ASN G 23 60.62 7.02 -44.20
C ASN G 23 60.44 7.14 -45.71
N LEU G 24 61.02 8.19 -46.27
CA LEU G 24 60.93 8.47 -47.70
C LEU G 24 61.58 7.44 -48.61
N LEU G 25 62.79 7.01 -48.27
CA LEU G 25 63.49 6.02 -49.09
C LEU G 25 62.96 4.60 -48.87
N GLN G 26 61.81 4.49 -48.20
CA GLN G 26 61.17 3.20 -47.93
C GLN G 26 59.73 3.20 -48.45
N MET G 27 59.47 4.04 -49.45
CA MET G 27 58.14 4.15 -50.05
C MET G 27 58.16 3.69 -51.50
N ASP G 28 57.13 2.95 -51.90
CA ASP G 28 57.03 2.42 -53.26
C ASP G 28 56.40 3.41 -54.22
N ARG G 29 56.95 3.48 -55.43
CA ARG G 29 56.48 4.37 -56.48
C ARG G 29 54.96 4.48 -56.56
N LYS G 30 54.34 3.58 -57.31
CA LYS G 30 52.90 3.58 -57.49
C LYS G 30 52.09 3.41 -56.21
N GLY G 31 51.56 4.53 -55.72
CA GLY G 31 50.74 4.51 -54.52
C GLY G 31 51.42 4.40 -53.17
N LEU G 32 50.69 4.78 -52.14
CA LEU G 32 51.15 4.72 -50.77
C LEU G 32 50.57 3.40 -50.29
N LEU G 33 49.47 3.01 -50.93
CA LEU G 33 48.78 1.77 -50.63
C LEU G 33 49.76 0.61 -50.75
N ARG G 34 50.78 0.79 -51.58
CA ARG G 34 51.80 -0.23 -51.78
C ARG G 34 52.74 -0.24 -50.59
N SER G 35 53.10 0.95 -50.11
CA SER G 35 54.00 1.08 -48.98
C SER G 35 53.30 0.67 -47.69
N PHE G 36 51.99 0.91 -47.63
CA PHE G 36 51.20 0.56 -46.46
C PHE G 36 51.06 -0.97 -46.31
N LEU G 37 51.33 -1.68 -47.39
CA LEU G 37 51.25 -3.15 -47.41
C LEU G 37 52.65 -3.75 -47.37
N ARG G 38 53.53 -3.25 -48.24
CA ARG G 38 54.91 -3.73 -48.27
C ARG G 38 55.67 -3.15 -47.10
N LEU G 39 54.94 -2.98 -46.00
CA LEU G 39 55.47 -2.47 -44.75
C LEU G 39 54.51 -3.02 -43.70
N ARG G 40 53.58 -3.84 -44.18
CA ARG G 40 52.61 -4.49 -43.31
C ARG G 40 53.20 -5.86 -43.08
N GLU G 41 54.14 -6.22 -43.95
CA GLU G 41 54.83 -7.51 -43.86
C GLU G 41 56.04 -7.41 -42.94
N LYS G 42 57.08 -6.77 -43.44
CA LYS G 42 58.32 -6.60 -42.70
C LYS G 42 58.15 -6.16 -41.25
N TYR G 43 57.06 -5.45 -40.96
CA TYR G 43 56.81 -4.97 -39.60
C TYR G 43 55.49 -5.45 -39.00
N GLY G 44 54.70 -6.17 -39.79
CA GLY G 44 53.43 -6.68 -39.29
C GLY G 44 52.27 -5.73 -39.55
N ASP G 45 51.11 -6.05 -38.98
CA ASP G 45 49.92 -5.24 -39.16
C ASP G 45 50.09 -3.80 -38.68
N VAL G 46 49.76 -3.57 -37.42
CA VAL G 46 49.88 -2.24 -36.81
C VAL G 46 51.31 -1.74 -36.79
N PHE G 47 51.53 -0.55 -37.33
CA PHE G 47 52.87 0.04 -37.34
C PHE G 47 52.82 1.56 -37.50
N THR G 48 54.00 2.15 -37.74
CA THR G 48 54.10 3.60 -37.91
C THR G 48 55.11 3.98 -38.99
N VAL G 49 54.66 4.78 -39.95
CA VAL G 49 55.50 5.23 -41.06
C VAL G 49 55.63 6.75 -41.00
N TYR G 50 56.72 7.28 -41.56
CA TYR G 50 56.96 8.72 -41.57
C TYR G 50 56.72 9.32 -42.96
N LEU G 51 55.59 10.01 -43.10
CA LEU G 51 55.21 10.64 -44.36
C LEU G 51 55.97 11.96 -44.47
N GLY G 52 57.29 11.86 -44.58
CA GLY G 52 58.13 13.05 -44.67
C GLY G 52 58.64 13.37 -43.27
N SER G 53 57.72 13.84 -42.43
CA SER G 53 58.04 14.18 -41.04
C SER G 53 56.80 14.04 -40.19
N ARG G 54 55.72 13.58 -40.81
CA ARG G 54 54.46 13.39 -40.10
C ARG G 54 54.12 11.91 -39.98
N PRO G 55 54.83 11.18 -39.13
CA PRO G 55 54.56 9.75 -38.96
C PRO G 55 53.10 9.47 -38.66
N VAL G 56 52.60 8.34 -39.16
CA VAL G 56 51.20 7.96 -38.95
C VAL G 56 51.07 6.52 -38.51
N VAL G 57 50.05 6.25 -37.71
CA VAL G 57 49.80 4.90 -37.21
C VAL G 57 49.04 4.09 -38.25
N VAL G 58 49.76 3.61 -39.26
CA VAL G 58 49.15 2.83 -40.34
C VAL G 58 48.68 1.45 -39.86
N LEU G 59 47.37 1.28 -39.77
CA LEU G 59 46.78 0.02 -39.34
C LEU G 59 46.43 -0.83 -40.55
N CYS G 60 46.09 -2.09 -40.31
CA CYS G 60 45.71 -3.01 -41.38
C CYS G 60 44.76 -4.06 -40.81
N GLY G 61 44.67 -5.20 -41.48
CA GLY G 61 43.80 -6.27 -41.02
C GLY G 61 42.37 -5.86 -40.72
N THR G 62 41.45 -6.82 -40.81
CA THR G 62 40.05 -6.55 -40.54
C THR G 62 39.92 -6.16 -39.06
N ASP G 63 40.72 -6.82 -38.24
CA ASP G 63 40.70 -6.59 -36.80
C ASP G 63 41.44 -5.33 -36.37
N ALA G 64 42.66 -5.15 -36.88
CA ALA G 64 43.45 -3.98 -36.53
C ALA G 64 42.79 -2.68 -37.01
N ILE G 65 41.50 -2.80 -37.36
CA ILE G 65 40.71 -1.66 -37.81
C ILE G 65 39.46 -1.57 -36.93
N ARG G 66 38.93 -2.73 -36.57
CA ARG G 66 37.75 -2.83 -35.71
C ARG G 66 38.20 -2.67 -34.26
N GLU G 67 39.46 -3.03 -34.00
CA GLU G 67 40.04 -2.92 -32.66
C GLU G 67 40.33 -1.46 -32.33
N ALA G 68 40.26 -0.61 -33.35
CA ALA G 68 40.52 0.82 -33.16
C ALA G 68 39.25 1.67 -33.22
N LEU G 69 38.39 1.39 -34.20
CA LEU G 69 37.16 2.16 -34.39
C LEU G 69 35.98 1.80 -33.48
N VAL G 70 35.65 0.52 -33.37
CA VAL G 70 34.54 0.08 -32.52
C VAL G 70 35.06 -0.11 -31.09
N ASP G 71 36.32 -0.53 -30.99
CA ASP G 71 36.98 -0.73 -29.71
C ASP G 71 37.85 0.51 -29.53
N GLN G 72 37.32 1.48 -28.77
CA GLN G 72 38.00 2.76 -28.51
C GLN G 72 37.59 3.70 -29.64
N ALA G 73 36.28 3.88 -29.77
CA ALA G 73 35.67 4.73 -30.79
C ALA G 73 36.05 6.21 -30.67
N GLU G 74 35.61 6.84 -29.58
CA GLU G 74 35.89 8.25 -29.35
C GLU G 74 37.38 8.55 -29.38
N ALA G 75 38.19 7.51 -29.26
CA ALA G 75 39.64 7.67 -29.29
C ALA G 75 40.08 8.20 -30.65
N PHE G 76 39.55 7.56 -31.70
CA PHE G 76 39.87 7.92 -33.07
C PHE G 76 38.84 8.88 -33.68
N SER G 77 37.93 9.39 -32.84
CA SER G 77 36.89 10.32 -33.28
C SER G 77 37.51 11.62 -33.80
N GLY G 78 38.75 11.53 -34.29
CA GLY G 78 39.43 12.70 -34.81
C GLY G 78 39.59 12.62 -36.32
N ARG G 79 39.69 13.78 -36.95
CA ARG G 79 39.85 13.88 -38.40
C ARG G 79 41.21 14.45 -38.77
N GLY G 80 41.71 14.06 -39.94
CA GLY G 80 43.01 14.54 -40.39
C GLY G 80 42.99 15.54 -41.53
N LYS G 81 44.02 15.53 -42.35
CA LYS G 81 44.13 16.46 -43.47
C LYS G 81 44.52 15.75 -44.77
N ILE G 82 44.21 16.41 -45.88
CA ILE G 82 44.54 15.89 -47.20
C ILE G 82 45.33 17.02 -47.90
N ALA G 83 46.65 16.93 -47.80
CA ALA G 83 47.58 17.90 -48.37
C ALA G 83 47.08 18.73 -49.55
N VAL G 84 46.27 18.13 -50.42
CA VAL G 84 45.77 18.85 -51.58
C VAL G 84 44.45 19.59 -51.36
N VAL G 85 43.53 19.00 -50.61
CA VAL G 85 42.23 19.63 -50.36
C VAL G 85 42.12 20.31 -49.01
N ASP G 86 43.22 20.32 -48.25
CA ASP G 86 43.22 20.97 -46.95
C ASP G 86 43.13 22.48 -47.15
N PRO G 87 43.77 23.01 -48.21
CA PRO G 87 43.73 24.44 -48.49
C PRO G 87 42.32 25.00 -48.67
N ILE G 88 41.40 24.14 -49.10
CA ILE G 88 40.00 24.52 -49.32
C ILE G 88 39.17 24.51 -48.04
N PHE G 89 39.04 23.33 -47.45
CA PHE G 89 38.26 23.18 -46.23
C PHE G 89 38.86 23.89 -45.03
N GLN G 90 40.15 24.22 -45.13
CA GLN G 90 40.84 24.89 -44.02
C GLN G 90 40.80 23.98 -42.79
N GLY G 91 39.65 23.93 -42.13
CA GLY G 91 39.47 23.09 -40.97
C GLY G 91 38.02 23.09 -40.54
N TYR G 92 37.13 23.34 -41.48
CA TYR G 92 35.69 23.36 -41.21
C TYR G 92 34.95 22.34 -42.06
N GLY G 93 33.66 22.61 -42.31
CA GLY G 93 32.87 21.69 -43.10
C GLY G 93 32.45 20.55 -42.21
N VAL G 94 31.62 19.64 -42.73
CA VAL G 94 31.16 18.52 -41.92
C VAL G 94 32.05 17.29 -42.07
N ILE G 95 33.09 17.39 -42.88
CA ILE G 95 33.97 16.26 -43.10
C ILE G 95 35.35 16.39 -42.47
N PHE G 96 35.88 17.61 -42.42
CA PHE G 96 37.21 17.81 -41.85
C PHE G 96 37.25 18.51 -40.50
N ALA G 97 36.09 18.93 -40.00
CA ALA G 97 36.01 19.59 -38.71
C ALA G 97 36.09 18.58 -37.58
N ASN G 98 36.75 18.95 -36.49
CA ASN G 98 36.88 18.07 -35.33
C ASN G 98 36.18 18.63 -34.10
N GLY G 99 36.13 17.82 -33.06
CA GLY G 99 35.50 18.24 -31.81
C GLY G 99 34.15 18.93 -31.98
N GLU G 100 33.64 19.48 -30.88
CA GLU G 100 32.37 20.18 -30.84
C GLU G 100 31.79 20.57 -32.21
N ARG G 101 32.55 21.36 -32.97
CA ARG G 101 32.11 21.80 -34.28
C ARG G 101 31.48 20.65 -35.06
N TRP G 102 32.33 19.70 -35.46
CA TRP G 102 31.93 18.53 -36.21
C TRP G 102 30.70 17.82 -35.64
N ARG G 103 30.45 17.97 -34.33
CA ARG G 103 29.30 17.33 -33.68
C ARG G 103 27.97 17.93 -34.11
N ALA G 104 27.87 19.25 -34.02
CA ALA G 104 26.65 19.96 -34.40
C ALA G 104 26.42 19.87 -35.89
N LEU G 105 27.50 19.99 -36.65
CA LEU G 105 27.43 19.91 -38.10
C LEU G 105 26.83 18.56 -38.47
N ARG G 106 27.58 17.50 -38.17
CA ARG G 106 27.15 16.15 -38.46
C ARG G 106 25.78 15.81 -37.88
N ARG G 107 25.49 16.30 -36.69
CA ARG G 107 24.20 16.03 -36.07
C ARG G 107 23.12 16.89 -36.72
N PHE G 108 23.53 18.03 -37.28
CA PHE G 108 22.59 18.92 -37.94
C PHE G 108 22.26 18.36 -39.31
N SER G 109 23.30 18.16 -40.12
CA SER G 109 23.14 17.62 -41.45
C SER G 109 22.10 16.50 -41.44
N LEU G 110 22.30 15.52 -40.57
CA LEU G 110 21.37 14.40 -40.46
C LEU G 110 19.95 14.89 -40.19
N ALA G 111 19.76 15.54 -39.05
CA ALA G 111 18.46 16.06 -38.69
C ALA G 111 17.93 16.92 -39.83
N THR G 112 18.82 17.32 -40.73
CA THR G 112 18.46 18.16 -41.87
C THR G 112 17.99 17.35 -43.07
N MET G 113 18.82 16.44 -43.55
CA MET G 113 18.44 15.63 -44.69
C MET G 113 17.45 14.56 -44.25
N ARG G 114 17.58 14.10 -43.01
CA ARG G 114 16.66 13.10 -42.51
C ARG G 114 15.34 13.85 -42.38
N ASP G 115 15.42 15.16 -42.16
CA ASP G 115 14.24 15.99 -42.05
C ASP G 115 13.53 15.90 -43.40
N PHE G 116 12.24 16.18 -43.42
CA PHE G 116 11.45 16.11 -44.65
C PHE G 116 12.29 16.55 -45.86
N GLY G 117 12.52 17.85 -45.98
CA GLY G 117 13.28 18.38 -47.10
C GLY G 117 12.54 18.03 -48.37
N MET G 118 11.22 18.16 -48.31
CA MET G 118 10.33 17.83 -49.44
C MET G 118 10.78 16.53 -50.12
N GLY G 119 11.07 16.60 -51.41
CA GLY G 119 11.51 15.44 -52.14
C GLY G 119 10.54 14.28 -52.02
N LYS G 120 9.27 14.55 -52.30
CA LYS G 120 8.23 13.54 -52.23
C LYS G 120 8.36 12.76 -50.94
N ARG G 121 8.72 13.47 -49.88
CA ARG G 121 8.91 12.91 -48.55
C ARG G 121 9.73 11.62 -48.49
N SER G 122 10.34 11.23 -49.60
CA SER G 122 11.14 10.01 -49.64
C SER G 122 12.34 10.10 -50.57
N VAL G 123 13.53 9.93 -50.01
CA VAL G 123 14.76 9.97 -50.78
C VAL G 123 14.71 8.81 -51.75
N GLU G 124 14.03 7.75 -51.36
CA GLU G 124 13.88 6.57 -52.19
C GLU G 124 13.07 6.95 -53.41
N GLU G 125 11.91 7.54 -53.16
CA GLU G 125 11.00 7.96 -54.23
C GLU G 125 11.60 9.05 -55.11
N ARG G 126 12.81 9.48 -54.78
CA ARG G 126 13.51 10.50 -55.55
C ARG G 126 14.46 9.78 -56.49
N ILE G 127 15.04 8.70 -55.97
CA ILE G 127 15.99 7.88 -56.73
C ILE G 127 15.25 7.08 -57.78
N GLN G 128 14.13 6.47 -57.39
CA GLN G 128 13.33 5.71 -58.35
C GLN G 128 13.09 6.67 -59.50
N GLU G 129 12.79 7.92 -59.13
CA GLU G 129 12.53 8.99 -60.09
C GLU G 129 13.70 9.23 -61.04
N GLU G 130 14.89 9.43 -60.48
CA GLU G 130 16.08 9.68 -61.28
C GLU G 130 16.36 8.46 -62.13
N ALA G 131 16.28 7.28 -61.51
CA ALA G 131 16.52 6.03 -62.22
C ALA G 131 15.71 5.96 -63.51
N ARG G 132 14.56 6.62 -63.53
CA ARG G 132 13.70 6.63 -64.71
C ARG G 132 14.26 7.61 -65.75
N CYS G 133 14.55 8.83 -65.32
CA CYS G 133 15.12 9.83 -66.21
C CYS G 133 16.39 9.26 -66.82
N LEU G 134 17.05 8.36 -66.09
CA LEU G 134 18.28 7.74 -66.57
C LEU G 134 17.92 6.73 -67.64
N VAL G 135 16.86 5.95 -67.38
CA VAL G 135 16.40 4.95 -68.31
C VAL G 135 16.00 5.60 -69.63
N GLU G 136 15.14 6.61 -69.54
CA GLU G 136 14.65 7.37 -70.70
C GLU G 136 15.81 7.95 -71.50
N GLU G 137 16.86 8.33 -70.78
CA GLU G 137 18.06 8.92 -71.37
C GLU G 137 18.91 7.84 -72.04
N LEU G 138 19.09 6.73 -71.35
CA LEU G 138 19.88 5.63 -71.88
C LEU G 138 19.19 5.06 -73.11
N ARG G 139 17.87 5.04 -73.11
CA ARG G 139 17.14 4.54 -74.27
C ARG G 139 17.55 5.30 -75.52
N LYS G 140 17.48 6.63 -75.44
CA LYS G 140 17.82 7.52 -76.53
C LYS G 140 19.23 7.36 -77.12
N SER G 141 19.95 6.32 -76.69
CA SER G 141 21.29 6.09 -77.21
C SER G 141 21.29 4.87 -78.12
N LYS G 142 20.12 4.26 -78.26
CA LYS G 142 19.91 3.08 -79.11
C LYS G 142 21.09 2.08 -79.16
N GLY G 143 21.74 1.87 -78.03
CA GLY G 143 22.85 0.93 -77.98
C GLY G 143 24.18 1.48 -78.49
N ALA G 144 24.28 2.79 -78.57
CA ALA G 144 25.51 3.41 -79.05
C ALA G 144 26.64 3.28 -78.03
N LEU G 145 27.85 3.05 -78.51
CA LEU G 145 28.99 2.92 -77.62
C LEU G 145 29.13 4.23 -76.89
N LEU G 146 28.99 4.21 -75.57
CA LEU G 146 29.10 5.44 -74.79
C LEU G 146 29.87 5.31 -73.48
N ASP G 147 30.58 6.37 -73.12
CA ASP G 147 31.31 6.39 -71.87
C ASP G 147 30.20 6.76 -70.91
N ASN G 148 30.07 6.04 -69.81
CA ASN G 148 29.01 6.30 -68.86
C ASN G 148 29.31 7.26 -67.71
N THR G 149 30.56 7.67 -67.57
CA THR G 149 30.93 8.57 -66.47
C THR G 149 29.99 9.75 -66.27
N LEU G 150 29.87 10.61 -67.28
CA LEU G 150 29.00 11.78 -67.18
C LEU G 150 27.65 11.42 -66.58
N LEU G 151 26.89 10.60 -67.29
CA LEU G 151 25.57 10.20 -66.85
C LEU G 151 25.49 9.76 -65.41
N PHE G 152 26.31 8.79 -65.04
CA PHE G 152 26.31 8.28 -63.67
C PHE G 152 26.44 9.40 -62.66
N HIS G 153 27.38 10.30 -62.89
CA HIS G 153 27.60 11.44 -62.00
C HIS G 153 26.38 12.35 -61.99
N SER G 154 25.58 12.26 -63.05
CA SER G 154 24.38 13.06 -63.16
C SER G 154 23.30 12.52 -62.24
N ILE G 155 22.96 11.24 -62.38
CA ILE G 155 21.94 10.65 -61.55
C ILE G 155 22.28 10.76 -60.07
N THR G 156 23.54 10.52 -59.71
CA THR G 156 23.93 10.59 -58.30
C THR G 156 23.97 12.01 -57.76
N SER G 157 24.48 12.95 -58.55
CA SER G 157 24.55 14.33 -58.09
C SER G 157 23.19 15.00 -57.98
N ASN G 158 22.23 14.54 -58.77
CA ASN G 158 20.88 15.11 -58.74
C ASN G 158 20.13 14.72 -57.48
N ILE G 159 20.34 13.49 -57.03
CA ILE G 159 19.69 13.01 -55.82
C ILE G 159 20.10 13.92 -54.67
N ILE G 160 21.41 14.18 -54.59
CA ILE G 160 21.99 15.02 -53.54
C ILE G 160 21.54 16.48 -53.62
N CYS G 161 21.34 16.96 -54.84
CA CYS G 161 20.91 18.33 -55.04
C CYS G 161 19.46 18.53 -54.61
N SER G 162 18.63 17.51 -54.80
CA SER G 162 17.23 17.61 -54.39
C SER G 162 17.13 17.48 -52.87
N ILE G 163 18.22 17.77 -52.19
CA ILE G 163 18.31 17.70 -50.73
C ILE G 163 18.95 19.00 -50.25
N VAL G 164 20.05 19.34 -50.90
CA VAL G 164 20.82 20.54 -50.58
C VAL G 164 20.33 21.79 -51.32
N PHE G 165 20.29 21.72 -52.65
CA PHE G 165 19.87 22.85 -53.46
C PHE G 165 18.38 22.89 -53.78
N GLY G 166 17.63 21.94 -53.25
CA GLY G 166 16.20 21.93 -53.49
C GLY G 166 15.70 21.40 -54.82
N LYS G 167 16.59 21.21 -55.79
CA LYS G 167 16.13 20.68 -57.08
C LYS G 167 17.24 20.02 -57.89
N ARG G 168 16.86 19.44 -59.03
CA ARG G 168 17.79 18.75 -59.91
C ARG G 168 18.15 19.57 -61.14
N PHE G 169 19.10 19.07 -61.93
CA PHE G 169 19.51 19.76 -63.15
C PHE G 169 19.24 18.86 -64.32
N ASP G 170 19.12 19.45 -65.52
CA ASP G 170 18.87 18.66 -66.71
C ASP G 170 20.19 17.98 -67.10
N TYR G 171 20.10 16.76 -67.58
CA TYR G 171 21.27 15.99 -67.99
C TYR G 171 22.10 16.69 -69.06
N LYS G 172 21.61 17.82 -69.57
CA LYS G 172 22.33 18.56 -70.62
C LYS G 172 22.65 20.01 -70.26
N ASP G 173 22.28 20.43 -69.05
CA ASP G 173 22.53 21.79 -68.60
C ASP G 173 24.04 22.03 -68.50
N PRO G 174 24.57 22.98 -69.27
CA PRO G 174 26.00 23.32 -69.28
C PRO G 174 26.58 23.72 -67.93
N VAL G 175 25.73 24.28 -67.06
CA VAL G 175 26.17 24.71 -65.74
C VAL G 175 26.30 23.51 -64.81
N PHE G 176 25.48 22.49 -65.08
CA PHE G 176 25.48 21.27 -64.29
C PHE G 176 26.60 20.36 -64.77
N LEU G 177 26.76 20.29 -66.09
CA LEU G 177 27.81 19.47 -66.70
C LEU G 177 29.17 19.95 -66.23
N ARG G 178 29.30 21.27 -66.07
CA ARG G 178 30.54 21.87 -65.61
C ARG G 178 30.88 21.38 -64.21
N LEU G 179 29.97 21.66 -63.27
CA LEU G 179 30.13 21.26 -61.89
C LEU G 179 30.52 19.79 -61.77
N LEU G 180 30.02 18.97 -62.68
CA LEU G 180 30.33 17.54 -62.66
C LEU G 180 31.75 17.28 -63.15
N ASP G 181 32.15 17.92 -64.25
CA ASP G 181 33.49 17.72 -64.77
C ASP G 181 34.55 18.21 -63.78
N LEU G 182 34.10 18.95 -62.77
CA LEU G 182 35.03 19.44 -61.77
C LEU G 182 35.23 18.38 -60.69
N PHE G 183 34.13 17.87 -60.14
CA PHE G 183 34.22 16.84 -59.12
C PHE G 183 34.99 15.63 -59.65
N PHE G 184 34.62 15.19 -60.85
CA PHE G 184 35.28 14.05 -61.46
C PHE G 184 36.77 14.32 -61.65
N GLN G 185 37.09 15.35 -62.42
CA GLN G 185 38.47 15.70 -62.69
C GLN G 185 39.28 15.96 -61.41
N SER G 186 38.62 16.49 -60.39
CA SER G 186 39.29 16.79 -59.12
C SER G 186 39.65 15.54 -58.31
N PHE G 187 38.63 14.76 -57.96
CA PHE G 187 38.85 13.54 -57.18
C PHE G 187 39.89 12.64 -57.84
N SER G 188 40.11 12.85 -59.14
CA SER G 188 41.08 12.06 -59.87
C SER G 188 42.48 12.59 -59.60
N LEU G 189 42.60 13.91 -59.44
CA LEU G 189 43.89 14.53 -59.16
C LEU G 189 44.17 14.35 -57.67
N ILE G 190 43.12 14.38 -56.86
CA ILE G 190 43.25 14.19 -55.43
C ILE G 190 43.80 12.78 -55.21
N SER G 191 43.72 11.96 -56.26
CA SER G 191 44.21 10.58 -56.19
C SER G 191 45.39 10.36 -57.14
N SER G 192 45.83 11.41 -57.81
CA SER G 192 46.94 11.32 -58.76
C SER G 192 48.24 10.92 -58.10
N PHE G 193 49.23 10.57 -58.92
CA PHE G 193 50.54 10.19 -58.43
C PHE G 193 51.07 11.32 -57.55
N SER G 194 50.96 12.54 -58.09
CA SER G 194 51.41 13.75 -57.41
C SER G 194 50.75 14.03 -56.07
N SER G 195 49.43 14.20 -56.07
CA SER G 195 48.71 14.49 -54.84
C SER G 195 49.12 13.57 -53.69
N GLN G 196 49.62 12.38 -54.02
CA GLN G 196 50.07 11.43 -53.01
C GLN G 196 51.44 11.88 -52.53
N VAL G 197 52.32 12.20 -53.47
CA VAL G 197 53.67 12.68 -53.16
C VAL G 197 53.47 13.95 -52.33
N PHE G 198 52.45 14.70 -52.71
CA PHE G 198 52.10 15.95 -52.07
C PHE G 198 51.70 15.78 -50.61
N GLU G 199 51.13 14.62 -50.27
CA GLU G 199 50.69 14.36 -48.90
C GLU G 199 51.87 14.24 -47.92
N LEU G 200 53.07 14.13 -48.47
CA LEU G 200 54.27 14.02 -47.62
C LEU G 200 55.00 15.35 -47.52
N PHE G 201 55.31 15.93 -48.68
CA PHE G 201 56.02 17.20 -48.75
C PHE G 201 55.13 18.32 -49.27
N SER G 202 54.01 18.50 -48.57
CA SER G 202 53.04 19.53 -48.91
C SER G 202 53.62 20.91 -48.65
N GLY G 203 53.87 21.20 -47.37
CA GLY G 203 54.42 22.49 -46.98
C GLY G 203 55.61 22.95 -47.82
N PHE G 204 56.16 22.04 -48.62
CA PHE G 204 57.31 22.36 -49.48
C PHE G 204 56.88 22.64 -50.92
N LEU G 205 56.28 21.63 -51.54
CA LEU G 205 55.82 21.77 -52.92
C LEU G 205 54.67 22.77 -52.97
N LYS G 206 54.10 23.05 -51.80
CA LYS G 206 52.99 24.00 -51.67
C LYS G 206 53.32 25.37 -52.28
N TYR G 207 54.61 25.63 -52.44
CA TYR G 207 55.07 26.89 -52.99
C TYR G 207 55.52 26.76 -54.44
N PHE G 208 55.38 25.54 -54.96
CA PHE G 208 55.72 25.26 -56.35
C PHE G 208 54.41 24.86 -57.05
N PRO G 209 54.16 25.42 -58.24
CA PRO G 209 52.92 25.06 -58.92
C PRO G 209 52.82 23.54 -59.05
N GLY G 210 51.76 22.97 -58.50
CA GLY G 210 51.57 21.53 -58.58
C GLY G 210 50.16 21.17 -58.95
N THR G 211 49.82 19.90 -58.81
CA THR G 211 48.49 19.42 -59.14
C THR G 211 47.45 19.87 -58.11
N HIS G 212 47.92 20.54 -57.05
CA HIS G 212 47.02 21.03 -56.00
C HIS G 212 46.52 22.42 -56.38
N ARG G 213 47.24 23.07 -57.29
CA ARG G 213 46.86 24.40 -57.74
C ARG G 213 45.59 24.30 -58.57
N GLN G 214 45.47 23.19 -59.29
CA GLN G 214 44.30 22.93 -60.13
C GLN G 214 43.12 22.55 -59.23
N ILE G 215 43.38 21.62 -58.32
CA ILE G 215 42.38 21.14 -57.37
C ILE G 215 41.84 22.30 -56.54
N TYR G 216 42.63 23.37 -56.41
CA TYR G 216 42.20 24.52 -55.63
C TYR G 216 41.23 25.37 -56.46
N ARG G 217 41.55 25.57 -57.73
CA ARG G 217 40.70 26.36 -58.61
C ARG G 217 39.38 25.63 -58.75
N ASN G 218 39.46 24.37 -59.17
CA ASN G 218 38.29 23.54 -59.36
C ASN G 218 37.33 23.56 -58.17
N LEU G 219 37.89 23.48 -56.96
CA LEU G 219 37.07 23.49 -55.76
C LEU G 219 36.59 24.91 -55.45
N GLN G 220 37.29 25.91 -55.98
CA GLN G 220 36.90 27.31 -55.77
C GLN G 220 35.65 27.61 -56.58
N GLU G 221 35.63 27.12 -57.83
CA GLU G 221 34.49 27.33 -58.71
C GLU G 221 33.22 26.78 -58.06
N ILE G 222 33.30 25.55 -57.59
CA ILE G 222 32.18 24.88 -56.95
C ILE G 222 31.74 25.65 -55.71
N ASN G 223 32.66 26.36 -55.08
CA ASN G 223 32.34 27.15 -53.90
C ASN G 223 31.68 28.46 -54.32
N THR G 224 32.00 28.90 -55.54
CA THR G 224 31.42 30.13 -56.07
C THR G 224 29.95 29.82 -56.31
N PHE G 225 29.71 28.70 -56.98
CA PHE G 225 28.36 28.26 -57.29
C PHE G 225 27.54 28.15 -56.02
N ILE G 226 28.06 27.39 -55.06
CA ILE G 226 27.41 27.17 -53.78
C ILE G 226 27.04 28.49 -53.12
N GLY G 227 28.03 29.36 -52.95
CA GLY G 227 27.78 30.64 -52.32
C GLY G 227 26.65 31.43 -52.96
N GLN G 228 26.64 31.51 -54.29
CA GLN G 228 25.62 32.25 -55.01
C GLN G 228 24.29 31.51 -55.04
N SER G 229 24.32 30.20 -54.88
CA SER G 229 23.08 29.44 -54.86
C SER G 229 22.45 29.59 -53.48
N VAL G 230 23.25 30.06 -52.53
CA VAL G 230 22.77 30.27 -51.18
C VAL G 230 22.05 31.62 -51.18
N GLU G 231 22.62 32.58 -51.93
CA GLU G 231 22.03 33.90 -52.01
C GLU G 231 20.71 33.92 -52.78
N LYS G 232 20.53 32.99 -53.72
CA LYS G 232 19.27 32.92 -54.46
C LYS G 232 18.25 32.35 -53.49
N HIS G 233 18.71 31.45 -52.63
CA HIS G 233 17.85 30.84 -51.63
C HIS G 233 17.38 31.93 -50.66
N ARG G 234 18.32 32.75 -50.20
CA ARG G 234 17.99 33.82 -49.28
C ARG G 234 16.99 34.78 -49.95
N ALA G 235 17.19 35.05 -51.23
CA ALA G 235 16.30 35.93 -51.97
C ALA G 235 14.86 35.47 -51.80
N THR G 236 14.65 34.17 -51.93
CA THR G 236 13.32 33.59 -51.78
C THR G 236 13.31 32.53 -50.69
N LEU G 237 13.31 32.99 -49.45
CA LEU G 237 13.29 32.09 -48.31
C LEU G 237 12.07 32.35 -47.44
N ASP G 238 11.19 31.36 -47.38
CA ASP G 238 9.99 31.46 -46.59
C ASP G 238 10.12 30.61 -45.34
N PRO G 239 10.50 31.23 -44.20
CA PRO G 239 10.67 30.52 -42.93
C PRO G 239 9.47 29.62 -42.61
N SER G 240 8.29 30.05 -43.05
CA SER G 240 7.06 29.30 -42.83
C SER G 240 7.14 27.91 -43.47
N ASN G 241 8.19 27.69 -44.25
CA ASN G 241 8.40 26.41 -44.91
C ASN G 241 9.67 26.35 -45.75
N PRO G 242 10.81 25.98 -45.14
CA PRO G 242 12.08 25.88 -45.85
C PRO G 242 12.01 24.78 -46.90
N ARG G 243 12.84 24.87 -47.94
CA ARG G 243 12.81 23.90 -49.00
C ARG G 243 13.96 22.90 -49.04
N ASP G 244 15.01 23.15 -48.26
CA ASP G 244 16.15 22.24 -48.24
C ASP G 244 17.23 22.66 -47.26
N PHE G 245 18.30 21.88 -47.23
CA PHE G 245 19.43 22.11 -46.34
C PHE G 245 19.75 23.59 -46.18
N ILE G 246 19.87 24.29 -47.30
CA ILE G 246 20.20 25.71 -47.28
C ILE G 246 19.14 26.57 -46.60
N ASP G 247 17.87 26.34 -46.89
CA ASP G 247 16.83 27.12 -46.24
C ASP G 247 16.85 26.83 -44.75
N VAL G 248 17.30 25.65 -44.37
CA VAL G 248 17.36 25.26 -42.96
C VAL G 248 18.60 25.82 -42.28
N TYR G 249 19.76 25.62 -42.90
CA TYR G 249 21.00 26.12 -42.36
C TYR G 249 20.92 27.64 -42.24
N LEU G 250 20.11 28.27 -43.10
CA LEU G 250 19.95 29.71 -43.04
C LEU G 250 19.20 30.11 -41.79
N LEU G 251 17.96 29.65 -41.65
CA LEU G 251 17.13 29.99 -40.50
C LEU G 251 17.84 29.73 -39.17
N ARG G 252 18.76 28.77 -39.14
CA ARG G 252 19.48 28.47 -37.91
C ARG G 252 20.85 29.12 -37.89
N MET G 253 21.04 30.10 -38.76
CA MET G 253 22.30 30.87 -38.83
C MET G 253 21.89 32.29 -38.48
N GLU G 254 20.59 32.55 -38.70
CA GLU G 254 19.96 33.84 -38.42
C GLU G 254 19.51 33.75 -36.96
N LYS G 255 19.57 32.53 -36.44
CA LYS G 255 19.19 32.25 -35.06
C LYS G 255 20.44 32.34 -34.20
N ASP G 256 21.49 31.64 -34.62
CA ASP G 256 22.76 31.64 -33.89
C ASP G 256 23.68 32.74 -34.42
N LYS G 257 23.10 33.91 -34.71
CA LYS G 257 23.85 35.06 -35.21
C LYS G 257 24.49 35.84 -34.07
N SER G 258 24.04 35.55 -32.85
CA SER G 258 24.54 36.20 -31.64
C SER G 258 25.68 35.38 -31.06
N ASP G 259 25.38 34.13 -30.73
CA ASP G 259 26.33 33.18 -30.16
C ASP G 259 27.76 33.51 -30.60
N PRO G 260 28.71 33.54 -29.65
CA PRO G 260 30.11 33.85 -29.95
C PRO G 260 30.77 32.86 -30.92
N SER G 261 30.80 31.59 -30.53
CA SER G 261 31.41 30.56 -31.36
C SER G 261 30.44 29.49 -31.83
N SER G 262 29.57 29.85 -32.77
CA SER G 262 28.61 28.92 -33.34
C SER G 262 29.13 28.61 -34.73
N GLU G 263 29.06 27.35 -35.15
CA GLU G 263 29.58 26.98 -36.47
C GLU G 263 28.80 27.64 -37.61
N PHE G 264 27.48 27.75 -37.43
CA PHE G 264 26.60 28.33 -38.44
C PHE G 264 27.09 29.59 -39.15
N HIS G 265 28.08 30.28 -38.58
CA HIS G 265 28.57 31.49 -39.22
C HIS G 265 29.30 31.16 -40.53
N HIS G 266 28.54 31.17 -41.64
CA HIS G 266 29.07 30.88 -42.97
C HIS G 266 30.20 29.85 -42.95
N GLN G 267 31.18 30.05 -43.84
CA GLN G 267 32.33 29.14 -43.97
C GLN G 267 31.90 27.68 -43.93
N ASN G 268 31.44 27.24 -42.77
CA ASN G 268 30.98 25.87 -42.60
C ASN G 268 29.90 25.56 -43.63
N LEU G 269 29.04 26.54 -43.90
CA LEU G 269 27.97 26.37 -44.88
C LEU G 269 28.51 25.97 -46.25
N ILE G 270 29.29 26.87 -46.86
CA ILE G 270 29.86 26.63 -48.17
C ILE G 270 30.69 25.35 -48.23
N LEU G 271 31.43 25.07 -47.17
CA LEU G 271 32.28 23.88 -47.10
C LEU G 271 31.49 22.61 -46.83
N THR G 272 30.46 22.71 -45.99
CA THR G 272 29.62 21.55 -45.69
C THR G 272 28.85 21.19 -46.95
N VAL G 273 28.17 22.17 -47.53
CA VAL G 273 27.41 21.95 -48.76
C VAL G 273 28.39 21.40 -49.79
N LEU G 274 29.60 21.94 -49.81
CA LEU G 274 30.62 21.47 -50.74
C LEU G 274 30.88 20.00 -50.52
N SER G 275 30.98 19.62 -49.25
CA SER G 275 31.23 18.23 -48.88
C SER G 275 30.05 17.37 -49.32
N LEU G 276 28.86 17.71 -48.84
CA LEU G 276 27.65 16.98 -49.19
C LEU G 276 27.32 17.06 -50.68
N PHE G 277 28.14 17.79 -51.44
CA PHE G 277 27.89 17.96 -52.86
C PHE G 277 29.04 17.34 -53.67
N PHE G 278 30.21 17.23 -53.04
CA PHE G 278 31.38 16.64 -53.69
C PHE G 278 31.37 15.14 -53.38
N ALA G 279 30.53 14.75 -52.45
CA ALA G 279 30.41 13.35 -52.05
C ALA G 279 29.21 12.70 -52.71
N GLY G 280 28.03 13.27 -52.45
CA GLY G 280 26.81 12.75 -53.03
C GLY G 280 26.96 12.46 -54.50
N THR G 281 27.98 13.05 -55.11
CA THR G 281 28.23 12.84 -56.54
C THR G 281 29.30 11.79 -56.76
N GLU G 282 30.55 12.22 -56.65
CA GLU G 282 31.71 11.38 -56.89
C GLU G 282 31.69 9.92 -56.45
N THR G 283 31.87 9.66 -55.17
CA THR G 283 31.91 8.29 -54.68
C THR G 283 30.80 7.35 -55.17
N THR G 284 29.56 7.64 -54.81
CA THR G 284 28.43 6.79 -55.22
C THR G 284 28.38 6.52 -56.71
N SER G 285 28.89 7.45 -57.51
CA SER G 285 28.89 7.31 -58.96
C SER G 285 29.97 6.36 -59.44
N THR G 286 31.21 6.59 -59.01
CA THR G 286 32.30 5.74 -59.43
C THR G 286 32.06 4.32 -58.92
N THR G 287 31.24 4.18 -57.88
CA THR G 287 30.93 2.86 -57.35
C THR G 287 30.19 2.10 -58.46
N LEU G 288 29.37 2.83 -59.21
CA LEU G 288 28.61 2.25 -60.31
C LEU G 288 29.49 2.15 -61.56
N ARG G 289 30.47 3.05 -61.68
CA ARG G 289 31.39 3.02 -62.81
C ARG G 289 32.12 1.69 -62.75
N TYR G 290 32.72 1.42 -61.59
CA TYR G 290 33.46 0.18 -61.38
C TYR G 290 32.46 -0.97 -61.43
N GLY G 291 31.29 -0.75 -60.85
CA GLY G 291 30.25 -1.75 -60.81
C GLY G 291 29.94 -2.37 -62.16
N PHE G 292 29.60 -1.53 -63.14
CA PHE G 292 29.28 -1.99 -64.47
C PHE G 292 30.50 -2.45 -65.26
N LEU G 293 31.68 -2.32 -64.65
CA LEU G 293 32.92 -2.73 -65.29
C LEU G 293 33.04 -4.24 -65.17
N LEU G 294 32.64 -4.79 -64.03
CA LEU G 294 32.69 -6.23 -63.81
C LEU G 294 31.65 -6.92 -64.68
N MET G 295 30.41 -6.45 -64.62
CA MET G 295 29.31 -7.02 -65.40
C MET G 295 29.73 -7.35 -66.83
N LEU G 296 30.67 -6.57 -67.37
CA LEU G 296 31.17 -6.82 -68.73
C LEU G 296 32.07 -8.04 -68.68
N LYS G 297 32.97 -8.04 -67.71
CA LYS G 297 33.92 -9.14 -67.50
C LYS G 297 33.23 -10.46 -67.14
N TYR G 298 32.34 -10.40 -66.17
CA TYR G 298 31.61 -11.60 -65.73
C TYR G 298 30.13 -11.51 -66.08
N PRO G 299 29.78 -11.61 -67.38
CA PRO G 299 28.38 -11.54 -67.80
C PRO G 299 27.51 -12.59 -67.13
N HIS G 300 28.14 -13.68 -66.71
CA HIS G 300 27.44 -14.76 -66.03
C HIS G 300 26.55 -14.17 -64.93
N VAL G 301 27.16 -13.33 -64.09
CA VAL G 301 26.47 -12.70 -62.98
C VAL G 301 25.21 -11.92 -63.36
N THR G 302 25.38 -10.88 -64.19
CA THR G 302 24.28 -10.05 -64.62
C THR G 302 23.02 -10.88 -64.90
N GLU G 303 23.22 -12.04 -65.53
CA GLU G 303 22.12 -12.94 -65.86
C GLU G 303 21.32 -13.31 -64.62
N ARG G 304 21.99 -13.81 -63.60
CA ARG G 304 21.30 -14.17 -62.36
C ARG G 304 20.60 -12.94 -61.82
N VAL G 305 21.31 -11.82 -61.87
CA VAL G 305 20.80 -10.55 -61.38
C VAL G 305 19.50 -10.16 -62.10
N GLN G 306 19.54 -10.17 -63.44
CA GLN G 306 18.38 -9.82 -64.27
C GLN G 306 17.26 -10.83 -64.09
N LYS G 307 17.65 -12.07 -63.79
CA LYS G 307 16.70 -13.15 -63.61
C LYS G 307 16.00 -12.96 -62.26
N GLU G 308 16.79 -12.76 -61.21
CA GLU G 308 16.27 -12.55 -59.87
C GLU G 308 15.36 -11.33 -59.85
N ILE G 309 15.77 -10.27 -60.53
CA ILE G 309 14.97 -9.04 -60.62
C ILE G 309 13.68 -9.41 -61.36
N GLU G 310 13.76 -10.48 -62.15
CA GLU G 310 12.64 -10.97 -62.94
C GLU G 310 11.69 -11.86 -62.16
N GLN G 311 12.19 -12.46 -61.09
CA GLN G 311 11.38 -13.34 -60.24
C GLN G 311 10.65 -12.52 -59.18
N VAL G 312 11.41 -11.62 -58.53
CA VAL G 312 10.89 -10.76 -57.48
C VAL G 312 10.17 -9.53 -58.04
N ILE G 313 10.91 -8.74 -58.82
CA ILE G 313 10.38 -7.53 -59.42
C ILE G 313 9.56 -7.79 -60.69
N GLY G 314 10.21 -8.41 -61.67
CA GLY G 314 9.53 -8.72 -62.91
C GLY G 314 9.97 -7.81 -64.04
N SER G 315 9.00 -7.26 -64.75
CA SER G 315 9.27 -6.36 -65.87
C SER G 315 8.09 -5.40 -66.04
N HIS G 316 7.26 -5.32 -65.00
CA HIS G 316 6.08 -4.46 -65.02
C HIS G 316 6.19 -3.27 -64.07
N ARG G 317 6.82 -3.46 -62.92
CA ARG G 317 6.95 -2.39 -61.94
C ARG G 317 8.39 -1.91 -61.75
N PRO G 318 8.59 -0.87 -60.91
CA PRO G 318 9.91 -0.31 -60.63
C PRO G 318 10.51 -0.89 -59.35
N PRO G 319 11.81 -1.25 -59.40
CA PRO G 319 12.47 -1.81 -58.22
C PRO G 319 12.28 -0.94 -56.99
N ALA G 320 11.71 -1.51 -55.94
CA ALA G 320 11.50 -0.79 -54.69
C ALA G 320 12.70 -1.10 -53.80
N LEU G 321 12.86 -0.36 -52.71
CA LEU G 321 14.00 -0.60 -51.83
C LEU G 321 13.83 -1.84 -50.96
N ASP G 322 12.63 -2.06 -50.44
CA ASP G 322 12.40 -3.24 -49.60
C ASP G 322 12.64 -4.52 -50.40
N ASP G 323 12.68 -4.40 -51.72
CA ASP G 323 12.93 -5.55 -52.58
C ASP G 323 14.35 -6.01 -52.31
N ARG G 324 15.00 -5.31 -51.40
CA ARG G 324 16.38 -5.59 -51.01
C ARG G 324 16.59 -7.06 -50.68
N ALA G 325 16.21 -7.42 -49.44
CA ALA G 325 16.36 -8.79 -48.95
C ALA G 325 15.88 -9.87 -49.91
N LYS G 326 14.70 -9.66 -50.50
CA LYS G 326 14.15 -10.64 -51.43
C LYS G 326 15.05 -10.82 -52.65
N MET G 327 16.31 -10.40 -52.53
CA MET G 327 17.28 -10.52 -53.61
C MET G 327 18.69 -10.67 -53.05
N PRO G 328 18.89 -11.68 -52.18
CA PRO G 328 20.19 -11.93 -51.57
C PRO G 328 21.35 -11.97 -52.56
N TYR G 329 21.14 -12.55 -53.74
CA TYR G 329 22.20 -12.63 -54.73
C TYR G 329 22.59 -11.24 -55.19
N THR G 330 21.66 -10.55 -55.83
CA THR G 330 21.90 -9.20 -56.31
C THR G 330 22.54 -8.41 -55.17
N ASP G 331 21.89 -8.49 -54.01
CA ASP G 331 22.34 -7.81 -52.80
C ASP G 331 23.80 -8.16 -52.50
N ALA G 332 24.16 -9.41 -52.71
CA ALA G 332 25.53 -9.86 -52.47
C ALA G 332 26.44 -9.45 -53.63
N VAL G 333 25.85 -9.26 -54.81
CA VAL G 333 26.63 -8.84 -55.97
C VAL G 333 27.08 -7.42 -55.69
N ILE G 334 26.15 -6.58 -55.28
CA ILE G 334 26.44 -5.19 -54.96
C ILE G 334 27.50 -5.14 -53.86
N HIS G 335 27.33 -6.01 -52.87
CA HIS G 335 28.28 -6.09 -51.76
C HIS G 335 29.67 -6.36 -52.29
N GLU G 336 29.78 -7.27 -53.25
CA GLU G 336 31.07 -7.61 -53.82
C GLU G 336 31.66 -6.49 -54.67
N ILE G 337 30.80 -5.71 -55.33
CA ILE G 337 31.27 -4.59 -56.16
C ILE G 337 31.94 -3.54 -55.29
N GLN G 338 31.34 -3.26 -54.14
CA GLN G 338 31.86 -2.29 -53.20
C GLN G 338 33.17 -2.80 -52.59
N ARG G 339 33.12 -3.98 -52.00
CA ARG G 339 34.31 -4.57 -51.39
C ARG G 339 35.45 -4.63 -52.39
N LEU G 340 35.15 -5.08 -53.60
CA LEU G 340 36.16 -5.17 -54.65
C LEU G 340 36.51 -3.79 -55.19
N GLY G 341 35.49 -2.96 -55.38
CA GLY G 341 35.70 -1.60 -55.87
C GLY G 341 36.73 -0.87 -55.05
N ASP G 342 36.56 -0.92 -53.72
CA ASP G 342 37.49 -0.29 -52.80
C ASP G 342 37.77 1.16 -53.16
N LEU G 343 36.70 1.95 -53.18
CA LEU G 343 36.80 3.37 -53.53
C LEU G 343 37.75 4.19 -52.66
N ILE G 344 38.14 3.64 -51.51
CA ILE G 344 39.03 4.34 -50.59
C ILE G 344 40.09 3.43 -49.97
N PRO G 345 41.18 3.18 -50.69
CA PRO G 345 42.31 2.34 -50.28
C PRO G 345 42.75 2.45 -48.82
N PHE G 346 42.52 3.61 -48.21
CA PHE G 346 42.92 3.80 -46.82
C PHE G 346 42.11 4.87 -46.09
N GLY G 347 40.79 4.74 -46.15
CA GLY G 347 39.91 5.69 -45.48
C GLY G 347 40.31 7.14 -45.61
N VAL G 348 39.60 8.00 -44.88
CA VAL G 348 39.90 9.42 -44.88
C VAL G 348 40.63 9.68 -43.57
N PRO G 349 41.91 10.04 -43.67
CA PRO G 349 42.78 10.33 -42.51
C PRO G 349 42.08 10.64 -41.20
N HIS G 350 42.50 9.95 -40.16
CA HIS G 350 41.98 10.13 -38.81
C HIS G 350 43.06 10.77 -37.97
N THR G 351 42.80 10.88 -36.67
CA THR G 351 43.75 11.45 -35.73
C THR G 351 43.42 10.88 -34.36
N VAL G 352 44.27 11.18 -33.39
CA VAL G 352 44.07 10.70 -32.04
C VAL G 352 43.75 11.88 -31.11
N THR G 353 42.65 11.76 -30.37
CA THR G 353 42.23 12.83 -29.45
C THR G 353 42.81 12.67 -28.05
N LYS G 354 43.99 12.08 -27.96
CA LYS G 354 44.68 11.85 -26.68
C LYS G 354 45.75 10.78 -26.84
N ASP G 355 45.94 9.97 -25.78
CA ASP G 355 46.89 8.88 -25.81
C ASP G 355 46.07 7.60 -25.86
N THR G 356 46.30 6.79 -26.89
CA THR G 356 45.56 5.55 -27.06
C THR G 356 46.30 4.32 -26.55
N GLN G 357 45.58 3.47 -25.81
CA GLN G 357 46.14 2.23 -25.28
C GLN G 357 45.86 1.08 -26.24
N PHE G 358 46.78 0.89 -27.18
CA PHE G 358 46.65 -0.15 -28.19
C PHE G 358 47.52 -1.34 -27.83
N ARG G 359 48.45 -1.68 -28.71
CA ARG G 359 49.37 -2.78 -28.48
C ARG G 359 50.80 -2.33 -28.74
N GLY G 360 51.65 -2.49 -27.74
CA GLY G 360 53.04 -2.10 -27.89
C GLY G 360 53.29 -0.62 -27.72
N TYR G 361 52.58 0.21 -28.48
CA TYR G 361 52.75 1.65 -28.40
C TYR G 361 51.57 2.39 -27.78
N VAL G 362 51.81 3.65 -27.42
CA VAL G 362 50.81 4.52 -26.84
C VAL G 362 50.79 5.79 -27.69
N ILE G 363 49.86 5.84 -28.65
CA ILE G 363 49.74 6.97 -29.57
C ILE G 363 49.58 8.33 -28.89
N PRO G 364 50.35 9.34 -29.35
CA PRO G 364 50.34 10.70 -28.82
C PRO G 364 49.24 11.56 -29.46
N LYS G 365 48.53 12.33 -28.62
CA LYS G 365 47.46 13.19 -29.11
C LYS G 365 47.91 14.08 -30.26
N ASN G 366 47.10 14.12 -31.32
CA ASN G 366 47.35 14.91 -32.52
C ASN G 366 48.32 14.31 -33.55
N THR G 367 48.21 13.01 -33.80
CA THR G 367 49.07 12.35 -34.80
C THR G 367 48.21 11.43 -35.68
N GLU G 368 47.99 11.88 -36.92
CA GLU G 368 47.18 11.15 -37.91
C GLU G 368 47.24 9.62 -37.90
N VAL G 369 46.15 9.03 -38.37
CA VAL G 369 46.00 7.58 -38.46
C VAL G 369 45.42 7.22 -39.83
N PHE G 370 45.63 6.00 -40.28
CA PHE G 370 45.12 5.54 -41.57
C PHE G 370 44.53 4.14 -41.53
N PRO G 371 43.19 4.04 -41.44
CA PRO G 371 42.50 2.75 -41.38
C PRO G 371 42.48 2.06 -42.74
N VAL G 372 43.64 1.60 -43.21
CA VAL G 372 43.71 0.92 -44.52
C VAL G 372 42.53 0.00 -44.71
N LEU G 373 41.52 0.50 -45.41
CA LEU G 373 40.31 -0.25 -45.68
C LEU G 373 40.47 -1.17 -46.88
N SER G 374 41.66 -1.17 -47.48
CA SER G 374 41.92 -2.02 -48.63
C SER G 374 42.06 -3.46 -48.14
N SER G 375 43.02 -3.66 -47.24
CA SER G 375 43.29 -4.98 -46.67
C SER G 375 42.27 -5.34 -45.59
N ALA G 376 41.05 -4.83 -45.77
CA ALA G 376 39.94 -5.10 -44.85
C ALA G 376 38.78 -5.60 -45.71
N LEU G 377 38.92 -5.40 -47.02
CA LEU G 377 37.94 -5.82 -48.00
C LEU G 377 38.65 -6.86 -48.86
N HIS G 378 39.98 -6.83 -48.78
CA HIS G 378 40.83 -7.75 -49.51
C HIS G 378 41.57 -8.65 -48.51
N ASP G 379 41.12 -8.66 -47.27
CA ASP G 379 41.76 -9.47 -46.23
C ASP G 379 41.51 -10.96 -46.41
N PRO G 380 42.57 -11.73 -46.69
CA PRO G 380 42.47 -13.18 -46.89
C PRO G 380 42.01 -13.93 -45.65
N ARG G 381 41.74 -13.21 -44.58
CA ARG G 381 41.30 -13.83 -43.34
C ARG G 381 39.79 -14.06 -43.30
N TYR G 382 39.02 -13.01 -43.55
CA TYR G 382 37.57 -13.11 -43.51
C TYR G 382 36.90 -13.33 -44.85
N PHE G 383 37.69 -13.34 -45.93
CA PHE G 383 37.12 -13.53 -47.26
C PHE G 383 37.69 -14.75 -47.98
N GLU G 384 36.83 -15.47 -48.69
CA GLU G 384 37.23 -16.64 -49.47
C GLU G 384 37.76 -16.04 -50.78
N THR G 385 38.92 -16.51 -51.25
CA THR G 385 39.50 -15.97 -52.48
C THR G 385 39.23 -14.45 -52.48
N PRO G 386 39.85 -13.73 -51.53
CA PRO G 386 39.75 -12.29 -51.30
C PRO G 386 39.84 -11.36 -52.51
N ASN G 387 40.94 -11.41 -53.25
CA ASN G 387 41.10 -10.55 -54.41
C ASN G 387 40.49 -11.13 -55.67
N THR G 388 39.18 -11.35 -55.63
CA THR G 388 38.44 -11.89 -56.78
C THR G 388 36.93 -11.81 -56.54
N PHE G 389 36.20 -11.62 -57.64
CA PHE G 389 34.75 -11.52 -57.56
C PHE G 389 34.21 -12.87 -57.11
N ASN G 390 33.29 -12.86 -56.16
CA ASN G 390 32.70 -14.09 -55.64
C ASN G 390 31.54 -13.74 -54.70
N PRO G 391 30.34 -13.52 -55.27
CA PRO G 391 29.11 -13.17 -54.56
C PRO G 391 28.81 -14.00 -53.30
N GLY G 392 29.62 -15.03 -53.07
CA GLY G 392 29.39 -15.89 -51.92
C GLY G 392 29.64 -15.29 -50.55
N HIS G 393 30.75 -14.57 -50.40
CA HIS G 393 31.14 -13.95 -49.14
C HIS G 393 29.96 -13.40 -48.33
N PHE G 394 28.86 -13.10 -49.02
CA PHE G 394 27.69 -12.53 -48.37
C PHE G 394 26.48 -13.44 -48.54
N LEU G 395 26.72 -14.74 -48.60
CA LEU G 395 25.68 -15.74 -48.77
C LEU G 395 26.04 -17.02 -48.04
N ASP G 396 25.36 -17.28 -46.93
CA ASP G 396 25.60 -18.46 -46.11
C ASP G 396 25.51 -19.77 -46.89
N ALA G 397 24.31 -20.36 -46.89
CA ALA G 397 24.08 -21.61 -47.59
C ALA G 397 22.60 -21.75 -47.92
N ASN G 398 21.78 -20.89 -47.32
CA ASN G 398 20.35 -20.90 -47.57
C ASN G 398 20.04 -19.90 -48.68
N GLY G 399 21.10 -19.45 -49.36
CA GLY G 399 20.94 -18.48 -50.43
C GLY G 399 20.59 -17.11 -49.89
N ALA G 400 20.27 -17.05 -48.60
CA ALA G 400 19.90 -15.80 -47.95
C ALA G 400 21.10 -14.88 -47.78
N LEU G 401 20.84 -13.62 -47.45
CA LEU G 401 21.90 -12.64 -47.27
C LEU G 401 22.65 -12.86 -45.96
N LYS G 402 23.93 -13.19 -46.06
CA LYS G 402 24.75 -13.43 -44.88
C LYS G 402 25.30 -12.12 -44.31
N ARG G 403 26.62 -12.03 -44.23
CA ARG G 403 27.31 -10.86 -43.70
C ARG G 403 28.79 -11.16 -43.74
N ASN G 404 29.59 -10.27 -43.14
CA ASN G 404 31.04 -10.47 -43.11
C ASN G 404 31.68 -9.41 -42.21
N GLU G 405 32.28 -9.84 -41.12
CA GLU G 405 32.91 -8.91 -40.18
C GLU G 405 34.05 -8.12 -40.83
N GLY G 406 34.10 -8.15 -42.15
CA GLY G 406 35.13 -7.43 -42.88
C GLY G 406 34.57 -6.52 -43.97
N PHE G 407 33.24 -6.49 -44.07
CA PHE G 407 32.56 -5.66 -45.06
C PHE G 407 32.42 -4.24 -44.53
N MET G 408 33.45 -3.42 -44.77
CA MET G 408 33.46 -2.05 -44.32
C MET G 408 33.92 -1.07 -45.39
N PRO G 409 33.05 -0.78 -46.37
CA PRO G 409 33.42 0.16 -47.44
C PRO G 409 33.17 1.59 -46.95
N PHE G 410 32.15 1.74 -46.11
CA PHE G 410 31.77 3.02 -45.53
C PHE G 410 32.60 3.30 -44.28
N SER G 411 33.56 2.42 -44.01
CA SER G 411 34.41 2.54 -42.82
C SER G 411 33.56 2.30 -41.58
N LEU G 412 34.21 2.27 -40.41
CA LEU G 412 33.50 2.01 -39.16
C LEU G 412 33.77 3.08 -38.10
N GLY G 413 33.00 3.03 -37.02
CA GLY G 413 33.20 3.98 -35.94
C GLY G 413 32.27 5.16 -35.93
N LYS G 414 32.67 6.23 -35.25
CA LYS G 414 31.87 7.45 -35.17
C LYS G 414 32.27 8.42 -36.27
N ARG G 415 32.92 7.88 -37.30
CA ARG G 415 33.36 8.68 -38.44
C ARG G 415 32.92 7.99 -39.72
N ILE G 416 31.96 7.08 -39.59
CA ILE G 416 31.44 6.33 -40.73
C ILE G 416 30.75 7.31 -41.65
N CYS G 417 30.40 6.85 -42.85
CA CYS G 417 29.75 7.71 -43.83
C CYS G 417 28.41 8.31 -43.37
N LEU G 418 28.28 9.62 -43.56
CA LEU G 418 27.11 10.40 -43.20
C LEU G 418 25.93 10.15 -44.15
N GLY G 419 26.24 9.59 -45.33
CA GLY G 419 25.21 9.32 -46.31
C GLY G 419 25.12 7.84 -46.62
N GLU G 420 25.80 7.04 -45.78
CA GLU G 420 25.83 5.59 -45.91
C GLU G 420 24.51 5.07 -46.45
N GLY G 421 23.41 5.52 -45.83
CA GLY G 421 22.09 5.08 -46.26
C GLY G 421 21.79 5.47 -47.70
N ILE G 422 21.83 6.76 -47.99
CA ILE G 422 21.56 7.27 -49.34
C ILE G 422 22.33 6.43 -50.36
N ALA G 423 23.64 6.44 -50.24
CA ALA G 423 24.49 5.68 -51.15
C ALA G 423 23.91 4.29 -51.39
N ARG G 424 23.51 3.61 -50.33
CA ARG G 424 22.96 2.27 -50.46
C ARG G 424 21.67 2.26 -51.26
N THR G 425 20.69 3.06 -50.87
CA THR G 425 19.42 3.10 -51.60
C THR G 425 19.60 3.54 -53.05
N GLU G 426 20.78 4.06 -53.38
CA GLU G 426 21.07 4.46 -54.75
C GLU G 426 21.70 3.27 -55.46
N LEU G 427 22.77 2.75 -54.87
CA LEU G 427 23.48 1.61 -55.42
C LEU G 427 22.55 0.45 -55.75
N PHE G 428 21.58 0.18 -54.89
CA PHE G 428 20.67 -0.90 -55.17
C PHE G 428 19.72 -0.51 -56.28
N LEU G 429 18.95 0.54 -56.04
CA LEU G 429 17.98 1.01 -57.02
C LEU G 429 18.48 1.21 -58.45
N PHE G 430 19.60 1.90 -58.63
CA PHE G 430 20.11 2.13 -59.97
C PHE G 430 20.57 0.84 -60.62
N PHE G 431 21.45 0.11 -59.92
CA PHE G 431 21.98 -1.14 -60.45
C PHE G 431 20.86 -2.03 -61.01
N THR G 432 19.75 -2.13 -60.28
CA THR G 432 18.63 -2.96 -60.73
C THR G 432 17.90 -2.31 -61.91
N THR G 433 17.25 -1.18 -61.64
CA THR G 433 16.50 -0.47 -62.68
C THR G 433 17.26 -0.48 -64.00
N ILE G 434 18.54 -0.15 -63.94
CA ILE G 434 19.36 -0.16 -65.14
C ILE G 434 19.36 -1.54 -65.75
N LEU G 435 19.67 -2.56 -64.95
CA LEU G 435 19.71 -3.92 -65.44
C LEU G 435 18.34 -4.54 -65.69
N GLN G 436 17.30 -3.94 -65.12
CA GLN G 436 15.95 -4.44 -65.32
C GLN G 436 15.45 -3.96 -66.68
N ASN G 437 16.01 -2.84 -67.14
CA ASN G 437 15.62 -2.25 -68.42
C ASN G 437 16.70 -2.33 -69.50
N PHE G 438 17.94 -2.61 -69.11
CA PHE G 438 19.03 -2.68 -70.06
C PHE G 438 19.95 -3.88 -69.84
N SER G 439 20.79 -4.14 -70.84
CA SER G 439 21.77 -5.21 -70.80
C SER G 439 23.00 -4.68 -71.50
N ILE G 440 24.10 -4.57 -70.76
CA ILE G 440 25.36 -4.04 -71.28
C ILE G 440 26.12 -4.96 -72.25
N ALA G 441 27.21 -4.45 -72.80
CA ALA G 441 28.07 -5.18 -73.73
C ALA G 441 29.01 -4.21 -74.45
N SER G 442 30.31 -4.46 -74.39
CA SER G 442 31.29 -3.60 -75.04
C SER G 442 32.08 -4.38 -76.10
N PRO G 443 33.00 -3.71 -76.82
CA PRO G 443 33.80 -4.39 -77.85
C PRO G 443 34.89 -5.25 -77.21
N VAL G 444 35.28 -4.87 -76.00
CA VAL G 444 36.30 -5.58 -75.23
C VAL G 444 35.82 -6.93 -74.71
N PRO G 445 36.53 -8.02 -75.09
CA PRO G 445 36.18 -9.38 -74.68
C PRO G 445 36.28 -9.53 -73.16
N PRO G 446 35.28 -10.17 -72.53
CA PRO G 446 35.26 -10.35 -71.07
C PRO G 446 36.63 -10.63 -70.47
N GLU G 447 37.33 -11.61 -71.00
CA GLU G 447 38.67 -11.96 -70.52
C GLU G 447 39.59 -10.75 -70.48
N ASP G 448 39.41 -9.82 -71.42
CA ASP G 448 40.24 -8.62 -71.51
C ASP G 448 39.86 -7.46 -70.59
N ILE G 449 38.82 -7.65 -69.79
CA ILE G 449 38.37 -6.60 -68.88
C ILE G 449 39.35 -6.37 -67.72
N ASP G 450 40.14 -5.30 -67.82
CA ASP G 450 41.12 -4.93 -66.80
C ASP G 450 40.46 -4.04 -65.75
N LEU G 451 40.49 -4.47 -64.50
CA LEU G 451 39.85 -3.72 -63.40
C LEU G 451 40.81 -2.85 -62.60
N THR G 452 42.06 -2.74 -63.06
CA THR G 452 43.06 -1.94 -62.35
C THR G 452 42.78 -0.44 -62.54
N PRO G 453 42.64 0.29 -61.43
CA PRO G 453 42.38 1.73 -61.42
C PRO G 453 43.27 2.53 -62.35
N ARG G 454 42.89 3.78 -62.60
CA ARG G 454 43.67 4.66 -63.46
C ARG G 454 44.33 5.68 -62.53
N GLU G 455 44.11 5.51 -61.23
CA GLU G 455 44.66 6.40 -60.23
C GLU G 455 44.31 5.92 -58.83
N SER G 456 45.32 5.54 -58.04
CA SER G 456 45.07 5.06 -56.69
C SER G 456 45.71 5.92 -55.61
N GLY G 457 44.88 6.68 -54.92
CA GLY G 457 45.35 7.55 -53.86
C GLY G 457 44.29 7.58 -52.78
N VAL G 458 43.97 8.77 -52.29
CA VAL G 458 42.96 8.93 -51.26
C VAL G 458 41.71 8.12 -51.61
N GLY G 459 41.32 8.19 -52.88
CA GLY G 459 40.17 7.44 -53.35
C GLY G 459 40.64 6.58 -54.50
N ASN G 460 39.83 5.62 -54.93
CA ASN G 460 40.21 4.76 -56.04
C ASN G 460 39.40 5.06 -57.28
N VAL G 461 40.07 5.54 -58.32
CA VAL G 461 39.41 5.91 -59.57
C VAL G 461 39.43 4.87 -60.68
N PRO G 462 38.31 4.15 -60.86
CA PRO G 462 38.20 3.14 -61.91
C PRO G 462 38.40 3.82 -63.27
N PRO G 463 39.13 3.17 -64.18
CA PRO G 463 39.39 3.73 -65.52
C PRO G 463 38.15 3.98 -66.38
N SER G 464 38.31 4.83 -67.38
CA SER G 464 37.23 5.18 -68.30
C SER G 464 37.11 4.09 -69.36
N TYR G 465 35.88 3.79 -69.75
CA TYR G 465 35.64 2.74 -70.74
C TYR G 465 34.32 2.91 -71.46
N GLN G 466 34.24 2.30 -72.64
CA GLN G 466 33.04 2.34 -73.44
C GLN G 466 32.12 1.23 -72.96
N ILE G 467 30.86 1.30 -73.37
CA ILE G 467 29.87 0.31 -72.99
C ILE G 467 28.58 0.71 -73.67
N ARG G 468 27.78 -0.27 -74.08
CA ARG G 468 26.51 0.06 -74.73
C ARG G 468 25.35 -0.65 -74.06
N PHE G 469 24.36 0.14 -73.65
CA PHE G 469 23.18 -0.39 -72.97
C PHE G 469 22.12 -0.80 -73.97
N LEU G 470 21.87 -2.10 -74.04
CA LEU G 470 20.89 -2.66 -74.97
C LEU G 470 19.50 -2.83 -74.37
N ALA G 471 18.55 -2.10 -74.93
CA ALA G 471 17.16 -2.13 -74.47
C ALA G 471 16.54 -3.52 -74.53
N ARG G 472 16.01 -3.98 -73.41
CA ARG G 472 15.37 -5.30 -73.32
C ARG G 472 13.89 -5.20 -73.67
N HIS G 473 13.39 -6.20 -74.40
CA HIS G 473 11.98 -6.24 -74.82
C HIS G 473 11.17 -7.22 -73.96
#